data_4CE4
#
_entry.id   4CE4
#
_cell.length_a   1.000
_cell.length_b   1.000
_cell.length_c   1.000
_cell.angle_alpha   90.00
_cell.angle_beta   90.00
_cell.angle_gamma   90.00
#
_symmetry.space_group_name_H-M   'P 1'
#
loop_
_entity.id
_entity.type
_entity.pdbx_description
1 polymer MRPL27
2 polymer MRPL28
3 polymer MRPL47
4 polymer MRPL30
5 polymer MRPL32
6 polymer MRPL33
7 polymer MRPL34
8 polymer MRPL35
9 polymer MRPL36
10 polymer '16S Ribosomal RNA'
11 polymer 'UNASSIGNED RNA'
12 polymer MRPL2
13 polymer MRPL3
14 polymer MRPL4
15 polymer MRPL9
16 polymer MRPL13
17 polymer MRPL14
18 polymer MRPL15
19 polymer MRPL16
20 polymer MRPL17
21 polymer MRPL18
22 polymer MRPL19
23 polymer MRPL20
24 polymer MRPL21
25 polymer MRPL22
26 polymer MRPL23
27 polymer MRPL24
28 polymer MRPL38
29 polymer MRPL39
30 polymer MRPL44
31 polymer MRPL45
32 polymer MRPL49
33 polymer MRPL52
34 polymer ICT1
35 polymer 'UNASSIGNED HELICES'
36 polymer 'THIOREDOXIN FOLD'
37 polymer 'UNASSIGNED HELICES'
38 non-polymer 'ZINC ION'
#
loop_
_entity_poly.entity_id
_entity_poly.type
_entity_poly.pdbx_seq_one_letter_code
_entity_poly.pdbx_strand_id
1 'polypeptide(L)'
;MALAVLALRTRAAVTALLSPPQAAALAVRYASKKTGGSSKNLGGKSPGKRFGIKKMEGHYVHAGNILATQRHFRWHPGAH
VGLGKNKCLYALEEGVVRYTKEVYVPNPSNSEAVDLVTRLPQGAVLYKTFVHVVPAKPEGTFKLVAML
;
0
2 'polypeptide(L)'
;MPLHKVPVGLWKQLRLWEGIYSRLPRHYLRSLEEARTPTPVHYRPHGAKFKINPKNWQRERVEDVPIPVHYPPESQLGLW
GGEGWVLGHRYVNNDKLSKRVRKVWKPQLFQRELYSEILDKRFTVTVTMRTLDLIDQACGFDFYILKTPKEDLCSKFGMD
LKRGMLLRLARQDPQLHPDDPARRAAIYDRYKAFVIPEAEAEWVGLTLDEAVEKQRLLEEKDPIPLFKIFVEELLGQLQQ
QALSEPAVVQTRASRK
;
1
3 'polypeptide(L)'
;MAAAGLAVFCRRVSAALKACRLLIRPQAPPSTSCRFSPSLLPKNTPNVTSFHQFRIFHTTFSRRGLEEFFDDPKNWGEEK
VKSGASWTCQQLRNKSNEDLHKLWYVLLKERNMLLTLEQEAKRQRLPMPSPERLEKVVDSMDALDKVVQEREDALRLLQT
GQEKARPGAWRRDIFGRIIWHKFKQWPIPWYLNKKYNRKRFFAMPYVERFVRMRIEKQARIKARKRSLERKKEKFLQEKF
PHLSETQKSSHV
;
2
4 'polypeptide(L)'
;MAGILRSVVQRPPGRLQTVTKGMESLICTDWIRHKFTRSRIPDKVFQPSPEDHEKYGGDPQYPHKLHIVTRIKSTKRRPY
WEKDIIKMLGLEKAHTPQVHKNIPSVNAKLKVVKHLIRIKPLKLPQGLPTEEDMANTCLKSNGELVVRWLLNPANQEARK
S
;
3
5 'polypeptide(L)'
;MASAMLVLVVPPWPAARGLLRNWWEQLQRKLQHNRLGLPLHPWGPALAVQGPAICTEPANDTNGSKAISSLLDSVFWMAA
PKNRRSIEVNRCRRRNPQKLIKVKNNIDVCPECGHLKQKHILCGYC(UNK)(UNK)(UNK)(UNK)(UNK)(UNK)
(UNK)(UNK)(UNK)(UNK)(UNK)(UNK)(UNK)(UNK)(UNK)(UNK)(UNK)(UNK)(UNK)(UNK)
;
5
6 'polypeptide(L)' MFLSAVTFAKSKSKTILVKMMSQAGTGFSFNTKRSRLREKLTLLHYDPVVKKKVLFVEQKKIRSL 6
7 'polypeptide(L)'
;MAFLARSVGRLLDPVSRSAALVGGRWLQPQAWLGFPDTWGLPAMQQTRGKARGNEYQPSNIKRKHKHGWVRRLRTPTGVQ
VILRRMHKGRKSLSH
;
7
8 'polypeptide(L)'
;MAASAFAGAVRAATGILRPLHILASSAYQNCAKNACLSSVLSSRHFSHIQTSALLSAPRLITSVRNLMCGPTAPVLNRVA
PLLPHVLKPPVRTVTYFSSRKGKRKTVKAVIYRFLRLHSGLWLRRKAGYKKKLWKKTAARKRRLREFVFCNKTQSKLLDK
MTTSFWKRRNWYADDPYQKYQDRTNLKV
;
8
9 'polypeptide(L)'
;MATAFLRTVLSAVGPLLHLGGRPLSTFAAGPPRAALAVGAQPSPAAALLSARPLLGPQPALGFKTKGVLKKRCRDCYLVK
RRGRWFIYCKTNPKHKQRQM
;
9
10 'polyribonucleotide'
;ACCAAAGCUAGCUCAACAU(N)(N)(N)(N)(N)(N)(N)(N)(N)(N)(N)(N)(N)(N)(N)(N)(N)(N)(N)(N)
(N)(N)(N)(N)(N)AAAUAAAAUAAAACAUUCACCUAACAUUAAAGUAUAGGAGAUAGAAAUUUUUAUCCUGACGCUAU
AGAGAUAGUACCGUAAGGGAAAGAUGAAAGAAUAAAAUAAAAGUAAAAAAAAGCAAAGAUUACCCCUUCUACCUUUUGCA
UAAUGGUUUAACCAGAAAAAAUCUAACAAAGAGAACUUUAGCUAGAUACCCCGAAACCAGACGAGCUACCCAUGAGCAGU
UUAAAAGAACCAACUCAUCUAUGUGGCAAAAUAGUGAGAAGACUUGUAGGUAGAGGUGAAAAGCCUAACGAGCCUGGUGA
UAGCUGGUUGUCCGAGAAAGAAUUUUAGUUCAACCUUAAAAAUACCCCAAAAACCCUAAAUUCCAAUGUAUUUUUAAGAG
AUAGUCUAAAAAGGUACAGCUUUUUAGAAACGGAUACAACCUUGACUAGAGAGUAAAUCUUAAUACUACCAUAGUAGGCC
UAAAAGCAGCCAUCAAUUGAGAAAGCGUUAAAGCUCAACAAAUUCACCAACAUAAUCCCAAAAACUAAUAACAAACUCCU
AGCCCAAUACCGGACUAAUCUAUUGAAACAUAGAAGCAAUAAUGUUAAUAUGAGUAACAAGAAGCCUUUCUCCUCGCACA
CGCUUACAUCAGUAACUAAUAAUAUACUGAUAAUUAACAACCAAUAAACCAAAACAACACUAAAACGUUUAUUAAUUACA
UUGUUAACCCAACACAGGAGUGCACCAAGGAAAGAUUAAAAGAAGUAAAAGGAACUCGGCAAACACAAACCCCGCCUGUU
UACCAAAAACAUCACCUCUAGCAUUACUAGUAUUAGAGGCAAUGCCUGCCCAGUGACACCAGUUUAACGGCCGCGGUAUU
CUGACCGUGCAAAGGUAGCAUAAUCACUUGUUCUCCAAAUAAGGACUUGUAUGAAUGGCCACACGAGGGUUUUACUGUCU
CUUACUUCCAAUCAGUGAAAUUAACCUUCCCGUGAAGAGGCGGGAAUAAAAAAAUAAGACGAGAAGACCCUAUGGAGCUU
UAAUUAACUAUUCCAAAAGUUAAACAACUCAACCACAAAGGGAUAAAACAUAACUUAACAUGGACUAGCAAUUUCGGUUG
GGGUGACCUCGGAGUACAAAAAACCCUCCGAGUGAUUUUAAUCUAGACAAACCAGUCAAAAUAACCAUAACAUCACUUAU
UGAUCCAAAAUUUUGAUCAACGGAACAAGUUACCCUAGGGAUAACAGCGCAAUCCUGUUCUAGAGUUCCUAUCGACAAUA
GGGUUUACGACCUCGAUGUUGGAUCAGGACACCCAAAUGGUGCAGCCGCUAUUAAAGGUUCGUUUGUUCAACGAUUAAAG
UCCUACGUGAUCUGAGUUCAGACCGGAGCAAUCCAGGUCGGUUUCUAUCUAUUAUAAAUUUCUCCCAGUACGAAAGGACA
AGAGAAAUGGGACCAACCUCACAAACGCGUCUCAGAGAUAAUUAAUGAUUUAAUCUUAACCUAAUUAACUCAUAAUAAAU
CCAGCCCUAGAACAGGGCACA
;
A
11 'polyribonucleotide'
;(N)(N)(N)(N)(N)(N)(N)(N)(N)(N)(N)(N)(N)(N)(N)(N)(N)(N)(N)(N)(N)(N)(N)(N)(N)(N)
(N)(N)(N)
;
B
12 'polypeptide(L)'
;MALRVLTRALSSLSLTPRIAVAPGLNLLPAVQVTNNVLLTLPSGLMSLPCRPILTSVALSATSVSWKSRTKYTVMPVKMR
KSGGRNHTGQIQVHGIGGGHKQRYRMIDFLRFRPEHESKPGPFEEKVIAVRYDPCRSADIALVAGGNRKRWIIATENMKA
GDTVLNSDHIGRMAVAAREGDAHPLGALPVGTLINNVESEPGRGAQYIRAAGTCGVLLRKVNGTAIIQLPSKRQMQVLET
CIATVGRVSNVDHNKRVIGKAGRNRWLGKRPNSGLWQRKGGWAGRKIRPLPPMKSYVKLPSAAAQS
;
D
13 'polypeptide(L)'
;MAPAALLPSWGQRGAAAGGGGKAWEGRRRNALKAEWRGAQRCSGRALLGLTMPGWGLLGRAGARVLGCGADGLGASRGLG
NRTDICLLVRSLHGKSVTWWDEHLSEENVPFVKQLVSDENKAQLASKLCPLKDEPWPIHPWEPGSSRVGLIALKLGMMPL
WTKDGQKHVVTLLQVQDCHVLKYTPKENHNGRMAALTVGGKTVSHFHKSASILEFYQELGLPPKQKVKIFNVTENAVIKP
GTPLYAAHFRPGQYVDVTAKTIGKGFQGVMRRWGFKGQPATHGQTKTHRRPGAISTGDVARVWPGTKMPGQLGNIDRTAF
GLKVWRINTKHNIIYVNGSVPGHKNCLVKIKDSKLPAYKDFCKNLPFPTYFPDGDEEALPEDLYDENVCQPGAPSITFT
;
E
14 'polypeptide(L)'
;(UNK)(UNK)(UNK)(UNK)(UNK)(UNK)(UNK)(UNK)(UNK)(UNK)(UNK)(UNK)(UNK)(UNK)(UNK)(UNK)
(UNK)(UNK)(UNK)GLTELHPDVFSTAPRLDILHQVAIWQKNFKRISYAKTKTRAEVRGGGRKPWVQKGSGRARHGSIR
SPIWRGGGVAHGPRGPTSYYYMLPMKVRVQGLKVALTVKLAQDDLHIVDSLELPTADPQYLIELARYRRWGDSVLLVDLE
HEDMPQNVVAATSGLKTFNLVPAVGLNVHSMLKHQTLVLTLPTVAFLEEKL(UNK)(UNK)(UNK)(UNK)(UNK)
(UNK)(UNK)(UNK)(UNK)
;
F
15 'polypeptide(L)'
;MAAAACTAAGGGLLRAGLERLLRGGVRALLRPRLEGVTPRSERAFSLSLSRSTVIVERWWKVPLAGEGRKPRLHRRHRVY
KLVEDTKHRPKDNLELVLTQSVEELGVRGDLVSVKKSVGRNRLLPQGLAVYASPENKKLFEEEKLLRQEGKLEKLQTKAG
EATVKFLRRCHLEVGMKNNVKWELNPEIVARHFLRNLGVVVAPHALKLPEEPITQRGEYWCEVTVNGLDTVRVPMSVVNF
ERPKTKRYKYWLAQQAAKGDVPTSSQMI
;
I
16 'polypeptide(L)'
;MSSFSKAPQQWATFARVWYLLDGKMQPPGKLAAMASVKLQGLHKPVYHQLSDCGDHVVIMNTRHIAFSGNKWEQKVYSSH
TGYPGGFRQVTAAQLHQKDPVAIVKLAIYGMLPKNLHRRTMMQRLHLFPDEDIPEDILKNLVEELPQPRKVPRRLDEYTQ
EEIEAFPRVWSPPEDYRL
;
N
17 'polypeptide(L)'
;MAFCTGLRGPFAQVSRALSQRCFSTTGSLSAIQKMTRVRVVDNSALGTTPYHRPPRCIHVYNKTGVGKVGDRILLAIRGQ
KKKALIVGHRMPGPRMTPRFDSNNVVLLEDNGNPVGTRIKTPIPSSLRQREGEFSKVLAIAQNFV
;
O
18 'polypeptide(L)'
;(UNK)(UNK)(UNK)(UNK)(UNK)(UNK)(UNK)(UNK)(UNK)(UNK)(UNK)(UNK)(UNK)VSLANLKPNPGSRKP
ERRPRGRRRGRKCGRGHKGERQRGTRPRLGFEGGQTPFYLRIPKYGFNEGHSFRHQYQPLSLNRLQYLIDLGRVDPTQPI
DLTQLVNGRGVTIQPSKRDYGVQLVEEGADTFKAKVNIEVQMASELAIAAIEKNGGVVTTAFYDPRSLEILCKPVPFFLR
GQPIPKRMLPPEALVPYYTDAKNRGYLADPARFPEARLELARKYGYVLPDITKDELFKMLSTRKDPRQIFFGLAPGWVVN
MADKKILKPTDENLLKYYSS
;
P
19 'polypeptide(L)'
;MWRLLARACAPLLRAPLSDSWAAPSATAGFKTLLPVPTFEDVAIPEKPKLRFVERVPLVPKVRRERKNLSDIRGPSTEAT
EFTEGRFAILALGGGYLHWGHFEMMRLTINRSMDPKNMFALWRVPAPFKPITRKGMGQRMGGGKGAIDHYVTPVKAGRLI
VEMGGRCEFKEVQGFLDLVAHKLPFPAKAVS(UNK)(UNK)(UNK)(UNK)(UNK)(UNK)(UNK)(UNK)(UNK)
(UNK)(UNK)(UNK)(UNK)(UNK)(UNK)(UNK)(UNK)
;
Q
20 'polypeptide(L)'
;MRLSVAAAISHGRVFRRLGLGPESRIHLLQNLLTGLVRHERIEASWARVDELRGYAEKLIDYGKLGDTNERAMRMADFWL
TEKDLIPKLFQVLAPRFQGQNGGYTRMLQIPNRNEQDRAKMAVIEYKGNCLPPLPLPRRDSNLTLLNQLLQGLRQDQEAS
SHTAQTPAV
;
R
21 'polypeptide(L)'
;MALRSRFWALLSICRNPGCRAAALSTSCKPATNPETDPVENEAVAPEFTNRNPRNLELLAVARKERGWGTVWPSREFWHR
LRVIRTQHHIEALVEHRNGQVVVSASTREWAIKKHLYSTRNVVACESVGRVLAERCLEAGINFMVYHPTPWEAASDSIKR
LQHAMTEGGVVLREPRRIYE
;
S
22 'polypeptide(L)'
;MAASITRGSWAAVGLGQSFPPTRALLPAPASVICRTLAGSGRQQVTGSSEPGAFQPPPKPVIVDKRRPQRPETRFLSPEF
IPPRGRTNPLKFQIERKDMLERRKILHIPEFYVGSILRVTTADPYASAKTSQFLGICIQRSGSGLGATFILRNTIEGQGV
EICFELYNPRIQEIQVVKLEKRLDNSLLYLRDALPEYSTFDVNMKPITQEFNQEVPVNQLKVKMKPKPWSKRWERPKFNI
KGIRFDLCLTEEQMREAQKWSQPWLEFDMMREYDTSKIEAAIWDEIEASKNS
;
T
23 'polypeptide(L)'
;MVFLTVPLWLRSRVTDRYWRVQEVLKHARHFRGRKNRCYRLAVRAVTRAFVKCTRARRLKKRSLRTLWINRITAASQEHG
LKYPAFIINLIKCQVELNRKVLADLAIYEPKTFKSLAALAKRRR(UNK)(UNK)(UNK)(UNK)(UNK)(UNK)(UNK)
(UNK)
;
U
24 'polypeptide(L)'
;MAAAVAASVLQGTFGRLVSAYSRSVLRTSRPGTAPPWSAPRRLSSQHTSSLRGCVPKTSLGSPPWPDIVLPDPVEETRHH
AEVVGQVNELIAAGRYGRLFAVVHFAGHQWKVTAEDLILIENELDVACGERIRLEKVLLVGADNFTLLGKPLLGKELVRV
EATVIEKTESWPKINMKFQKRKNYQRKRITVNPQTVLRINSIE(UNK)(UNK)(UNK)(UNK)
;
V
25 'polypeptide(L)'
;EIYHCRRQIKYSKDKMWYLAKLIRGMSIDQALAQLEFSDKKGAQIIKEVLLEAQDMAVRDHNVEFRSNLYVAESTSGRGQ
YLKRIRYHGRGRFGIMEKVFCHYFVKLVEG(UNK)(UNK)(UNK)(UNK)(UNK)(UNK)(UNK)(UNK)(UNK)(UNK)
(UNK)(UNK)(UNK)(UNK)(UNK)(UNK)(UNK)(UNK)(UNK)(UNK)(UNK)(UNK)(UNK)(UNK)
;
W
26 'polypeptide(L)'
;(UNK)(UNK)(UNK)(UNK)(UNK)(UNK)(UNK)(UNK)(UNK)(UNK)(UNK)(UNK)(UNK)(UNK)PEDTVQFRIP
MEMTRVDLRNYLERIYNVPVAAVRTRVQYGSNRRRDHRNIRIKKPDYKVAYVQLALGQ(UNK)(UNK)(UNK)(UNK)
(UNK)
;
X
27 'polypeptide(L)'
;MRLSALLALASKVTLPPNYRYGMSRPGSLSDKRKNPPGTRRRRVPVEPISDEDWHLFCGDKVEILEGKDAGKQGKVVQVI
RQRNWVVVEGLNTHYRYVGKTVDYRGTMIPSEAPLLHNQVKLVDPTDRKPTDVEWRFTEAGERVRVSTRSGRIIPKPEFP
RADGIVPETWIDGPKDTSVEDALEKTYVPRLKTLEEEVMEAMGIQETRRHKKVYWY
;
Y
28 'polypeptide(L)'
;MAAPWWRAALCASRRWRGFSTSAALSRRAAPLGPMPNEDIDVSDLERLKKYRSFDRYRRRAEQEARKPHWWRTYREHFGE
ESGPKDRVDIGLPPPKVSRTQQLLERKQALRELRANVEEERAARLQTARIPLEAVRAEWERTCGPYHKQRLAEYCGLYRD
LFHGATFVPRVPLHVAYAVGEDDLMPVYHGNEVTPTEAAQAPEVTYEADEGSLWTLLLTNLDGHLLEPDAEYVHWLVTNI
PGNRVTEGQETCPYLPPFPARGSGFHRFAFLLFKQDKRIDFSGDTRPSPCYQLAQRTFHTFDFYKKHQDAMTPAGLAFFQ
CRWDDSVTRVFHQLLDMREPVFEFVRPPPYHPKQKRFPHRQPLRYLDRYRDSHEPTYGIY
;
b
29 'polypeptide(L)'
;(UNK)(UNK)(UNK)(UNK)(UNK)(UNK)(UNK)(UNK)(UNK)(UNK)(UNK)(UNK)(UNK)(UNK)(UNK)(UNK)
(UNK)(UNK)(UNK)(UNK)(UNK)(UNK)(UNK)(UNK)(UNK)(UNK)(UNK)(UNK)(UNK)(UNK)(UNK)(UNK)
HVGKTDPGTVFVMNKNISTPYSCAMHLSEWYCRKSILALVDGQPWDMYKPLTKSCEIKFLTFKDDDPGEVNKAYWRSCAM
MMGCVIERAFKDEYVVSLVRAPEVPVIAGAFCYDVVLDKRLDEWMPTKENLHSFTKDARALIYKDLPFETLEVEAKVALE
IFQHNKYKLDFIEEKASQNPERIVKLHRFGDFIDVSEGPLIPRTSICFQYEVSAVHNLQTQSSLVRRFQGLSLPVHLRAH
FTIWNKLLERSRKMVTEDKTKPTEESAST
;
c
30 'polypeptide(L)'
;(UNK)(UNK)(UNK)(UNK)(UNK)(UNK)(UNK)(UNK)(UNK)(UNK)(UNK)(UNK)(UNK)(UNK)(UNK)(UNK)
(UNK)(UNK)(UNK)(UNK)(UNK)(UNK)(UNK)(UNK)(UNK)(UNK)(UNK)(UNK)(UNK)(UNK)(UNK)(UNK)
DYHAEIQAFGHRLQETFSLDLLKTAFVNSCYIKSEEAKRQKLGIDKEAALLNLKDNQELSEQGISFSQTCLTQFFEDAFP
DLPTEGVTSLVDFLTSEEVVCHVARNLAVEQLALSAEFPVPPPVLRQTFFAVIGALLQSSGPERTALFIRDFLITQMTGK
ELFEMWTITNPMGLLVEELKKRKISAPESRLTRQSGSTTALPVYFVGLYCDRKLIAEGPGETVLVAEEEAARVALRKLFG
FTENRRPWDYSKPKEHVRAEKTITAS
;
h
31 'polypeptide(L)'
;MAAPVTRGLSCLPRVLGWWSRQPVLVTQSTAVVPVRTKKRFTPPTYQPKYKSEKEFVEHARKAGLVIPHERLERPIHLAC
TAGIFDAYVPPEGDARISSLSKEGLAQRAERLKKNVASQLSIRKIRESDPNFKIKDFPEKAKDIFIEAHLCLNNSDHDRL
HTLVTENCFPDMVWDIRYKTVRWSFVESLEPPQVVQVRCSSLMNQGNIYGQVTVRMHTRQTLAIYDRFGRLMYGQEDVPR
DVLEYVVFEKHLVDPYGSWRMHGKIIPPWAPPKQPILKTVMIPGPQLKPWEEFEEPQGEVHKPQPARRRNDS
;
i
32 'polypeptide(L)'
;MAATVLCGVLRAWRTGVPLGCGLRRLSQTQGTPEYPSFVESVDEYHFVERLLPPASIPRPPKHEHYPTPSGWQPPRDPAP
SLPYFVRRSRMHNIPVYRDITHGNRQMTVIRKVEGDIWALQKDVEDFLSPLLGKTPVTQVNEVTGTLRVKGYFDQQLKAW
LLEKGF
;
l
33 'polypeptide(L)'
;(UNK)(UNK)(UNK)(UNK)(UNK)(UNK)(UNK)(UNK)(UNK)(UNK)(UNK)(UNK)(UNK)(UNK)(UNK)(UNK)
(UNK)(UNK)(UNK)(UNK)(UNK)(UNK)(UNK)(UNK)(UNK)(UNK)(UNK)(UNK)(UNK)(UNK)(UNK)(UNK)
(UNK)(UNK)(UNK)(UNK)(UNK)(UNK)(UNK)(UNK)(UNK)(UNK)(UNK)(UNK)(UNK)(UNK)(UNK)(UNK)
(UNK)(UNK)(UNK)(UNK)(UNK)(UNK)(UNK)(UNK)
;
o
34 'polypeptide(L)'
;MAAARCLRWGLNRAGAWLLPSPTRYPRRALHKQVEGTEFQSIYSLDKLYPESRGSDTAWRLPDDAKQANDIPVDRLTISY
CRSSGPGGQNVNKVNSKAEVRFHLASADWIAEPVRLKLAVKHKNRINRSGELILTSECSRYQFRNLADCLQKLRDMIAEA
SQPAKEPSREDAELRRSRIENMNRERLRKKRISSAIKTSRRVDVD
;
u
35 'polypeptide(L)'
;(UNK)(UNK)(UNK)(UNK)(UNK)(UNK)(UNK)(UNK)(UNK)(UNK)(UNK)(UNK)(UNK)(UNK)(UNK)(UNK)
(UNK)(UNK)(UNK)(UNK)(UNK)(UNK)(UNK)(UNK)(UNK)(UNK)(UNK)(UNK)(UNK)(UNK)(UNK)(UNK)
(UNK)(UNK)(UNK)(UNK)(UNK)(UNK)(UNK)(UNK)(UNK)(UNK)(UNK)(UNK)(UNK)(UNK)(UNK)(UNK)
(UNK)(UNK)(UNK)(UNK)(UNK)(UNK)(UNK)(UNK)(UNK)(UNK)(UNK)(UNK)(UNK)(UNK)(UNK)(UNK)
(UNK)(UNK)(UNK)(UNK)(UNK)(UNK)(UNK)(UNK)(UNK)(UNK)(UNK)(UNK)(UNK)(UNK)(UNK)(UNK)
(UNK)(UNK)(UNK)(UNK)(UNK)(UNK)(UNK)(UNK)(UNK)(UNK)(UNK)
;
v,w
36 'polypeptide(L)'
;(UNK)(UNK)(UNK)(UNK)(UNK)(UNK)(UNK)(UNK)(UNK)(UNK)(UNK)(UNK)(UNK)(UNK)(UNK)(UNK)
(UNK)(UNK)(UNK)(UNK)(UNK)(UNK)(UNK)(UNK)(UNK)(UNK)(UNK)(UNK)(UNK)(UNK)(UNK)(UNK)
(UNK)(UNK)(UNK)(UNK)(UNK)(UNK)(UNK)(UNK)(UNK)(UNK)(UNK)(UNK)(UNK)(UNK)(UNK)(UNK)
(UNK)(UNK)(UNK)(UNK)(UNK)(UNK)(UNK)(UNK)(UNK)(UNK)(UNK)(UNK)(UNK)(UNK)(UNK)(UNK)
(UNK)(UNK)(UNK)(UNK)(UNK)(UNK)(UNK)(UNK)(UNK)(UNK)(UNK)(UNK)(UNK)(UNK)(UNK)(UNK)
(UNK)(UNK)(UNK)(UNK)(UNK)
;
x
37 'polypeptide(L)'
;(UNK)(UNK)(UNK)(UNK)(UNK)(UNK)(UNK)(UNK)(UNK)(UNK)(UNK)(UNK)(UNK)(UNK)(UNK)(UNK)
(UNK)(UNK)(UNK)(UNK)(UNK)(UNK)(UNK)(UNK)(UNK)(UNK)(UNK)(UNK)(UNK)(UNK)(UNK)(UNK)
(UNK)(UNK)(UNK)(UNK)(UNK)(UNK)(UNK)(UNK)(UNK)(UNK)(UNK)(UNK)(UNK)(UNK)(UNK)(UNK)
(UNK)(UNK)(UNK)(UNK)(UNK)(UNK)(UNK)(UNK)(UNK)(UNK)(UNK)(UNK)(UNK)(UNK)(UNK)(UNK)
(UNK)(UNK)(UNK)(UNK)(UNK)(UNK)(UNK)(UNK)(UNK)(UNK)(UNK)(UNK)(UNK)(UNK)(UNK)(UNK)
(UNK)(UNK)(UNK)(UNK)(UNK)(UNK)(UNK)(UNK)(UNK)(UNK)(UNK)(UNK)(UNK)(UNK)(UNK)(UNK)
(UNK)(UNK)(UNK)(UNK)(UNK)(UNK)(UNK)(UNK)(UNK)(UNK)(UNK)(UNK)(UNK)(UNK)(UNK)(UNK)
(UNK)(UNK)(UNK)(UNK)(UNK)(UNK)(UNK)(UNK)(UNK)(UNK)(UNK)(UNK)(UNK)(UNK)(UNK)(UNK)
(UNK)(UNK)(UNK)(UNK)(UNK)(UNK)(UNK)(UNK)(UNK)(UNK)(UNK)(UNK)(UNK)(UNK)(UNK)(UNK)
(UNK)(UNK)(UNK)(UNK)(UNK)(UNK)(UNK)(UNK)(UNK)(UNK)(UNK)(UNK)(UNK)(UNK)(UNK)(UNK)
(UNK)(UNK)(UNK)(UNK)(UNK)(UNK)(UNK)(UNK)(UNK)(UNK)(UNK)(UNK)(UNK)(UNK)(UNK)(UNK)
(UNK)(UNK)(UNK)(UNK)(UNK)(UNK)(UNK)(UNK)(UNK)(UNK)(UNK)(UNK)(UNK)(UNK)(UNK)(UNK)
(UNK)(UNK)(UNK)(UNK)(UNK)(UNK)(UNK)(UNK)(UNK)(UNK)(UNK)(UNK)(UNK)(UNK)(UNK)(UNK)
(UNK)(UNK)(UNK)(UNK)(UNK)(UNK)(UNK)(UNK)(UNK)(UNK)(UNK)(UNK)(UNK)(UNK)(UNK)(UNK)
(UNK)(UNK)(UNK)(UNK)(UNK)(UNK)(UNK)(UNK)(UNK)(UNK)(UNK)(UNK)(UNK)(UNK)(UNK)(UNK)
(UNK)(UNK)(UNK)(UNK)(UNK)(UNK)(UNK)(UNK)(UNK)(UNK)(UNK)(UNK)(UNK)(UNK)(UNK)(UNK)
(UNK)(UNK)(UNK)(UNK)(UNK)(UNK)(UNK)(UNK)(UNK)(UNK)(UNK)(UNK)(UNK)(UNK)(UNK)(UNK)
(UNK)(UNK)(UNK)(UNK)(UNK)(UNK)(UNK)(UNK)(UNK)(UNK)(UNK)(UNK)(UNK)(UNK)(UNK)(UNK)
(UNK)(UNK)(UNK)(UNK)(UNK)(UNK)(UNK)(UNK)(UNK)(UNK)(UNK)(UNK)(UNK)(UNK)(UNK)(UNK)
(UNK)(UNK)(UNK)(UNK)(UNK)(UNK)(UNK)(UNK)(UNK)(UNK)(UNK)(UNK)(UNK)(UNK)(UNK)(UNK)
(UNK)(UNK)(UNK)(UNK)(UNK)(UNK)(UNK)(UNK)(UNK)(UNK)(UNK)(UNK)(UNK)(UNK)(UNK)(UNK)
(UNK)(UNK)(UNK)(UNK)(UNK)(UNK)(UNK)(UNK)(UNK)(UNK)(UNK)(UNK)(UNK)(UNK)(UNK)(UNK)
(UNK)(UNK)(UNK)(UNK)(UNK)(UNK)(UNK)(UNK)(UNK)(UNK)(UNK)(UNK)(UNK)(UNK)(UNK)(UNK)
(UNK)(UNK)(UNK)(UNK)(UNK)(UNK)(UNK)(UNK)(UNK)(UNK)(UNK)(UNK)(UNK)(UNK)(UNK)(UNK)
(UNK)(UNK)(UNK)(UNK)(UNK)(UNK)(UNK)(UNK)(UNK)(UNK)(UNK)(UNK)(UNK)(UNK)(UNK)(UNK)
(UNK)(UNK)(UNK)(UNK)(UNK)(UNK)(UNK)(UNK)(UNK)(UNK)(UNK)(UNK)(UNK)(UNK)(UNK)(UNK)
(UNK)(UNK)(UNK)(UNK)(UNK)(UNK)(UNK)(UNK)(UNK)(UNK)
;
z
#
loop_
_chem_comp.id
_chem_comp.type
_chem_comp.name
_chem_comp.formula
A RNA linking ADENOSINE-5'-MONOPHOSPHATE 'C10 H14 N5 O7 P'
C RNA linking CYTIDINE-5'-MONOPHOSPHATE 'C9 H14 N3 O8 P'
G RNA linking GUANOSINE-5'-MONOPHOSPHATE 'C10 H14 N5 O8 P'
N RNA linking 'ANY 5'-MONOPHOSPHATE NUCLEOTIDE' 'C5 H11 O7 P'
U RNA linking URIDINE-5'-MONOPHOSPHATE 'C9 H13 N2 O9 P'
ZN non-polymer 'ZINC ION' 'Zn 2'
#
# COMPACT_ATOMS: atom_id res chain seq x y z
N SER A 38 -40.56 -34.19 -4.24
CA SER A 38 -40.51 -34.63 -5.64
C SER A 38 -40.33 -36.14 -5.72
N SER A 39 -39.59 -36.71 -4.78
CA SER A 39 -39.36 -38.14 -4.75
C SER A 39 -40.36 -38.85 -3.84
N LYS A 40 -41.20 -39.68 -4.45
CA LYS A 40 -42.22 -40.42 -3.70
C LYS A 40 -41.60 -41.59 -2.94
N ASN A 41 -40.70 -42.30 -3.59
CA ASN A 41 -40.03 -43.44 -2.97
C ASN A 41 -39.06 -43.01 -1.88
N LEU A 42 -38.93 -43.83 -0.84
CA LEU A 42 -38.06 -43.52 0.28
C LEU A 42 -37.33 -44.76 0.80
N GLY A 43 -36.04 -44.61 1.05
CA GLY A 43 -35.24 -45.68 1.62
C GLY A 43 -34.04 -45.14 2.37
N GLY A 44 -33.54 -45.92 3.32
CA GLY A 44 -32.39 -45.52 4.11
C GLY A 44 -31.12 -46.26 3.73
N LYS A 45 -30.02 -45.89 4.35
CA LYS A 45 -28.75 -46.57 4.13
C LYS A 45 -28.34 -47.37 5.37
N SER A 46 -27.75 -48.54 5.15
CA SER A 46 -27.36 -49.41 6.24
C SER A 46 -25.85 -49.55 6.35
N PRO A 47 -25.28 -49.13 7.50
CA PRO A 47 -23.85 -49.27 7.77
C PRO A 47 -23.38 -50.72 7.70
N GLY A 48 -22.22 -50.94 7.10
CA GLY A 48 -21.70 -52.28 6.92
C GLY A 48 -21.23 -52.92 8.22
N LYS A 49 -21.52 -54.22 8.37
CA LYS A 49 -21.08 -54.97 9.54
C LYS A 49 -19.75 -55.65 9.27
N ARG A 50 -19.21 -55.40 8.08
CA ARG A 50 -17.90 -55.93 7.67
C ARG A 50 -17.83 -57.45 7.72
N PHE A 51 -18.78 -58.11 7.07
CA PHE A 51 -18.76 -59.56 6.95
C PHE A 51 -17.59 -60.02 6.08
N GLY A 52 -16.99 -61.15 6.44
CA GLY A 52 -15.88 -61.68 5.69
C GLY A 52 -15.01 -62.61 6.52
N ILE A 53 -13.85 -62.99 5.98
CA ILE A 53 -12.94 -63.88 6.68
C ILE A 53 -11.78 -63.08 7.29
N LYS A 54 -11.66 -63.14 8.61
CA LYS A 54 -10.65 -62.38 9.33
C LYS A 54 -9.27 -63.03 9.26
N LYS A 55 -9.23 -64.34 9.18
CA LYS A 55 -7.97 -65.08 9.14
C LYS A 55 -7.84 -65.91 7.88
N MET A 56 -6.61 -66.28 7.54
CA MET A 56 -6.35 -67.05 6.32
C MET A 56 -5.61 -68.35 6.63
N GLU A 57 -5.64 -69.28 5.68
CA GLU A 57 -4.98 -70.57 5.83
C GLU A 57 -3.47 -70.40 5.92
N GLY A 58 -2.87 -71.03 6.92
CA GLY A 58 -1.43 -70.96 7.12
C GLY A 58 -1.05 -70.02 8.25
N HIS A 59 -1.98 -69.16 8.63
CA HIS A 59 -1.75 -68.20 9.70
C HIS A 59 -1.86 -68.86 11.07
N TYR A 60 -1.06 -68.40 12.02
CA TYR A 60 -1.08 -68.94 13.37
C TYR A 60 -2.00 -68.11 14.26
N VAL A 61 -3.11 -68.72 14.66
CA VAL A 61 -4.12 -68.01 15.46
C VAL A 61 -4.10 -68.45 16.93
N HIS A 62 -5.01 -67.89 17.71
CA HIS A 62 -5.12 -68.23 19.13
C HIS A 62 -6.54 -68.68 19.45
N ALA A 63 -6.71 -69.33 20.60
CA ALA A 63 -8.01 -69.81 21.04
C ALA A 63 -8.94 -68.65 21.37
N GLY A 64 -10.12 -68.65 20.76
CA GLY A 64 -11.11 -67.61 21.01
C GLY A 64 -11.08 -66.52 19.95
N ASN A 65 -10.18 -66.65 18.99
CA ASN A 65 -10.05 -65.67 17.92
C ASN A 65 -11.10 -65.86 16.83
N ILE A 66 -11.62 -64.75 16.31
CA ILE A 66 -12.62 -64.80 15.24
C ILE A 66 -12.00 -65.20 13.91
N LEU A 67 -12.56 -66.24 13.30
CA LEU A 67 -12.05 -66.74 12.02
C LEU A 67 -12.77 -66.08 10.84
N ALA A 68 -14.06 -66.38 10.69
CA ALA A 68 -14.82 -65.85 9.57
C ALA A 68 -16.20 -65.37 10.01
N THR A 69 -16.49 -64.11 9.70
CA THR A 69 -17.81 -63.54 9.96
C THR A 69 -18.63 -63.55 8.68
N GLN A 70 -19.76 -64.25 8.69
CA GLN A 70 -20.53 -64.47 7.48
C GLN A 70 -22.04 -64.45 7.72
N ARG A 71 -22.80 -64.25 6.65
CA ARG A 71 -24.24 -64.36 6.69
C ARG A 71 -24.66 -65.77 6.27
N HIS A 72 -25.52 -66.38 7.07
CA HIS A 72 -25.89 -67.79 6.92
C HIS A 72 -24.64 -68.66 6.87
N PHE A 73 -24.63 -69.65 5.99
CA PHE A 73 -23.43 -70.47 5.80
C PHE A 73 -22.86 -70.36 4.39
N ARG A 74 -21.75 -69.65 4.26
CA ARG A 74 -20.92 -69.76 3.05
C ARG A 74 -20.00 -70.96 3.22
N TRP A 75 -19.51 -71.13 4.44
CA TRP A 75 -18.63 -72.25 4.79
C TRP A 75 -19.12 -72.90 6.07
N HIS A 76 -18.61 -74.09 6.38
CA HIS A 76 -19.03 -74.83 7.56
C HIS A 76 -17.86 -75.04 8.54
N PRO A 77 -18.17 -75.09 9.85
CA PRO A 77 -17.13 -75.32 10.85
C PRO A 77 -16.58 -76.74 10.82
N GLY A 78 -15.25 -76.86 10.90
CA GLY A 78 -14.60 -78.16 10.90
C GLY A 78 -14.16 -78.56 12.30
N ALA A 79 -13.10 -79.35 12.37
CA ALA A 79 -12.55 -79.79 13.66
C ALA A 79 -11.93 -78.62 14.41
N HIS A 80 -12.10 -78.63 15.74
CA HIS A 80 -11.55 -77.60 16.61
C HIS A 80 -12.02 -76.19 16.24
N VAL A 81 -13.23 -76.11 15.69
CA VAL A 81 -13.81 -74.82 15.31
C VAL A 81 -15.27 -74.72 15.75
N GLY A 82 -15.59 -73.68 16.50
CA GLY A 82 -16.93 -73.52 17.03
C GLY A 82 -17.83 -72.64 16.17
N LEU A 83 -19.14 -72.78 16.37
CA LEU A 83 -20.13 -72.02 15.62
C LEU A 83 -20.86 -71.05 16.54
N GLY A 84 -21.15 -69.85 16.04
CA GLY A 84 -21.84 -68.83 16.81
C GLY A 84 -23.30 -68.65 16.44
N LYS A 85 -23.97 -67.76 17.15
CA LYS A 85 -25.38 -67.45 16.89
C LYS A 85 -25.51 -66.61 15.62
N ASN A 86 -24.46 -65.83 15.34
CA ASN A 86 -24.41 -64.99 14.14
C ASN A 86 -23.82 -65.77 12.97
N LYS A 87 -23.59 -67.07 13.21
CA LYS A 87 -23.01 -67.98 12.24
C LYS A 87 -21.56 -67.59 11.94
N CYS A 88 -20.87 -67.14 12.96
CA CYS A 88 -19.46 -66.79 12.83
C CYS A 88 -18.56 -67.87 13.44
N LEU A 89 -17.70 -68.45 12.62
CA LEU A 89 -16.82 -69.53 13.06
C LEU A 89 -15.64 -68.97 13.87
N TYR A 90 -15.28 -69.67 14.93
CA TYR A 90 -14.15 -69.27 15.76
C TYR A 90 -13.25 -70.45 16.09
N ALA A 91 -12.05 -70.16 16.60
CA ALA A 91 -11.09 -71.20 16.94
C ALA A 91 -11.25 -71.66 18.38
N LEU A 92 -11.38 -72.97 18.57
CA LEU A 92 -11.54 -73.55 19.90
C LEU A 92 -10.22 -73.63 20.66
N GLU A 93 -9.16 -74.05 19.96
CA GLU A 93 -7.85 -74.19 20.59
C GLU A 93 -6.75 -73.54 19.74
N GLU A 94 -5.57 -73.40 20.33
CA GLU A 94 -4.42 -72.83 19.65
C GLU A 94 -3.97 -73.74 18.52
N GLY A 95 -3.71 -73.16 17.35
CA GLY A 95 -3.27 -73.94 16.20
C GLY A 95 -3.19 -73.15 14.90
N VAL A 96 -3.20 -73.87 13.79
CA VAL A 96 -3.08 -73.26 12.47
C VAL A 96 -4.36 -73.48 11.66
N VAL A 97 -4.81 -72.43 10.98
CA VAL A 97 -6.03 -72.49 10.18
C VAL A 97 -5.80 -73.18 8.84
N ARG A 98 -6.71 -74.06 8.46
CA ARG A 98 -6.63 -74.78 7.19
C ARG A 98 -8.01 -74.94 6.56
N TYR A 99 -8.09 -74.71 5.25
CA TYR A 99 -9.36 -74.84 4.54
C TYR A 99 -9.42 -76.14 3.75
N THR A 100 -10.49 -76.89 3.91
CA THR A 100 -10.64 -78.17 3.21
C THR A 100 -12.04 -78.35 2.66
N LYS A 101 -12.12 -78.66 1.36
CA LYS A 101 -13.41 -78.88 0.71
C LYS A 101 -13.75 -80.36 0.62
N GLU A 102 -15.02 -80.69 0.86
CA GLU A 102 -15.47 -82.07 0.82
C GLU A 102 -16.76 -82.21 0.03
N VAL A 103 -16.87 -83.30 -0.74
CA VAL A 103 -18.06 -83.56 -1.54
C VAL A 103 -18.61 -84.96 -1.25
N TYR A 104 -19.85 -85.03 -0.79
CA TYR A 104 -20.50 -86.31 -0.52
C TYR A 104 -21.46 -86.70 -1.63
N TYR A 127 -21.57 -81.35 -0.69
CA TYR A 127 -20.90 -80.10 -1.04
C TYR A 127 -20.73 -79.20 0.18
N LYS A 128 -19.71 -79.51 0.99
CA LYS A 128 -19.44 -78.75 2.19
C LYS A 128 -18.01 -78.23 2.23
N THR A 129 -17.81 -77.10 2.90
CA THR A 129 -16.48 -76.53 3.06
C THR A 129 -16.15 -76.35 4.53
N PHE A 130 -15.13 -77.07 5.00
CA PHE A 130 -14.77 -77.07 6.41
C PHE A 130 -13.48 -76.30 6.70
N VAL A 131 -13.48 -75.60 7.83
CA VAL A 131 -12.30 -74.90 8.33
C VAL A 131 -11.78 -75.59 9.58
N HIS A 132 -10.52 -75.97 9.57
CA HIS A 132 -9.94 -76.73 10.68
C HIS A 132 -8.81 -75.97 11.36
N VAL A 133 -8.60 -76.26 12.65
CA VAL A 133 -7.49 -75.69 13.39
C VAL A 133 -6.59 -76.80 13.92
N VAL A 134 -5.36 -76.85 13.42
CA VAL A 134 -4.43 -77.91 13.79
C VAL A 134 -3.38 -77.42 14.79
N PRO A 135 -3.47 -77.92 16.03
CA PRO A 135 -2.53 -77.56 17.11
C PRO A 135 -1.09 -77.92 16.76
N GLY B 82 -36.95 -3.61 60.72
CA GLY B 82 -36.92 -4.77 59.85
C GLY B 82 -38.21 -4.96 59.08
N GLU B 83 -38.91 -3.86 58.83
CA GLU B 83 -40.17 -3.89 58.11
C GLU B 83 -40.17 -2.92 56.92
N GLY B 84 -40.02 -1.64 57.22
CA GLY B 84 -40.01 -0.60 56.20
C GLY B 84 -39.02 -0.85 55.09
N TRP B 85 -39.50 -0.77 53.85
CA TRP B 85 -38.69 -0.94 52.65
C TRP B 85 -37.95 -2.28 52.60
N VAL B 86 -38.70 -3.37 52.44
CA VAL B 86 -38.07 -4.68 52.27
C VAL B 86 -38.30 -5.19 50.85
N LEU B 87 -37.24 -5.24 50.06
CA LEU B 87 -37.36 -5.61 48.66
C LEU B 87 -36.79 -7.00 48.40
N GLY B 88 -37.67 -7.96 48.11
CA GLY B 88 -37.24 -9.33 47.87
C GLY B 88 -37.37 -9.73 46.41
N HIS B 89 -37.44 -11.04 46.18
CA HIS B 89 -37.60 -11.57 44.83
C HIS B 89 -38.81 -12.49 44.75
N ARG B 90 -39.47 -12.50 43.60
CA ARG B 90 -40.67 -13.30 43.41
C ARG B 90 -40.50 -14.36 42.32
N TYR B 91 -41.07 -15.53 42.58
CA TYR B 91 -41.04 -16.66 41.65
C TYR B 91 -42.45 -17.17 41.41
N VAL B 92 -42.61 -18.01 40.39
CA VAL B 92 -43.93 -18.52 40.02
C VAL B 92 -44.37 -19.69 40.89
N ASN B 93 -43.74 -20.84 40.68
CA ASN B 93 -44.10 -22.07 41.38
C ASN B 93 -43.33 -22.23 42.69
N ASN B 94 -42.55 -21.22 43.03
CA ASN B 94 -41.66 -21.22 44.19
C ASN B 94 -40.60 -22.32 44.10
N ASP B 95 -40.38 -22.80 42.87
CA ASP B 95 -39.21 -23.57 42.50
C ASP B 95 -38.78 -23.04 41.14
N LYS B 96 -37.58 -22.47 41.05
CA LYS B 96 -37.28 -21.70 39.85
C LYS B 96 -36.26 -22.33 38.90
N LEU B 97 -36.76 -22.85 37.79
CA LEU B 97 -35.99 -22.98 36.57
C LEU B 97 -36.41 -21.81 35.67
N SER B 98 -37.38 -21.04 36.17
CA SER B 98 -38.00 -19.98 35.40
C SER B 98 -37.55 -18.59 35.85
N LYS B 99 -38.15 -17.56 35.26
CA LYS B 99 -37.80 -16.17 35.53
C LYS B 99 -37.95 -15.79 37.00
N ARG B 100 -37.08 -14.91 37.47
CA ARG B 100 -37.13 -14.37 38.82
C ARG B 100 -37.35 -12.87 38.77
N VAL B 101 -38.45 -12.38 39.34
CA VAL B 101 -38.73 -10.96 39.26
C VAL B 101 -38.83 -10.29 40.62
N ARG B 102 -37.94 -9.33 40.86
CA ARG B 102 -37.87 -8.60 42.13
C ARG B 102 -39.21 -7.97 42.51
N LYS B 103 -39.59 -8.14 43.77
CA LYS B 103 -40.85 -7.64 44.28
C LYS B 103 -40.66 -6.77 45.52
N VAL B 104 -41.45 -5.71 45.64
CA VAL B 104 -41.36 -4.79 46.76
C VAL B 104 -42.35 -5.14 47.88
N TRP B 105 -41.90 -4.95 49.12
CA TRP B 105 -42.75 -5.19 50.28
C TRP B 105 -42.64 -4.05 51.30
N LYS B 106 -43.80 -3.50 51.65
CA LYS B 106 -43.90 -2.42 52.62
C LYS B 106 -44.82 -2.82 53.76
N PRO B 107 -44.49 -2.38 54.99
CA PRO B 107 -45.28 -2.74 56.19
C PRO B 107 -46.64 -2.05 56.23
N GLN B 108 -47.54 -2.59 57.05
CA GLN B 108 -48.87 -2.00 57.22
C GLN B 108 -48.83 -0.84 58.20
N LEU B 109 -49.61 0.20 57.91
CA LEU B 109 -49.61 1.40 58.75
C LEU B 109 -51.01 1.73 59.27
N PHE B 110 -51.14 1.76 60.59
CA PHE B 110 -52.40 2.15 61.23
C PHE B 110 -52.12 3.03 62.44
N GLN B 111 -53.17 3.68 62.95
CA GLN B 111 -53.03 4.60 64.08
C GLN B 111 -53.22 3.90 65.41
N ARG B 112 -52.28 4.12 66.33
CA ARG B 112 -52.38 3.58 67.68
C ARG B 112 -52.26 4.69 68.71
N GLU B 113 -53.32 4.92 69.48
CA GLU B 113 -53.32 5.97 70.48
C GLU B 113 -53.03 5.43 71.87
N LEU B 114 -51.96 5.94 72.48
CA LEU B 114 -51.58 5.53 73.84
C LEU B 114 -51.52 6.76 74.74
N TYR B 115 -51.24 6.53 76.02
CA TYR B 115 -51.17 7.63 76.99
C TYR B 115 -49.94 7.50 77.89
N SER B 116 -49.10 8.52 77.86
CA SER B 116 -47.89 8.53 78.69
C SER B 116 -48.12 9.35 79.95
N GLU B 117 -48.06 8.70 81.10
CA GLU B 117 -48.28 9.36 82.38
C GLU B 117 -47.05 10.13 82.84
N ILE B 118 -45.88 9.68 82.43
CA ILE B 118 -44.63 10.34 82.80
C ILE B 118 -44.53 11.72 82.16
N LEU B 119 -44.82 11.78 80.87
CA LEU B 119 -44.79 13.04 80.13
C LEU B 119 -46.13 13.76 80.26
N ASP B 120 -47.12 13.06 80.81
CA ASP B 120 -48.48 13.57 80.94
C ASP B 120 -49.02 13.99 79.58
N LYS B 121 -48.84 13.12 78.59
CA LYS B 121 -49.24 13.44 77.22
C LYS B 121 -49.79 12.21 76.49
N ARG B 122 -50.88 12.40 75.76
CA ARG B 122 -51.43 11.37 74.90
C ARG B 122 -50.61 11.31 73.61
N PHE B 123 -50.16 10.10 73.25
CA PHE B 123 -49.28 9.95 72.10
C PHE B 123 -49.93 9.15 70.98
N THR B 124 -49.58 9.48 69.74
CA THR B 124 -50.10 8.79 68.58
C THR B 124 -48.97 8.14 67.78
N VAL B 125 -48.99 6.81 67.71
CA VAL B 125 -47.95 6.06 67.02
C VAL B 125 -48.48 5.38 65.76
N THR B 126 -47.81 5.65 64.64
CA THR B 126 -48.15 5.05 63.36
C THR B 126 -47.29 3.81 63.12
N VAL B 127 -46.50 3.45 64.12
CA VAL B 127 -45.48 2.41 64.00
C VAL B 127 -46.06 1.00 63.83
N THR B 128 -45.17 0.02 63.78
CA THR B 128 -45.52 -1.37 63.51
C THR B 128 -46.61 -1.94 64.42
N MET B 129 -47.62 -2.53 63.80
CA MET B 129 -48.70 -3.21 64.52
C MET B 129 -48.19 -4.30 65.45
N ARG B 130 -47.55 -5.31 64.88
CA ARG B 130 -47.07 -6.47 65.64
C ARG B 130 -46.16 -6.10 66.80
N THR B 131 -45.41 -5.01 66.65
CA THR B 131 -44.51 -4.54 67.71
C THR B 131 -45.31 -4.16 68.95
N LEU B 132 -46.49 -3.59 68.74
CA LEU B 132 -47.37 -3.19 69.84
C LEU B 132 -47.77 -4.40 70.69
N ASP B 133 -47.87 -5.56 70.05
CA ASP B 133 -48.19 -6.80 70.76
C ASP B 133 -47.06 -7.17 71.71
N LEU B 134 -45.84 -6.79 71.34
CA LEU B 134 -44.68 -7.01 72.20
C LEU B 134 -44.63 -5.98 73.31
N ILE B 135 -45.01 -4.75 72.98
CA ILE B 135 -45.06 -3.67 73.97
C ILE B 135 -46.06 -3.99 75.07
N ASP B 136 -47.18 -4.60 74.68
CA ASP B 136 -48.19 -5.02 75.65
C ASP B 136 -47.65 -6.07 76.61
N GLN B 137 -46.68 -6.84 76.14
CA GLN B 137 -46.03 -7.86 76.96
C GLN B 137 -44.81 -7.29 77.67
N ALA B 138 -44.45 -6.07 77.32
CA ALA B 138 -43.29 -5.41 77.90
C ALA B 138 -43.67 -4.60 79.14
N CYS B 139 -44.98 -4.50 79.39
CA CYS B 139 -45.48 -3.76 80.53
C CYS B 139 -45.54 -4.64 81.78
N SER C 86 10.49 53.86 54.67
CA SER C 86 11.12 55.13 54.97
C SER C 86 10.10 56.27 55.02
N TRP C 87 9.68 56.73 53.85
CA TRP C 87 8.70 57.80 53.73
C TRP C 87 7.39 57.42 54.43
N THR C 88 6.99 56.16 54.26
CA THR C 88 5.81 55.62 54.93
C THR C 88 5.96 55.72 56.44
N CYS C 89 7.11 55.27 56.94
CA CYS C 89 7.40 55.34 58.37
C CYS C 89 7.46 56.78 58.85
N GLN C 90 7.98 57.67 58.01
CA GLN C 90 8.03 59.09 58.33
C GLN C 90 6.63 59.68 58.43
N GLN C 91 5.69 59.11 57.67
CA GLN C 91 4.30 59.53 57.76
C GLN C 91 3.62 58.96 59.00
N LEU C 92 3.99 57.73 59.36
CA LEU C 92 3.37 57.05 60.50
C LEU C 92 3.83 57.61 61.84
N ARG C 93 5.09 58.06 61.90
CA ARG C 93 5.64 58.59 63.14
C ARG C 93 5.05 59.97 63.45
N ASN C 94 4.62 60.68 62.42
CA ASN C 94 3.95 61.96 62.60
C ASN C 94 2.44 61.78 62.63
N LYS C 95 1.82 62.05 63.77
CA LYS C 95 0.39 61.79 63.93
C LYS C 95 -0.45 63.05 63.82
N SER C 96 -1.19 63.14 62.71
CA SER C 96 -2.17 64.21 62.53
C SER C 96 -3.39 63.67 61.77
N ASN C 97 -4.59 63.95 62.28
CA ASN C 97 -5.80 63.44 61.66
C ASN C 97 -6.25 64.26 60.45
N GLU C 98 -6.23 65.58 60.61
CA GLU C 98 -6.70 66.49 59.55
C GLU C 98 -5.66 66.74 58.46
N ASP C 99 -4.42 66.93 58.89
CA ASP C 99 -3.33 67.29 57.99
C ASP C 99 -3.11 66.22 56.91
N LEU C 100 -3.28 64.97 57.28
CA LEU C 100 -3.08 63.85 56.35
C LEU C 100 -4.00 63.96 55.14
N HIS C 101 -5.30 64.10 55.40
CA HIS C 101 -6.26 64.21 54.31
C HIS C 101 -6.01 65.50 53.54
N LYS C 102 -5.69 66.57 54.28
CA LYS C 102 -5.39 67.85 53.63
C LYS C 102 -4.11 67.79 52.80
N LEU C 103 -3.37 66.69 52.93
CA LEU C 103 -2.16 66.46 52.14
C LEU C 103 -2.45 65.57 50.93
N TRP C 104 -2.86 64.33 51.19
CA TRP C 104 -3.03 63.35 50.12
C TRP C 104 -4.22 63.67 49.22
N TYR C 105 -5.14 64.51 49.68
CA TYR C 105 -6.20 64.98 48.78
C TYR C 105 -5.63 65.97 47.77
N VAL C 106 -4.70 66.79 48.22
CA VAL C 106 -4.01 67.74 47.35
C VAL C 106 -3.13 67.00 46.35
N LEU C 107 -2.41 65.99 46.85
CA LEU C 107 -1.56 65.19 45.98
C LEU C 107 -2.39 64.38 44.99
N LEU C 108 -3.58 63.96 45.41
CA LEU C 108 -4.47 63.20 44.55
C LEU C 108 -5.07 64.09 43.46
N LYS C 109 -5.49 65.29 43.83
CA LYS C 109 -6.07 66.22 42.88
C LYS C 109 -4.99 66.78 41.96
N GLU C 110 -3.74 66.69 42.40
CA GLU C 110 -2.60 67.04 41.56
C GLU C 110 -2.35 65.92 40.56
N ARG C 111 -2.44 64.68 41.04
CA ARG C 111 -2.28 63.52 40.19
C ARG C 111 -3.40 63.46 39.14
N ASN C 112 -4.56 64.01 39.49
CA ASN C 112 -5.67 64.08 38.55
C ASN C 112 -5.32 64.89 37.31
N MET C 113 -4.79 66.09 37.53
CA MET C 113 -4.40 66.97 36.43
C MET C 113 -3.14 66.48 35.73
N LEU C 114 -2.23 65.86 36.48
CA LEU C 114 -1.01 65.35 35.89
C LEU C 114 -1.29 64.18 34.95
N LEU C 115 -2.11 63.23 35.41
CA LEU C 115 -2.51 62.11 34.57
C LEU C 115 -3.49 62.57 33.50
N THR C 116 -4.11 63.72 33.73
CA THR C 116 -4.96 64.33 32.71
C THR C 116 -4.10 64.79 31.54
N LEU C 117 -3.04 65.53 31.84
CA LEU C 117 -2.09 65.97 30.83
C LEU C 117 -1.41 64.78 30.18
N GLU C 118 -1.18 63.73 30.97
CA GLU C 118 -0.60 62.50 30.46
C GLU C 118 -1.49 61.85 29.41
N GLN C 119 -2.77 61.69 29.76
CA GLN C 119 -3.74 61.07 28.87
C GLN C 119 -3.94 61.91 27.61
N GLU C 120 -4.01 63.23 27.79
CA GLU C 120 -4.18 64.14 26.67
C GLU C 120 -2.95 64.16 25.77
N ALA C 121 -1.79 63.82 26.34
CA ALA C 121 -0.56 63.74 25.57
C ALA C 121 -0.48 62.45 24.78
N LYS C 122 -0.91 61.35 25.42
CA LYS C 122 -0.87 60.04 24.78
C LYS C 122 -1.91 59.93 23.67
N ARG C 123 -3.07 60.53 23.89
CA ARG C 123 -4.17 60.47 22.92
C ARG C 123 -3.98 61.48 21.79
N GLN C 124 -2.97 62.34 21.93
CA GLN C 124 -2.67 63.34 20.91
C GLN C 124 -1.63 62.80 19.93
N ARG C 125 -1.27 61.53 20.10
CA ARG C 125 -0.26 60.87 19.28
C ARG C 125 1.09 61.57 19.43
N LEU C 126 1.39 61.98 20.65
CA LEU C 126 2.65 62.65 20.96
C LEU C 126 3.39 61.92 22.07
N PRO C 127 4.73 61.95 22.04
CA PRO C 127 5.53 61.29 23.08
C PRO C 127 5.32 61.89 24.46
N MET C 128 5.56 61.10 25.50
CA MET C 128 5.35 61.54 26.88
C MET C 128 6.41 62.57 27.28
N PRO C 129 5.96 63.79 27.61
CA PRO C 129 6.86 64.89 27.98
C PRO C 129 7.65 64.62 29.26
N SER C 130 6.98 64.11 30.28
CA SER C 130 7.64 63.82 31.55
C SER C 130 7.11 62.55 32.21
N PRO C 131 7.50 61.38 31.68
CA PRO C 131 7.04 60.09 32.23
C PRO C 131 7.59 59.83 33.63
N GLU C 132 8.80 60.31 33.90
CA GLU C 132 9.46 60.09 35.18
C GLU C 132 8.67 60.66 36.34
N ARG C 133 8.35 61.94 36.27
CA ARG C 133 7.59 62.62 37.31
C ARG C 133 6.23 61.96 37.50
N LEU C 134 5.62 61.53 36.40
CA LEU C 134 4.32 60.87 36.45
C LEU C 134 4.41 59.54 37.21
N GLU C 135 5.42 58.74 36.89
CA GLU C 135 5.62 57.47 37.58
C GLU C 135 5.90 57.68 39.06
N LYS C 136 6.71 58.70 39.37
CA LYS C 136 7.01 59.04 40.76
C LYS C 136 5.75 59.45 41.51
N VAL C 137 4.88 60.17 40.82
CA VAL C 137 3.61 60.61 41.40
C VAL C 137 2.69 59.41 41.65
N VAL C 138 2.70 58.46 40.72
CA VAL C 138 1.92 57.23 40.87
C VAL C 138 2.38 56.44 42.09
N ASP C 139 3.69 56.20 42.16
CA ASP C 139 4.28 55.45 43.27
C ASP C 139 4.05 56.14 44.61
N SER C 140 4.17 57.46 44.62
CA SER C 140 4.00 58.24 45.84
C SER C 140 2.54 58.24 46.28
N MET C 141 1.63 58.30 45.32
CA MET C 141 0.20 58.31 45.62
C MET C 141 -0.21 56.95 46.18
N ASP C 142 0.31 55.89 45.57
CA ASP C 142 0.06 54.53 46.06
C ASP C 142 0.63 54.38 47.47
N ALA C 143 1.79 54.98 47.70
CA ALA C 143 2.44 54.93 49.00
C ALA C 143 1.60 55.62 50.07
N LEU C 144 1.21 56.87 49.82
CA LEU C 144 0.39 57.62 50.77
C LEU C 144 -0.97 56.99 50.99
N ASP C 145 -1.56 56.45 49.93
CA ASP C 145 -2.84 55.77 50.05
C ASP C 145 -2.70 54.54 50.93
N LYS C 146 -1.56 53.84 50.79
CA LYS C 146 -1.27 52.68 51.62
C LYS C 146 -1.06 53.11 53.08
N VAL C 147 -0.48 54.28 53.26
CA VAL C 147 -0.26 54.83 54.61
C VAL C 147 -1.60 55.13 55.29
N VAL C 148 -2.46 55.84 54.58
CA VAL C 148 -3.79 56.16 55.10
C VAL C 148 -4.58 54.89 55.38
N GLN C 149 -4.48 53.93 54.47
CA GLN C 149 -5.18 52.66 54.61
C GLN C 149 -4.74 51.89 55.85
N GLU C 150 -3.42 51.74 56.01
CA GLU C 150 -2.88 50.97 57.14
C GLU C 150 -3.07 51.72 58.46
N ARG C 151 -3.14 53.05 58.39
CA ARG C 151 -3.37 53.86 59.58
C ARG C 151 -4.82 53.71 60.02
N GLU C 152 -5.73 53.71 59.07
CA GLU C 152 -7.14 53.47 59.34
C GLU C 152 -7.35 52.06 59.87
N ASP C 153 -6.56 51.12 59.35
CA ASP C 153 -6.60 49.74 59.84
C ASP C 153 -6.13 49.68 61.28
N ALA C 154 -5.10 50.45 61.60
CA ALA C 154 -4.57 50.51 62.96
C ALA C 154 -5.59 51.12 63.92
N LEU C 155 -6.27 52.17 63.47
CA LEU C 155 -7.28 52.83 64.28
C LEU C 155 -8.48 51.93 64.54
N ARG C 156 -8.94 51.27 63.47
CA ARG C 156 -10.07 50.35 63.58
C ARG C 156 -9.72 49.15 64.46
N LEU C 157 -8.48 48.69 64.37
CA LEU C 157 -8.03 47.57 65.18
C LEU C 157 -7.89 47.99 66.64
N LEU C 158 -7.55 49.26 66.86
CA LEU C 158 -7.43 49.80 68.20
C LEU C 158 -8.80 49.98 68.85
N GLN C 159 -9.77 50.41 68.05
CA GLN C 159 -11.13 50.63 68.55
C GLN C 159 -11.87 49.32 68.74
N THR C 160 -11.52 48.32 67.94
CA THR C 160 -12.16 47.00 68.02
C THR C 160 -11.76 46.28 69.31
N GLY C 161 -10.45 46.19 69.54
CA GLY C 161 -9.94 45.53 70.72
C GLY C 161 -10.02 46.40 71.96
N LYS D 65 23.40 -65.41 -16.75
CA LYS D 65 24.34 -64.30 -16.65
C LYS D 65 23.76 -63.14 -15.86
N LEU D 66 24.39 -61.98 -15.98
CA LEU D 66 23.95 -60.78 -15.26
C LEU D 66 23.37 -59.72 -16.20
N HIS D 67 22.29 -59.11 -15.74
CA HIS D 67 21.59 -58.11 -16.55
C HIS D 67 21.77 -56.71 -15.98
N ILE D 68 22.06 -55.76 -16.86
CA ILE D 68 22.21 -54.37 -16.48
C ILE D 68 20.97 -53.57 -16.88
N VAL D 69 20.41 -52.85 -15.90
CA VAL D 69 19.18 -52.10 -16.12
C VAL D 69 19.46 -50.60 -16.20
N THR D 70 18.97 -49.98 -17.27
CA THR D 70 19.11 -48.53 -17.46
C THR D 70 17.74 -47.88 -17.57
N ARG D 71 17.56 -46.75 -16.91
CA ARG D 71 16.27 -46.05 -16.92
C ARG D 71 16.23 -44.99 -18.02
N ILE D 72 15.44 -45.26 -19.06
CA ILE D 72 15.32 -44.36 -20.20
C ILE D 72 14.08 -43.46 -20.12
N LYS D 73 13.26 -43.64 -19.09
CA LYS D 73 12.01 -42.91 -18.98
C LYS D 73 11.65 -42.63 -17.52
N SER D 74 10.98 -41.50 -17.30
CA SER D 74 10.63 -41.06 -15.94
C SER D 74 9.58 -41.96 -15.28
N THR D 75 9.63 -42.02 -13.96
CA THR D 75 8.64 -42.76 -13.19
C THR D 75 7.47 -41.86 -12.83
N LYS D 76 7.62 -40.58 -13.12
CA LYS D 76 6.59 -39.58 -12.85
C LYS D 76 5.36 -39.85 -13.72
N ARG D 77 4.20 -39.40 -13.25
CA ARG D 77 2.91 -39.58 -13.94
C ARG D 77 2.48 -41.06 -13.96
N ARG D 78 3.29 -41.92 -13.37
CA ARG D 78 3.02 -43.35 -13.32
C ARG D 78 2.71 -43.77 -11.87
N PRO D 79 1.92 -44.84 -11.71
CA PRO D 79 1.49 -45.33 -10.39
C PRO D 79 2.64 -45.55 -9.41
N TYR D 80 2.35 -45.36 -8.12
CA TYR D 80 3.37 -45.44 -7.08
C TYR D 80 4.03 -46.81 -6.96
N TRP D 81 3.30 -47.87 -7.31
CA TRP D 81 3.86 -49.20 -7.19
C TRP D 81 5.00 -49.41 -8.19
N GLU D 82 4.91 -48.73 -9.33
CA GLU D 82 5.98 -48.78 -10.33
C GLU D 82 7.21 -48.06 -9.79
N LYS D 83 6.98 -46.97 -9.06
CA LYS D 83 8.07 -46.24 -8.42
C LYS D 83 8.71 -47.11 -7.35
N ASP D 84 7.90 -47.92 -6.69
CA ASP D 84 8.39 -48.87 -5.69
C ASP D 84 9.23 -49.94 -6.37
N ILE D 85 8.82 -50.36 -7.56
CA ILE D 85 9.57 -51.32 -8.35
C ILE D 85 10.93 -50.76 -8.74
N ILE D 86 10.93 -49.51 -9.21
CA ILE D 86 12.17 -48.83 -9.59
C ILE D 86 13.10 -48.68 -8.39
N LYS D 87 12.51 -48.38 -7.24
CA LYS D 87 13.28 -48.28 -6.00
C LYS D 87 13.87 -49.64 -5.62
N MET D 88 13.13 -50.71 -5.96
CA MET D 88 13.59 -52.06 -5.74
C MET D 88 14.76 -52.40 -6.67
N LEU D 89 14.72 -51.83 -7.86
CA LEU D 89 15.79 -52.05 -8.84
C LEU D 89 17.02 -51.21 -8.50
N GLY D 90 16.84 -50.22 -7.63
CA GLY D 90 17.93 -49.39 -7.18
C GLY D 90 18.26 -48.24 -8.11
N LEU D 91 17.26 -47.74 -8.83
CA LEU D 91 17.46 -46.63 -9.73
C LEU D 91 16.93 -45.33 -9.11
N GLU D 92 17.85 -44.46 -8.70
CA GLU D 92 17.46 -43.17 -8.15
C GLU D 92 17.45 -42.07 -9.21
N LYS D 93 17.98 -42.40 -10.39
CA LYS D 93 18.09 -41.44 -11.48
C LYS D 93 17.90 -42.11 -12.84
N ALA D 94 17.59 -41.30 -13.85
CA ALA D 94 17.45 -41.80 -15.22
C ALA D 94 18.82 -42.02 -15.84
N HIS D 95 18.87 -42.91 -16.84
CA HIS D 95 20.07 -43.18 -17.63
C HIS D 95 21.19 -43.86 -16.83
N THR D 96 20.98 -44.03 -15.53
CA THR D 96 21.97 -44.66 -14.66
C THR D 96 21.85 -46.18 -14.69
N PRO D 97 22.89 -46.86 -15.21
CA PRO D 97 22.91 -48.33 -15.31
C PRO D 97 23.16 -49.00 -13.95
N GLN D 98 22.54 -50.16 -13.75
CA GLN D 98 22.75 -50.93 -12.52
C GLN D 98 22.86 -52.43 -12.81
N VAL D 99 23.91 -53.05 -12.30
CA VAL D 99 24.14 -54.48 -12.50
C VAL D 99 23.33 -55.31 -11.51
N HIS D 100 22.54 -56.25 -12.02
CA HIS D 100 21.73 -57.11 -11.17
C HIS D 100 21.73 -58.57 -11.64
N LYS D 101 21.53 -59.46 -10.68
CA LYS D 101 21.47 -60.90 -10.95
C LYS D 101 20.19 -61.28 -11.66
N ASN D 102 20.19 -62.41 -12.34
CA ASN D 102 19.00 -62.87 -13.04
C ASN D 102 18.22 -63.89 -12.21
N ILE D 103 17.05 -63.47 -11.73
CA ILE D 103 16.15 -64.33 -10.97
C ILE D 103 14.70 -63.94 -11.27
N PRO D 104 13.78 -64.91 -11.22
CA PRO D 104 12.35 -64.67 -11.47
C PRO D 104 11.78 -63.53 -10.62
N SER D 105 12.27 -63.38 -9.41
CA SER D 105 11.82 -62.31 -8.52
C SER D 105 12.18 -60.94 -9.10
N VAL D 106 13.42 -60.80 -9.54
CA VAL D 106 13.87 -59.56 -10.17
C VAL D 106 13.27 -59.43 -11.57
N ASN D 107 13.17 -60.55 -12.27
CA ASN D 107 12.66 -60.57 -13.63
C ASN D 107 11.20 -60.10 -13.71
N ALA D 108 10.42 -60.42 -12.69
CA ALA D 108 9.02 -60.02 -12.64
C ALA D 108 8.90 -58.50 -12.53
N LYS D 109 9.58 -57.92 -11.55
CA LYS D 109 9.60 -56.48 -11.36
C LYS D 109 10.16 -55.79 -12.60
N LEU D 110 11.11 -56.45 -13.24
CA LEU D 110 11.71 -55.94 -14.47
C LEU D 110 10.67 -55.94 -15.59
N LYS D 111 9.76 -56.92 -15.54
CA LYS D 111 8.69 -57.04 -16.52
C LYS D 111 7.59 -56.02 -16.25
N VAL D 112 7.50 -55.57 -15.00
CA VAL D 112 6.50 -54.57 -14.63
C VAL D 112 6.82 -53.20 -15.22
N VAL D 113 8.03 -52.72 -14.98
CA VAL D 113 8.46 -51.39 -15.41
C VAL D 113 9.17 -51.39 -16.76
N LYS D 114 9.19 -52.54 -17.43
CA LYS D 114 9.93 -52.71 -18.68
C LYS D 114 9.66 -51.63 -19.73
N HIS D 115 8.46 -51.09 -19.74
CA HIS D 115 8.10 -50.06 -20.71
C HIS D 115 8.78 -48.73 -20.39
N LEU D 116 9.19 -48.56 -19.13
CA LEU D 116 9.83 -47.32 -18.70
C LEU D 116 11.36 -47.41 -18.72
N ILE D 117 11.89 -48.58 -19.06
CA ILE D 117 13.33 -48.81 -18.99
C ILE D 117 13.88 -49.61 -20.17
N ARG D 118 15.21 -49.60 -20.29
CA ARG D 118 15.91 -50.42 -21.26
C ARG D 118 16.94 -51.30 -20.55
N ILE D 119 16.90 -52.59 -20.83
CA ILE D 119 17.79 -53.55 -20.16
C ILE D 119 18.71 -54.23 -21.16
N LYS D 120 19.99 -54.36 -20.80
CA LYS D 120 20.95 -55.05 -21.66
C LYS D 120 21.78 -56.04 -20.83
N PRO D 121 22.01 -57.24 -21.37
CA PRO D 121 22.85 -58.24 -20.69
C PRO D 121 24.33 -57.89 -20.79
N LEU D 122 25.09 -58.10 -19.72
CA LEU D 122 26.53 -57.82 -19.76
C LEU D 122 27.29 -58.66 -18.75
N LYS D 123 28.61 -58.72 -18.93
CA LYS D 123 29.50 -59.49 -18.07
C LYS D 123 29.11 -60.96 -18.01
N ALA E 79 -15.88 13.45 -15.67
CA ALA E 79 -14.97 12.32 -15.71
C ALA E 79 -13.80 12.51 -14.75
N ALA E 80 -13.06 11.44 -14.51
CA ALA E 80 -11.93 11.48 -13.60
C ALA E 80 -10.68 10.84 -14.23
N PRO E 81 -9.50 11.40 -13.95
CA PRO E 81 -8.22 10.88 -14.45
C PRO E 81 -8.00 9.42 -14.05
N LYS E 82 -7.54 8.60 -14.99
CA LYS E 82 -7.31 7.19 -14.72
C LYS E 82 -6.05 6.97 -13.90
N ASN E 83 -4.99 7.72 -14.23
CA ASN E 83 -3.72 7.60 -13.52
C ASN E 83 -2.97 8.93 -13.43
N ARG E 84 -2.00 8.98 -12.52
CA ARG E 84 -1.21 10.19 -12.30
C ARG E 84 -0.25 10.46 -13.45
N ARG E 85 -0.15 11.73 -13.84
CA ARG E 85 0.69 12.15 -14.95
C ARG E 85 2.18 12.05 -14.64
N SER E 86 2.94 11.47 -15.56
CA SER E 86 4.39 11.40 -15.44
C SER E 86 5.04 12.75 -15.74
N ILE E 87 6.26 12.93 -15.27
CA ILE E 87 6.99 14.18 -15.46
C ILE E 87 7.26 14.48 -16.93
N GLU E 88 7.66 13.46 -17.68
CA GLU E 88 8.00 13.62 -19.09
C GLU E 88 6.84 14.16 -19.92
N VAL E 89 5.68 13.53 -19.79
CA VAL E 89 4.48 13.96 -20.50
C VAL E 89 4.12 15.40 -20.13
N ASN E 90 4.21 15.72 -18.85
CA ASN E 90 3.92 17.07 -18.37
C ASN E 90 4.84 18.12 -19.00
N ARG E 91 6.13 17.82 -19.02
CA ARG E 91 7.11 18.74 -19.60
C ARG E 91 6.88 18.92 -21.09
N CYS E 92 6.73 17.80 -21.81
CA CYS E 92 6.53 17.84 -23.26
C CYS E 92 5.23 18.54 -23.63
N ARG E 93 4.25 18.47 -22.75
CA ARG E 93 2.95 19.12 -22.97
C ARG E 93 2.99 20.61 -22.66
N ARG E 94 3.70 20.99 -21.61
CA ARG E 94 3.70 22.37 -21.13
C ARG E 94 4.79 23.24 -21.76
N ARG E 95 5.67 22.64 -22.55
CA ARG E 95 6.78 23.40 -23.12
C ARG E 95 6.73 23.53 -24.63
N ASN E 96 6.85 22.41 -25.34
CA ASN E 96 7.00 22.42 -26.79
C ASN E 96 5.84 23.02 -27.60
N PRO E 97 4.60 22.53 -27.42
CA PRO E 97 3.55 23.02 -28.32
C PRO E 97 3.19 24.49 -28.11
N GLN E 98 3.26 24.95 -26.87
CA GLN E 98 2.88 26.33 -26.56
C GLN E 98 3.95 27.32 -27.02
N LYS E 99 5.16 26.80 -27.27
CA LYS E 99 6.29 27.61 -27.72
C LYS E 99 6.65 28.72 -26.73
N LEU E 100 6.31 28.51 -25.46
CA LEU E 100 6.54 29.48 -24.40
C LEU E 100 5.95 30.83 -24.78
N ILE E 101 6.79 31.86 -24.80
CA ILE E 101 6.39 33.18 -25.27
C ILE E 101 7.26 33.59 -26.45
N LYS E 102 6.65 33.69 -27.62
CA LYS E 102 7.40 34.02 -28.84
C LYS E 102 7.91 35.46 -28.78
N VAL E 103 9.20 35.63 -29.04
CA VAL E 103 9.83 36.94 -28.92
C VAL E 103 10.05 37.61 -30.27
N LYS E 104 9.30 38.68 -30.52
CA LYS E 104 9.50 39.51 -31.70
C LYS E 104 10.18 40.80 -31.26
N ASN E 105 10.46 41.70 -32.21
CA ASN E 105 11.07 42.97 -31.87
C ASN E 105 10.06 44.11 -31.89
N ASN E 106 9.68 44.59 -30.72
CA ASN E 106 8.78 45.72 -30.58
C ASN E 106 9.52 47.02 -30.33
N ILE E 107 10.85 46.92 -30.22
CA ILE E 107 11.66 48.04 -29.74
C ILE E 107 12.06 49.01 -30.87
N ASP E 108 11.77 50.28 -30.64
CA ASP E 108 12.16 51.34 -31.58
C ASP E 108 12.51 52.62 -30.82
N VAL E 109 13.46 53.37 -31.36
CA VAL E 109 13.91 54.60 -30.72
C VAL E 109 13.00 55.77 -31.08
N CYS E 110 12.58 56.52 -30.07
CA CYS E 110 11.73 57.69 -30.27
C CYS E 110 12.47 58.76 -31.06
N PRO E 111 11.82 59.31 -32.10
CA PRO E 111 12.43 60.34 -32.95
C PRO E 111 12.65 61.66 -32.23
N GLU E 112 11.99 61.86 -31.08
CA GLU E 112 12.08 63.11 -30.36
C GLU E 112 13.10 63.06 -29.21
N CYS E 113 12.77 62.33 -28.15
CA CYS E 113 13.62 62.29 -26.96
C CYS E 113 14.67 61.19 -27.03
N GLY E 114 14.53 60.29 -28.00
CA GLY E 114 15.49 59.23 -28.19
C GLY E 114 15.31 58.06 -27.24
N HIS E 115 14.19 58.06 -26.51
CA HIS E 115 13.91 56.99 -25.55
C HIS E 115 13.40 55.75 -26.28
N LEU E 116 13.62 54.58 -25.67
CA LEU E 116 13.19 53.32 -26.25
C LEU E 116 11.71 53.07 -25.98
N LYS E 117 10.93 52.91 -27.05
CA LYS E 117 9.49 52.67 -26.93
C LYS E 117 9.01 51.60 -27.90
N GLN E 118 7.71 51.36 -27.90
CA GLN E 118 7.11 50.31 -28.73
C GLN E 118 6.92 50.77 -30.17
N LYS E 119 7.04 49.83 -31.10
CA LYS E 119 6.86 50.11 -32.52
C LYS E 119 5.41 50.46 -32.85
N HIS E 120 5.22 51.29 -33.87
CA HIS E 120 3.90 51.70 -34.33
C HIS E 120 3.05 52.29 -33.21
N ILE E 121 3.70 53.01 -32.31
CA ILE E 121 3.00 53.56 -31.15
C ILE E 121 3.68 54.86 -30.68
N LEU E 122 2.91 55.74 -30.06
CA LEU E 122 3.42 57.00 -29.58
C LEU E 122 4.33 56.79 -28.37
N CYS E 123 5.28 57.69 -28.15
CA CYS E 123 6.23 57.57 -27.05
C CYS E 123 5.53 57.69 -25.70
N GLY E 124 6.16 57.19 -24.65
CA GLY E 124 5.61 57.26 -23.31
C GLY E 124 6.31 58.26 -22.42
N TYR E 125 7.09 59.13 -23.04
CA TYR E 125 7.89 60.11 -22.30
C TYR E 125 7.50 61.53 -22.68
N CYS E 126 7.69 61.89 -23.94
CA CYS E 126 7.46 63.24 -24.41
C CYS E 126 6.00 63.49 -24.76
N UNK E 127 5.15 62.50 -24.53
CA UNK E 127 3.75 62.63 -24.87
C UNK E 127 2.84 62.62 -23.66
N UNK E 128 3.12 61.79 -22.66
CA UNK E 128 2.22 61.67 -21.53
C UNK E 128 2.30 62.91 -20.68
N UNK E 129 3.47 63.53 -20.66
CA UNK E 129 3.64 64.75 -19.89
C UNK E 129 2.98 65.89 -20.60
N UNK E 130 2.97 65.86 -21.92
CA UNK E 130 2.36 66.93 -22.68
C UNK E 130 0.87 66.73 -22.69
N UNK E 131 0.42 65.50 -22.49
CA UNK E 131 -1.00 65.22 -22.44
C UNK E 131 -1.52 65.59 -21.07
N UNK E 132 -0.68 65.50 -20.05
CA UNK E 132 -1.10 65.89 -18.72
C UNK E 132 -1.07 67.41 -18.62
N UNK E 133 -0.15 68.04 -19.34
CA UNK E 133 -0.10 69.49 -19.32
C UNK E 133 -1.24 70.03 -20.16
N UNK E 134 -1.68 69.29 -21.17
CA UNK E 134 -2.79 69.73 -21.98
C UNK E 134 -4.07 69.50 -21.22
N UNK E 135 -4.09 68.52 -20.34
CA UNK E 135 -5.29 68.26 -19.55
C UNK E 135 -5.40 69.31 -18.47
N UNK E 136 -4.26 69.76 -17.92
CA UNK E 136 -4.31 70.79 -16.91
C UNK E 136 -4.63 72.12 -17.53
N UNK E 137 -4.21 72.33 -18.77
CA UNK E 137 -4.52 73.58 -19.44
C UNK E 137 -5.96 73.61 -19.86
N UNK E 138 -6.54 72.45 -20.17
CA UNK E 138 -7.94 72.41 -20.55
C UNK E 138 -8.80 72.56 -19.33
N UNK E 139 -8.35 72.07 -18.18
CA UNK E 139 -9.13 72.24 -16.96
C UNK E 139 -9.04 73.67 -16.49
N UNK E 140 -7.91 74.32 -16.71
CA UNK E 140 -7.77 75.70 -16.27
C UNK E 140 -8.54 76.61 -17.19
N UNK E 141 -8.64 76.25 -18.47
CA UNK E 141 -9.40 77.08 -19.40
C UNK E 141 -10.88 76.89 -19.16
N UNK E 142 -11.29 75.67 -18.78
CA UNK E 142 -12.69 75.42 -18.53
C UNK E 142 -13.10 76.02 -17.22
N UNK E 143 -12.15 76.21 -16.31
CA UNK E 143 -12.47 76.83 -15.03
C UNK E 143 -12.43 78.32 -15.14
N UNK E 144 -11.68 78.85 -16.10
CA UNK E 144 -11.61 80.29 -16.28
C UNK E 144 -12.77 80.77 -17.11
N UNK E 145 -13.31 79.91 -17.97
CA UNK E 145 -14.43 80.29 -18.82
C UNK E 145 -15.72 80.27 -18.04
N UNK E 146 -15.78 79.46 -16.99
CA UNK E 146 -16.99 79.36 -16.19
C UNK E 146 -17.00 80.43 -15.14
N SER F 13 -55.49 -55.97 20.93
CA SER F 13 -54.85 -56.19 22.22
C SER F 13 -53.66 -55.26 22.40
N LYS F 14 -53.15 -55.20 23.62
CA LYS F 14 -52.00 -54.36 23.93
C LYS F 14 -50.89 -55.15 24.62
N THR F 15 -49.84 -54.44 25.03
CA THR F 15 -48.69 -55.08 25.68
C THR F 15 -48.52 -54.58 27.10
N ILE F 16 -48.44 -55.53 28.05
CA ILE F 16 -48.30 -55.18 29.45
C ILE F 16 -46.97 -55.67 30.02
N LEU F 17 -46.22 -54.76 30.63
CA LEU F 17 -44.93 -55.09 31.22
C LEU F 17 -45.06 -55.38 32.71
N VAL F 18 -44.69 -56.60 33.10
CA VAL F 18 -44.79 -57.02 34.50
C VAL F 18 -43.49 -57.65 34.98
N LYS F 19 -43.50 -58.14 36.21
CA LYS F 19 -42.31 -58.79 36.78
C LYS F 19 -42.64 -60.15 37.37
N MET F 20 -41.63 -61.03 37.40
CA MET F 20 -41.80 -62.35 37.98
C MET F 20 -41.23 -62.37 39.40
N MET F 21 -42.10 -62.54 40.38
CA MET F 21 -41.69 -62.50 41.78
C MET F 21 -41.80 -63.86 42.46
N SER F 22 -40.71 -64.27 43.09
CA SER F 22 -40.70 -65.49 43.89
C SER F 22 -41.47 -65.27 45.18
N GLN F 23 -41.88 -66.37 45.82
CA GLN F 23 -42.63 -66.28 47.07
C GLN F 23 -41.77 -65.71 48.21
N ALA F 24 -40.48 -65.55 47.95
CA ALA F 24 -39.57 -64.92 48.91
C ALA F 24 -39.93 -63.45 49.09
N GLY F 25 -40.61 -62.88 48.10
CA GLY F 25 -41.08 -61.50 48.19
C GLY F 25 -40.26 -60.51 47.38
N THR F 26 -39.34 -61.00 46.56
CA THR F 26 -38.52 -60.14 45.72
C THR F 26 -38.44 -60.65 44.29
N GLY F 27 -38.92 -59.85 43.34
CA GLY F 27 -38.87 -60.22 41.94
C GLY F 27 -37.46 -60.26 41.38
N PHE F 28 -37.07 -61.40 40.85
CA PHE F 28 -35.74 -61.56 40.25
C PHE F 28 -35.77 -61.41 38.72
N SER F 29 -36.96 -61.23 38.16
CA SER F 29 -37.10 -61.16 36.71
C SER F 29 -38.16 -60.15 36.26
N PHE F 30 -38.04 -59.70 35.02
CA PHE F 30 -38.99 -58.77 34.44
C PHE F 30 -39.36 -59.20 33.02
N ASN F 31 -40.65 -59.36 32.76
CA ASN F 31 -41.10 -59.87 31.47
C ASN F 31 -42.34 -59.13 30.96
N THR F 32 -42.89 -59.63 29.85
CA THR F 32 -44.05 -59.01 29.22
C THR F 32 -45.17 -60.01 29.00
N LYS F 33 -46.39 -59.50 28.79
CA LYS F 33 -47.54 -60.34 28.53
C LYS F 33 -48.57 -59.62 27.67
N ARG F 34 -49.48 -60.39 27.08
CA ARG F 34 -50.52 -59.84 26.22
C ARG F 34 -51.68 -59.29 27.05
N SER F 35 -52.21 -58.16 26.62
CA SER F 35 -53.33 -57.53 27.33
C SER F 35 -54.61 -58.34 27.21
N ARG F 36 -54.67 -59.18 26.17
CA ARG F 36 -55.81 -60.07 25.98
C ARG F 36 -55.90 -61.06 27.12
N LEU F 37 -54.75 -61.51 27.62
CA LEU F 37 -54.69 -62.41 28.75
C LEU F 37 -54.95 -61.66 30.05
N ARG F 38 -55.68 -62.29 30.97
CA ARG F 38 -56.05 -61.67 32.23
C ARG F 38 -55.30 -62.27 33.40
N GLU F 39 -55.51 -63.56 33.63
CA GLU F 39 -54.90 -64.27 34.76
C GLU F 39 -53.38 -64.08 34.82
N LYS F 40 -52.88 -63.83 36.02
CA LYS F 40 -51.46 -63.54 36.23
C LYS F 40 -50.57 -64.71 35.81
N LEU F 41 -49.41 -64.38 35.25
CA LEU F 41 -48.47 -65.39 34.79
C LEU F 41 -47.81 -66.11 35.96
N THR F 42 -47.91 -67.43 35.96
CA THR F 42 -47.29 -68.26 37.00
C THR F 42 -46.32 -69.25 36.35
N LEU F 43 -45.03 -69.07 36.59
CA LEU F 43 -44.01 -69.89 35.93
C LEU F 43 -42.83 -70.22 36.83
N LEU F 44 -42.35 -71.45 36.73
CA LEU F 44 -41.17 -71.88 37.47
C LEU F 44 -39.91 -71.19 36.94
N HIS F 45 -39.15 -70.59 37.85
CA HIS F 45 -37.92 -69.90 37.46
C HIS F 45 -36.83 -70.09 38.52
N TYR F 46 -35.58 -70.06 38.09
CA TYR F 46 -34.45 -70.29 38.99
C TYR F 46 -34.25 -69.12 39.95
N ASP F 47 -34.07 -69.44 41.22
CA ASP F 47 -33.79 -68.43 42.24
C ASP F 47 -32.35 -68.55 42.72
N PRO F 48 -31.54 -67.51 42.47
CA PRO F 48 -30.11 -67.45 42.82
C PRO F 48 -29.85 -67.38 44.33
N VAL F 49 -30.85 -66.91 45.08
CA VAL F 49 -30.69 -66.77 46.53
C VAL F 49 -30.75 -68.12 47.22
N VAL F 50 -31.90 -68.79 47.11
CA VAL F 50 -32.07 -70.13 47.64
C VAL F 50 -31.31 -71.14 46.78
N LYS F 51 -30.78 -70.66 45.66
CA LYS F 51 -29.98 -71.46 44.74
C LYS F 51 -30.75 -72.64 44.16
N LYS F 52 -32.03 -72.44 43.90
CA LYS F 52 -32.85 -73.49 43.30
C LYS F 52 -34.09 -72.91 42.62
N LYS F 53 -34.70 -73.70 41.74
CA LYS F 53 -35.89 -73.27 41.02
C LYS F 53 -37.11 -73.17 41.92
N VAL F 54 -37.74 -71.99 41.93
CA VAL F 54 -38.95 -71.76 42.71
C VAL F 54 -40.06 -71.27 41.79
N LEU F 55 -41.31 -71.38 42.22
CA LEU F 55 -42.43 -70.91 41.43
C LEU F 55 -42.59 -69.39 41.54
N PHE F 56 -42.58 -68.72 40.39
CA PHE F 56 -42.72 -67.28 40.34
C PHE F 56 -44.12 -66.86 39.90
N VAL F 57 -44.65 -65.82 40.54
CA VAL F 57 -45.96 -65.29 40.21
C VAL F 57 -45.85 -63.87 39.66
N GLU F 58 -46.83 -63.47 38.85
CA GLU F 58 -46.80 -62.16 38.22
C GLU F 58 -47.10 -61.04 39.20
N GLN F 59 -46.26 -60.00 39.18
CA GLN F 59 -46.45 -58.82 40.01
C GLN F 59 -46.22 -57.56 39.19
N LYS F 60 -46.66 -56.42 39.72
CA LYS F 60 -46.51 -55.15 39.04
C LYS F 60 -45.10 -54.60 39.20
N GLY G 53 -33.76 26.81 5.39
CA GLY G 53 -33.35 27.94 6.20
C GLY G 53 -32.32 27.57 7.24
N ASN G 54 -32.80 27.28 8.46
CA ASN G 54 -31.94 26.95 9.58
C ASN G 54 -32.77 26.57 10.81
N GLU G 55 -32.15 25.90 11.77
CA GLU G 55 -32.83 25.46 12.97
C GLU G 55 -32.64 26.44 14.13
N TYR G 56 -31.93 27.54 13.85
CA TYR G 56 -31.55 28.47 14.91
C TYR G 56 -32.22 29.84 14.76
N GLN G 57 -32.91 30.25 15.82
CA GLN G 57 -33.55 31.58 15.88
C GLN G 57 -33.17 32.26 17.18
N PRO G 58 -32.06 33.01 17.17
CA PRO G 58 -31.42 33.56 18.37
C PRO G 58 -32.33 34.43 19.25
N SER G 59 -32.34 34.11 20.55
CA SER G 59 -33.05 34.92 21.53
C SER G 59 -32.25 34.97 22.83
N ASN G 60 -32.04 36.16 23.36
CA ASN G 60 -31.27 36.34 24.59
C ASN G 60 -32.06 36.02 25.85
N ILE G 61 -33.33 36.41 25.87
CA ILE G 61 -34.19 36.18 27.03
C ILE G 61 -34.38 34.69 27.28
N LYS G 62 -34.71 33.96 26.22
CA LYS G 62 -34.91 32.51 26.31
C LYS G 62 -33.63 31.80 26.74
N ARG G 63 -32.50 32.27 26.21
CA ARG G 63 -31.20 31.67 26.51
C ARG G 63 -30.81 31.89 27.96
N LYS G 64 -30.99 33.12 28.45
CA LYS G 64 -30.63 33.46 29.81
C LYS G 64 -31.58 32.83 30.82
N HIS G 65 -32.84 32.66 30.43
CA HIS G 65 -33.82 32.03 31.32
C HIS G 65 -33.62 30.52 31.41
N LYS G 66 -33.53 29.87 30.24
CA LYS G 66 -33.44 28.42 30.18
C LYS G 66 -32.06 27.88 30.54
N HIS G 67 -31.03 28.44 29.94
CA HIS G 67 -29.66 27.95 30.13
C HIS G 67 -28.91 28.71 31.21
N GLY G 68 -29.60 29.62 31.88
CA GLY G 68 -28.99 30.47 32.88
C GLY G 68 -28.43 29.76 34.10
N TRP G 69 -27.68 30.50 34.91
CA TRP G 69 -27.06 29.97 36.13
C TRP G 69 -28.10 29.68 37.21
N VAL G 70 -29.07 30.58 37.35
CA VAL G 70 -30.12 30.42 38.36
C VAL G 70 -30.94 29.16 38.07
N ARG G 71 -31.16 28.88 36.79
CA ARG G 71 -31.87 27.67 36.38
C ARG G 71 -31.07 26.43 36.76
N ARG G 72 -29.76 26.53 36.62
CA ARG G 72 -28.87 25.45 37.00
C ARG G 72 -28.89 25.22 38.50
N LEU G 73 -29.09 26.30 39.26
CA LEU G 73 -29.16 26.19 40.72
C LEU G 73 -30.50 25.68 41.21
N ARG G 74 -31.56 25.96 40.46
CA ARG G 74 -32.92 25.60 40.87
C ARG G 74 -33.14 24.08 40.83
N THR G 75 -32.32 23.37 40.06
CA THR G 75 -32.43 21.92 39.98
C THR G 75 -31.12 21.25 40.41
N PRO G 76 -31.24 20.10 41.11
CA PRO G 76 -30.07 19.34 41.55
C PRO G 76 -29.23 18.83 40.38
N THR G 77 -29.90 18.44 39.31
CA THR G 77 -29.21 17.94 38.13
C THR G 77 -28.40 19.06 37.47
N GLY G 78 -28.92 20.28 37.53
CA GLY G 78 -28.21 21.44 37.03
C GLY G 78 -26.98 21.71 37.89
N VAL G 79 -27.12 21.48 39.19
CA VAL G 79 -26.01 21.61 40.12
C VAL G 79 -24.95 20.58 39.77
N GLN G 80 -25.39 19.40 39.32
CA GLN G 80 -24.48 18.36 38.86
C GLN G 80 -23.81 18.75 37.55
N VAL G 81 -24.51 19.50 36.72
CA VAL G 81 -23.97 20.00 35.46
C VAL G 81 -22.84 20.99 35.73
N ILE G 82 -23.13 21.98 36.57
CA ILE G 82 -22.13 22.95 37.01
C ILE G 82 -20.98 22.23 37.69
N LEU G 83 -21.31 21.15 38.39
CA LEU G 83 -20.34 20.33 39.10
C LEU G 83 -19.33 19.70 38.14
N ARG G 84 -19.83 19.02 37.13
CA ARG G 84 -18.98 18.37 36.14
C ARG G 84 -18.24 19.39 35.27
N ARG G 85 -18.85 20.56 35.09
CA ARG G 85 -18.20 21.63 34.33
C ARG G 85 -17.01 22.20 35.09
N MET G 86 -17.17 22.41 36.38
CA MET G 86 -16.08 22.89 37.23
C MET G 86 -15.03 21.79 37.41
N HIS G 87 -15.48 20.55 37.33
CA HIS G 87 -14.58 19.41 37.41
C HIS G 87 -13.75 19.31 36.15
N LYS G 88 -14.32 19.73 35.03
CA LYS G 88 -13.61 19.73 33.75
C LYS G 88 -12.78 21.00 33.59
N GLY G 89 -13.04 21.98 34.45
CA GLY G 89 -12.29 23.23 34.44
C GLY G 89 -12.76 24.21 33.38
N ARG G 90 -14.05 24.20 33.09
CA ARG G 90 -14.63 25.13 32.13
C ARG G 90 -14.48 26.58 32.60
N LYS G 91 -14.09 27.47 31.68
CA LYS G 91 -13.95 28.87 32.01
C LYS G 91 -15.32 29.57 32.06
N SER G 92 -16.29 28.95 31.40
CA SER G 92 -17.64 29.50 31.35
C SER G 92 -18.68 28.43 31.64
N LEU G 93 -19.45 28.63 32.70
CA LEU G 93 -20.49 27.69 33.08
C LEU G 93 -21.77 27.93 32.26
N SER G 94 -21.78 29.06 31.55
CA SER G 94 -22.90 29.40 30.68
C SER G 94 -22.39 30.15 29.45
N HIS G 95 -23.01 29.88 28.30
CA HIS G 95 -22.59 30.51 27.05
C HIS G 95 -22.98 31.98 27.02
N LYS H 103 -5.02 -19.26 40.22
CA LYS H 103 -4.84 -20.69 39.97
C LYS H 103 -5.99 -21.26 39.16
N ARG H 104 -5.74 -22.39 38.50
CA ARG H 104 -6.74 -23.02 37.63
C ARG H 104 -7.85 -23.69 38.42
N LYS H 105 -9.04 -23.74 37.84
CA LYS H 105 -10.18 -24.40 38.45
C LYS H 105 -10.47 -25.74 37.77
N THR H 106 -10.39 -26.82 38.53
CA THR H 106 -10.68 -28.15 37.99
C THR H 106 -12.18 -28.30 37.72
N VAL H 107 -12.51 -28.99 36.64
CA VAL H 107 -13.90 -29.23 36.28
C VAL H 107 -14.48 -30.39 37.09
N LYS H 108 -15.52 -30.09 37.87
CA LYS H 108 -16.13 -31.08 38.76
C LYS H 108 -16.82 -32.21 37.99
N ALA H 109 -17.31 -31.87 36.79
CA ALA H 109 -17.98 -32.83 35.94
C ALA H 109 -17.09 -34.04 35.65
N VAL H 110 -15.79 -33.79 35.54
CA VAL H 110 -14.82 -34.87 35.34
C VAL H 110 -14.50 -35.58 36.66
N ILE H 111 -14.35 -34.79 37.72
CA ILE H 111 -13.95 -35.33 39.01
C ILE H 111 -14.92 -36.36 39.56
N TYR H 112 -16.22 -36.11 39.40
CA TYR H 112 -17.22 -37.01 39.95
C TYR H 112 -17.22 -38.41 39.33
N ARG H 113 -17.31 -38.48 38.01
CA ARG H 113 -17.51 -39.75 37.32
C ARG H 113 -16.23 -40.40 36.80
N PHE H 114 -15.08 -39.80 37.07
CA PHE H 114 -13.81 -40.39 36.66
C PHE H 114 -12.85 -40.54 37.83
N LEU H 115 -12.01 -41.57 37.79
CA LEU H 115 -11.03 -41.80 38.85
C LEU H 115 -9.62 -41.96 38.31
N ARG H 116 -8.71 -41.10 38.76
CA ARG H 116 -7.31 -41.16 38.32
C ARG H 116 -6.44 -41.91 39.32
N LEU H 117 -5.64 -42.84 38.81
CA LEU H 117 -4.73 -43.60 39.66
C LEU H 117 -3.44 -42.81 39.88
N HIS H 118 -2.49 -43.42 40.58
CA HIS H 118 -1.22 -42.77 40.87
C HIS H 118 -0.29 -42.80 39.65
N SER H 119 -0.55 -43.76 38.76
CA SER H 119 0.25 -43.89 37.54
C SER H 119 -0.26 -42.96 36.44
N GLY H 120 -1.44 -42.40 36.65
CA GLY H 120 -2.04 -41.50 35.68
C GLY H 120 -3.10 -42.16 34.82
N LEU H 121 -3.49 -43.36 35.21
CA LEU H 121 -4.53 -44.09 34.47
C LEU H 121 -5.92 -43.67 34.91
N TRP H 122 -6.81 -43.47 33.94
CA TRP H 122 -8.17 -43.03 34.22
C TRP H 122 -9.16 -44.18 34.16
N LEU H 123 -10.18 -44.12 35.03
CA LEU H 123 -11.18 -45.17 35.13
C LEU H 123 -12.58 -44.58 35.15
N ARG H 124 -13.49 -45.20 34.41
CA ARG H 124 -14.87 -44.74 34.30
C ARG H 124 -15.85 -45.90 34.35
N ARG H 125 -17.11 -45.61 34.66
CA ARG H 125 -18.17 -46.62 34.67
C ARG H 125 -18.76 -46.80 33.28
N LYS H 126 -19.15 -48.04 32.96
CA LYS H 126 -19.77 -48.35 31.67
C LYS H 126 -21.21 -47.82 31.60
N ALA H 127 -21.49 -47.05 30.56
CA ALA H 127 -22.82 -46.48 30.36
C ALA H 127 -23.83 -47.49 29.85
N GLY H 128 -25.11 -47.21 30.04
CA GLY H 128 -26.17 -48.04 29.49
C GLY H 128 -26.93 -48.89 30.49
N TYR H 129 -26.46 -48.92 31.73
CA TYR H 129 -27.06 -49.77 32.75
C TYR H 129 -28.28 -49.11 33.40
N LYS H 130 -28.43 -47.81 33.20
CA LYS H 130 -29.40 -47.01 33.93
C LYS H 130 -30.86 -47.40 33.69
N LYS H 131 -31.25 -47.56 32.44
CA LYS H 131 -32.63 -47.93 32.14
C LYS H 131 -32.77 -48.83 30.91
N LYS H 132 -34.02 -49.21 30.62
CA LYS H 132 -34.35 -50.08 29.50
C LYS H 132 -33.55 -51.39 29.53
N LEU H 133 -33.57 -52.05 30.69
CA LEU H 133 -32.84 -53.30 30.87
C LEU H 133 -33.72 -54.54 30.64
N TRP H 134 -34.98 -54.31 30.30
CA TRP H 134 -35.94 -55.41 30.20
C TRP H 134 -35.64 -56.33 29.02
N LYS H 135 -35.24 -55.74 27.90
CA LYS H 135 -34.93 -56.53 26.70
C LYS H 135 -33.44 -56.88 26.64
N LYS H 136 -32.67 -56.28 27.54
CA LYS H 136 -31.22 -56.49 27.56
C LYS H 136 -30.85 -57.79 28.28
N THR H 137 -29.80 -58.44 27.79
CA THR H 137 -29.31 -59.68 28.39
C THR H 137 -28.65 -59.38 29.74
N ALA H 138 -28.76 -60.33 30.67
CA ALA H 138 -28.18 -60.17 31.99
C ALA H 138 -26.66 -60.05 31.94
N ALA H 139 -26.06 -60.68 30.93
CA ALA H 139 -24.62 -60.61 30.74
C ALA H 139 -24.19 -59.20 30.36
N ARG H 140 -24.97 -58.56 29.51
CA ARG H 140 -24.71 -57.18 29.09
C ARG H 140 -24.70 -56.25 30.31
N LYS H 141 -25.75 -56.34 31.12
CA LYS H 141 -25.84 -55.54 32.34
C LYS H 141 -24.69 -55.86 33.30
N ARG H 142 -24.36 -57.15 33.39
CA ARG H 142 -23.27 -57.60 34.25
C ARG H 142 -21.95 -56.95 33.86
N ARG H 143 -21.70 -56.85 32.57
CA ARG H 143 -20.46 -56.25 32.08
C ARG H 143 -20.53 -54.73 32.04
N LEU H 144 -21.74 -54.19 32.12
CA LEU H 144 -21.93 -52.74 32.17
C LEU H 144 -21.85 -52.23 33.61
N ARG H 145 -21.91 -53.15 34.56
CA ARG H 145 -21.79 -52.78 35.98
C ARG H 145 -20.32 -52.71 36.39
N GLU H 146 -19.45 -53.26 35.54
CA GLU H 146 -18.01 -53.21 35.79
C GLU H 146 -17.44 -51.87 35.31
N PHE H 147 -16.13 -51.70 35.47
CA PHE H 147 -15.50 -50.46 35.05
C PHE H 147 -14.77 -50.62 33.72
N VAL H 148 -14.24 -49.51 33.21
CA VAL H 148 -13.45 -49.53 31.98
C VAL H 148 -12.46 -48.38 31.98
N PHE H 149 -11.30 -48.58 31.37
CA PHE H 149 -10.28 -47.53 31.29
C PHE H 149 -10.50 -46.66 30.05
N CYS H 150 -10.33 -45.36 30.22
CA CYS H 150 -10.52 -44.41 29.12
C CYS H 150 -9.35 -44.46 28.14
N ASN H 151 -9.59 -44.03 26.91
CA ASN H 151 -8.54 -43.96 25.90
C ASN H 151 -7.55 -42.85 26.24
N LYS H 152 -6.28 -43.08 25.91
CA LYS H 152 -5.20 -42.17 26.27
C LYS H 152 -5.43 -40.75 25.77
N THR H 153 -5.98 -40.64 24.55
CA THR H 153 -6.26 -39.33 23.97
C THR H 153 -7.24 -38.53 24.83
N GLN H 154 -8.32 -39.17 25.24
CA GLN H 154 -9.30 -38.53 26.09
C GLN H 154 -8.84 -38.50 27.55
N SER H 155 -8.04 -39.48 27.94
CA SER H 155 -7.50 -39.54 29.30
C SER H 155 -6.60 -38.35 29.58
N LYS H 156 -5.88 -37.90 28.56
CA LYS H 156 -5.02 -36.73 28.68
C LYS H 156 -5.86 -35.47 28.85
N LEU H 157 -6.95 -35.39 28.10
CA LEU H 157 -7.86 -34.27 28.16
C LEU H 157 -8.51 -34.18 29.55
N LEU H 158 -8.87 -35.34 30.11
CA LEU H 158 -9.44 -35.39 31.45
C LEU H 158 -8.35 -35.14 32.49
N ASP H 159 -7.10 -35.40 32.12
CA ASP H 159 -5.98 -35.18 33.02
C ASP H 159 -5.70 -33.69 33.15
N LYS H 160 -5.84 -32.96 32.05
CA LYS H 160 -5.62 -31.52 32.04
C LYS H 160 -6.69 -30.79 32.85
N MET H 161 -7.84 -31.43 33.04
CA MET H 161 -8.93 -30.84 33.79
C MET H 161 -8.87 -31.22 35.27
N THR H 162 -7.84 -31.98 35.64
CA THR H 162 -7.67 -32.41 37.02
C THR H 162 -6.28 -32.07 37.54
N LYS I 64 -33.42 -30.24 -58.39
CA LYS I 64 -32.39 -29.67 -59.23
C LYS I 64 -31.01 -29.75 -58.55
N THR I 65 -30.92 -29.20 -57.35
CA THR I 65 -29.67 -29.22 -56.59
C THR I 65 -29.72 -30.28 -55.49
N LYS I 66 -28.91 -31.32 -55.67
CA LYS I 66 -28.86 -32.42 -54.70
C LYS I 66 -27.42 -32.87 -54.45
N GLY I 67 -27.26 -33.84 -53.56
CA GLY I 67 -25.94 -34.38 -53.25
C GLY I 67 -25.64 -35.64 -54.03
N VAL I 68 -26.68 -36.25 -54.57
CA VAL I 68 -26.54 -37.48 -55.35
C VAL I 68 -27.16 -37.31 -56.73
N LEU I 69 -26.35 -37.44 -57.78
CA LEU I 69 -26.83 -37.27 -59.14
C LEU I 69 -26.84 -38.59 -59.89
N LYS I 70 -28.04 -39.06 -60.25
CA LYS I 70 -28.19 -40.28 -61.04
C LYS I 70 -29.11 -40.05 -62.23
N LYS I 71 -28.97 -40.87 -63.25
CA LYS I 71 -29.78 -40.75 -64.45
C LYS I 71 -31.23 -41.16 -64.18
N ARG I 72 -32.16 -40.27 -64.50
CA ARG I 72 -33.59 -40.54 -64.30
C ARG I 72 -34.13 -41.44 -65.40
N CYS I 73 -33.65 -41.24 -66.62
CA CYS I 73 -34.04 -42.08 -67.74
C CYS I 73 -32.83 -42.52 -68.55
N ARG I 74 -33.06 -43.20 -69.66
CA ARG I 74 -31.98 -43.73 -70.50
C ARG I 74 -31.33 -42.64 -71.34
N ASP I 75 -32.02 -41.51 -71.48
CA ASP I 75 -31.55 -40.43 -72.35
C ASP I 75 -30.75 -39.38 -71.58
N CYS I 76 -30.62 -39.56 -70.28
CA CYS I 76 -29.84 -38.63 -69.45
C CYS I 76 -28.34 -38.84 -69.66
N TYR I 77 -27.60 -37.75 -69.73
CA TYR I 77 -26.17 -37.81 -69.97
C TYR I 77 -25.40 -37.05 -68.88
N LEU I 78 -24.38 -37.70 -68.33
CA LEU I 78 -23.58 -37.11 -67.27
C LEU I 78 -22.32 -36.43 -67.82
N VAL I 79 -22.08 -35.20 -67.38
CA VAL I 79 -20.89 -34.46 -67.80
C VAL I 79 -20.19 -33.83 -66.59
N LYS I 80 -18.92 -33.47 -66.78
CA LYS I 80 -18.15 -32.82 -65.72
C LYS I 80 -17.53 -31.52 -66.22
N ARG I 81 -17.92 -30.42 -65.62
CA ARG I 81 -17.43 -29.11 -66.03
C ARG I 81 -17.08 -28.22 -64.84
N ARG I 82 -15.96 -27.51 -64.96
CA ARG I 82 -15.52 -26.55 -63.96
C ARG I 82 -15.43 -27.12 -62.54
N GLY I 83 -15.10 -28.41 -62.46
CA GLY I 83 -14.92 -29.06 -61.17
C GLY I 83 -16.21 -29.57 -60.55
N ARG I 84 -17.31 -29.50 -61.31
CA ARG I 84 -18.60 -29.98 -60.80
C ARG I 84 -19.24 -30.97 -61.78
N TRP I 85 -20.13 -31.80 -61.24
CA TRP I 85 -20.84 -32.78 -62.05
C TRP I 85 -22.25 -32.30 -62.41
N PHE I 86 -22.66 -32.53 -63.65
CA PHE I 86 -23.97 -32.09 -64.10
C PHE I 86 -24.68 -33.15 -64.95
N ILE I 87 -26.00 -33.18 -64.85
CA ILE I 87 -26.83 -34.08 -65.64
C ILE I 87 -27.64 -33.31 -66.68
N TYR I 88 -27.50 -33.70 -67.95
CA TYR I 88 -28.24 -33.04 -69.02
C TYR I 88 -29.06 -34.03 -69.81
N CYS I 89 -30.35 -33.75 -69.96
CA CYS I 89 -31.26 -34.59 -70.71
C CYS I 89 -32.03 -33.77 -71.74
N LYS I 90 -31.92 -34.15 -73.01
CA LYS I 90 -32.55 -33.42 -74.09
C LYS I 90 -34.04 -33.71 -74.19
N THR I 91 -34.44 -34.91 -73.78
CA THR I 91 -35.84 -35.30 -73.82
C THR I 91 -36.70 -34.42 -72.91
N ASN I 92 -36.34 -34.37 -71.63
CA ASN I 92 -37.03 -33.49 -70.70
C ASN I 92 -36.04 -32.64 -69.91
N PRO I 93 -36.35 -31.34 -69.73
CA PRO I 93 -35.53 -30.42 -68.95
C PRO I 93 -35.59 -30.66 -67.44
N LYS I 94 -36.63 -31.34 -66.97
CA LYS I 94 -36.79 -31.59 -65.54
C LYS I 94 -35.73 -32.54 -65.01
N HIS I 95 -35.05 -33.24 -65.91
CA HIS I 95 -34.06 -34.23 -65.52
C HIS I 95 -32.67 -33.62 -65.35
N LYS I 96 -32.58 -32.31 -65.53
CA LYS I 96 -31.33 -31.60 -65.34
C LYS I 96 -31.03 -31.42 -63.85
N GLN I 97 -29.86 -31.89 -63.43
CA GLN I 97 -29.50 -31.86 -62.01
C GLN I 97 -28.19 -31.13 -61.77
N ARG I 98 -27.96 -30.73 -60.52
CA ARG I 98 -26.75 -30.02 -60.14
C ARG I 98 -26.24 -30.49 -58.79
N GLN I 99 -24.94 -30.72 -58.68
CA GLN I 99 -24.33 -31.14 -57.43
C GLN I 99 -23.71 -29.96 -56.69
N MET L 75 -69.77 41.32 39.08
CA MET L 75 -70.34 39.99 38.88
C MET L 75 -69.69 39.20 37.74
N PRO L 76 -69.44 39.83 36.57
CA PRO L 76 -68.74 39.04 35.54
C PRO L 76 -67.31 38.67 35.93
N VAL L 77 -66.96 37.41 35.73
CA VAL L 77 -65.63 36.91 36.08
C VAL L 77 -64.91 36.43 34.83
N LYS L 78 -63.58 36.56 34.82
CA LYS L 78 -62.78 36.08 33.71
C LYS L 78 -62.46 34.60 33.87
N MET L 79 -62.89 33.79 32.90
CA MET L 79 -62.68 32.35 32.96
C MET L 79 -61.36 31.95 32.31
N ARG L 80 -60.68 31.00 32.92
CA ARG L 80 -59.41 30.49 32.40
C ARG L 80 -59.61 29.19 31.64
N LYS L 81 -59.39 29.22 30.33
CA LYS L 81 -59.56 28.04 29.49
C LYS L 81 -58.35 27.11 29.61
N SER L 82 -58.60 25.87 30.01
CA SER L 82 -57.54 24.88 30.14
C SER L 82 -57.14 24.33 28.78
N GLY L 83 -58.13 24.05 27.94
CA GLY L 83 -57.88 23.51 26.61
C GLY L 83 -57.39 22.08 26.66
N GLY L 84 -57.76 21.36 27.72
CA GLY L 84 -57.34 19.99 27.90
C GLY L 84 -56.03 19.88 28.67
N ARG L 85 -55.58 21.01 29.21
CA ARG L 85 -54.32 21.04 29.95
C ARG L 85 -54.56 21.15 31.46
N ASN L 86 -53.98 20.22 32.20
CA ASN L 86 -54.04 20.26 33.66
C ASN L 86 -52.83 21.01 34.22
N HIS L 87 -52.66 20.94 35.54
CA HIS L 87 -51.55 21.63 36.20
C HIS L 87 -50.20 21.10 35.76
N THR L 88 -50.15 19.83 35.36
CA THR L 88 -48.92 19.21 34.89
C THR L 88 -48.60 19.65 33.47
N GLY L 89 -49.65 19.90 32.69
CA GLY L 89 -49.48 20.33 31.31
C GLY L 89 -49.82 19.25 30.30
N GLN L 90 -50.02 18.03 30.78
CA GLN L 90 -50.35 16.90 29.92
C GLN L 90 -51.78 17.02 29.38
N ILE L 91 -52.06 16.35 28.28
CA ILE L 91 -53.38 16.39 27.68
C ILE L 91 -54.23 15.20 28.13
N GLN L 92 -55.24 15.47 28.96
CA GLN L 92 -56.15 14.42 29.40
C GLN L 92 -57.40 14.34 28.52
N VAL L 93 -57.59 15.33 27.66
CA VAL L 93 -58.74 15.36 26.76
C VAL L 93 -58.33 15.85 25.37
N HIS L 94 -58.60 15.05 24.36
CA HIS L 94 -58.20 15.36 22.99
C HIS L 94 -59.23 16.21 22.26
N GLY L 95 -58.76 17.15 21.45
CA GLY L 95 -59.62 17.95 20.60
C GLY L 95 -60.40 19.05 21.31
N ILE L 96 -59.73 19.80 22.18
CA ILE L 96 -60.35 20.93 22.86
C ILE L 96 -59.48 22.17 22.78
N GLY L 97 -59.99 23.21 22.12
CA GLY L 97 -59.27 24.48 22.03
C GLY L 97 -59.56 25.25 20.77
N GLY L 98 -58.85 26.37 20.59
CA GLY L 98 -58.96 27.17 19.39
C GLY L 98 -60.28 27.91 19.26
N GLY L 99 -60.99 28.07 20.37
CA GLY L 99 -62.28 28.75 20.37
C GLY L 99 -62.22 30.16 20.90
N HIS L 100 -63.34 30.87 20.79
CA HIS L 100 -63.46 32.22 21.33
C HIS L 100 -63.41 32.17 22.85
N LYS L 101 -63.03 33.29 23.47
CA LYS L 101 -62.91 33.34 24.92
C LYS L 101 -64.29 33.33 25.58
N GLN L 102 -64.31 33.28 26.90
CA GLN L 102 -65.56 33.25 27.65
C GLN L 102 -65.46 34.02 28.96
N ARG L 103 -66.49 34.80 29.28
CA ARG L 103 -66.60 35.44 30.57
C ARG L 103 -67.63 34.70 31.43
N TYR L 104 -67.15 34.03 32.47
CA TYR L 104 -68.04 33.26 33.34
C TYR L 104 -68.93 34.19 34.16
N ARG L 105 -70.24 33.98 34.05
CA ARG L 105 -71.20 34.76 34.82
C ARG L 105 -71.59 33.98 36.07
N MET L 106 -71.58 34.66 37.22
CA MET L 106 -71.90 34.01 38.47
C MET L 106 -73.38 33.66 38.53
N ILE L 107 -73.67 32.37 38.73
CA ILE L 107 -75.04 31.89 38.79
C ILE L 107 -75.31 31.23 40.13
N ASP L 108 -76.50 31.46 40.69
CA ASP L 108 -76.84 30.90 41.98
C ASP L 108 -77.58 29.57 41.83
N PHE L 109 -76.89 28.49 42.20
CA PHE L 109 -77.49 27.16 42.18
C PHE L 109 -78.00 26.77 43.56
N LEU L 110 -77.77 27.66 44.52
CA LEU L 110 -78.15 27.40 45.90
C LEU L 110 -79.63 27.67 46.13
N ARG L 111 -80.01 28.94 46.05
CA ARG L 111 -81.41 29.40 46.15
C ARG L 111 -81.99 29.21 47.56
N PHE L 112 -81.26 28.50 48.41
CA PHE L 112 -81.71 28.23 49.78
C PHE L 112 -81.14 29.25 50.78
N ARG L 113 -80.50 30.29 50.27
CA ARG L 113 -79.76 31.22 51.12
C ARG L 113 -80.29 32.67 51.08
N PRO L 114 -81.36 32.94 51.86
CA PRO L 114 -81.78 34.31 52.20
C PRO L 114 -80.81 34.96 53.19
N GLU L 115 -79.94 34.13 53.78
CA GLU L 115 -79.11 34.48 54.92
C GLU L 115 -78.36 35.81 54.81
N HIS L 116 -77.98 36.20 53.59
CA HIS L 116 -77.25 37.45 53.38
C HIS L 116 -78.01 38.67 53.90
N GLU L 117 -79.33 38.53 54.04
CA GLU L 117 -80.16 39.59 54.57
C GLU L 117 -80.24 39.51 56.10
N SER L 118 -79.52 38.54 56.67
CA SER L 118 -79.45 38.34 58.12
C SER L 118 -80.83 38.16 58.76
N LYS L 119 -81.59 37.19 58.25
CA LYS L 119 -82.94 36.91 58.74
C LYS L 119 -83.53 35.67 58.05
N PRO L 120 -84.24 34.84 58.82
CA PRO L 120 -84.85 33.59 58.35
C PRO L 120 -85.98 33.78 57.34
N GLY L 121 -86.49 35.01 57.24
CA GLY L 121 -87.62 35.29 56.37
C GLY L 121 -87.38 34.97 54.91
N PRO L 122 -88.47 34.82 54.15
CA PRO L 122 -88.43 34.46 52.71
C PRO L 122 -87.75 35.52 51.86
N PHE L 123 -87.68 35.26 50.55
CA PHE L 123 -87.02 36.18 49.63
C PHE L 123 -87.84 36.40 48.37
N GLU L 124 -88.15 37.67 48.09
CA GLU L 124 -88.92 38.04 46.91
C GLU L 124 -88.01 38.58 45.81
N GLU L 125 -88.34 38.26 44.57
CA GLU L 125 -87.48 38.61 43.44
C GLU L 125 -88.26 39.19 42.26
N LYS L 126 -87.53 39.85 41.37
CA LYS L 126 -88.10 40.41 40.15
C LYS L 126 -87.15 40.18 38.97
N VAL L 127 -87.68 39.72 37.85
CA VAL L 127 -86.83 39.39 36.71
C VAL L 127 -86.69 40.57 35.75
N ILE L 128 -85.47 41.11 35.68
CA ILE L 128 -85.20 42.27 34.83
C ILE L 128 -85.14 41.92 33.35
N ALA L 129 -84.31 40.94 33.01
CA ALA L 129 -84.10 40.56 31.62
C ALA L 129 -83.58 39.13 31.47
N VAL L 130 -83.70 38.58 30.26
CA VAL L 130 -83.17 37.26 29.96
C VAL L 130 -81.96 37.37 29.05
N ARG L 131 -80.84 36.79 29.46
CA ARG L 131 -79.59 36.90 28.72
C ARG L 131 -78.98 35.56 28.38
N TYR L 132 -78.17 35.54 27.32
CA TYR L 132 -77.45 34.34 26.91
C TYR L 132 -76.20 34.12 27.77
N ASP L 133 -75.77 32.87 27.91
CA ASP L 133 -74.58 32.56 28.69
C ASP L 133 -73.57 31.77 27.87
N PRO L 134 -72.28 32.09 28.01
CA PRO L 134 -71.19 31.39 27.31
C PRO L 134 -70.95 29.96 27.80
N CYS L 135 -71.11 29.73 29.09
CA CYS L 135 -70.72 28.45 29.69
C CYS L 135 -71.83 27.40 29.63
N ARG L 136 -73.02 27.80 29.20
CA ARG L 136 -74.13 26.88 29.12
C ARG L 136 -75.06 27.20 27.96
N SER L 137 -75.73 26.17 27.44
CA SER L 137 -76.65 26.35 26.32
C SER L 137 -77.93 27.04 26.77
N ALA L 138 -78.21 26.97 28.07
CA ALA L 138 -79.40 27.59 28.63
C ALA L 138 -79.17 29.08 28.89
N ASP L 139 -80.14 29.90 28.50
CA ASP L 139 -80.07 31.33 28.73
C ASP L 139 -80.17 31.63 30.22
N ILE L 140 -79.51 32.71 30.65
CA ILE L 140 -79.53 33.10 32.05
C ILE L 140 -80.45 34.30 32.30
N ALA L 141 -81.17 34.27 33.40
CA ALA L 141 -82.10 35.34 33.75
C ALA L 141 -81.52 36.26 34.81
N LEU L 142 -81.67 37.56 34.58
CA LEU L 142 -81.23 38.58 35.54
C LEU L 142 -82.28 38.79 36.61
N VAL L 143 -81.89 38.58 37.86
CA VAL L 143 -82.81 38.68 38.98
C VAL L 143 -82.40 39.80 39.94
N ALA L 144 -83.36 40.62 40.33
CA ALA L 144 -83.11 41.68 41.29
C ALA L 144 -84.20 41.71 42.38
N GLY L 145 -83.76 41.73 43.64
CA GLY L 145 -84.67 41.88 44.75
C GLY L 145 -84.76 43.34 45.13
N GLY L 146 -83.90 44.14 44.51
CA GLY L 146 -83.84 45.57 44.74
C GLY L 146 -82.86 45.92 45.85
N ASN L 147 -82.63 44.98 46.76
CA ASN L 147 -81.54 45.11 47.73
C ASN L 147 -80.33 44.29 47.29
N ARG L 148 -80.51 43.51 46.22
CA ARG L 148 -79.47 42.62 45.71
C ARG L 148 -79.72 42.30 44.23
N LYS L 149 -78.67 41.86 43.55
CA LYS L 149 -78.79 41.42 42.16
C LYS L 149 -78.05 40.10 41.94
N ARG L 150 -78.79 39.07 41.58
CA ARG L 150 -78.22 37.75 41.34
C ARG L 150 -78.62 37.24 39.96
N TRP L 151 -77.82 36.34 39.40
CA TRP L 151 -78.13 35.74 38.10
C TRP L 151 -78.57 34.28 38.27
N ILE L 152 -79.61 33.89 37.56
CA ILE L 152 -80.07 32.50 37.61
C ILE L 152 -80.15 31.89 36.22
N ILE L 153 -80.64 30.66 36.14
CA ILE L 153 -80.87 30.01 34.85
C ILE L 153 -82.33 30.18 34.43
N ALA L 154 -82.54 30.72 33.25
CA ALA L 154 -83.90 31.06 32.80
C ALA L 154 -84.72 29.82 32.47
N THR L 155 -85.85 29.69 33.16
CA THR L 155 -86.81 28.63 32.87
C THR L 155 -87.64 28.96 31.64
N GLU L 156 -88.24 27.94 31.03
CA GLU L 156 -89.15 28.15 29.90
C GLU L 156 -90.35 28.98 30.35
N ASN L 157 -90.93 29.72 29.39
CA ASN L 157 -92.12 30.55 29.62
C ASN L 157 -91.86 31.77 30.51
N MET L 158 -90.62 31.90 31.00
CA MET L 158 -90.23 33.03 31.84
C MET L 158 -90.48 34.37 31.13
N LYS L 159 -91.11 35.29 31.84
CA LYS L 159 -91.37 36.62 31.30
C LYS L 159 -90.67 37.70 32.11
N ALA L 160 -90.32 38.80 31.46
CA ALA L 160 -89.62 39.90 32.13
C ALA L 160 -90.57 40.68 33.03
N GLY L 161 -90.18 40.83 34.29
CA GLY L 161 -90.99 41.56 35.25
C GLY L 161 -91.84 40.65 36.11
N ASP L 162 -91.53 39.35 36.06
CA ASP L 162 -92.27 38.37 36.84
C ASP L 162 -91.73 38.24 38.26
N THR L 163 -92.62 38.14 39.23
CA THR L 163 -92.23 38.02 40.63
C THR L 163 -91.83 36.59 40.97
N VAL L 164 -90.64 36.43 41.54
CA VAL L 164 -90.13 35.10 41.90
C VAL L 164 -90.04 34.94 43.41
N LEU L 165 -90.90 34.07 43.95
CA LEU L 165 -90.93 33.84 45.39
C LEU L 165 -90.06 32.66 45.80
N ASN L 166 -89.23 32.87 46.82
CA ASN L 166 -88.37 31.80 47.33
C ASN L 166 -88.50 31.65 48.84
N SER L 167 -88.90 30.46 49.29
CA SER L 167 -89.09 30.20 50.70
C SER L 167 -88.58 28.81 51.10
N ASP L 168 -87.84 28.74 52.20
CA ASP L 168 -87.32 27.48 52.70
C ASP L 168 -88.26 26.88 53.74
N HIS L 169 -89.38 27.53 53.96
CA HIS L 169 -90.36 27.08 54.94
C HIS L 169 -91.01 25.76 54.53
N ILE L 170 -91.31 24.91 55.52
CA ILE L 170 -91.94 23.63 55.27
C ILE L 170 -93.40 23.64 55.71
N GLY L 171 -94.28 23.21 54.82
CA GLY L 171 -95.70 23.18 55.12
C GLY L 171 -96.46 22.13 54.32
N ARG L 172 -97.62 21.75 54.83
CA ARG L 172 -98.46 20.75 54.17
C ARG L 172 -99.49 21.40 53.27
N MET L 173 -99.43 22.72 53.17
CA MET L 173 -100.37 23.49 52.36
C MET L 173 -100.33 23.09 50.89
N ALA L 174 -99.12 22.81 50.40
CA ALA L 174 -98.90 22.42 49.01
C ALA L 174 -99.46 23.44 48.04
N VAL L 175 -98.90 24.64 48.04
CA VAL L 175 -99.35 25.72 47.18
C VAL L 175 -98.57 25.74 45.86
N ALA L 176 -99.30 25.75 44.75
CA ALA L 176 -98.68 25.80 43.43
C ALA L 176 -97.95 27.12 43.22
N ALA L 177 -96.78 27.05 42.59
CA ALA L 177 -95.96 28.24 42.37
C ALA L 177 -95.63 28.42 40.89
N ARG L 178 -95.21 29.62 40.53
CA ARG L 178 -94.83 29.94 39.16
C ARG L 178 -93.56 29.19 38.75
N GLU L 179 -93.36 29.05 37.44
CA GLU L 179 -92.25 28.28 36.91
C GLU L 179 -90.89 28.90 37.21
N GLY L 180 -90.90 30.12 37.73
CA GLY L 180 -89.67 30.80 38.10
C GLY L 180 -89.26 30.60 39.54
N ASP L 181 -90.21 30.16 40.36
CA ASP L 181 -89.97 29.98 41.79
C ASP L 181 -89.13 28.73 42.09
N ALA L 182 -88.85 28.52 43.36
CA ALA L 182 -88.09 27.35 43.80
C ALA L 182 -88.62 26.84 45.14
N HIS L 183 -88.79 25.53 45.24
CA HIS L 183 -89.32 24.91 46.46
C HIS L 183 -88.69 23.55 46.72
N PRO L 184 -88.65 23.14 48.01
CA PRO L 184 -88.20 21.79 48.37
C PRO L 184 -89.09 20.71 47.77
N LEU L 185 -88.57 19.49 47.68
CA LEU L 185 -89.31 18.39 47.08
C LEU L 185 -90.49 17.95 47.93
N GLY L 186 -90.40 18.17 49.24
CA GLY L 186 -91.46 17.77 50.16
C GLY L 186 -92.68 18.66 50.12
N ALA L 187 -92.45 19.97 50.08
CA ALA L 187 -93.54 20.94 50.07
C ALA L 187 -94.15 21.08 48.68
N LEU L 188 -93.52 20.43 47.70
CA LEU L 188 -93.96 20.52 46.32
C LEU L 188 -94.82 19.32 45.92
N PRO L 189 -95.99 19.58 45.33
CA PRO L 189 -96.92 18.55 44.85
C PRO L 189 -96.27 17.59 43.86
N VAL L 190 -96.77 16.36 43.81
CA VAL L 190 -96.22 15.32 42.95
C VAL L 190 -96.81 15.39 41.54
N GLY L 191 -95.95 15.23 40.53
CA GLY L 191 -96.38 15.23 39.15
C GLY L 191 -95.98 16.47 38.38
N THR L 192 -95.45 17.46 39.09
CA THR L 192 -95.04 18.71 38.47
C THR L 192 -93.64 18.61 37.87
N LEU L 193 -93.47 19.12 36.66
CA LEU L 193 -92.18 19.12 36.00
C LEU L 193 -91.23 20.12 36.66
N ILE L 194 -90.02 19.66 37.00
CA ILE L 194 -89.06 20.48 37.72
C ILE L 194 -87.68 20.44 37.08
N ASN L 195 -86.82 21.37 37.52
CA ASN L 195 -85.42 21.38 37.08
C ASN L 195 -84.51 21.93 38.19
N ASN L 196 -83.21 21.96 37.92
CA ASN L 196 -82.22 22.45 38.88
C ASN L 196 -82.31 21.72 40.22
N VAL L 197 -82.32 20.40 40.18
CA VAL L 197 -82.46 19.59 41.38
C VAL L 197 -81.10 19.32 42.03
N GLU L 198 -81.01 19.58 43.33
CA GLU L 198 -79.78 19.35 44.07
C GLU L 198 -79.57 17.87 44.39
N SER L 199 -78.31 17.46 44.53
CA SER L 199 -77.97 16.10 44.91
C SER L 199 -78.07 15.95 46.43
N GLU L 200 -77.17 16.66 47.12
CA GLU L 200 -77.17 16.69 48.58
C GLU L 200 -77.42 18.11 49.06
N PRO L 201 -78.06 18.27 50.23
CA PRO L 201 -78.40 19.58 50.76
C PRO L 201 -77.18 20.50 50.94
N GLY L 202 -77.28 21.72 50.44
CA GLY L 202 -76.22 22.70 50.58
C GLY L 202 -75.11 22.56 49.56
N ARG L 203 -75.21 21.56 48.69
CA ARG L 203 -74.17 21.31 47.70
C ARG L 203 -74.48 21.95 46.36
N GLY L 204 -75.63 22.61 46.26
CA GLY L 204 -76.06 23.24 45.02
C GLY L 204 -76.66 22.23 44.06
N ALA L 205 -77.30 22.72 43.01
CA ALA L 205 -77.96 21.84 42.04
C ALA L 205 -76.95 21.28 41.05
N GLN L 206 -76.79 19.96 41.05
CA GLN L 206 -75.90 19.28 40.13
C GLN L 206 -76.64 18.68 38.94
N TYR L 207 -77.96 18.84 38.92
CA TYR L 207 -78.80 18.15 37.93
C TYR L 207 -79.60 19.10 37.04
N ILE L 208 -79.78 18.68 35.78
CA ILE L 208 -80.66 19.35 34.83
C ILE L 208 -80.40 20.85 34.72
N ARG L 209 -79.16 21.22 34.43
CA ARG L 209 -78.83 22.61 34.20
C ARG L 209 -78.80 22.92 32.70
N ALA L 210 -79.01 21.88 31.88
CA ALA L 210 -79.01 22.03 30.43
C ALA L 210 -80.34 22.58 29.91
N ALA L 211 -80.29 23.20 28.74
CA ALA L 211 -81.48 23.79 28.13
C ALA L 211 -82.41 22.74 27.54
N GLY L 212 -83.71 22.91 27.79
CA GLY L 212 -84.72 22.07 27.17
C GLY L 212 -85.16 20.88 28.00
N THR L 213 -84.32 20.46 28.95
CA THR L 213 -84.62 19.30 29.77
C THR L 213 -85.38 19.68 31.04
N CYS L 214 -85.74 18.66 31.82
CA CYS L 214 -86.49 18.84 33.07
C CYS L 214 -86.70 17.50 33.76
N GLY L 215 -87.00 17.55 35.06
CA GLY L 215 -87.31 16.36 35.82
C GLY L 215 -88.78 16.26 36.17
N VAL L 216 -89.17 15.13 36.77
CA VAL L 216 -90.54 14.96 37.23
C VAL L 216 -90.56 14.14 38.53
N LEU L 217 -91.36 14.59 39.50
CA LEU L 217 -91.48 13.87 40.76
C LEU L 217 -92.44 12.71 40.63
N LEU L 218 -91.95 11.49 40.84
CA LEU L 218 -92.77 10.29 40.73
C LEU L 218 -93.61 10.05 41.97
N ARG L 219 -92.98 10.13 43.14
CA ARG L 219 -93.66 9.83 44.40
C ARG L 219 -92.79 10.25 45.59
N LYS L 220 -93.30 9.97 46.79
CA LYS L 220 -92.57 10.30 48.02
C LYS L 220 -92.44 9.06 48.91
N VAL L 221 -91.21 8.66 49.19
CA VAL L 221 -90.95 7.49 50.03
C VAL L 221 -90.15 7.87 51.27
N ASN L 222 -90.76 7.71 52.44
CA ASN L 222 -90.15 8.06 53.72
C ASN L 222 -89.69 9.52 53.77
N GLY L 223 -88.41 9.72 54.08
CA GLY L 223 -87.84 11.06 54.13
C GLY L 223 -87.19 11.45 52.83
N THR L 224 -87.51 10.72 51.75
CA THR L 224 -86.96 11.00 50.44
C THR L 224 -88.05 11.12 49.38
N ALA L 225 -87.70 11.72 48.25
CA ALA L 225 -88.63 11.87 47.14
C ALA L 225 -88.03 11.28 45.86
N ILE L 226 -88.83 10.48 45.16
CA ILE L 226 -88.35 9.80 43.95
C ILE L 226 -88.49 10.68 42.72
N ILE L 227 -87.35 10.97 42.09
CA ILE L 227 -87.31 11.80 40.90
C ILE L 227 -86.97 10.98 39.65
N GLN L 228 -87.71 11.22 38.57
CA GLN L 228 -87.40 10.63 37.28
C GLN L 228 -86.64 11.61 36.41
N LEU L 229 -85.38 11.29 36.13
CA LEU L 229 -84.51 12.16 35.35
C LEU L 229 -84.80 12.03 33.86
N PRO L 230 -84.40 13.04 33.07
CA PRO L 230 -84.59 13.01 31.61
C PRO L 230 -83.92 11.82 30.92
N SER L 231 -83.01 11.15 31.63
CA SER L 231 -82.36 9.96 31.11
C SER L 231 -83.22 8.72 31.37
N LYS L 232 -84.41 8.96 31.91
CA LYS L 232 -85.43 7.94 32.17
C LYS L 232 -85.08 7.06 33.37
N ARG L 233 -83.91 7.29 33.96
CA ARG L 233 -83.51 6.56 35.16
C ARG L 233 -84.29 7.04 36.38
N GLN L 234 -84.82 6.10 37.14
CA GLN L 234 -85.55 6.41 38.36
C GLN L 234 -84.59 6.53 39.54
N MET L 235 -84.61 7.67 40.22
CA MET L 235 -83.65 7.91 41.30
C MET L 235 -84.35 8.42 42.57
N GLN L 236 -83.61 8.41 43.68
CA GLN L 236 -84.13 8.91 44.94
C GLN L 236 -83.33 10.11 45.44
N VAL L 237 -83.99 11.27 45.48
CA VAL L 237 -83.36 12.50 45.93
C VAL L 237 -83.91 12.92 47.29
N LEU L 238 -83.04 13.40 48.16
CA LEU L 238 -83.43 13.80 49.51
C LEU L 238 -84.51 14.89 49.49
N GLU L 239 -85.40 14.84 50.48
CA GLU L 239 -86.53 15.76 50.56
C GLU L 239 -86.13 17.21 50.80
N THR L 240 -85.09 17.39 51.62
CA THR L 240 -84.67 18.73 52.01
C THR L 240 -83.98 19.49 50.87
N CYS L 241 -83.71 18.80 49.77
CA CYS L 241 -83.08 19.41 48.61
C CYS L 241 -84.08 20.31 47.88
N ILE L 242 -83.69 21.57 47.67
CA ILE L 242 -84.55 22.54 46.99
C ILE L 242 -84.43 22.38 45.47
N ALA L 243 -85.54 22.55 44.77
CA ALA L 243 -85.55 22.43 43.31
C ALA L 243 -86.50 23.44 42.68
N THR L 244 -86.16 23.88 41.47
CA THR L 244 -86.99 24.84 40.75
C THR L 244 -88.01 24.12 39.87
N VAL L 245 -89.26 24.54 39.96
CA VAL L 245 -90.33 23.95 39.17
C VAL L 245 -90.28 24.46 37.72
N GLY L 246 -90.86 23.69 36.80
CA GLY L 246 -90.93 24.10 35.41
C GLY L 246 -89.85 23.48 34.55
N ARG L 247 -89.80 23.88 33.29
CA ARG L 247 -88.82 23.38 32.35
C ARG L 247 -87.83 24.46 31.94
N VAL L 248 -86.61 24.04 31.59
CA VAL L 248 -85.59 24.98 31.13
C VAL L 248 -85.92 25.49 29.74
N SER L 249 -85.60 26.76 29.47
CA SER L 249 -85.89 27.38 28.19
C SER L 249 -84.91 26.93 27.11
N ASN L 250 -85.01 27.57 25.94
CA ASN L 250 -84.16 27.25 24.79
C ASN L 250 -84.26 25.78 24.39
N VAL L 251 -85.49 25.31 24.16
CA VAL L 251 -85.72 23.92 23.80
C VAL L 251 -85.37 23.65 22.33
N ASP L 252 -85.08 24.71 21.59
CA ASP L 252 -84.74 24.58 20.18
C ASP L 252 -83.23 24.49 19.96
N HIS L 253 -82.48 24.48 21.06
CA HIS L 253 -81.02 24.40 21.00
C HIS L 253 -80.54 23.16 20.27
N ASN L 254 -81.26 22.05 20.46
CA ASN L 254 -80.91 20.79 19.83
C ASN L 254 -81.23 20.81 18.33
N LYS L 255 -82.08 21.75 17.93
CA LYS L 255 -82.49 21.87 16.54
C LYS L 255 -81.56 22.80 15.75
N ARG L 256 -80.54 23.30 16.42
CA ARG L 256 -79.58 24.21 15.79
C ARG L 256 -78.61 23.45 14.90
N VAL L 257 -78.54 23.84 13.63
CA VAL L 257 -77.63 23.21 12.68
C VAL L 257 -76.30 23.97 12.63
N ILE L 258 -75.20 23.24 12.83
CA ILE L 258 -73.88 23.84 12.84
C ILE L 258 -73.52 24.39 11.46
N GLY L 259 -73.58 23.52 10.46
CA GLY L 259 -73.39 23.93 9.08
C GLY L 259 -71.96 23.90 8.58
N LYS L 260 -71.00 24.00 9.50
CA LYS L 260 -69.59 23.98 9.14
C LYS L 260 -68.71 23.61 10.34
N ALA L 261 -67.48 23.20 10.06
CA ALA L 261 -66.53 22.89 11.12
C ALA L 261 -66.07 24.16 11.82
N GLY L 262 -66.25 25.29 11.14
CA GLY L 262 -65.83 26.58 11.67
C GLY L 262 -66.54 26.97 12.96
N ARG L 263 -67.84 26.73 13.01
CA ARG L 263 -68.63 27.02 14.20
C ARG L 263 -68.17 26.13 15.36
N ASN L 264 -67.84 24.88 15.04
CA ASN L 264 -67.29 23.96 16.02
C ASN L 264 -65.95 24.44 16.54
N ARG L 265 -65.17 25.07 15.67
CA ARG L 265 -63.90 25.67 16.06
C ARG L 265 -64.14 26.92 16.89
N TRP L 266 -65.31 27.54 16.70
CA TRP L 266 -65.68 28.73 17.47
C TRP L 266 -66.14 28.35 18.87
N LEU L 267 -66.75 27.17 18.98
CA LEU L 267 -67.21 26.68 20.28
C LEU L 267 -66.07 26.11 21.10
N GLY L 268 -64.92 25.90 20.45
CA GLY L 268 -63.75 25.39 21.12
C GLY L 268 -63.54 23.91 20.88
N LYS L 269 -64.28 23.35 19.93
CA LYS L 269 -64.18 21.93 19.61
C LYS L 269 -63.25 21.69 18.41
N ARG L 270 -62.13 21.04 18.66
CA ARG L 270 -61.17 20.72 17.61
C ARG L 270 -61.51 19.38 16.96
N PRO L 271 -61.19 19.24 15.66
CA PRO L 271 -61.43 17.99 14.93
C PRO L 271 -60.74 16.80 15.57
N ASN L 272 -61.46 15.71 15.76
CA ASN L 272 -60.92 14.52 16.40
C ASN L 272 -60.67 13.38 15.40
N SER L 273 -59.40 13.03 15.22
CA SER L 273 -59.02 11.96 14.31
C SER L 273 -58.90 10.63 15.05
N GLY L 274 -59.09 10.66 16.36
CA GLY L 274 -58.99 9.47 17.18
C GLY L 274 -60.27 8.66 17.18
N VAL M 148 -7.37 21.75 -72.61
CA VAL M 148 -8.12 22.97 -72.90
C VAL M 148 -8.77 23.52 -71.65
N GLY M 149 -8.29 24.66 -71.18
CA GLY M 149 -8.84 25.30 -70.00
C GLY M 149 -8.09 26.57 -69.61
N LEU M 150 -8.73 27.40 -68.80
CA LEU M 150 -8.13 28.65 -68.33
C LEU M 150 -8.57 28.99 -66.92
N ILE M 151 -7.78 29.81 -66.24
CA ILE M 151 -8.10 30.26 -64.89
C ILE M 151 -8.90 31.56 -64.95
N ALA M 152 -9.98 31.65 -64.17
CA ALA M 152 -10.85 32.81 -64.20
C ALA M 152 -11.13 33.36 -62.81
N LEU M 153 -11.97 34.39 -62.75
CA LEU M 153 -12.34 35.01 -61.48
C LEU M 153 -13.86 35.17 -61.39
N LYS M 154 -14.45 34.66 -60.32
CA LYS M 154 -15.90 34.72 -60.15
C LYS M 154 -16.40 36.16 -60.07
N LEU M 155 -17.38 36.49 -60.90
CA LEU M 155 -17.94 37.84 -60.95
C LEU M 155 -19.28 37.92 -60.22
N GLY M 156 -20.28 37.24 -60.78
CA GLY M 156 -21.62 37.24 -60.19
C GLY M 156 -22.58 36.37 -60.96
N MET M 157 -23.86 36.43 -60.60
CA MET M 157 -24.89 35.63 -61.24
C MET M 157 -26.01 36.50 -61.79
N MET M 158 -26.81 35.94 -62.69
CA MET M 158 -27.89 36.65 -63.36
C MET M 158 -28.67 35.72 -64.27
N PRO M 159 -30.00 35.92 -64.37
CA PRO M 159 -30.85 35.13 -65.25
C PRO M 159 -30.73 35.55 -66.72
N LEU M 160 -30.96 34.60 -67.62
CA LEU M 160 -30.94 34.89 -69.05
C LEU M 160 -32.20 34.36 -69.72
N TRP M 161 -32.65 35.04 -70.77
CA TRP M 161 -33.87 34.66 -71.47
C TRP M 161 -33.59 34.19 -72.90
N THR M 162 -33.77 32.90 -73.14
CA THR M 162 -33.62 32.33 -74.47
C THR M 162 -34.85 32.62 -75.31
N LYS M 163 -34.69 32.62 -76.63
CA LYS M 163 -35.78 32.89 -77.56
C LYS M 163 -36.94 31.91 -77.38
N ASP M 164 -36.64 30.72 -76.86
CA ASP M 164 -37.66 29.71 -76.60
C ASP M 164 -38.58 30.16 -75.46
N GLY M 165 -38.04 30.98 -74.56
CA GLY M 165 -38.81 31.50 -73.44
C GLY M 165 -38.45 30.82 -72.13
N GLN M 166 -37.51 29.88 -72.19
CA GLN M 166 -37.06 29.17 -71.00
C GLN M 166 -36.03 29.98 -70.23
N LYS M 167 -36.26 30.14 -68.92
CA LYS M 167 -35.34 30.87 -68.07
C LYS M 167 -34.12 30.02 -67.72
N HIS M 168 -32.95 30.64 -67.72
CA HIS M 168 -31.72 29.96 -67.37
C HIS M 168 -30.87 30.78 -66.42
N VAL M 169 -30.59 30.22 -65.24
CA VAL M 169 -29.77 30.89 -64.25
C VAL M 169 -28.29 30.61 -64.51
N VAL M 170 -27.53 31.67 -64.78
CA VAL M 170 -26.12 31.51 -65.11
C VAL M 170 -25.23 32.36 -64.22
N THR M 171 -23.94 32.03 -64.20
CA THR M 171 -22.95 32.80 -63.47
C THR M 171 -21.92 33.37 -64.43
N LEU M 172 -21.31 34.49 -64.03
CA LEU M 172 -20.33 35.16 -64.88
C LEU M 172 -18.91 34.97 -64.37
N LEU M 173 -18.01 34.55 -65.25
CA LEU M 173 -16.62 34.39 -64.89
C LEU M 173 -15.74 35.34 -65.71
N GLN M 174 -15.16 36.31 -65.02
CA GLN M 174 -14.36 37.35 -65.67
C GLN M 174 -12.90 36.92 -65.80
N VAL M 175 -12.29 37.26 -66.93
CA VAL M 175 -10.88 36.99 -67.16
C VAL M 175 -10.08 38.29 -67.21
N GLN M 176 -9.24 38.49 -66.20
CA GLN M 176 -8.42 39.70 -66.13
C GLN M 176 -7.22 39.61 -67.06
N ASP M 177 -6.31 38.68 -66.76
CA ASP M 177 -5.12 38.50 -67.58
C ASP M 177 -4.71 37.02 -67.59
N CYS M 178 -4.14 36.59 -68.71
CA CYS M 178 -3.68 35.20 -68.84
C CYS M 178 -2.35 35.12 -69.58
N HIS M 179 -1.41 34.36 -69.01
CA HIS M 179 -0.11 34.17 -69.63
C HIS M 179 0.42 32.76 -69.37
N VAL M 180 1.08 32.18 -70.36
CA VAL M 180 1.72 30.89 -70.21
C VAL M 180 3.15 31.09 -69.71
N LEU M 181 3.48 30.45 -68.58
CA LEU M 181 4.77 30.69 -67.94
C LEU M 181 5.77 29.57 -68.22
N LYS M 182 5.56 28.42 -67.60
CA LYS M 182 6.49 27.31 -67.73
C LYS M 182 5.84 26.09 -68.41
N TYR M 183 6.64 25.41 -69.23
CA TYR M 183 6.19 24.21 -69.91
C TYR M 183 7.00 23.00 -69.43
N THR M 184 6.33 22.07 -68.76
CA THR M 184 7.00 20.91 -68.20
C THR M 184 6.55 19.62 -68.87
N PRO M 185 7.45 19.02 -69.67
CA PRO M 185 7.17 17.73 -70.33
C PRO M 185 7.28 16.55 -69.37
N LYS M 186 6.46 15.53 -69.57
CA LYS M 186 6.50 14.32 -68.75
C LYS M 186 6.34 13.08 -69.62
N GLU M 187 6.69 11.93 -69.05
CA GLU M 187 6.64 10.67 -69.78
C GLU M 187 5.60 9.71 -69.19
N ASN M 188 5.84 9.28 -67.95
CA ASN M 188 4.98 8.31 -67.28
C ASN M 188 3.52 8.74 -67.19
N HIS M 189 3.30 10.04 -67.08
CA HIS M 189 1.94 10.58 -66.96
C HIS M 189 1.27 10.66 -68.33
N ASN M 190 2.07 10.49 -69.39
CA ASN M 190 1.59 10.58 -70.77
C ASN M 190 0.92 11.91 -71.07
N GLY M 191 1.40 12.97 -70.42
CA GLY M 191 0.86 14.30 -70.60
C GLY M 191 1.83 15.34 -70.10
N ARG M 192 1.69 16.57 -70.59
CA ARG M 192 2.60 17.64 -70.22
C ARG M 192 1.87 18.78 -69.53
N MET M 193 2.53 19.41 -68.56
CA MET M 193 1.91 20.46 -67.76
C MET M 193 2.24 21.87 -68.26
N ALA M 194 1.26 22.76 -68.19
CA ALA M 194 1.45 24.15 -68.57
C ALA M 194 1.08 25.07 -67.41
N ALA M 195 1.51 26.32 -67.47
CA ALA M 195 1.25 27.27 -66.40
C ALA M 195 0.30 28.38 -66.82
N LEU M 196 -0.87 28.44 -66.18
CA LEU M 196 -1.84 29.49 -66.43
C LEU M 196 -1.86 30.47 -65.27
N THR M 197 -1.80 31.76 -65.58
CA THR M 197 -1.60 32.77 -64.54
C THR M 197 -2.50 33.99 -64.70
N VAL M 198 -3.26 34.30 -63.64
CA VAL M 198 -4.10 35.50 -63.61
C VAL M 198 -3.60 36.47 -62.54
N GLY M 199 -3.03 37.59 -62.97
CA GLY M 199 -2.50 38.58 -62.06
C GLY M 199 -3.40 39.76 -61.72
N GLY M 200 -3.20 40.32 -60.53
CA GLY M 200 -3.81 41.58 -60.16
C GLY M 200 -2.81 42.72 -60.21
N LYS M 201 -1.53 42.35 -60.27
CA LYS M 201 -0.39 43.27 -60.43
C LYS M 201 -0.15 44.20 -59.22
N THR M 202 -1.11 44.26 -58.30
CA THR M 202 -1.00 45.10 -57.12
C THR M 202 -0.18 44.43 -56.02
N VAL M 203 -0.28 43.11 -55.96
CA VAL M 203 0.28 42.32 -54.86
C VAL M 203 1.80 42.23 -54.87
N SER M 204 2.41 42.73 -55.94
CA SER M 204 3.85 42.63 -56.14
C SER M 204 4.67 43.16 -54.95
N HIS M 205 4.26 44.30 -54.42
CA HIS M 205 5.02 44.96 -53.35
C HIS M 205 4.76 44.34 -51.98
N PHE M 206 3.53 43.97 -51.71
CA PHE M 206 3.18 43.43 -50.39
C PHE M 206 3.42 41.93 -50.29
N HIS M 207 3.67 41.29 -51.42
CA HIS M 207 4.10 39.90 -51.43
C HIS M 207 5.56 39.82 -51.83
N LYS M 208 6.42 39.49 -50.86
CA LYS M 208 7.85 39.45 -51.12
C LYS M 208 8.46 38.07 -50.91
N SER M 209 9.07 37.55 -51.97
CA SER M 209 9.81 36.30 -51.90
C SER M 209 10.89 36.29 -52.98
N ALA M 210 11.97 35.58 -52.71
CA ALA M 210 13.06 35.47 -53.67
C ALA M 210 12.61 34.78 -54.95
N SER M 211 12.12 33.55 -54.80
CA SER M 211 11.75 32.71 -55.93
C SER M 211 10.61 33.30 -56.75
N ILE M 212 9.63 33.90 -56.08
CA ILE M 212 8.47 34.49 -56.75
C ILE M 212 8.88 35.64 -57.68
N LEU M 213 9.56 36.63 -57.10
CA LEU M 213 9.99 37.81 -57.83
C LEU M 213 11.01 37.46 -58.91
N GLU M 214 11.96 36.59 -58.58
CA GLU M 214 12.96 36.15 -59.55
C GLU M 214 12.30 35.40 -60.71
N PHE M 215 11.23 34.67 -60.40
CA PHE M 215 10.48 33.96 -61.42
C PHE M 215 9.83 34.95 -62.38
N TYR M 216 9.13 35.94 -61.81
CA TYR M 216 8.46 36.95 -62.64
C TYR M 216 9.45 37.75 -63.49
N GLN M 217 10.61 38.03 -62.92
CA GLN M 217 11.62 38.85 -63.60
C GLN M 217 12.35 38.09 -64.70
N GLU M 218 12.76 36.86 -64.39
CA GLU M 218 13.51 36.05 -65.35
C GLU M 218 12.65 35.57 -66.50
N LEU M 219 11.36 35.36 -66.23
CA LEU M 219 10.42 34.92 -67.26
C LEU M 219 9.92 36.10 -68.08
N GLY M 220 10.30 37.30 -67.67
CA GLY M 220 9.87 38.52 -68.34
C GLY M 220 8.38 38.77 -68.12
N LEU M 221 7.85 38.17 -67.06
CA LEU M 221 6.43 38.28 -66.76
C LEU M 221 6.12 39.43 -65.80
N PRO M 222 5.09 40.22 -66.13
CA PRO M 222 4.59 41.27 -65.23
C PRO M 222 4.16 40.71 -63.89
N PRO M 223 4.10 41.55 -62.84
CA PRO M 223 3.65 41.12 -61.51
C PRO M 223 2.29 40.45 -61.53
N LYS M 224 2.18 39.29 -60.90
CA LYS M 224 0.93 38.51 -60.94
C LYS M 224 0.46 38.07 -59.57
N GLN M 225 -0.85 38.11 -59.37
CA GLN M 225 -1.49 37.70 -58.12
C GLN M 225 -1.62 36.19 -57.97
N LYS M 226 -2.11 35.52 -59.01
CA LYS M 226 -2.39 34.08 -58.91
C LYS M 226 -1.71 33.27 -60.00
N VAL M 227 -0.88 32.31 -59.60
CA VAL M 227 -0.23 31.41 -60.53
C VAL M 227 -0.71 29.97 -60.32
N LYS M 228 -1.24 29.37 -61.38
CA LYS M 228 -1.78 28.01 -61.29
C LYS M 228 -1.26 27.15 -62.43
N ILE M 229 -1.47 25.83 -62.32
CA ILE M 229 -1.02 24.90 -63.33
C ILE M 229 -2.18 24.14 -63.96
N PHE M 230 -1.98 23.65 -65.18
CA PHE M 230 -3.00 22.90 -65.90
C PHE M 230 -2.39 21.71 -66.63
N ASN M 231 -3.07 20.58 -66.57
CA ASN M 231 -2.60 19.36 -67.21
C ASN M 231 -3.10 19.22 -68.64
N VAL M 232 -2.16 19.17 -69.59
CA VAL M 232 -2.51 19.03 -70.99
C VAL M 232 -2.11 17.66 -71.52
N THR M 233 -3.10 16.85 -71.89
CA THR M 233 -2.86 15.50 -72.38
C THR M 233 -2.39 15.51 -73.83
N GLU M 234 -3.03 16.33 -74.65
CA GLU M 234 -2.71 16.41 -76.07
C GLU M 234 -1.42 17.20 -76.29
N ASN M 235 -0.44 16.57 -76.94
CA ASN M 235 0.86 17.20 -77.16
C ASN M 235 0.87 18.09 -78.40
N ALA M 236 -0.15 17.95 -79.24
CA ALA M 236 -0.22 18.72 -80.48
C ALA M 236 -0.70 20.14 -80.25
N VAL M 237 -1.51 20.34 -79.21
CA VAL M 237 -2.11 21.64 -78.92
C VAL M 237 -1.23 22.46 -77.99
N ILE M 238 -0.13 21.86 -77.53
CA ILE M 238 0.77 22.53 -76.61
C ILE M 238 1.61 23.61 -77.29
N LYS M 239 1.58 24.81 -76.72
CA LYS M 239 2.31 25.95 -77.26
C LYS M 239 3.28 26.51 -76.21
N PRO M 240 4.34 27.20 -76.67
CA PRO M 240 5.26 27.89 -75.76
C PRO M 240 4.58 29.03 -75.01
N GLY M 241 5.33 29.76 -74.20
CA GLY M 241 4.76 30.84 -73.40
C GLY M 241 4.07 31.87 -74.26
N THR M 242 2.77 32.06 -74.01
CA THR M 242 1.95 32.98 -74.79
C THR M 242 0.88 33.62 -73.90
N PRO M 243 0.57 34.90 -74.17
CA PRO M 243 -0.61 35.51 -73.55
C PRO M 243 -1.90 35.04 -74.23
N LEU M 244 -3.01 35.01 -73.50
CA LEU M 244 -4.24 34.45 -74.04
C LEU M 244 -5.45 35.32 -73.70
N TYR M 245 -6.57 35.04 -74.35
CA TYR M 245 -7.80 35.82 -74.19
C TYR M 245 -8.98 34.92 -73.84
N ALA M 246 -10.09 35.53 -73.44
CA ALA M 246 -11.27 34.79 -72.99
C ALA M 246 -12.09 34.27 -74.16
N ALA M 247 -11.65 34.56 -75.37
CA ALA M 247 -12.28 34.04 -76.58
C ALA M 247 -11.97 32.56 -76.77
N HIS M 248 -11.09 32.04 -75.90
CA HIS M 248 -10.66 30.65 -75.97
C HIS M 248 -11.82 29.67 -75.73
N PHE M 249 -12.91 30.17 -75.16
CA PHE M 249 -14.08 29.34 -74.88
C PHE M 249 -15.21 29.60 -75.87
N ARG M 250 -15.96 28.55 -76.20
CA ARG M 250 -17.07 28.68 -77.14
C ARG M 250 -18.40 28.30 -76.47
N PRO M 251 -19.48 28.99 -76.88
CA PRO M 251 -20.83 28.72 -76.36
C PRO M 251 -21.32 27.32 -76.70
N GLY M 252 -22.13 26.73 -75.82
CA GLY M 252 -22.68 25.42 -76.04
C GLY M 252 -21.80 24.30 -75.51
N GLN M 253 -20.61 24.66 -75.06
CA GLN M 253 -19.66 23.68 -74.53
C GLN M 253 -19.81 23.49 -73.03
N TYR M 254 -19.86 22.24 -72.60
CA TYR M 254 -19.95 21.92 -71.18
C TYR M 254 -18.58 22.00 -70.52
N VAL M 255 -18.49 22.71 -69.40
CA VAL M 255 -17.21 22.88 -68.71
C VAL M 255 -17.29 22.52 -67.24
N ASP M 256 -16.13 22.23 -66.66
CA ASP M 256 -16.04 21.96 -65.22
C ASP M 256 -15.42 23.17 -64.51
N VAL M 257 -15.94 23.47 -63.32
CA VAL M 257 -15.47 24.64 -62.58
C VAL M 257 -14.84 24.27 -61.24
N THR M 258 -13.53 24.49 -61.12
CA THR M 258 -12.82 24.19 -59.88
C THR M 258 -12.54 25.45 -59.08
N ALA M 259 -13.10 25.53 -57.88
CA ALA M 259 -12.91 26.71 -57.03
C ALA M 259 -12.89 26.33 -55.57
N LYS M 260 -12.69 27.34 -54.71
CA LYS M 260 -12.66 27.12 -53.26
C LYS M 260 -14.05 27.26 -52.66
N THR M 261 -14.53 26.20 -52.04
CA THR M 261 -15.86 26.20 -51.41
C THR M 261 -15.93 27.22 -50.28
N ILE M 262 -17.10 27.80 -50.08
CA ILE M 262 -17.31 28.79 -49.02
C ILE M 262 -16.98 28.21 -47.65
N GLY M 263 -16.07 28.87 -46.94
CA GLY M 263 -15.73 28.45 -45.60
C GLY M 263 -16.84 28.73 -44.61
N LYS M 264 -17.27 27.71 -43.89
CA LYS M 264 -18.30 27.86 -42.86
C LYS M 264 -17.67 27.98 -41.47
N GLY M 265 -16.34 27.94 -41.43
CA GLY M 265 -15.63 27.95 -40.17
C GLY M 265 -15.87 26.65 -39.41
N PHE M 266 -15.86 26.73 -38.09
CA PHE M 266 -16.18 25.57 -37.26
C PHE M 266 -17.69 25.35 -37.28
N GLN M 267 -18.10 24.16 -37.68
CA GLN M 267 -19.52 23.84 -37.83
C GLN M 267 -19.88 22.61 -37.01
N GLY M 268 -21.12 22.57 -36.53
CA GLY M 268 -21.61 21.45 -35.76
C GLY M 268 -21.82 20.21 -36.60
N VAL M 269 -22.37 19.16 -35.98
CA VAL M 269 -22.65 17.93 -36.70
C VAL M 269 -23.75 18.20 -37.73
N MET M 270 -24.62 19.15 -37.42
CA MET M 270 -25.61 19.64 -38.37
C MET M 270 -24.93 20.52 -39.41
N ARG M 271 -25.60 20.71 -40.55
CA ARG M 271 -25.12 21.55 -41.65
C ARG M 271 -23.91 20.95 -42.38
N ARG M 272 -23.34 19.89 -41.80
CA ARG M 272 -22.21 19.21 -42.43
C ARG M 272 -22.69 17.92 -43.08
N TRP M 273 -23.05 16.94 -42.26
CA TRP M 273 -23.49 15.64 -42.73
C TRP M 273 -25.01 15.59 -42.85
N GLY M 274 -25.67 16.67 -42.43
CA GLY M 274 -27.11 16.77 -42.53
C GLY M 274 -27.86 15.79 -41.66
N PHE M 275 -27.44 15.66 -40.40
CA PHE M 275 -28.12 14.78 -39.46
C PHE M 275 -29.43 15.38 -38.98
N LYS M 276 -30.36 14.53 -38.55
CA LYS M 276 -31.67 14.97 -38.09
C LYS M 276 -31.61 15.56 -36.70
N GLY M 277 -30.75 14.99 -35.85
CA GLY M 277 -30.63 15.44 -34.47
C GLY M 277 -31.70 14.85 -33.59
N GLN M 278 -31.88 15.43 -32.41
CA GLN M 278 -32.89 14.94 -31.47
C GLN M 278 -34.13 15.85 -31.52
N PRO M 279 -35.20 15.47 -30.79
CA PRO M 279 -36.34 16.38 -30.71
C PRO M 279 -36.06 17.62 -29.86
N ALA M 280 -36.83 18.67 -30.06
CA ALA M 280 -36.67 19.90 -29.29
C ALA M 280 -37.61 19.92 -28.08
N THR M 281 -38.33 18.82 -27.89
CA THR M 281 -39.32 18.74 -26.82
C THR M 281 -39.40 17.33 -26.23
N HIS M 282 -40.43 17.10 -25.42
CA HIS M 282 -40.70 15.81 -24.80
C HIS M 282 -39.57 15.36 -23.87
N GLY M 283 -39.13 16.27 -23.00
CA GLY M 283 -38.16 15.95 -21.97
C GLY M 283 -36.72 15.86 -22.44
N GLN M 284 -36.48 16.19 -23.70
CA GLN M 284 -35.14 16.15 -24.25
C GLN M 284 -34.28 17.25 -23.64
N THR M 285 -33.16 16.86 -23.04
CA THR M 285 -32.31 17.82 -22.34
C THR M 285 -30.95 18.00 -23.01
N LYS M 286 -30.77 19.16 -23.64
CA LYS M 286 -29.50 19.58 -24.23
C LYS M 286 -28.98 18.61 -25.29
N THR M 287 -29.87 17.79 -25.84
CA THR M 287 -29.49 16.83 -26.87
C THR M 287 -29.86 17.33 -28.27
N HIS M 288 -30.44 18.51 -28.34
CA HIS M 288 -31.11 19.00 -29.55
C HIS M 288 -30.22 18.98 -30.80
N ARG M 289 -29.09 19.68 -30.73
CA ARG M 289 -28.18 19.74 -31.87
C ARG M 289 -27.05 18.72 -31.75
N ARG M 290 -27.08 17.93 -30.68
CA ARG M 290 -26.04 16.93 -30.44
C ARG M 290 -26.15 15.75 -31.40
N PRO M 291 -25.01 15.20 -31.84
CA PRO M 291 -24.97 14.08 -32.77
C PRO M 291 -25.50 12.78 -32.16
N GLY M 292 -25.40 12.65 -30.84
CA GLY M 292 -25.87 11.46 -30.16
C GLY M 292 -24.82 10.36 -30.10
N ALA M 293 -25.27 9.11 -30.13
CA ALA M 293 -24.37 7.96 -30.06
C ALA M 293 -23.47 7.88 -31.29
N ILE M 294 -22.33 7.21 -31.13
CA ILE M 294 -21.35 7.12 -32.20
C ILE M 294 -21.02 5.68 -32.58
N SER M 295 -20.44 4.92 -31.65
CA SER M 295 -19.98 3.58 -31.94
C SER M 295 -20.79 2.51 -31.20
N THR M 296 -20.39 1.25 -31.38
CA THR M 296 -21.08 0.12 -30.77
C THR M 296 -20.20 -0.52 -29.69
N GLY M 297 -20.83 -1.13 -28.70
CA GLY M 297 -20.14 -1.75 -27.59
C GLY M 297 -19.11 -2.80 -27.98
N ASP M 298 -19.37 -3.49 -29.08
CA ASP M 298 -18.45 -4.51 -29.58
C ASP M 298 -17.06 -3.93 -29.84
N VAL M 299 -16.97 -3.04 -30.82
CA VAL M 299 -15.70 -2.40 -31.16
C VAL M 299 -15.47 -1.18 -30.28
N ALA M 300 -14.40 -1.22 -29.49
CA ALA M 300 -14.06 -0.14 -28.58
C ALA M 300 -13.87 1.18 -29.33
N ARG M 301 -12.81 1.25 -30.12
CA ARG M 301 -12.46 2.46 -30.85
C ARG M 301 -13.50 2.80 -31.93
N VAL M 302 -13.63 4.08 -32.23
CA VAL M 302 -14.56 4.54 -33.26
C VAL M 302 -13.90 4.42 -34.64
N TRP M 303 -14.70 4.01 -35.63
CA TRP M 303 -14.19 3.80 -36.99
C TRP M 303 -13.64 5.09 -37.60
N PRO M 304 -12.47 4.99 -38.25
CA PRO M 304 -11.86 6.14 -38.94
C PRO M 304 -12.74 6.67 -40.07
N GLY M 305 -12.91 7.99 -40.10
CA GLY M 305 -13.76 8.62 -41.10
C GLY M 305 -15.17 8.83 -40.60
N THR M 306 -15.36 8.69 -39.30
CA THR M 306 -16.66 8.89 -38.67
C THR M 306 -17.08 10.35 -38.79
N LYS M 307 -18.37 10.58 -39.02
CA LYS M 307 -18.88 11.93 -39.21
C LYS M 307 -19.03 12.65 -37.88
N MET M 308 -18.31 13.77 -37.73
CA MET M 308 -18.31 14.54 -36.50
C MET M 308 -18.17 16.04 -36.81
N PRO M 309 -18.65 16.90 -35.90
CA PRO M 309 -18.54 18.35 -36.09
C PRO M 309 -17.08 18.83 -36.24
N GLY M 310 -16.88 19.82 -37.10
CA GLY M 310 -15.55 20.35 -37.35
C GLY M 310 -15.56 21.45 -38.40
N GLN M 311 -14.37 21.83 -38.85
CA GLN M 311 -14.24 22.90 -39.85
C GLN M 311 -14.79 22.48 -41.20
N LEU M 312 -15.59 23.33 -41.81
CA LEU M 312 -16.16 23.04 -43.12
C LEU M 312 -15.94 24.18 -44.11
N GLY M 313 -15.63 23.83 -45.35
CA GLY M 313 -15.43 24.82 -46.40
C GLY M 313 -13.96 25.17 -46.59
N ASN M 314 -13.72 26.21 -47.39
CA ASN M 314 -12.37 26.68 -47.68
C ASN M 314 -11.48 25.59 -48.28
N ILE M 315 -12.09 24.70 -49.06
CA ILE M 315 -11.35 23.63 -49.72
C ILE M 315 -11.67 23.60 -51.21
N ASP M 316 -10.85 22.89 -51.98
CA ASP M 316 -11.04 22.79 -53.42
C ASP M 316 -12.19 21.86 -53.79
N ARG M 317 -13.02 22.32 -54.73
CA ARG M 317 -14.15 21.54 -55.21
C ARG M 317 -14.34 21.80 -56.71
N THR M 318 -14.73 20.75 -57.44
CA THR M 318 -14.97 20.86 -58.86
C THR M 318 -16.41 20.52 -59.21
N ALA M 319 -17.12 21.46 -59.82
CA ALA M 319 -18.47 21.25 -60.28
C ALA M 319 -18.47 20.75 -61.72
N PHE M 320 -19.27 19.72 -62.00
CA PHE M 320 -19.27 19.08 -63.31
C PHE M 320 -20.58 19.33 -64.06
N GLY M 321 -20.50 19.33 -65.38
CA GLY M 321 -21.68 19.44 -66.23
C GLY M 321 -22.26 20.85 -66.29
N LEU M 322 -21.39 21.85 -66.43
CA LEU M 322 -21.84 23.23 -66.54
C LEU M 322 -21.74 23.72 -67.97
N LYS M 323 -22.88 24.02 -68.57
CA LYS M 323 -22.93 24.43 -69.98
C LYS M 323 -22.65 25.91 -70.14
N VAL M 324 -21.91 26.26 -71.19
CA VAL M 324 -21.61 27.66 -71.51
C VAL M 324 -22.58 28.19 -72.55
N TRP M 325 -23.42 29.15 -72.15
CA TRP M 325 -24.43 29.70 -73.05
C TRP M 325 -23.83 30.70 -74.04
N ARG M 326 -22.78 31.41 -73.63
CA ARG M 326 -22.18 32.46 -74.45
C ARG M 326 -20.92 33.04 -73.81
N ILE M 327 -20.14 33.74 -74.64
CA ILE M 327 -18.90 34.37 -74.19
C ILE M 327 -18.74 35.75 -74.81
N ASN M 328 -18.10 36.65 -74.05
CA ASN M 328 -17.80 37.99 -74.53
C ASN M 328 -16.29 38.22 -74.54
N THR M 329 -15.73 38.39 -75.73
CA THR M 329 -14.29 38.52 -75.89
C THR M 329 -13.76 39.88 -75.41
N LYS M 330 -14.40 40.96 -75.87
CA LYS M 330 -13.95 42.31 -75.57
C LYS M 330 -14.03 42.62 -74.08
N HIS M 331 -15.10 42.18 -73.43
CA HIS M 331 -15.28 42.41 -72.01
C HIS M 331 -14.68 41.29 -71.17
N ASN M 332 -14.21 40.25 -71.85
CA ASN M 332 -13.61 39.07 -71.21
C ASN M 332 -14.53 38.45 -70.16
N ILE M 333 -15.76 38.16 -70.56
CA ILE M 333 -16.75 37.60 -69.65
C ILE M 333 -17.21 36.23 -70.14
N ILE M 334 -17.36 35.28 -69.22
CA ILE M 334 -17.82 33.94 -69.58
C ILE M 334 -19.18 33.65 -68.94
N TYR M 335 -20.16 33.29 -69.77
CA TYR M 335 -21.48 32.93 -69.26
C TYR M 335 -21.56 31.42 -69.06
N VAL M 336 -21.65 31.00 -67.80
CA VAL M 336 -21.66 29.57 -67.49
C VAL M 336 -22.92 29.15 -66.75
N ASN M 337 -23.66 28.20 -67.31
CA ASN M 337 -24.88 27.71 -66.65
C ASN M 337 -24.54 26.73 -65.55
N GLY M 338 -24.91 27.07 -64.33
CA GLY M 338 -24.65 26.23 -63.18
C GLY M 338 -24.38 27.03 -61.93
N SER M 339 -23.80 26.38 -60.93
CA SER M 339 -23.37 27.07 -59.72
C SER M 339 -21.85 26.99 -59.61
N VAL M 340 -21.24 28.01 -59.01
CA VAL M 340 -19.80 28.04 -58.86
C VAL M 340 -19.44 28.11 -57.37
N PRO M 341 -18.40 27.36 -56.97
CA PRO M 341 -17.95 27.33 -55.57
C PRO M 341 -17.34 28.65 -55.12
N GLY M 342 -17.70 29.09 -53.93
CA GLY M 342 -17.09 30.26 -53.32
C GLY M 342 -17.78 31.58 -53.62
N HIS M 343 -17.39 32.60 -52.86
CA HIS M 343 -17.92 33.94 -53.02
C HIS M 343 -17.37 34.62 -54.27
N LYS M 344 -18.02 35.70 -54.69
CA LYS M 344 -17.55 36.50 -55.81
C LYS M 344 -16.15 37.04 -55.54
N ASN M 345 -15.41 37.29 -56.61
CA ASN M 345 -14.02 37.78 -56.58
C ASN M 345 -13.02 36.72 -56.15
N CYS M 346 -13.51 35.53 -55.81
CA CYS M 346 -12.63 34.40 -55.50
C CYS M 346 -12.17 33.73 -56.79
N LEU M 347 -10.94 33.24 -56.80
CA LEU M 347 -10.35 32.62 -57.99
C LEU M 347 -11.05 31.32 -58.36
N VAL M 348 -11.39 31.16 -59.63
CA VAL M 348 -12.01 29.94 -60.12
C VAL M 348 -11.23 29.36 -61.30
N LYS M 349 -11.64 28.19 -61.76
CA LYS M 349 -10.97 27.50 -62.86
C LYS M 349 -11.97 26.90 -63.84
N ILE M 350 -11.85 27.25 -65.11
CA ILE M 350 -12.70 26.68 -66.14
C ILE M 350 -11.93 25.65 -66.96
N LYS M 351 -12.45 24.42 -67.00
CA LYS M 351 -11.77 23.34 -67.71
C LYS M 351 -12.73 22.58 -68.62
N ASP M 352 -12.17 21.78 -69.53
CA ASP M 352 -12.98 20.96 -70.42
C ASP M 352 -13.59 19.79 -69.65
N SER M 353 -14.90 19.64 -69.75
CA SER M 353 -15.61 18.62 -69.00
C SER M 353 -15.46 17.23 -69.63
N LYS M 354 -16.06 16.23 -69.01
CA LYS M 354 -16.03 14.86 -69.51
C LYS M 354 -17.44 14.36 -69.78
N LEU M 355 -17.74 14.13 -71.06
CA LEU M 355 -19.07 13.66 -71.45
C LEU M 355 -18.98 12.53 -72.47
N UNK N 1 41.54 -39.42 50.65
CA UNK N 1 41.16 -38.05 50.93
C UNK N 1 42.26 -37.12 50.51
N UNK N 2 41.94 -36.19 49.62
CA UNK N 2 42.92 -35.22 49.16
C UNK N 2 42.81 -33.96 49.98
N UNK N 3 43.91 -33.58 50.63
CA UNK N 3 43.92 -32.37 51.44
C UNK N 3 44.64 -31.28 50.72
N UNK N 4 43.96 -30.16 50.49
CA UNK N 4 44.58 -29.04 49.82
C UNK N 4 45.29 -28.18 50.84
N UNK N 5 46.54 -27.84 50.57
CA UNK N 5 47.30 -27.02 51.48
C UNK N 5 47.53 -25.66 50.86
N UNK N 6 47.01 -24.62 51.50
CA UNK N 6 47.18 -23.27 51.02
C UNK N 6 48.05 -22.49 51.97
N UNK N 7 48.98 -21.72 51.42
CA UNK N 7 49.90 -20.94 52.24
C UNK N 7 49.36 -19.57 52.49
N UNK N 8 49.27 -19.21 53.77
CA UNK N 8 48.79 -17.90 54.16
C UNK N 8 49.98 -17.03 54.49
N UNK N 9 50.14 -15.95 53.73
CA UNK N 9 51.25 -15.04 53.95
C UNK N 9 50.84 -13.91 54.85
N UNK N 10 51.51 -13.77 55.98
CA UNK N 10 51.18 -12.71 56.93
C UNK N 10 51.88 -11.46 56.53
N UNK N 11 51.13 -10.39 56.32
CA UNK N 11 51.72 -9.11 55.98
C UNK N 11 51.48 -8.13 57.10
N UNK N 12 52.55 -7.49 57.57
CA UNK N 12 52.43 -6.48 58.60
C UNK N 12 52.14 -5.16 57.93
N UNK N 13 51.99 -5.21 56.60
CA UNK N 13 51.52 -4.10 55.77
C UNK N 13 52.18 -2.76 55.97
N UNK N 14 53.25 -2.69 56.73
CA UNK N 14 53.98 -1.44 56.88
C UNK N 14 54.62 -1.13 55.55
N UNK N 15 55.53 -1.99 55.09
CA UNK N 15 56.18 -1.86 53.79
C UNK N 15 57.17 -2.97 53.64
N UNK N 16 57.58 -3.23 52.40
CA UNK N 16 58.66 -4.16 52.04
C UNK N 16 58.66 -5.51 52.73
N UNK N 17 57.49 -6.07 53.03
CA UNK N 17 57.45 -7.39 53.62
C UNK N 17 56.44 -8.30 52.96
N UNK N 18 56.93 -9.40 52.43
CA UNK N 18 56.06 -10.41 51.84
C UNK N 18 56.18 -11.65 52.67
N UNK N 19 56.92 -11.57 53.77
CA UNK N 19 57.21 -12.74 54.58
C UNK N 19 56.18 -13.01 55.63
N GLY N 20 55.57 -14.19 55.54
CA GLY N 20 54.70 -14.70 56.59
C GLY N 20 54.36 -16.14 56.29
N LEU N 21 54.07 -16.92 57.33
CA LEU N 21 53.74 -18.32 57.13
C LEU N 21 52.60 -18.80 58.04
N THR N 22 51.54 -19.31 57.41
CA THR N 22 50.47 -20.00 58.13
C THR N 22 49.92 -21.11 57.25
N GLU N 23 49.72 -22.29 57.82
CA GLU N 23 49.20 -23.42 57.05
C GLU N 23 47.68 -23.48 57.08
N LEU N 24 47.07 -23.30 55.93
CA LEU N 24 45.60 -23.32 55.82
C LEU N 24 45.12 -24.53 55.05
N HIS N 25 43.98 -25.08 55.46
CA HIS N 25 43.40 -26.23 54.79
C HIS N 25 41.98 -25.94 54.31
N PRO N 26 41.86 -25.26 53.15
CA PRO N 26 40.56 -24.88 52.60
C PRO N 26 39.81 -26.05 51.94
N ASP N 27 39.14 -26.86 52.75
CA ASP N 27 38.37 -27.98 52.25
C ASP N 27 37.19 -27.52 51.39
N VAL N 28 36.91 -26.22 51.43
CA VAL N 28 35.84 -25.62 50.65
C VAL N 28 36.11 -25.68 49.15
N PHE N 29 37.36 -25.92 48.79
CA PHE N 29 37.75 -25.95 47.37
C PHE N 29 37.00 -27.03 46.61
N SER N 30 36.71 -26.75 45.35
CA SER N 30 36.05 -27.71 44.47
C SER N 30 36.93 -28.03 43.27
N THR N 31 36.82 -29.26 42.78
CA THR N 31 37.62 -29.69 41.64
C THR N 31 37.37 -28.81 40.41
N ALA N 32 36.17 -28.89 39.86
CA ALA N 32 35.81 -28.09 38.69
C ALA N 32 34.76 -27.04 39.02
N PRO N 33 35.09 -25.75 38.80
CA PRO N 33 34.15 -24.64 39.00
C PRO N 33 33.00 -24.68 38.00
N ARG N 34 31.77 -24.50 38.49
CA ARG N 34 30.60 -24.47 37.62
C ARG N 34 30.36 -23.08 37.07
N LEU N 35 30.37 -22.96 35.74
CA LEU N 35 30.09 -21.69 35.08
C LEU N 35 28.59 -21.43 35.04
N ASP N 36 27.82 -22.51 34.88
CA ASP N 36 26.36 -22.42 34.79
C ASP N 36 25.76 -21.88 36.08
N ILE N 37 26.17 -22.46 37.21
CA ILE N 37 25.68 -22.03 38.51
C ILE N 37 26.03 -20.57 38.79
N LEU N 38 27.28 -20.22 38.53
CA LEU N 38 27.74 -18.85 38.71
C LEU N 38 26.94 -17.87 37.86
N HIS N 39 26.69 -18.25 36.62
CA HIS N 39 25.93 -17.41 35.70
C HIS N 39 24.49 -17.24 36.17
N GLN N 40 23.88 -18.33 36.64
CA GLN N 40 22.51 -18.28 37.14
C GLN N 40 22.40 -17.41 38.40
N VAL N 41 23.42 -17.50 39.26
CA VAL N 41 23.46 -16.70 40.47
C VAL N 41 23.61 -15.22 40.13
N ALA N 42 24.48 -14.92 39.17
CA ALA N 42 24.67 -13.54 38.72
C ALA N 42 23.40 -12.97 38.10
N ILE N 43 22.78 -13.75 37.23
CA ILE N 43 21.54 -13.36 36.58
C ILE N 43 20.44 -13.12 37.60
N TRP N 44 20.33 -14.00 38.59
CA TRP N 44 19.34 -13.86 39.65
C TRP N 44 19.60 -12.61 40.49
N GLN N 45 20.86 -12.39 40.82
CA GLN N 45 21.25 -11.21 41.61
C GLN N 45 20.96 -9.93 40.86
N LYS N 46 21.02 -10.01 39.53
CA LYS N 46 20.66 -8.89 38.68
C LYS N 46 19.14 -8.76 38.58
N ASN N 47 18.45 -9.88 38.79
CA ASN N 47 17.00 -9.94 38.60
C ASN N 47 16.16 -9.40 39.76
N PHE N 48 16.52 -9.72 41.00
CA PHE N 48 15.68 -9.30 42.12
C PHE N 48 15.91 -7.83 42.47
N LYS N 49 16.89 -7.21 41.83
CA LYS N 49 17.18 -5.80 42.06
C LYS N 49 16.40 -4.91 41.08
N ARG N 50 15.60 -5.52 40.22
CA ARG N 50 14.81 -4.78 39.25
C ARG N 50 13.59 -4.13 39.88
N ILE N 51 13.41 -2.83 39.64
CA ILE N 51 12.32 -2.08 40.24
C ILE N 51 10.98 -2.30 39.52
N SER N 52 11.06 -2.64 38.23
CA SER N 52 9.88 -2.89 37.40
C SER N 52 8.91 -1.70 37.42
N TYR N 53 9.44 -0.50 37.23
CA TYR N 53 8.63 0.71 37.26
C TYR N 53 8.16 1.16 35.88
N ALA N 54 8.47 0.37 34.86
CA ALA N 54 8.06 0.68 33.50
C ALA N 54 6.54 0.74 33.39
N LYS N 55 6.02 1.84 32.87
CA LYS N 55 4.57 2.05 32.79
C LYS N 55 4.14 2.70 31.47
N THR N 56 2.95 2.35 31.03
CA THR N 56 2.34 2.94 29.83
C THR N 56 0.83 3.01 30.02
N LYS N 57 0.11 3.35 28.97
CA LYS N 57 -1.36 3.38 29.03
C LYS N 57 -2.01 2.66 27.86
N THR N 58 -2.75 1.61 28.16
CA THR N 58 -3.56 0.91 27.17
C THR N 58 -4.72 1.81 26.74
N ARG N 59 -5.33 1.49 25.60
CA ARG N 59 -6.41 2.29 25.04
C ARG N 59 -7.55 2.56 26.03
N ALA N 60 -7.72 1.66 27.00
CA ALA N 60 -8.75 1.83 28.03
C ALA N 60 -8.32 2.85 29.07
N GLU N 61 -7.01 3.04 29.23
CA GLU N 61 -6.48 3.96 30.23
C GLU N 61 -6.22 5.34 29.65
N VAL N 62 -6.48 5.51 28.36
CA VAL N 62 -6.27 6.78 27.69
C VAL N 62 -7.35 7.79 28.07
N ARG N 63 -6.94 9.04 28.29
CA ARG N 63 -7.86 10.11 28.68
C ARG N 63 -8.92 10.39 27.62
N GLY N 64 -8.61 10.05 26.37
CA GLY N 64 -9.52 10.28 25.27
C GLY N 64 -10.85 9.56 25.41
N GLY N 65 -11.88 10.08 24.73
CA GLY N 65 -13.20 9.51 24.81
C GLY N 65 -13.39 8.31 23.89
N GLY N 66 -14.52 7.63 24.04
CA GLY N 66 -14.82 6.47 23.23
C GLY N 66 -15.86 6.72 22.16
N ARG N 67 -16.08 8.00 21.84
CA ARG N 67 -17.06 8.39 20.84
C ARG N 67 -16.55 8.07 19.43
N LYS N 68 -17.49 7.72 18.54
CA LYS N 68 -17.14 7.44 17.16
C LYS N 68 -16.95 8.75 16.39
N PRO N 69 -15.80 8.89 15.71
CA PRO N 69 -15.42 10.14 15.03
C PRO N 69 -16.30 10.47 13.83
N TRP N 70 -17.02 9.48 13.32
CA TRP N 70 -17.87 9.65 12.14
C TRP N 70 -18.66 8.39 11.85
N VAL N 71 -19.57 8.46 10.89
CA VAL N 71 -20.42 7.32 10.54
C VAL N 71 -19.61 6.17 9.96
N GLN N 72 -20.15 4.97 10.08
CA GLN N 72 -19.47 3.77 9.61
C GLN N 72 -19.41 3.73 8.09
N LYS N 73 -20.54 4.01 7.44
CA LYS N 73 -20.61 3.97 5.98
C LYS N 73 -21.12 5.28 5.41
N GLY N 74 -20.70 5.59 4.19
CA GLY N 74 -21.14 6.79 3.51
C GLY N 74 -20.19 7.96 3.67
N SER N 75 -19.34 7.88 4.69
CA SER N 75 -18.39 8.95 4.97
C SER N 75 -17.27 9.00 3.94
N GLY N 76 -16.93 7.83 3.40
CA GLY N 76 -15.85 7.75 2.42
C GLY N 76 -14.52 7.42 3.08
N ARG N 77 -14.48 7.59 4.40
CA ARG N 77 -13.28 7.30 5.17
C ARG N 77 -13.22 5.84 5.57
N ALA N 78 -12.15 5.45 6.25
CA ALA N 78 -11.99 4.08 6.73
C ALA N 78 -12.80 3.86 8.00
N ARG N 79 -13.15 2.60 8.25
CA ARG N 79 -13.86 2.24 9.48
C ARG N 79 -12.98 2.49 10.70
N HIS N 80 -13.51 3.22 11.67
CA HIS N 80 -12.74 3.57 12.86
C HIS N 80 -13.59 3.69 14.11
N GLY N 81 -13.00 3.27 15.24
CA GLY N 81 -13.61 3.41 16.54
C GLY N 81 -13.04 4.61 17.26
N SER N 82 -12.93 4.50 18.59
CA SER N 82 -12.36 5.56 19.40
C SER N 82 -10.95 5.93 18.96
N ILE N 83 -10.58 7.18 19.16
CA ILE N 83 -9.29 7.69 18.68
C ILE N 83 -8.14 7.31 19.61
N ARG N 84 -8.47 6.61 20.68
CA ARG N 84 -7.46 6.13 21.62
C ARG N 84 -6.95 4.74 21.22
N SER N 85 -7.43 4.25 20.08
CA SER N 85 -6.99 2.97 19.53
C SER N 85 -5.50 3.01 19.19
N PRO N 86 -4.81 1.87 19.37
CA PRO N 86 -3.38 1.77 19.06
C PRO N 86 -3.05 2.04 17.59
N ILE N 87 -4.05 1.93 16.72
CA ILE N 87 -3.87 2.22 15.30
C ILE N 87 -3.81 3.74 15.10
N TRP N 88 -4.30 4.47 16.09
CA TRP N 88 -4.26 5.93 16.08
C TRP N 88 -3.02 6.45 16.78
N ARG N 89 -2.46 7.55 16.29
CA ARG N 89 -1.27 8.15 16.87
C ARG N 89 -1.56 8.80 18.22
N GLY N 90 -2.83 8.87 18.59
CA GLY N 90 -3.23 9.41 19.87
C GLY N 90 -3.45 8.33 20.91
N GLY N 91 -3.21 7.09 20.51
CA GLY N 91 -3.41 5.96 21.40
C GLY N 91 -2.11 5.36 21.93
N GLY N 92 -2.24 4.34 22.77
CA GLY N 92 -1.09 3.68 23.35
C GLY N 92 -0.82 2.31 22.75
N VAL N 93 -0.17 1.45 23.52
CA VAL N 93 0.16 0.10 23.06
C VAL N 93 -0.49 -0.97 23.93
N ALA N 94 -0.93 -2.05 23.29
CA ALA N 94 -1.63 -3.14 23.98
C ALA N 94 -0.67 -4.07 24.72
N HIS N 95 0.45 -4.38 24.09
CA HIS N 95 1.41 -5.35 24.64
C HIS N 95 2.43 -4.68 25.55
N GLY N 96 2.26 -3.37 25.77
CA GLY N 96 3.21 -2.58 26.53
C GLY N 96 3.44 -3.01 27.96
N PRO N 97 4.51 -2.49 28.58
CA PRO N 97 4.97 -2.72 29.96
C PRO N 97 3.96 -2.30 31.03
N ARG N 98 2.92 -1.57 30.63
CA ARG N 98 1.98 -0.94 31.56
C ARG N 98 1.51 -1.85 32.69
N GLY N 99 1.15 -3.10 32.37
CA GLY N 99 0.84 -4.08 33.39
C GLY N 99 2.10 -4.40 34.18
N PRO N 100 2.05 -4.22 35.52
CA PRO N 100 3.25 -4.42 36.32
C PRO N 100 3.58 -5.89 36.56
N THR N 101 4.71 -6.16 37.20
CA THR N 101 5.15 -7.52 37.49
C THR N 101 6.33 -7.53 38.46
N SER N 102 6.83 -8.72 38.75
CA SER N 102 8.04 -8.88 39.55
C SER N 102 8.98 -9.88 38.87
N TYR N 103 10.17 -9.42 38.50
CA TYR N 103 11.09 -10.22 37.70
C TYR N 103 11.92 -11.20 38.55
N TYR N 104 11.76 -11.16 39.87
CA TYR N 104 12.55 -12.03 40.72
C TYR N 104 11.97 -13.44 40.79
N TYR N 105 12.69 -14.32 41.46
CA TYR N 105 12.24 -15.69 41.67
C TYR N 105 12.97 -16.31 42.86
N MET N 106 12.44 -17.42 43.38
CA MET N 106 13.04 -18.09 44.52
C MET N 106 14.04 -19.15 44.07
N LEU N 107 15.32 -18.90 44.36
CA LEU N 107 16.38 -19.83 44.00
C LEU N 107 16.70 -20.75 45.18
N PRO N 108 16.81 -22.06 44.92
CA PRO N 108 17.15 -23.06 45.94
C PRO N 108 18.42 -22.70 46.69
N MET N 109 18.45 -23.00 47.99
CA MET N 109 19.56 -22.64 48.86
C MET N 109 20.87 -23.31 48.45
N LYS N 110 20.78 -24.58 48.07
CA LYS N 110 21.96 -25.33 47.67
C LYS N 110 22.61 -24.74 46.42
N VAL N 111 21.80 -24.19 45.54
CA VAL N 111 22.29 -23.60 44.30
C VAL N 111 23.12 -22.35 44.54
N ARG N 112 22.57 -21.42 45.32
CA ARG N 112 23.25 -20.17 45.63
C ARG N 112 24.46 -20.40 46.54
N VAL N 113 24.32 -21.32 47.48
CA VAL N 113 25.42 -21.70 48.37
C VAL N 113 26.57 -22.29 47.58
N GLN N 114 26.27 -23.23 46.70
CA GLN N 114 27.27 -23.85 45.85
C GLN N 114 27.82 -22.81 44.88
N GLY N 115 27.03 -21.77 44.62
CA GLY N 115 27.47 -20.66 43.78
C GLY N 115 28.58 -19.87 44.44
N LEU N 116 28.34 -19.46 45.69
CA LEU N 116 29.34 -18.72 46.45
C LEU N 116 30.58 -19.59 46.68
N LYS N 117 30.35 -20.87 46.94
CA LYS N 117 31.43 -21.82 47.15
C LYS N 117 32.31 -21.95 45.92
N VAL N 118 31.69 -22.19 44.77
CA VAL N 118 32.40 -22.34 43.51
C VAL N 118 33.13 -21.06 43.14
N ALA N 119 32.49 -19.91 43.35
CA ALA N 119 33.12 -18.63 43.08
C ALA N 119 34.37 -18.44 43.94
N LEU N 120 34.24 -18.79 45.22
CA LEU N 120 35.37 -18.73 46.14
C LEU N 120 36.50 -19.64 45.68
N THR N 121 36.14 -20.80 45.12
CA THR N 121 37.12 -21.72 44.57
C THR N 121 37.84 -21.10 43.38
N VAL N 122 37.06 -20.42 42.53
CA VAL N 122 37.60 -19.73 41.35
C VAL N 122 38.63 -18.69 41.78
N LYS N 123 38.26 -17.85 42.74
CA LYS N 123 39.17 -16.82 43.22
C LYS N 123 40.40 -17.44 43.90
N LEU N 124 40.17 -18.55 44.59
CA LEU N 124 41.26 -19.29 45.24
C LEU N 124 42.32 -19.74 44.24
N ALA N 125 41.93 -20.63 43.32
CA ALA N 125 42.87 -21.25 42.39
C ALA N 125 43.44 -20.25 41.37
N GLN N 126 42.90 -19.04 41.36
CA GLN N 126 43.33 -18.02 40.41
C GLN N 126 44.48 -17.19 40.98
N ASP N 127 44.94 -17.58 42.17
CA ASP N 127 46.05 -16.93 42.87
C ASP N 127 45.68 -15.52 43.36
N ASP N 128 44.46 -15.09 43.05
CA ASP N 128 44.00 -13.76 43.43
C ASP N 128 43.51 -13.72 44.86
N LEU N 129 43.52 -14.87 45.53
CA LEU N 129 43.09 -14.96 46.92
C LEU N 129 44.29 -15.04 47.86
N HIS N 130 44.34 -14.13 48.83
CA HIS N 130 45.41 -14.12 49.81
C HIS N 130 44.87 -14.11 51.23
N ILE N 131 45.54 -14.83 52.12
CA ILE N 131 45.11 -14.92 53.52
C ILE N 131 46.12 -14.24 54.44
N VAL N 132 45.62 -13.46 55.38
CA VAL N 132 46.47 -12.73 56.32
C VAL N 132 46.00 -12.99 57.75
N ASP N 133 46.88 -12.72 58.72
CA ASP N 133 46.51 -12.85 60.13
C ASP N 133 45.69 -11.66 60.59
N SER N 134 46.09 -10.46 60.18
CA SER N 134 45.40 -9.23 60.56
C SER N 134 45.62 -8.11 59.56
N LEU N 135 45.16 -6.91 59.90
CA LEU N 135 45.31 -5.76 59.04
C LEU N 135 45.67 -4.51 59.85
N GLU N 136 46.66 -3.76 59.38
CA GLU N 136 47.12 -2.58 60.09
C GLU N 136 47.21 -1.35 59.18
N LEU N 137 46.61 -0.25 59.60
CA LEU N 137 46.72 0.99 58.83
C LEU N 137 46.95 2.17 59.76
N PRO N 138 48.19 2.28 60.28
CA PRO N 138 48.54 3.29 61.30
C PRO N 138 48.45 4.73 60.80
N THR N 139 48.92 4.98 59.57
CA THR N 139 48.95 6.32 59.03
C THR N 139 47.58 6.77 58.53
N ALA N 140 46.85 5.82 57.94
CA ALA N 140 45.48 6.05 57.46
C ALA N 140 45.38 7.21 56.47
N ASP N 141 45.98 7.04 55.30
CA ASP N 141 45.90 8.03 54.22
C ASP N 141 45.87 7.34 52.86
N PRO N 142 45.18 7.94 51.88
CA PRO N 142 45.04 7.39 50.53
C PRO N 142 46.38 7.09 49.85
N GLN N 143 47.34 8.00 50.01
CA GLN N 143 48.66 7.84 49.39
C GLN N 143 49.36 6.56 49.86
N TYR N 144 49.22 6.27 51.15
CA TYR N 144 49.81 5.07 51.74
C TYR N 144 49.22 3.81 51.13
N LEU N 145 47.89 3.80 50.99
CA LEU N 145 47.18 2.66 50.42
C LEU N 145 47.56 2.45 48.95
N ILE N 146 47.60 3.55 48.20
CA ILE N 146 47.96 3.49 46.78
C ILE N 146 49.38 2.98 46.59
N GLU N 147 50.33 3.56 47.32
CA GLU N 147 51.73 3.16 47.21
C GLU N 147 51.93 1.74 47.72
N LEU N 148 51.05 1.31 48.63
CA LEU N 148 51.10 -0.06 49.12
C LEU N 148 50.66 -1.03 48.05
N ALA N 149 49.57 -0.69 47.37
CA ALA N 149 49.04 -1.52 46.29
C ALA N 149 50.00 -1.57 45.11
N ARG N 150 50.73 -0.47 44.89
CA ARG N 150 51.68 -0.39 43.79
C ARG N 150 52.98 -1.11 44.10
N TYR N 151 53.45 -1.01 45.34
CA TYR N 151 54.70 -1.63 45.74
C TYR N 151 54.56 -3.14 45.90
N ARG N 152 53.47 -3.56 46.57
CA ARG N 152 53.24 -4.98 46.80
C ARG N 152 52.70 -5.67 45.55
N ARG N 153 52.39 -4.87 44.53
CA ARG N 153 51.90 -5.36 43.25
C ARG N 153 50.63 -6.21 43.40
N TRP N 154 49.62 -5.64 44.06
CA TRP N 154 48.33 -6.29 44.18
C TRP N 154 47.55 -6.18 42.86
N GLY N 155 46.33 -6.70 42.87
CA GLY N 155 45.49 -6.65 41.68
C GLY N 155 44.96 -5.25 41.39
N ASP N 156 44.38 -5.07 40.21
CA ASP N 156 43.82 -3.79 39.82
C ASP N 156 42.59 -3.46 40.66
N SER N 157 41.83 -4.51 41.02
CA SER N 157 40.67 -4.34 41.89
C SER N 157 40.72 -5.37 43.02
N VAL N 158 40.81 -4.88 44.25
CA VAL N 158 40.94 -5.75 45.41
C VAL N 158 39.80 -5.57 46.40
N LEU N 159 39.13 -6.67 46.71
CA LEU N 159 38.05 -6.65 47.71
C LEU N 159 38.57 -7.08 49.07
N LEU N 160 38.55 -6.17 50.03
CA LEU N 160 39.04 -6.44 51.36
C LEU N 160 37.92 -6.87 52.31
N VAL N 161 37.94 -8.14 52.72
CA VAL N 161 37.01 -8.60 53.73
C VAL N 161 37.77 -8.98 55.00
N ASP N 162 37.65 -8.14 56.02
CA ASP N 162 38.39 -8.34 57.26
C ASP N 162 37.51 -8.21 58.49
N LEU N 163 37.01 -7.00 58.70
CA LEU N 163 36.37 -6.59 59.94
C LEU N 163 35.02 -7.27 60.21
N GLU N 164 34.65 -7.31 61.49
CA GLU N 164 33.34 -7.78 61.93
C GLU N 164 32.36 -6.62 62.03
N HIS N 165 32.83 -5.44 61.61
CA HIS N 165 32.07 -4.18 61.55
C HIS N 165 31.90 -3.53 62.93
N GLU N 166 32.34 -4.23 63.98
CA GLU N 166 32.18 -3.73 65.34
C GLU N 166 33.41 -3.02 65.93
N ASP N 167 34.49 -2.91 65.17
CA ASP N 167 35.73 -2.39 65.72
C ASP N 167 36.65 -1.75 64.67
N MET N 168 37.88 -1.43 65.07
CA MET N 168 38.93 -0.93 64.19
C MET N 168 38.52 0.25 63.30
N PRO N 169 38.37 1.44 63.90
CA PRO N 169 38.01 2.65 63.15
C PRO N 169 39.12 3.11 62.20
N GLN N 170 40.38 3.02 62.66
CA GLN N 170 41.52 3.55 61.92
C GLN N 170 41.62 3.02 60.49
N ASN N 171 41.24 1.76 60.30
CA ASN N 171 41.25 1.15 58.99
C ASN N 171 40.08 1.64 58.14
N VAL N 172 38.87 1.36 58.61
CA VAL N 172 37.63 1.72 57.92
C VAL N 172 37.58 3.18 57.46
N VAL N 173 37.99 4.09 58.33
CA VAL N 173 37.96 5.51 58.03
C VAL N 173 38.73 5.86 56.74
N ALA N 174 39.94 5.34 56.63
CA ALA N 174 40.77 5.60 55.46
C ALA N 174 40.36 4.74 54.26
N ALA N 175 39.86 3.54 54.53
CA ALA N 175 39.53 2.59 53.48
C ALA N 175 38.23 2.91 52.77
N THR N 176 37.29 3.52 53.49
CA THR N 176 35.97 3.82 52.94
C THR N 176 35.91 5.23 52.37
N SER N 177 37.02 5.95 52.48
CA SER N 177 37.05 7.34 52.03
C SER N 177 37.73 7.52 50.68
N GLY N 178 36.93 7.84 49.66
CA GLY N 178 37.42 8.14 48.33
C GLY N 178 38.37 7.14 47.71
N LEU N 179 37.97 5.87 47.71
CA LEU N 179 38.80 4.83 47.11
C LEU N 179 38.02 4.00 46.10
N LYS N 180 38.40 4.11 44.83
CA LYS N 180 37.76 3.34 43.76
C LYS N 180 38.31 1.92 43.68
N THR N 181 39.61 1.79 43.90
CA THR N 181 40.29 0.49 43.77
C THR N 181 39.85 -0.51 44.82
N PHE N 182 39.95 -0.13 46.09
CA PHE N 182 39.64 -1.03 47.19
C PHE N 182 38.21 -0.87 47.69
N ASN N 183 37.58 -1.99 48.03
CA ASN N 183 36.22 -1.98 48.58
C ASN N 183 36.19 -2.66 49.94
N LEU N 184 35.31 -2.17 50.81
CA LEU N 184 35.21 -2.69 52.17
C LEU N 184 33.86 -3.37 52.41
N VAL N 185 33.85 -4.33 53.33
CA VAL N 185 32.66 -5.14 53.64
C VAL N 185 32.98 -6.08 54.80
N PRO N 186 32.03 -6.20 55.75
CA PRO N 186 32.22 -7.08 56.91
C PRO N 186 32.30 -8.56 56.53
N ALA N 187 32.83 -9.37 57.43
CA ALA N 187 32.99 -10.81 57.19
C ALA N 187 31.65 -11.52 57.10
N VAL N 188 30.66 -11.00 57.83
CA VAL N 188 29.33 -11.59 57.82
C VAL N 188 28.51 -11.08 56.65
N GLY N 189 29.04 -10.08 55.95
CA GLY N 189 28.35 -9.50 54.81
C GLY N 189 28.98 -9.89 53.49
N LEU N 190 29.85 -10.90 53.52
CA LEU N 190 30.53 -11.36 52.32
C LEU N 190 29.56 -12.07 51.37
N ASN N 191 29.57 -11.65 50.11
CA ASN N 191 28.70 -12.23 49.10
C ASN N 191 29.43 -12.53 47.81
N VAL N 192 28.80 -13.32 46.94
CA VAL N 192 29.42 -13.73 45.68
C VAL N 192 29.49 -12.57 44.69
N HIS N 193 28.48 -11.71 44.71
CA HIS N 193 28.43 -10.53 43.84
C HIS N 193 29.64 -9.63 44.03
N SER N 194 30.00 -9.42 45.30
CA SER N 194 31.15 -8.59 45.65
C SER N 194 32.46 -9.21 45.19
N MET N 195 32.54 -10.54 45.27
CA MET N 195 33.74 -11.26 44.87
C MET N 195 33.92 -11.22 43.35
N LEU N 196 32.83 -11.44 42.62
CA LEU N 196 32.86 -11.42 41.16
C LEU N 196 33.05 -10.01 40.63
N LYS N 197 32.74 -9.02 41.45
CA LYS N 197 32.93 -7.62 41.05
C LYS N 197 34.42 -7.24 41.00
N HIS N 198 35.25 -7.93 41.79
CA HIS N 198 36.66 -7.59 41.89
C HIS N 198 37.56 -8.72 41.36
N GLN N 199 38.75 -8.36 40.92
CA GLN N 199 39.68 -9.32 40.34
C GLN N 199 40.62 -9.94 41.37
N THR N 200 40.58 -9.42 42.60
CA THR N 200 41.49 -9.89 43.65
C THR N 200 40.80 -9.92 45.02
N LEU N 201 41.02 -11.01 45.75
CA LEU N 201 40.43 -11.17 47.08
C LEU N 201 41.49 -11.27 48.18
N VAL N 202 41.28 -10.52 49.25
CA VAL N 202 42.16 -10.57 50.41
C VAL N 202 41.35 -10.77 51.69
N LEU N 203 41.58 -11.89 52.37
CA LEU N 203 40.84 -12.23 53.58
C LEU N 203 41.77 -12.34 54.78
N THR N 204 41.22 -12.12 55.98
CA THR N 204 42.01 -12.29 57.20
C THR N 204 41.65 -13.60 57.89
N LEU N 205 42.31 -13.88 59.01
CA LEU N 205 42.12 -15.16 59.71
C LEU N 205 40.71 -15.34 60.29
N PRO N 206 40.17 -14.32 61.00
CA PRO N 206 38.79 -14.51 61.48
C PRO N 206 37.79 -14.63 60.34
N THR N 207 37.98 -13.84 59.28
CA THR N 207 37.11 -13.89 58.12
C THR N 207 37.11 -15.28 57.49
N VAL N 208 38.30 -15.83 57.28
CA VAL N 208 38.44 -17.18 56.74
C VAL N 208 37.82 -18.20 57.68
N ALA N 209 37.95 -17.97 58.98
CA ALA N 209 37.37 -18.86 59.99
C ALA N 209 35.85 -18.93 59.87
N PHE N 210 35.19 -17.78 59.95
CA PHE N 210 33.73 -17.72 59.87
C PHE N 210 33.24 -18.20 58.50
N LEU N 211 34.00 -17.87 57.47
CA LEU N 211 33.64 -18.27 56.10
C LEU N 211 33.67 -19.78 55.94
N GLU N 212 34.75 -20.40 56.40
CA GLU N 212 34.89 -21.84 56.27
C GLU N 212 33.91 -22.57 57.19
N GLU N 213 33.56 -21.92 58.30
CA GLU N 213 32.56 -22.49 59.21
C GLU N 213 31.18 -22.51 58.53
N LYS N 214 30.78 -21.36 58.00
CA LYS N 214 29.51 -21.24 57.30
C LYS N 214 29.43 -22.16 56.09
N LEU N 215 30.52 -22.25 55.34
CA LEU N 215 30.53 -23.04 54.12
C LEU N 215 30.62 -24.53 54.39
N UNK N 216 31.26 -24.91 55.49
CA UNK N 216 31.34 -26.31 55.86
C UNK N 216 30.02 -26.74 56.45
N UNK N 217 29.33 -25.83 57.12
CA UNK N 217 28.05 -26.18 57.72
C UNK N 217 26.99 -26.26 56.64
N UNK N 218 27.13 -25.44 55.60
CA UNK N 218 26.16 -25.49 54.52
C UNK N 218 26.44 -26.66 53.61
N UNK N 219 27.71 -27.05 53.47
CA UNK N 219 28.03 -28.20 52.65
C UNK N 219 27.63 -29.45 53.37
N UNK N 220 27.71 -29.44 54.70
CA UNK N 220 27.35 -30.61 55.47
C UNK N 220 25.85 -30.71 55.55
N UNK N 221 25.15 -29.58 55.45
CA UNK N 221 23.70 -29.60 55.48
C UNK N 221 23.16 -29.97 54.13
N UNK N 222 23.93 -29.72 53.07
CA UNK N 222 23.48 -30.06 51.73
C UNK N 222 23.81 -31.49 51.42
N UNK N 223 24.84 -32.05 52.03
CA UNK N 223 25.21 -33.43 51.77
C UNK N 223 24.32 -34.37 52.54
N UNK N 224 23.83 -33.94 53.71
CA UNK N 224 22.99 -34.78 54.54
C UNK N 224 21.55 -34.61 54.11
N LEU O 94 -54.50 -11.42 75.71
CA LEU O 94 -53.50 -11.61 76.75
C LEU O 94 -54.13 -11.60 78.14
N GLU O 95 -53.35 -11.95 79.14
CA GLU O 95 -53.82 -11.97 80.52
C GLU O 95 -53.90 -10.55 81.08
N LEU O 96 -55.08 -10.18 81.57
CA LEU O 96 -55.31 -8.82 82.07
C LEU O 96 -55.89 -8.82 83.48
N VAL O 97 -55.61 -7.76 84.22
CA VAL O 97 -56.13 -7.59 85.57
C VAL O 97 -57.20 -6.50 85.60
N LEU O 98 -58.45 -6.91 85.83
CA LEU O 98 -59.58 -5.98 85.84
C LEU O 98 -59.57 -5.08 87.07
N THR O 99 -59.71 -3.78 86.85
CA THR O 99 -59.83 -2.84 87.96
C THR O 99 -61.26 -2.81 88.48
N GLN O 100 -62.19 -3.25 87.63
CA GLN O 100 -63.61 -3.30 87.99
C GLN O 100 -64.27 -4.57 87.47
N SER O 101 -65.47 -4.86 87.96
CA SER O 101 -66.21 -6.03 87.51
C SER O 101 -67.19 -5.67 86.39
N VAL O 102 -66.93 -6.18 85.19
CA VAL O 102 -67.76 -5.88 84.03
C VAL O 102 -68.24 -7.17 83.35
N GLU O 103 -69.55 -7.27 83.16
CA GLU O 103 -70.16 -8.45 82.55
C GLU O 103 -69.76 -9.73 83.26
N GLU O 104 -69.47 -10.78 82.49
CA GLU O 104 -68.97 -12.02 83.08
C GLU O 104 -67.54 -12.31 82.66
N LEU O 105 -66.61 -12.08 83.59
CA LEU O 105 -65.22 -12.49 83.42
C LEU O 105 -64.75 -13.19 84.69
N GLY O 106 -64.70 -12.41 85.77
CA GLY O 106 -64.34 -12.92 87.08
C GLY O 106 -64.58 -11.83 88.11
N VAL O 107 -64.14 -12.06 89.34
CA VAL O 107 -64.25 -11.05 90.39
C VAL O 107 -63.31 -9.87 90.08
N ARG O 108 -63.59 -8.72 90.67
CA ARG O 108 -62.74 -7.55 90.45
C ARG O 108 -61.34 -7.79 90.98
N GLY O 109 -60.34 -7.29 90.25
CA GLY O 109 -58.95 -7.46 90.65
C GLY O 109 -58.33 -8.73 90.11
N ASP O 110 -59.17 -9.69 89.74
CA ASP O 110 -58.69 -10.99 89.29
C ASP O 110 -57.97 -10.90 87.94
N LEU O 111 -57.14 -11.89 87.66
CA LEU O 111 -56.40 -11.96 86.41
C LEU O 111 -57.03 -12.95 85.45
N VAL O 112 -57.61 -12.45 84.37
CA VAL O 112 -58.27 -13.31 83.39
C VAL O 112 -57.80 -13.00 81.96
N SER O 113 -57.82 -14.00 81.10
CA SER O 113 -57.40 -13.84 79.72
C SER O 113 -58.58 -13.58 78.80
N VAL O 114 -58.64 -12.36 78.26
CA VAL O 114 -59.71 -11.98 77.35
C VAL O 114 -59.22 -11.93 75.90
N LYS O 115 -60.10 -11.54 74.99
CA LYS O 115 -59.75 -11.41 73.59
C LYS O 115 -58.83 -10.22 73.37
N LYS O 116 -58.09 -10.24 72.25
CA LYS O 116 -57.14 -9.18 71.95
C LYS O 116 -57.83 -7.85 71.63
N SER O 117 -58.88 -7.91 70.82
CA SER O 117 -59.61 -6.71 70.42
C SER O 117 -60.36 -6.09 71.58
N VAL O 118 -61.17 -6.92 72.25
CA VAL O 118 -61.95 -6.47 73.41
C VAL O 118 -61.03 -5.95 74.51
N GLY O 119 -59.91 -6.64 74.71
CA GLY O 119 -58.95 -6.25 75.72
C GLY O 119 -58.25 -4.94 75.43
N ARG O 120 -57.65 -4.84 74.26
CA ARG O 120 -56.81 -3.68 73.93
C ARG O 120 -57.60 -2.43 73.55
N ASN O 121 -58.77 -2.61 72.96
CA ASN O 121 -59.55 -1.46 72.47
C ASN O 121 -60.52 -0.91 73.50
N ARG O 122 -60.68 -1.62 74.62
CA ARG O 122 -61.64 -1.21 75.64
C ARG O 122 -61.03 -1.11 77.03
N LEU O 123 -60.57 -2.25 77.56
CA LEU O 123 -60.10 -2.35 78.93
C LEU O 123 -58.92 -1.41 79.23
N LEU O 124 -57.88 -1.51 78.42
CA LEU O 124 -56.65 -0.73 78.65
C LEU O 124 -56.82 0.79 78.50
N PRO O 125 -57.38 1.26 77.37
CA PRO O 125 -57.41 2.72 77.22
C PRO O 125 -58.39 3.42 78.18
N GLN O 126 -59.43 2.72 78.58
CA GLN O 126 -60.44 3.30 79.46
C GLN O 126 -60.08 3.10 80.93
N GLY O 127 -58.97 2.40 81.18
CA GLY O 127 -58.51 2.14 82.53
C GLY O 127 -59.36 1.08 83.22
N LEU O 128 -60.10 0.32 82.44
CA LEU O 128 -60.94 -0.74 82.98
C LEU O 128 -60.09 -1.91 83.49
N ALA O 129 -58.91 -2.07 82.89
CA ALA O 129 -58.00 -3.13 83.31
C ALA O 129 -56.54 -2.77 83.02
N VAL O 130 -55.63 -3.65 83.42
CA VAL O 130 -54.20 -3.45 83.20
C VAL O 130 -53.60 -4.73 82.63
N TYR O 131 -52.36 -4.64 82.15
CA TYR O 131 -51.65 -5.84 81.67
C TYR O 131 -51.23 -6.69 82.86
N ALA O 132 -50.55 -7.80 82.60
CA ALA O 132 -50.14 -8.68 83.68
C ALA O 132 -48.67 -8.50 84.03
N SER O 133 -48.44 -7.84 85.17
CA SER O 133 -47.11 -7.67 85.73
C SER O 133 -47.04 -8.31 87.11
N PRO O 134 -46.16 -9.31 87.29
CA PRO O 134 -45.98 -9.99 88.57
C PRO O 134 -45.85 -9.03 89.75
N GLU O 135 -45.23 -7.88 89.51
CA GLU O 135 -45.13 -6.81 90.49
C GLU O 135 -46.50 -6.43 91.05
N ASN O 136 -47.39 -5.95 90.19
CA ASN O 136 -48.74 -5.59 90.61
C ASN O 136 -49.67 -6.80 90.71
N LYS O 137 -49.15 -7.97 90.33
CA LYS O 137 -49.88 -9.21 90.55
C LYS O 137 -49.74 -9.58 92.03
N LYS O 138 -48.64 -9.14 92.63
CA LYS O 138 -48.50 -9.24 94.08
C LYS O 138 -49.57 -8.36 94.73
N LEU O 139 -49.86 -7.22 94.11
CA LEU O 139 -50.92 -6.33 94.57
C LEU O 139 -52.27 -7.00 94.38
N PHE O 140 -52.41 -7.77 93.31
CA PHE O 140 -53.59 -8.61 93.09
C PHE O 140 -53.79 -9.53 94.29
N GLU O 141 -52.81 -10.40 94.54
CA GLU O 141 -52.87 -11.34 95.66
C GLU O 141 -53.10 -10.65 97.00
N GLU O 142 -52.59 -9.43 97.12
CA GLU O 142 -52.69 -8.67 98.38
C GLU O 142 -54.12 -8.18 98.58
N GLU O 143 -54.59 -7.32 97.68
CA GLU O 143 -55.94 -6.80 97.72
C GLU O 143 -56.97 -7.92 97.82
N LYS O 144 -56.73 -9.02 97.12
CA LYS O 144 -57.60 -10.18 97.17
C LYS O 144 -57.58 -10.84 98.55
N LEU O 145 -56.39 -10.90 99.15
CA LEU O 145 -56.24 -11.48 100.48
C LEU O 145 -56.95 -10.63 101.53
N LEU O 146 -56.87 -9.32 101.38
CA LEU O 146 -57.48 -8.38 102.33
C LEU O 146 -58.96 -8.16 102.01
N ARG O 147 -59.41 -8.71 100.90
CA ARG O 147 -60.80 -8.58 100.49
C ARG O 147 -61.70 -9.48 101.32
N GLN O 148 -61.49 -10.79 101.22
CA GLN O 148 -62.27 -11.77 101.97
C GLN O 148 -61.95 -11.73 103.47
N GLU O 149 -60.90 -11.00 103.82
CA GLU O 149 -60.48 -10.87 105.22
C GLU O 149 -61.41 -9.94 105.98
N GLY O 150 -61.40 -8.67 105.61
CA GLY O 150 -62.25 -7.67 106.24
C GLY O 150 -63.71 -7.81 105.85
N MET P 1 47.46 -12.90 -31.87
CA MET P 1 46.87 -11.70 -31.32
C MET P 1 46.53 -11.86 -29.84
N SER P 2 45.45 -11.23 -29.39
CA SER P 2 45.08 -11.27 -27.98
C SER P 2 43.57 -11.34 -27.77
N SER P 3 43.15 -12.16 -26.82
CA SER P 3 41.74 -12.28 -26.43
C SER P 3 41.65 -12.38 -24.91
N PHE P 4 40.67 -11.70 -24.32
CA PHE P 4 40.61 -11.60 -22.87
C PHE P 4 39.23 -11.87 -22.26
N SER P 5 39.20 -12.85 -21.35
CA SER P 5 38.07 -13.08 -20.44
C SER P 5 36.71 -13.28 -21.10
N LYS P 6 36.55 -14.38 -21.82
CA LYS P 6 35.24 -14.84 -22.29
C LYS P 6 34.41 -13.78 -23.02
N ALA P 7 34.83 -13.41 -24.22
CA ALA P 7 34.07 -12.41 -24.98
C ALA P 7 33.67 -12.92 -26.36
N PRO P 8 32.46 -12.58 -26.80
CA PRO P 8 32.00 -12.87 -28.16
C PRO P 8 32.77 -12.01 -29.16
N GLN P 9 32.90 -12.47 -30.40
CA GLN P 9 33.73 -11.73 -31.35
C GLN P 9 32.92 -10.92 -32.35
N GLN P 10 32.92 -9.61 -32.15
CA GLN P 10 32.48 -8.64 -33.13
C GLN P 10 33.32 -7.38 -32.95
N TRP P 11 33.81 -6.81 -34.05
CA TRP P 11 34.72 -5.67 -33.95
C TRP P 11 33.98 -4.34 -34.05
N ALA P 12 33.57 -3.96 -35.26
CA ALA P 12 32.76 -2.76 -35.43
C ALA P 12 31.54 -3.01 -36.31
N THR P 13 31.78 -3.14 -37.61
CA THR P 13 30.76 -3.34 -38.64
C THR P 13 31.51 -3.37 -39.98
N PHE P 14 30.89 -3.93 -41.02
CA PHE P 14 31.50 -3.92 -42.35
C PHE P 14 30.55 -3.40 -43.41
N ALA P 15 31.02 -3.34 -44.65
CA ALA P 15 30.23 -2.85 -45.77
C ALA P 15 29.47 -3.98 -46.45
N ARG P 16 28.21 -3.73 -46.77
CA ARG P 16 27.36 -4.72 -47.41
C ARG P 16 27.72 -4.91 -48.87
N VAL P 17 27.48 -6.11 -49.39
CA VAL P 17 27.75 -6.42 -50.79
C VAL P 17 26.44 -6.55 -51.57
N TRP P 18 26.35 -5.85 -52.69
CA TRP P 18 25.14 -5.88 -53.51
C TRP P 18 25.09 -7.13 -54.38
N TYR P 19 23.94 -7.80 -54.39
CA TYR P 19 23.79 -9.04 -55.15
C TYR P 19 22.70 -8.93 -56.22
N LEU P 20 22.78 -9.80 -57.23
CA LEU P 20 21.82 -9.81 -58.32
C LEU P 20 21.15 -11.17 -58.43
N LEU P 21 19.83 -11.18 -58.52
CA LEU P 21 19.07 -12.43 -58.65
C LEU P 21 18.20 -12.45 -59.88
N ASP P 22 18.31 -13.52 -60.66
CA ASP P 22 17.58 -13.66 -61.92
C ASP P 22 16.12 -14.08 -61.71
N GLY P 23 15.27 -13.70 -62.66
CA GLY P 23 13.86 -14.05 -62.67
C GLY P 23 13.60 -15.29 -63.51
N LYS P 24 12.48 -15.27 -64.23
CA LYS P 24 12.15 -16.31 -65.22
C LYS P 24 11.96 -17.72 -64.64
N MET P 25 10.77 -17.92 -64.05
CA MET P 25 10.21 -19.23 -63.70
C MET P 25 10.59 -19.79 -62.33
N GLN P 26 11.44 -19.10 -61.60
CA GLN P 26 11.72 -19.49 -60.22
C GLN P 26 10.47 -19.27 -59.36
N PRO P 27 10.15 -20.25 -58.49
CA PRO P 27 8.96 -20.21 -57.64
C PRO P 27 8.95 -19.03 -56.66
N PRO P 28 7.81 -18.30 -56.61
CA PRO P 28 7.64 -17.17 -55.69
C PRO P 28 7.61 -17.61 -54.22
N GLY P 29 8.37 -16.94 -53.38
CA GLY P 29 8.41 -17.28 -51.97
C GLY P 29 9.48 -18.31 -51.67
N LYS P 30 9.85 -19.08 -52.69
CA LYS P 30 10.95 -20.02 -52.58
C LYS P 30 12.26 -19.25 -52.73
N LEU P 31 12.20 -18.20 -53.55
CA LEU P 31 13.31 -17.28 -53.71
C LEU P 31 13.37 -16.33 -52.51
N ALA P 32 12.20 -15.98 -51.99
CA ALA P 32 12.09 -15.04 -50.88
C ALA P 32 12.79 -15.55 -49.64
N ALA P 33 12.84 -16.87 -49.48
CA ALA P 33 13.51 -17.49 -48.34
C ALA P 33 15.00 -17.18 -48.34
N MET P 34 15.68 -17.54 -49.42
CA MET P 34 17.12 -17.33 -49.54
C MET P 34 17.45 -15.85 -49.67
N ALA P 35 16.52 -15.08 -50.24
CA ALA P 35 16.69 -13.64 -50.36
C ALA P 35 16.60 -13.00 -48.97
N SER P 36 15.82 -13.62 -48.09
CA SER P 36 15.71 -13.16 -46.71
C SER P 36 16.92 -13.61 -45.91
N VAL P 37 17.50 -14.74 -46.31
CA VAL P 37 18.74 -15.22 -45.72
C VAL P 37 19.86 -14.23 -46.03
N LYS P 38 19.91 -13.78 -47.29
CA LYS P 38 20.90 -12.80 -47.70
C LYS P 38 20.59 -11.42 -47.12
N LEU P 39 19.31 -11.17 -46.88
CA LEU P 39 18.86 -9.90 -46.31
C LEU P 39 19.27 -9.78 -44.84
N GLN P 40 19.17 -10.90 -44.13
CA GLN P 40 19.56 -10.95 -42.72
C GLN P 40 21.06 -11.04 -42.55
N GLY P 41 21.73 -11.65 -43.53
CA GLY P 41 23.16 -11.85 -43.48
C GLY P 41 23.51 -13.18 -42.83
N LEU P 42 22.55 -14.12 -42.87
CA LEU P 42 22.75 -15.43 -42.27
C LEU P 42 23.74 -16.29 -43.05
N HIS P 43 24.12 -15.82 -44.24
CA HIS P 43 25.07 -16.55 -45.08
C HIS P 43 26.50 -16.17 -44.75
N LYS P 44 26.66 -15.19 -43.87
CA LYS P 44 27.98 -14.72 -43.47
C LYS P 44 28.37 -15.20 -42.07
N PRO P 45 29.55 -15.83 -41.95
CA PRO P 45 30.07 -16.33 -40.67
C PRO P 45 30.29 -15.22 -39.63
N VAL P 46 30.31 -13.96 -40.09
CA VAL P 46 30.52 -12.83 -39.20
C VAL P 46 29.20 -12.23 -38.71
N TYR P 47 28.10 -12.90 -39.05
CA TYR P 47 26.76 -12.41 -38.74
C TYR P 47 26.52 -12.09 -37.26
N HIS P 48 25.84 -10.97 -37.02
CA HIS P 48 25.39 -10.59 -35.69
C HIS P 48 23.95 -10.10 -35.75
N GLN P 49 23.19 -10.35 -34.69
CA GLN P 49 21.78 -9.99 -34.67
C GLN P 49 21.56 -8.48 -34.60
N LEU P 50 22.25 -7.82 -33.67
CA LEU P 50 22.07 -6.40 -33.43
C LEU P 50 22.77 -5.53 -34.46
N SER P 51 23.90 -6.02 -34.99
CA SER P 51 24.72 -5.24 -35.91
C SER P 51 24.04 -4.96 -37.24
N ASP P 52 23.10 -5.82 -37.62
CA ASP P 52 22.40 -5.72 -38.91
C ASP P 52 23.41 -5.70 -40.05
N CYS P 53 24.07 -6.84 -40.26
CA CYS P 53 25.14 -6.94 -41.26
C CYS P 53 24.62 -7.37 -42.62
N GLY P 54 23.29 -7.47 -42.74
CA GLY P 54 22.67 -7.94 -43.96
C GLY P 54 23.04 -7.14 -45.20
N ASP P 55 22.98 -7.81 -46.35
CA ASP P 55 23.40 -7.21 -47.62
C ASP P 55 22.25 -6.57 -48.38
N HIS P 56 22.54 -6.12 -49.59
CA HIS P 56 21.55 -5.47 -50.45
C HIS P 56 21.25 -6.35 -51.66
N VAL P 57 20.03 -6.85 -51.73
CA VAL P 57 19.64 -7.77 -52.79
C VAL P 57 18.79 -7.11 -53.87
N VAL P 58 19.21 -7.25 -55.12
CA VAL P 58 18.45 -6.73 -56.24
C VAL P 58 18.00 -7.87 -57.16
N ILE P 59 16.68 -8.01 -57.31
CA ILE P 59 16.13 -9.08 -58.13
C ILE P 59 15.48 -8.52 -59.39
N MET P 60 15.60 -9.25 -60.49
CA MET P 60 15.10 -8.79 -61.79
C MET P 60 14.06 -9.76 -62.35
N ASN P 61 13.26 -9.28 -63.29
CA ASN P 61 12.22 -10.08 -63.94
C ASN P 61 11.23 -10.72 -62.96
N THR P 62 10.63 -9.89 -62.12
CA THR P 62 9.67 -10.35 -61.13
C THR P 62 8.33 -10.73 -61.75
N ARG P 63 8.06 -10.21 -62.95
CA ARG P 63 6.81 -10.51 -63.64
C ARG P 63 6.89 -11.86 -64.35
N HIS P 64 8.11 -12.37 -64.50
CA HIS P 64 8.33 -13.65 -65.16
C HIS P 64 8.29 -14.78 -64.13
N ILE P 65 7.98 -14.43 -62.89
CA ILE P 65 7.86 -15.40 -61.81
C ILE P 65 6.75 -16.40 -62.14
N ALA P 66 6.90 -17.63 -61.68
CA ALA P 66 5.92 -18.68 -61.98
C ALA P 66 5.48 -19.43 -60.74
N PHE P 67 4.20 -19.29 -60.39
CA PHE P 67 3.62 -20.00 -59.26
C PHE P 67 2.96 -21.28 -59.75
N SER P 68 3.22 -22.39 -59.07
CA SER P 68 2.68 -23.68 -59.46
C SER P 68 1.23 -23.85 -59.00
N GLY P 69 0.64 -24.98 -59.37
CA GLY P 69 -0.73 -25.29 -58.97
C GLY P 69 -1.77 -24.33 -59.52
N ASN P 70 -2.95 -24.35 -58.91
CA ASN P 70 -4.04 -23.47 -59.30
C ASN P 70 -4.01 -22.16 -58.52
N LYS P 71 -2.95 -21.98 -57.74
CA LYS P 71 -2.83 -20.83 -56.84
C LYS P 71 -2.82 -19.47 -57.54
N TRP P 72 -2.68 -19.48 -58.86
CA TRP P 72 -2.70 -18.23 -59.63
C TRP P 72 -3.98 -17.43 -59.39
N GLU P 73 -5.12 -18.05 -59.68
CA GLU P 73 -6.41 -17.41 -59.47
C GLU P 73 -6.92 -17.60 -58.04
N GLN P 74 -6.37 -18.59 -57.34
CA GLN P 74 -6.90 -18.97 -56.03
C GLN P 74 -6.24 -18.25 -54.86
N LYS P 75 -5.18 -17.50 -55.13
CA LYS P 75 -4.50 -16.76 -54.06
C LYS P 75 -5.11 -15.38 -53.90
N VAL P 76 -5.55 -15.06 -52.69
CA VAL P 76 -6.23 -13.81 -52.41
C VAL P 76 -5.42 -12.91 -51.46
N TYR P 77 -5.03 -11.74 -51.96
CA TYR P 77 -4.34 -10.76 -51.14
C TYR P 77 -5.34 -9.80 -50.51
N SER P 78 -5.32 -9.71 -49.18
CA SER P 78 -6.29 -8.88 -48.47
C SER P 78 -5.72 -7.52 -48.11
N SER P 79 -6.43 -6.46 -48.49
CA SER P 79 -6.07 -5.10 -48.11
C SER P 79 -7.26 -4.39 -47.49
N HIS P 80 -7.15 -4.07 -46.20
CA HIS P 80 -8.25 -3.47 -45.47
C HIS P 80 -7.93 -2.06 -44.98
N THR P 81 -8.90 -1.16 -45.11
CA THR P 81 -8.74 0.22 -44.65
C THR P 81 -9.50 0.44 -43.35
N GLY P 82 -9.46 1.68 -42.85
CA GLY P 82 -10.13 2.02 -41.62
C GLY P 82 -11.63 2.08 -41.75
N TYR P 83 -12.10 2.41 -42.96
CA TYR P 83 -13.53 2.51 -43.23
C TYR P 83 -14.21 1.14 -43.21
N PRO P 84 -15.41 1.07 -42.64
CA PRO P 84 -16.20 -0.16 -42.57
C PRO P 84 -16.51 -0.73 -43.95
N GLY P 85 -16.28 -2.03 -44.12
CA GLY P 85 -16.50 -2.68 -45.40
C GLY P 85 -15.41 -2.34 -46.40
N GLY P 86 -14.26 -1.92 -45.89
CA GLY P 86 -13.14 -1.55 -46.74
C GLY P 86 -12.23 -2.73 -47.04
N PHE P 87 -12.75 -3.93 -46.86
CA PHE P 87 -11.98 -5.15 -47.12
C PHE P 87 -11.87 -5.39 -48.62
N ARG P 88 -10.64 -5.47 -49.11
CA ARG P 88 -10.40 -5.63 -50.54
C ARG P 88 -9.65 -6.92 -50.85
N GLN P 89 -10.16 -7.66 -51.83
CA GLN P 89 -9.55 -8.92 -52.24
C GLN P 89 -8.93 -8.79 -53.63
N VAL P 90 -7.62 -8.94 -53.70
CA VAL P 90 -6.90 -8.85 -54.98
C VAL P 90 -6.21 -10.17 -55.31
N THR P 91 -6.65 -10.82 -56.37
CA THR P 91 -6.08 -12.09 -56.79
C THR P 91 -4.66 -11.90 -57.32
N ALA P 92 -3.88 -12.97 -57.31
CA ALA P 92 -2.50 -12.92 -57.77
C ALA P 92 -2.43 -12.60 -59.27
N ALA P 93 -3.42 -13.06 -60.01
CA ALA P 93 -3.52 -12.79 -61.44
C ALA P 93 -3.58 -11.29 -61.71
N GLN P 94 -4.64 -10.64 -61.25
CA GLN P 94 -4.85 -9.22 -61.47
C GLN P 94 -3.72 -8.38 -60.88
N LEU P 95 -3.20 -8.81 -59.74
CA LEU P 95 -2.09 -8.11 -59.10
C LEU P 95 -0.84 -8.19 -59.98
N HIS P 96 -0.63 -9.34 -60.62
CA HIS P 96 0.47 -9.51 -61.55
C HIS P 96 0.25 -8.65 -62.80
N GLN P 97 -1.00 -8.50 -63.19
CA GLN P 97 -1.35 -7.69 -64.35
C GLN P 97 -1.25 -6.20 -64.04
N LYS P 98 -1.21 -5.86 -62.76
CA LYS P 98 -1.13 -4.46 -62.34
C LYS P 98 0.23 -4.14 -61.72
N ASP P 99 0.47 -4.64 -60.50
CA ASP P 99 1.70 -4.37 -59.79
C ASP P 99 2.37 -5.67 -59.33
N PRO P 100 3.14 -6.30 -60.23
CA PRO P 100 3.80 -7.59 -59.97
C PRO P 100 4.89 -7.52 -58.91
N VAL P 101 5.64 -6.43 -58.87
CA VAL P 101 6.75 -6.29 -57.92
C VAL P 101 6.29 -6.32 -56.47
N ALA P 102 4.99 -6.11 -56.26
CA ALA P 102 4.42 -6.18 -54.93
C ALA P 102 4.39 -7.61 -54.42
N ILE P 103 4.01 -8.54 -55.30
CA ILE P 103 3.85 -9.96 -54.94
C ILE P 103 5.07 -10.56 -54.24
N VAL P 104 6.18 -10.65 -54.96
CA VAL P 104 7.42 -11.19 -54.43
C VAL P 104 7.83 -10.45 -53.15
N LYS P 105 7.69 -9.13 -53.18
CA LYS P 105 8.01 -8.30 -52.02
C LYS P 105 7.20 -8.73 -50.80
N LEU P 106 5.93 -9.06 -51.01
CA LEU P 106 5.08 -9.53 -49.93
C LEU P 106 5.55 -10.89 -49.45
N ALA P 107 6.00 -11.72 -50.38
CA ALA P 107 6.56 -13.02 -50.02
C ALA P 107 7.78 -12.86 -49.12
N ILE P 108 8.53 -11.78 -49.32
CA ILE P 108 9.67 -11.48 -48.47
C ILE P 108 9.23 -10.83 -47.14
N TYR P 109 8.14 -10.09 -47.21
CA TYR P 109 7.68 -9.25 -46.10
C TYR P 109 7.23 -10.08 -44.90
N GLY P 110 6.95 -11.36 -45.13
CA GLY P 110 6.53 -12.25 -44.08
C GLY P 110 7.64 -13.13 -43.55
N MET P 111 8.76 -13.15 -44.27
CA MET P 111 9.90 -13.99 -43.89
C MET P 111 10.74 -13.36 -42.78
N LEU P 112 10.97 -12.06 -42.88
CA LEU P 112 11.85 -11.35 -41.95
C LEU P 112 11.22 -11.22 -40.56
N PRO P 113 12.06 -11.18 -39.51
CA PRO P 113 11.60 -10.91 -38.14
C PRO P 113 10.98 -9.52 -38.03
N LYS P 114 10.20 -9.28 -36.97
CA LYS P 114 9.40 -8.06 -36.87
C LYS P 114 10.17 -6.84 -36.39
N ASN P 115 9.41 -5.80 -36.06
CA ASN P 115 9.92 -4.51 -35.57
C ASN P 115 10.78 -3.75 -36.59
N LEU P 116 11.94 -3.27 -36.14
CA LEU P 116 12.76 -2.34 -36.90
C LEU P 116 13.50 -2.98 -38.06
N HIS P 117 14.35 -3.96 -37.74
CA HIS P 117 15.22 -4.60 -38.71
C HIS P 117 14.46 -5.13 -39.93
N ARG P 118 13.17 -5.40 -39.77
CA ARG P 118 12.34 -5.82 -40.89
C ARG P 118 12.30 -4.75 -41.97
N ARG P 119 11.88 -3.55 -41.60
CA ARG P 119 11.79 -2.43 -42.53
C ARG P 119 13.19 -1.98 -42.96
N THR P 120 14.13 -2.06 -42.00
CA THR P 120 15.52 -1.71 -42.26
C THR P 120 16.10 -2.54 -43.41
N MET P 121 15.88 -3.85 -43.37
CA MET P 121 16.37 -4.74 -44.41
C MET P 121 15.44 -4.75 -45.62
N MET P 122 14.21 -4.26 -45.42
CA MET P 122 13.25 -4.18 -46.51
C MET P 122 13.64 -3.08 -47.48
N GLN P 123 14.24 -2.01 -46.95
CA GLN P 123 14.72 -0.94 -47.81
C GLN P 123 15.94 -1.37 -48.65
N ARG P 124 16.51 -2.53 -48.31
CA ARG P 124 17.66 -3.06 -49.04
C ARG P 124 17.22 -3.91 -50.23
N LEU P 125 15.91 -4.01 -50.43
CA LEU P 125 15.35 -4.87 -51.47
C LEU P 125 14.64 -4.04 -52.55
N HIS P 126 14.98 -4.30 -53.80
CA HIS P 126 14.38 -3.59 -54.93
C HIS P 126 13.96 -4.56 -56.04
N LEU P 127 12.77 -4.37 -56.57
CA LEU P 127 12.24 -5.26 -57.61
C LEU P 127 11.77 -4.48 -58.84
N PHE P 128 11.92 -5.08 -60.02
CA PHE P 128 11.44 -4.48 -61.26
C PHE P 128 10.76 -5.52 -62.14
N PRO P 129 9.66 -5.12 -62.81
CA PRO P 129 8.93 -6.02 -63.71
C PRO P 129 9.69 -6.33 -65.00
N ASP P 130 10.48 -5.36 -65.45
CA ASP P 130 11.27 -5.51 -66.66
C ASP P 130 12.72 -5.16 -66.34
N GLU P 131 13.63 -5.48 -67.25
CA GLU P 131 15.03 -5.24 -66.95
C GLU P 131 15.49 -3.87 -67.45
N ASP P 132 15.64 -2.95 -66.51
CA ASP P 132 16.40 -1.73 -66.72
C ASP P 132 17.20 -1.49 -65.45
N ILE P 133 18.51 -1.52 -65.52
CA ILE P 133 19.33 -1.39 -64.32
C ILE P 133 20.46 -0.39 -64.52
N PRO P 134 20.21 0.89 -64.20
CA PRO P 134 21.27 1.90 -64.18
C PRO P 134 22.28 1.57 -63.08
N GLU P 135 21.83 0.81 -62.09
CA GLU P 135 22.70 0.37 -61.00
C GLU P 135 23.69 -0.69 -61.47
N ASP P 136 23.49 -1.18 -62.70
CA ASP P 136 24.43 -2.14 -63.29
C ASP P 136 25.61 -1.43 -63.95
N ILE P 137 25.50 -0.11 -64.12
CA ILE P 137 26.63 0.71 -64.53
C ILE P 137 27.63 0.66 -63.38
N LEU P 138 27.10 0.49 -62.18
CA LEU P 138 27.90 0.24 -60.99
C LEU P 138 28.10 -1.26 -60.84
N LYS P 139 29.34 -1.72 -60.93
CA LYS P 139 29.63 -3.15 -60.94
C LYS P 139 29.26 -3.84 -59.64
N ASN P 140 28.48 -4.92 -59.75
CA ASN P 140 28.04 -5.70 -58.60
C ASN P 140 28.25 -7.19 -58.85
N LEU P 141 28.13 -7.97 -57.78
CA LEU P 141 28.30 -9.42 -57.88
C LEU P 141 27.00 -10.10 -58.28
N VAL P 142 27.09 -11.09 -59.16
CA VAL P 142 25.91 -11.81 -59.63
C VAL P 142 25.88 -13.25 -59.11
N GLU P 143 24.77 -13.62 -58.48
CA GLU P 143 24.61 -14.97 -57.95
C GLU P 143 23.43 -15.68 -58.63
N GLU P 144 23.70 -16.88 -59.15
CA GLU P 144 22.69 -17.63 -59.88
C GLU P 144 22.30 -18.92 -59.13
N LEU P 145 21.07 -18.96 -58.65
CA LEU P 145 20.55 -20.17 -57.99
C LEU P 145 19.10 -20.41 -58.38
N PRO P 146 18.88 -20.94 -59.59
CA PRO P 146 17.52 -21.23 -60.09
C PRO P 146 16.93 -22.50 -59.49
N GLN P 147 15.61 -22.61 -59.50
CA GLN P 147 14.94 -23.80 -59.00
C GLN P 147 14.18 -24.52 -60.11
N ILE Q 32 -49.22 21.04 -51.24
CA ILE Q 32 -50.35 20.40 -50.56
C ILE Q 32 -49.91 19.12 -49.87
N GLN Q 33 -50.20 19.03 -48.57
CA GLN Q 33 -49.81 17.88 -47.77
C GLN Q 33 -50.99 17.37 -46.94
N LYS Q 34 -50.80 16.21 -46.32
CA LYS Q 34 -51.85 15.57 -45.52
C LYS Q 34 -52.34 16.47 -44.38
N MET Q 35 -53.60 16.28 -44.02
CA MET Q 35 -54.27 17.01 -42.93
C MET Q 35 -54.62 18.45 -43.31
N THR Q 36 -54.22 18.87 -44.50
CA THR Q 36 -54.56 20.20 -45.00
C THR Q 36 -55.99 20.23 -45.55
N ARG Q 37 -56.80 21.14 -45.03
CA ARG Q 37 -58.18 21.27 -45.48
C ARG Q 37 -58.26 21.98 -46.83
N VAL Q 38 -59.05 21.42 -47.75
CA VAL Q 38 -59.22 21.99 -49.07
C VAL Q 38 -60.69 22.25 -49.38
N ARG Q 39 -60.94 23.17 -50.31
CA ARG Q 39 -62.30 23.52 -50.69
C ARG Q 39 -62.74 22.80 -51.97
N VAL Q 40 -64.01 22.40 -52.00
CA VAL Q 40 -64.56 21.73 -53.18
C VAL Q 40 -65.33 22.71 -54.05
N VAL Q 41 -64.92 22.83 -55.31
CA VAL Q 41 -65.55 23.77 -56.23
C VAL Q 41 -66.61 23.08 -57.10
N ASP Q 42 -66.78 21.78 -56.89
CA ASP Q 42 -67.76 21.01 -57.64
C ASP Q 42 -69.16 21.20 -57.07
N ASN Q 43 -70.08 21.68 -57.91
CA ASN Q 43 -71.44 21.91 -57.48
C ASN Q 43 -72.28 20.64 -57.39
N SER Q 44 -72.21 19.81 -58.42
CA SER Q 44 -73.00 18.58 -58.47
C SER Q 44 -72.33 17.44 -57.72
N ALA Q 45 -71.04 17.58 -57.45
CA ALA Q 45 -70.29 16.57 -56.72
C ALA Q 45 -69.90 17.10 -55.34
N LEU Q 46 -70.03 16.25 -54.32
CA LEU Q 46 -69.76 16.64 -52.94
C LEU Q 46 -70.61 17.86 -52.59
N GLY Q 47 -71.91 17.63 -52.40
CA GLY Q 47 -72.91 18.68 -52.27
C GLY Q 47 -72.58 19.78 -51.28
N THR Q 48 -72.99 21.00 -51.64
CA THR Q 48 -72.68 22.21 -50.90
C THR Q 48 -73.02 22.11 -49.42
N THR Q 49 -74.05 21.33 -49.09
CA THR Q 49 -74.43 21.12 -47.70
C THR Q 49 -73.29 20.49 -46.91
N PRO Q 50 -72.79 21.21 -45.89
CA PRO Q 50 -71.64 20.77 -45.11
C PRO Q 50 -71.98 19.69 -44.09
N TYR Q 51 -70.99 18.87 -43.74
CA TYR Q 51 -71.15 17.87 -42.69
C TYR Q 51 -70.60 18.44 -41.38
N HIS Q 52 -70.53 17.60 -40.35
CA HIS Q 52 -69.98 18.03 -39.07
C HIS Q 52 -68.46 18.08 -39.14
N ARG Q 53 -67.88 17.26 -40.01
CA ARG Q 53 -66.44 17.21 -40.18
C ARG Q 53 -66.03 17.73 -41.56
N PRO Q 54 -65.23 18.80 -41.60
CA PRO Q 54 -64.75 19.40 -42.85
C PRO Q 54 -63.88 18.43 -43.65
N PRO Q 55 -63.85 18.60 -44.99
CA PRO Q 55 -63.06 17.74 -45.88
C PRO Q 55 -61.57 17.81 -45.57
N ARG Q 56 -60.90 16.66 -45.58
CA ARG Q 56 -59.48 16.59 -45.27
C ARG Q 56 -58.72 15.84 -46.35
N CYS Q 57 -57.40 15.98 -46.36
CA CYS Q 57 -56.55 15.30 -47.34
C CYS Q 57 -55.75 14.18 -46.70
N ILE Q 58 -56.09 12.94 -47.04
CA ILE Q 58 -55.42 11.78 -46.46
C ILE Q 58 -54.05 11.54 -47.06
N HIS Q 59 -53.97 11.51 -48.39
CA HIS Q 59 -52.71 11.13 -49.03
C HIS Q 59 -52.53 11.77 -50.40
N VAL Q 60 -51.30 11.77 -50.90
CA VAL Q 60 -51.01 12.31 -52.23
C VAL Q 60 -50.38 11.23 -53.11
N TYR Q 61 -50.88 11.11 -54.34
CA TYR Q 61 -50.37 10.11 -55.28
C TYR Q 61 -48.90 10.31 -55.60
N ASN Q 62 -48.42 11.55 -55.48
CA ASN Q 62 -47.02 11.86 -55.68
C ASN Q 62 -46.14 11.17 -54.64
N LYS Q 63 -44.91 10.85 -55.02
CA LYS Q 63 -43.98 10.18 -54.12
C LYS Q 63 -43.58 11.07 -52.96
N THR Q 64 -43.77 12.38 -53.12
CA THR Q 64 -43.49 13.34 -52.07
C THR Q 64 -44.79 13.77 -51.40
N GLY Q 65 -44.74 13.98 -50.09
CA GLY Q 65 -45.91 14.37 -49.32
C GLY Q 65 -46.48 15.71 -49.72
N VAL Q 66 -45.67 16.53 -50.39
CA VAL Q 66 -46.12 17.85 -50.84
C VAL Q 66 -46.64 17.80 -52.28
N GLY Q 67 -47.95 18.01 -52.42
CA GLY Q 67 -48.57 18.01 -53.74
C GLY Q 67 -48.75 19.39 -54.32
N LYS Q 68 -48.97 19.46 -55.63
CA LYS Q 68 -49.17 20.73 -56.32
C LYS Q 68 -50.26 20.60 -57.38
N VAL Q 69 -50.43 21.66 -58.18
CA VAL Q 69 -51.43 21.67 -59.24
C VAL Q 69 -51.13 20.63 -60.30
N GLY Q 70 -52.12 19.79 -60.60
CA GLY Q 70 -51.96 18.74 -61.59
C GLY Q 70 -51.78 17.38 -60.94
N ASP Q 71 -51.49 17.38 -59.65
CA ASP Q 71 -51.29 16.15 -58.90
C ASP Q 71 -52.59 15.65 -58.29
N ARG Q 72 -52.83 14.35 -58.38
CA ARG Q 72 -54.04 13.74 -57.82
C ARG Q 72 -53.85 13.43 -56.34
N ILE Q 73 -54.87 13.71 -55.54
CA ILE Q 73 -54.81 13.43 -54.11
C ILE Q 73 -56.03 12.66 -53.62
N LEU Q 74 -55.81 11.87 -52.57
CA LEU Q 74 -56.86 11.11 -51.91
C LEU Q 74 -57.36 11.87 -50.68
N LEU Q 75 -58.62 12.31 -50.76
CA LEU Q 75 -59.23 13.09 -49.70
C LEU Q 75 -60.36 12.34 -48.99
N ALA Q 76 -60.56 12.68 -47.72
CA ALA Q 76 -61.59 12.05 -46.91
C ALA Q 76 -62.71 13.03 -46.54
N ILE Q 77 -63.94 12.60 -46.78
CA ILE Q 77 -65.14 13.33 -46.38
C ILE Q 77 -65.97 12.41 -45.51
N ARG Q 78 -66.83 12.97 -44.67
CA ARG Q 78 -67.64 12.15 -43.78
C ARG Q 78 -68.54 11.24 -44.61
N GLY Q 79 -68.40 9.94 -44.39
CA GLY Q 79 -69.18 8.95 -45.11
C GLY Q 79 -68.56 8.50 -46.42
N GLN Q 80 -67.69 9.32 -47.01
CA GLN Q 80 -67.13 8.99 -48.33
C GLN Q 80 -65.67 9.40 -48.48
N LYS Q 81 -64.86 8.50 -49.04
CA LYS Q 81 -63.46 8.80 -49.31
C LYS Q 81 -63.21 8.81 -50.82
N LYS Q 82 -62.77 9.93 -51.36
CA LYS Q 82 -62.69 10.08 -52.81
C LYS Q 82 -61.34 10.61 -53.30
N LYS Q 83 -61.24 10.82 -54.61
CA LYS Q 83 -60.02 11.31 -55.24
C LYS Q 83 -60.29 12.63 -55.97
N ALA Q 84 -59.32 13.54 -55.92
CA ALA Q 84 -59.50 14.85 -56.54
C ALA Q 84 -58.19 15.48 -57.03
N LEU Q 85 -58.29 16.24 -58.12
CA LEU Q 85 -57.17 17.05 -58.61
C LEU Q 85 -57.04 18.35 -57.81
N ILE Q 86 -55.85 18.92 -57.80
CA ILE Q 86 -55.63 20.19 -57.11
C ILE Q 86 -55.60 21.36 -58.08
N VAL Q 87 -56.63 22.20 -58.04
CA VAL Q 87 -56.73 23.34 -58.93
C VAL Q 87 -56.26 24.65 -58.32
N GLY Q 88 -55.77 24.61 -57.08
CA GLY Q 88 -55.29 25.82 -56.44
C GLY Q 88 -54.23 25.60 -55.37
N HIS Q 89 -53.43 26.64 -55.13
CA HIS Q 89 -52.37 26.59 -54.13
C HIS Q 89 -52.08 27.98 -53.59
N ARG Q 90 -51.69 28.05 -52.31
CA ARG Q 90 -51.39 29.33 -51.69
C ARG Q 90 -49.89 29.64 -51.69
N MET Q 91 -49.08 28.71 -52.19
CA MET Q 91 -47.63 28.87 -52.21
C MET Q 91 -47.01 28.43 -53.53
N PRO Q 92 -47.00 29.34 -54.52
CA PRO Q 92 -46.36 29.05 -55.81
C PRO Q 92 -44.84 28.94 -55.70
N GLY Q 93 -44.27 27.88 -56.27
CA GLY Q 93 -42.83 27.72 -56.30
C GLY Q 93 -42.11 28.71 -57.20
N PRO Q 94 -42.45 28.73 -58.50
CA PRO Q 94 -41.84 29.68 -59.43
C PRO Q 94 -42.44 31.08 -59.33
N ARG Q 95 -41.68 32.07 -59.81
CA ARG Q 95 -42.13 33.47 -59.80
C ARG Q 95 -43.09 33.75 -60.94
N MET Q 96 -43.11 32.87 -61.93
CA MET Q 96 -43.91 33.08 -63.14
C MET Q 96 -45.31 32.48 -63.02
N THR Q 97 -45.65 31.99 -61.84
CA THR Q 97 -46.91 31.30 -61.64
C THR Q 97 -47.80 32.06 -60.65
N PRO Q 98 -49.12 32.10 -60.92
CA PRO Q 98 -50.10 32.78 -60.07
C PRO Q 98 -50.26 32.13 -58.70
N ARG Q 99 -50.86 32.88 -57.77
CA ARG Q 99 -51.08 32.40 -56.41
C ARG Q 99 -52.54 32.58 -55.99
N PHE Q 100 -53.16 31.49 -55.55
CA PHE Q 100 -54.54 31.54 -55.10
C PHE Q 100 -54.62 31.67 -53.58
N ASP Q 101 -55.59 32.45 -53.10
CA ASP Q 101 -55.74 32.69 -51.67
C ASP Q 101 -56.18 31.43 -50.93
N SER Q 102 -56.96 30.59 -51.61
CA SER Q 102 -57.47 29.36 -51.00
C SER Q 102 -57.15 28.13 -51.85
N ASN Q 103 -56.97 27.00 -51.19
CA ASN Q 103 -56.69 25.74 -51.88
C ASN Q 103 -57.98 25.05 -52.31
N ASN Q 104 -58.12 24.84 -53.62
CA ASN Q 104 -59.32 24.23 -54.17
C ASN Q 104 -59.03 22.90 -54.87
N VAL Q 105 -60.01 22.01 -54.86
CA VAL Q 105 -59.86 20.70 -55.49
C VAL Q 105 -61.05 20.36 -56.37
N VAL Q 106 -60.82 19.49 -57.35
CA VAL Q 106 -61.90 19.02 -58.23
C VAL Q 106 -62.04 17.51 -58.14
N LEU Q 107 -63.20 17.06 -57.66
CA LEU Q 107 -63.47 15.65 -57.45
C LEU Q 107 -63.50 14.90 -58.77
N LEU Q 108 -63.11 13.62 -58.74
CA LEU Q 108 -63.10 12.80 -59.95
C LEU Q 108 -63.22 11.31 -59.65
N GLU Q 109 -63.04 10.50 -60.69
CA GLU Q 109 -63.10 9.05 -60.55
C GLU Q 109 -61.78 8.41 -60.95
N ASP Q 110 -61.73 7.08 -60.96
CA ASP Q 110 -60.52 6.35 -61.32
C ASP Q 110 -60.09 6.60 -62.76
N ASN Q 111 -61.05 6.97 -63.61
CA ASN Q 111 -60.76 7.24 -65.01
C ASN Q 111 -60.12 8.61 -65.20
N GLY Q 112 -60.14 9.43 -64.16
CA GLY Q 112 -59.53 10.74 -64.20
C GLY Q 112 -60.45 11.79 -64.79
N ASN Q 113 -61.75 11.58 -64.66
CA ASN Q 113 -62.73 12.53 -65.18
C ASN Q 113 -63.64 13.06 -64.08
N PRO Q 114 -64.02 14.35 -64.16
CA PRO Q 114 -64.91 14.96 -63.16
C PRO Q 114 -66.30 14.33 -63.14
N VAL Q 115 -66.77 13.99 -61.95
CA VAL Q 115 -68.09 13.39 -61.80
C VAL Q 115 -69.14 14.50 -61.60
N GLY Q 116 -68.67 15.71 -61.38
CA GLY Q 116 -69.55 16.85 -61.20
C GLY Q 116 -69.93 17.50 -62.52
N THR Q 117 -71.11 18.11 -62.56
CA THR Q 117 -71.60 18.73 -63.79
C THR Q 117 -71.22 20.20 -63.87
N ARG Q 118 -70.67 20.74 -62.79
CA ARG Q 118 -70.26 22.14 -62.75
C ARG Q 118 -68.99 22.34 -61.92
N ILE Q 119 -68.22 23.37 -62.28
CA ILE Q 119 -67.00 23.72 -61.55
C ILE Q 119 -66.94 25.23 -61.35
N LYS Q 120 -66.46 25.65 -60.18
CA LYS Q 120 -66.45 27.06 -59.81
C LYS Q 120 -65.01 27.54 -59.60
N THR Q 121 -64.83 28.86 -59.65
CA THR Q 121 -63.53 29.54 -59.45
C THR Q 121 -62.57 29.30 -60.61
N PRO Q 122 -61.64 30.24 -60.84
CA PRO Q 122 -60.67 30.12 -61.93
C PRO Q 122 -59.75 28.90 -61.82
N ILE Q 123 -59.16 28.52 -62.94
CA ILE Q 123 -58.29 27.34 -62.99
C ILE Q 123 -57.02 27.66 -63.77
N PRO Q 124 -55.86 27.17 -63.28
CA PRO Q 124 -54.57 27.38 -63.93
C PRO Q 124 -54.51 26.82 -65.35
N SER Q 125 -53.58 27.33 -66.15
CA SER Q 125 -53.44 26.90 -67.54
C SER Q 125 -52.52 25.70 -67.68
N SER Q 126 -51.98 25.23 -66.56
CA SER Q 126 -51.06 24.09 -66.57
C SER Q 126 -51.79 22.79 -66.86
N LEU Q 127 -53.05 22.71 -66.45
CA LEU Q 127 -53.85 21.49 -66.61
C LEU Q 127 -54.02 21.09 -68.07
N ARG Q 128 -54.01 22.07 -68.96
CA ARG Q 128 -54.13 21.79 -70.39
C ARG Q 128 -52.83 21.18 -70.93
N GLN Q 129 -51.71 21.59 -70.36
CA GLN Q 129 -50.41 21.12 -70.85
C GLN Q 129 -50.18 19.66 -70.49
N ARG Q 130 -50.75 19.25 -69.35
CA ARG Q 130 -50.61 17.88 -68.86
C ARG Q 130 -51.10 16.85 -69.87
N GLU Q 131 -52.41 16.78 -70.07
CA GLU Q 131 -53.02 15.82 -70.99
C GLU Q 131 -54.31 16.36 -71.59
N GLY Q 132 -54.75 15.74 -72.67
CA GLY Q 132 -55.99 16.13 -73.33
C GLY Q 132 -57.20 15.43 -72.71
N GLU Q 133 -56.97 14.28 -72.12
CA GLU Q 133 -58.05 13.52 -71.49
C GLU Q 133 -58.59 14.24 -70.26
N PHE Q 134 -57.75 15.08 -69.65
CA PHE Q 134 -58.14 15.84 -68.48
C PHE Q 134 -58.65 17.23 -68.86
N SER Q 135 -58.74 17.50 -70.16
CA SER Q 135 -59.16 18.80 -70.65
C SER Q 135 -60.66 19.04 -70.48
N LYS Q 136 -61.40 17.99 -70.07
CA LYS Q 136 -62.83 18.12 -69.82
C LYS Q 136 -63.08 19.15 -68.71
N VAL Q 137 -62.22 19.10 -67.68
CA VAL Q 137 -62.24 20.07 -66.60
C VAL Q 137 -61.99 21.48 -67.13
N LEU Q 138 -60.95 21.61 -67.95
CA LEU Q 138 -60.59 22.90 -68.53
C LEU Q 138 -61.73 23.48 -69.36
N ALA Q 139 -62.44 22.61 -70.08
CA ALA Q 139 -63.53 23.01 -70.93
C ALA Q 139 -64.74 23.44 -70.10
N ILE Q 140 -64.89 22.84 -68.92
CA ILE Q 140 -66.01 23.19 -68.06
C ILE Q 140 -65.68 24.33 -67.09
N ALA Q 141 -64.43 24.79 -67.12
CA ALA Q 141 -64.00 25.88 -66.23
C ALA Q 141 -64.42 27.26 -66.77
N GLN Q 142 -64.79 28.16 -65.87
CA GLN Q 142 -65.25 29.49 -66.25
C GLN Q 142 -64.14 30.37 -66.80
N ASN Q 143 -63.07 30.52 -66.03
CA ASN Q 143 -61.96 31.39 -66.42
C ASN Q 143 -60.60 30.71 -66.23
N PHE Q 144 -59.58 31.28 -66.87
CA PHE Q 144 -58.23 30.71 -66.81
C PHE Q 144 -57.19 31.79 -66.51
N VAL Q 145 -56.26 31.48 -65.63
CA VAL Q 145 -55.19 32.41 -65.28
C VAL Q 145 -53.81 31.76 -65.43
N UNK R 1 41.43 -33.77 38.22
CA UNK R 1 42.04 -33.75 36.90
C UNK R 1 41.70 -32.46 36.20
N UNK R 2 40.51 -31.93 36.44
CA UNK R 2 40.11 -30.69 35.79
C UNK R 2 40.62 -29.53 36.60
N UNK R 3 40.88 -29.76 37.88
CA UNK R 3 41.40 -28.71 38.73
C UNK R 3 42.82 -28.41 38.36
N UNK R 4 43.58 -29.44 38.00
CA UNK R 4 44.98 -29.24 37.66
C UNK R 4 45.07 -28.63 36.30
N UNK R 5 44.13 -28.95 35.41
CA UNK R 5 44.15 -28.44 34.06
C UNK R 5 43.66 -27.01 34.04
N UNK R 6 42.85 -26.63 35.02
CA UNK R 6 42.37 -25.27 35.09
C UNK R 6 43.36 -24.41 35.80
N UNK R 7 44.15 -25.00 36.69
CA UNK R 7 45.13 -24.22 37.44
C UNK R 7 46.42 -24.12 36.69
N UNK R 8 46.66 -25.00 35.72
CA UNK R 8 47.92 -24.98 34.98
C UNK R 8 47.99 -23.82 34.03
N UNK R 9 46.93 -23.58 33.26
CA UNK R 9 46.94 -22.52 32.27
C UNK R 9 46.52 -21.22 32.90
N UNK R 10 47.05 -20.11 32.40
CA UNK R 10 46.66 -18.80 32.88
C UNK R 10 45.54 -18.27 32.03
N UNK R 11 44.38 -18.08 32.64
CA UNK R 11 43.21 -17.65 31.91
C UNK R 11 43.03 -16.16 32.02
N UNK R 12 41.87 -15.66 31.60
CA UNK R 12 41.61 -14.23 31.59
C UNK R 12 41.10 -13.76 32.93
N UNK R 13 41.21 -14.63 33.94
CA UNK R 13 40.72 -14.35 35.30
C UNK R 13 39.22 -14.42 35.37
N VAL R 14 38.58 -14.78 34.26
CA VAL R 14 37.13 -14.96 34.18
C VAL R 14 36.37 -13.71 34.64
N SER R 15 36.44 -12.66 33.83
CA SER R 15 35.63 -11.47 34.05
C SER R 15 34.15 -11.79 33.76
N LEU R 16 33.26 -10.94 34.24
CA LEU R 16 31.82 -11.14 34.06
C LEU R 16 31.42 -11.26 32.59
N ALA R 17 32.27 -10.77 31.70
CA ALA R 17 32.03 -10.88 30.27
C ALA R 17 32.32 -12.30 29.77
N ASN R 18 33.07 -13.05 30.55
CA ASN R 18 33.46 -14.40 30.16
C ASN R 18 32.47 -15.45 30.63
N LEU R 19 31.39 -15.00 31.26
CA LEU R 19 30.35 -15.91 31.73
C LEU R 19 29.49 -16.41 30.57
N LYS R 20 29.43 -17.72 30.41
CA LYS R 20 28.65 -18.33 29.33
C LYS R 20 27.88 -19.54 29.84
N PRO R 21 26.63 -19.70 29.38
CA PRO R 21 25.82 -20.86 29.76
C PRO R 21 26.27 -22.15 29.08
N ASN R 22 25.91 -23.29 29.66
CA ASN R 22 26.15 -24.58 29.04
C ASN R 22 25.29 -24.73 27.79
N PRO R 23 25.73 -25.57 26.83
CA PRO R 23 24.94 -25.78 25.61
C PRO R 23 23.52 -26.27 25.91
N GLY R 24 22.52 -25.62 25.31
CA GLY R 24 21.14 -26.01 25.47
C GLY R 24 20.53 -25.59 26.80
N SER R 25 21.19 -24.68 27.50
CA SER R 25 20.71 -24.21 28.79
C SER R 25 19.46 -23.33 28.63
N ARG R 26 19.56 -22.32 27.78
CA ARG R 26 18.44 -21.40 27.56
C ARG R 26 18.01 -21.39 26.10
N LYS R 27 16.72 -21.49 25.87
CA LYS R 27 16.15 -21.57 24.53
C LYS R 27 16.18 -20.23 23.81
N PRO R 28 16.60 -20.24 22.53
CA PRO R 28 16.53 -19.07 21.64
C PRO R 28 15.09 -18.81 21.20
N GLU R 29 14.34 -18.09 22.03
CA GLU R 29 12.91 -17.90 21.85
C GLU R 29 12.52 -17.46 20.44
N ARG R 30 11.55 -18.16 19.87
CA ARG R 30 11.14 -17.94 18.48
C ARG R 30 10.29 -16.69 18.32
N ARG R 31 10.68 -15.85 17.38
CA ARG R 31 9.92 -14.64 17.07
C ARG R 31 9.21 -14.80 15.72
N PRO R 32 7.89 -14.56 15.70
CA PRO R 32 7.03 -14.78 14.54
C PRO R 32 7.41 -13.94 13.31
N ARG R 33 8.20 -12.89 13.52
CA ARG R 33 8.62 -12.02 12.43
C ARG R 33 9.60 -12.74 11.50
N GLY R 34 9.27 -12.77 10.21
CA GLY R 34 10.14 -13.37 9.21
C GLY R 34 9.38 -13.91 8.02
N ARG R 35 10.12 -14.42 7.05
CA ARG R 35 9.52 -15.04 5.87
C ARG R 35 9.40 -16.55 6.05
N ARG R 36 9.82 -17.04 7.22
CA ARG R 36 9.77 -18.46 7.53
C ARG R 36 8.33 -18.96 7.49
N ARG R 37 7.46 -18.36 8.29
CA ARG R 37 6.03 -18.64 8.21
C ARG R 37 5.30 -17.34 7.92
N GLY R 38 4.77 -17.23 6.69
CA GLY R 38 4.21 -15.97 6.24
C GLY R 38 2.91 -15.52 6.88
N ARG R 39 2.97 -14.35 7.53
CA ARG R 39 1.82 -13.48 7.81
C ARG R 39 0.72 -14.08 8.69
N LYS R 40 0.73 -15.40 8.87
CA LYS R 40 -0.29 -16.03 9.70
C LYS R 40 0.19 -16.34 11.11
N CYS R 41 1.48 -16.11 11.34
CA CYS R 41 2.13 -16.42 12.62
C CYS R 41 1.85 -17.84 13.10
N GLY R 42 1.71 -18.76 12.15
CA GLY R 42 1.48 -20.17 12.47
C GLY R 42 0.06 -20.52 12.83
N ARG R 43 -0.87 -19.60 12.60
CA ARG R 43 -2.28 -19.83 12.92
C ARG R 43 -3.05 -20.43 11.74
N GLY R 44 -2.42 -20.48 10.58
CA GLY R 44 -3.06 -21.00 9.38
C GLY R 44 -3.95 -19.96 8.70
N HIS R 45 -4.64 -20.38 7.66
CA HIS R 45 -5.49 -19.47 6.88
C HIS R 45 -6.92 -19.41 7.41
N LYS R 46 -7.31 -18.21 7.84
CA LYS R 46 -8.66 -17.95 8.34
C LYS R 46 -9.09 -18.91 9.45
N GLY R 47 -10.34 -19.35 9.39
CA GLY R 47 -10.90 -20.21 10.42
C GLY R 47 -11.11 -19.45 11.71
N GLU R 48 -11.59 -20.14 12.73
CA GLU R 48 -11.78 -19.54 14.05
C GLU R 48 -10.51 -19.68 14.87
N ARG R 49 -9.57 -20.48 14.35
CA ARG R 49 -8.29 -20.69 15.02
C ARG R 49 -7.44 -19.43 14.93
N GLN R 50 -7.61 -18.70 13.84
CA GLN R 50 -6.92 -17.43 13.65
C GLN R 50 -7.35 -16.39 14.68
N ARG R 51 -8.65 -16.35 14.94
CA ARG R 51 -9.22 -15.39 15.87
C ARG R 51 -8.88 -15.75 17.31
N GLY R 52 -8.90 -14.75 18.19
CA GLY R 52 -8.68 -14.97 19.61
C GLY R 52 -9.99 -15.32 20.30
N THR R 53 -11.05 -15.39 19.51
CA THR R 53 -12.38 -15.69 20.00
C THR R 53 -12.66 -17.19 19.90
N ARG R 54 -11.63 -17.95 19.54
CA ARG R 54 -11.74 -19.39 19.31
C ARG R 54 -12.43 -20.12 20.47
N PRO R 55 -13.21 -21.16 20.14
CA PRO R 55 -14.05 -21.87 21.12
C PRO R 55 -13.29 -22.39 22.33
N ARG R 56 -14.00 -22.50 23.45
CA ARG R 56 -13.42 -22.99 24.69
C ARG R 56 -13.06 -24.46 24.59
N LEU R 57 -12.19 -24.93 25.47
CA LEU R 57 -11.81 -26.33 25.51
C LEU R 57 -12.95 -27.15 26.11
N GLY R 58 -12.78 -28.48 26.14
CA GLY R 58 -13.81 -29.37 26.66
C GLY R 58 -15.09 -29.31 25.85
N PHE R 59 -14.97 -28.93 24.58
CA PHE R 59 -16.13 -28.81 23.69
C PHE R 59 -15.92 -29.66 22.44
N GLU R 60 -16.88 -30.54 22.16
CA GLU R 60 -16.75 -31.48 21.06
C GLU R 60 -17.30 -30.94 19.74
N GLY R 61 -17.72 -29.67 19.74
CA GLY R 61 -18.22 -29.04 18.53
C GLY R 61 -19.73 -29.01 18.41
N GLY R 62 -20.42 -29.19 19.52
CA GLY R 62 -21.88 -29.13 19.55
C GLY R 62 -22.53 -30.48 19.70
N GLN R 63 -21.78 -31.54 19.39
CA GLN R 63 -22.25 -32.90 19.66
C GLN R 63 -22.16 -33.16 21.16
N THR R 64 -22.90 -34.17 21.62
CA THR R 64 -22.94 -34.48 23.05
C THR R 64 -21.54 -34.78 23.59
N PRO R 65 -21.10 -33.98 24.58
CA PRO R 65 -19.77 -34.07 25.18
C PRO R 65 -19.47 -35.45 25.78
N PHE R 66 -18.18 -35.76 25.91
CA PHE R 66 -17.74 -37.06 26.40
C PHE R 66 -18.14 -37.31 27.85
N TYR R 67 -17.97 -36.31 28.70
CA TYR R 67 -18.23 -36.46 30.12
C TYR R 67 -19.72 -36.54 30.43
N LEU R 68 -20.56 -36.03 29.53
CA LEU R 68 -22.00 -36.04 29.74
C LEU R 68 -22.61 -37.42 29.45
N ARG R 69 -21.88 -38.25 28.71
CA ARG R 69 -22.37 -39.57 28.34
C ARG R 69 -21.92 -40.62 29.34
N ILE R 70 -21.18 -40.19 30.35
CA ILE R 70 -20.64 -41.09 31.37
C ILE R 70 -21.52 -41.11 32.62
N PRO R 71 -21.88 -42.31 33.10
CA PRO R 71 -22.67 -42.46 34.31
C PRO R 71 -21.95 -41.95 35.56
N LYS R 72 -22.61 -42.02 36.72
CA LYS R 72 -22.04 -41.45 37.94
C LYS R 72 -21.74 -42.51 38.99
N TYR R 73 -20.65 -42.32 39.71
CA TYR R 73 -20.27 -43.20 40.80
C TYR R 73 -19.73 -42.41 42.00
N GLY R 74 -19.57 -43.09 43.12
CA GLY R 74 -19.16 -42.43 44.36
C GLY R 74 -17.67 -42.32 44.56
N PHE R 75 -16.92 -42.37 43.47
CA PHE R 75 -15.46 -42.23 43.52
C PHE R 75 -15.03 -40.90 44.14
N ASN R 76 -15.69 -39.82 43.74
CA ASN R 76 -15.37 -38.49 44.26
C ASN R 76 -15.93 -38.27 45.65
N GLU R 77 -17.01 -38.99 45.97
CA GLU R 77 -17.65 -38.88 47.28
C GLU R 77 -16.69 -39.30 48.40
N GLY R 78 -15.78 -40.21 48.07
CA GLY R 78 -14.82 -40.70 49.04
C GLY R 78 -13.82 -39.64 49.49
N HIS R 79 -13.18 -38.98 48.52
CA HIS R 79 -12.08 -38.07 48.78
C HIS R 79 -12.41 -36.99 49.81
N SER R 80 -13.70 -36.74 50.01
CA SER R 80 -14.15 -35.78 51.00
C SER R 80 -14.13 -36.37 52.41
N PHE R 81 -14.97 -37.37 52.66
CA PHE R 81 -15.23 -37.86 54.01
C PHE R 81 -14.41 -39.09 54.41
N ARG R 82 -13.53 -39.58 53.53
CA ARG R 82 -12.74 -40.76 53.83
C ARG R 82 -11.87 -40.59 55.06
N HIS R 83 -11.73 -41.65 55.84
CA HIS R 83 -10.83 -41.66 56.99
C HIS R 83 -9.43 -42.00 56.53
N GLN R 84 -8.50 -41.07 56.74
CA GLN R 84 -7.16 -41.21 56.19
C GLN R 84 -6.25 -42.07 57.05
N TYR R 85 -5.64 -43.08 56.42
CA TYR R 85 -4.65 -43.92 57.08
C TYR R 85 -3.44 -44.11 56.17
N GLN R 86 -2.25 -43.90 56.71
CA GLN R 86 -1.02 -44.07 55.93
C GLN R 86 -0.30 -45.35 56.31
N PRO R 87 -0.12 -46.24 55.32
CA PRO R 87 0.63 -47.49 55.48
C PRO R 87 2.14 -47.24 55.52
N LEU R 88 2.84 -47.99 56.38
CA LEU R 88 4.29 -47.89 56.47
C LEU R 88 4.93 -49.26 56.42
N SER R 89 6.00 -49.39 55.62
CA SER R 89 6.67 -50.67 55.45
C SER R 89 7.73 -50.90 56.54
N LEU R 90 7.85 -52.15 56.97
CA LEU R 90 8.83 -52.53 57.97
C LEU R 90 10.25 -52.41 57.42
N ASN R 91 10.36 -52.42 56.10
CA ASN R 91 11.65 -52.22 55.44
C ASN R 91 12.20 -50.83 55.73
N ARG R 92 11.33 -49.84 55.69
CA ARG R 92 11.70 -48.47 56.04
C ARG R 92 12.18 -48.41 57.49
N LEU R 93 11.48 -49.14 58.36
CA LEU R 93 11.80 -49.15 59.78
C LEU R 93 13.18 -49.74 60.05
N GLN R 94 13.41 -50.95 59.53
CA GLN R 94 14.72 -51.59 59.70
C GLN R 94 15.80 -50.78 59.01
N TYR R 95 15.43 -50.03 57.98
CA TYR R 95 16.36 -49.13 57.32
C TYR R 95 16.75 -48.00 58.29
N LEU R 96 15.77 -47.50 59.03
CA LEU R 96 16.02 -46.48 60.03
C LEU R 96 16.91 -47.02 61.14
N ILE R 97 16.72 -48.31 61.46
CA ILE R 97 17.57 -48.97 62.44
C ILE R 97 19.00 -49.08 61.93
N ASP R 98 19.13 -49.29 60.63
CA ASP R 98 20.45 -49.44 60.01
C ASP R 98 21.12 -48.11 59.70
N LEU R 99 20.35 -47.02 59.79
CA LEU R 99 20.89 -45.69 59.52
C LEU R 99 21.61 -45.10 60.73
N GLY R 100 21.55 -45.82 61.85
CA GLY R 100 22.19 -45.36 63.06
C GLY R 100 21.34 -44.36 63.83
N ARG R 101 20.03 -44.47 63.66
CA ARG R 101 19.09 -43.59 64.36
C ARG R 101 18.90 -44.06 65.80
N VAL R 102 17.95 -43.47 66.51
CA VAL R 102 17.84 -43.68 67.94
C VAL R 102 17.39 -45.11 68.29
N ASP R 103 18.26 -45.82 69.01
CA ASP R 103 18.02 -47.20 69.43
C ASP R 103 16.99 -47.40 70.57
N PRO R 104 17.14 -46.70 71.71
CA PRO R 104 16.35 -47.08 72.88
C PRO R 104 14.84 -46.95 72.74
N THR R 105 14.11 -47.67 73.59
CA THR R 105 12.65 -47.76 73.52
C THR R 105 11.95 -46.46 73.90
N GLN R 106 12.33 -45.90 75.05
CA GLN R 106 11.64 -44.74 75.61
C GLN R 106 11.49 -43.54 74.68
N PRO R 107 12.60 -43.04 74.07
CA PRO R 107 12.42 -41.84 73.25
C PRO R 107 11.65 -42.07 71.95
N ILE R 108 11.66 -43.31 71.46
CA ILE R 108 11.03 -43.64 70.17
C ILE R 108 9.55 -43.32 70.15
N ASP R 109 9.13 -42.63 69.08
CA ASP R 109 7.76 -42.18 68.89
C ASP R 109 7.61 -41.52 67.52
N LEU R 110 6.39 -41.17 67.16
CA LEU R 110 6.10 -40.58 65.85
C LEU R 110 6.84 -39.26 65.64
N THR R 111 7.00 -38.49 66.72
CA THR R 111 7.69 -37.21 66.67
C THR R 111 9.14 -37.39 66.21
N GLN R 112 9.81 -38.38 66.80
CA GLN R 112 11.17 -38.71 66.44
C GLN R 112 11.25 -39.18 65.00
N LEU R 113 10.18 -39.81 64.53
CA LEU R 113 10.09 -40.25 63.14
C LEU R 113 9.92 -39.05 62.22
N VAL R 114 9.31 -37.99 62.73
CA VAL R 114 9.15 -36.75 61.99
C VAL R 114 10.50 -36.08 61.82
N ASN R 115 11.25 -36.01 62.92
CA ASN R 115 12.58 -35.36 62.88
C ASN R 115 13.58 -36.09 61.97
N GLY R 116 13.33 -37.36 61.70
CA GLY R 116 14.21 -38.17 60.88
C GLY R 116 13.90 -38.10 59.40
N ARG R 117 12.95 -37.23 59.03
CA ARG R 117 12.54 -37.04 57.65
C ARG R 117 12.01 -38.32 57.01
N GLY R 118 11.50 -39.23 57.84
CA GLY R 118 10.98 -40.49 57.37
C GLY R 118 9.47 -40.59 57.43
N VAL R 119 8.81 -39.45 57.63
CA VAL R 119 7.36 -39.42 57.76
C VAL R 119 6.73 -38.61 56.62
N THR R 120 5.47 -38.88 56.34
CA THR R 120 4.73 -38.15 55.31
C THR R 120 3.83 -37.09 55.94
N ILE R 121 3.98 -35.86 55.49
CA ILE R 121 3.17 -34.75 56.00
C ILE R 121 1.73 -34.88 55.54
N GLN R 122 0.79 -34.70 56.46
CA GLN R 122 -0.63 -34.84 56.15
C GLN R 122 -1.44 -33.61 56.55
N PRO R 123 -1.17 -32.46 55.89
CA PRO R 123 -1.87 -31.22 56.23
C PRO R 123 -3.34 -31.23 55.80
N SER R 124 -3.63 -31.85 54.66
CA SER R 124 -4.99 -31.86 54.12
C SER R 124 -5.76 -33.11 54.55
N LYS R 125 -5.13 -33.94 55.39
CA LYS R 125 -5.77 -35.16 55.87
C LYS R 125 -6.30 -34.99 57.28
N ARG R 126 -7.63 -35.00 57.40
CA ARG R 126 -8.28 -34.87 58.71
C ARG R 126 -8.45 -36.25 59.34
N ASP R 127 -8.29 -36.31 60.66
CA ASP R 127 -8.34 -37.56 61.42
C ASP R 127 -7.33 -38.55 60.85
N TYR R 128 -6.05 -38.20 60.98
CA TYR R 128 -4.98 -38.99 60.40
C TYR R 128 -4.54 -40.14 61.32
N GLY R 129 -4.65 -41.36 60.82
CA GLY R 129 -4.20 -42.53 61.56
C GLY R 129 -2.86 -43.03 61.04
N VAL R 130 -2.27 -43.97 61.76
CA VAL R 130 -0.98 -44.53 61.36
C VAL R 130 -1.05 -46.06 61.29
N GLN R 131 -0.77 -46.62 60.12
CA GLN R 131 -0.83 -48.07 59.97
C GLN R 131 0.48 -48.64 59.43
N LEU R 132 0.68 -49.94 59.65
CA LEU R 132 1.90 -50.61 59.22
C LEU R 132 1.60 -51.78 58.29
N VAL R 133 2.02 -51.67 57.03
CA VAL R 133 1.91 -52.76 56.07
C VAL R 133 3.24 -53.49 55.96
N GLU R 134 3.19 -54.80 56.11
CA GLU R 134 4.41 -55.62 56.17
C GLU R 134 5.17 -55.65 54.83
N GLU R 135 6.49 -55.56 54.94
CA GLU R 135 7.41 -55.73 53.82
C GLU R 135 8.85 -55.58 54.32
N GLY R 136 9.80 -56.14 53.57
CA GLY R 136 11.20 -56.09 53.93
C GLY R 136 11.49 -56.51 55.37
N ALA R 137 10.65 -57.40 55.89
CA ALA R 137 10.70 -57.75 57.31
C ALA R 137 11.50 -59.01 57.59
N ASP R 138 12.12 -59.57 56.56
CA ASP R 138 12.87 -60.81 56.73
C ASP R 138 14.20 -60.57 57.43
N THR R 139 14.37 -61.25 58.57
CA THR R 139 15.58 -61.17 59.38
C THR R 139 15.95 -59.72 59.76
N PHE R 140 14.94 -58.91 60.02
CA PHE R 140 15.17 -57.53 60.44
C PHE R 140 15.63 -57.50 61.90
N LYS R 141 16.25 -56.38 62.30
CA LYS R 141 16.86 -56.26 63.62
C LYS R 141 15.84 -56.31 64.74
N ALA R 142 16.32 -56.57 65.96
CA ALA R 142 15.45 -56.94 67.08
C ALA R 142 15.56 -55.96 68.24
N LYS R 143 14.62 -56.07 69.16
CA LYS R 143 14.48 -55.18 70.32
C LYS R 143 14.23 -53.74 69.88
N VAL R 144 13.08 -53.52 69.25
CA VAL R 144 12.63 -52.18 68.87
C VAL R 144 11.14 -52.02 69.15
N ASN R 145 10.79 -51.02 69.94
CA ASN R 145 9.40 -50.76 70.29
C ASN R 145 8.73 -49.81 69.31
N ILE R 146 7.52 -50.14 68.89
CA ILE R 146 6.79 -49.28 67.95
C ILE R 146 5.38 -48.98 68.44
N GLU R 147 5.04 -47.69 68.49
CA GLU R 147 3.72 -47.26 68.92
C GLU R 147 2.93 -46.66 67.75
N VAL R 148 1.88 -47.36 67.34
CA VAL R 148 1.05 -46.88 66.23
C VAL R 148 -0.43 -46.97 66.58
N GLN R 149 -1.25 -46.24 65.83
CA GLN R 149 -2.69 -46.25 66.02
C GLN R 149 -3.26 -47.66 65.86
N MET R 150 -3.22 -48.17 64.63
CA MET R 150 -3.68 -49.52 64.34
C MET R 150 -2.69 -50.25 63.44
N ALA R 151 -2.17 -51.37 63.92
CA ALA R 151 -1.21 -52.16 63.16
C ALA R 151 -1.86 -53.39 62.56
N SER R 152 -1.46 -53.73 61.34
CA SER R 152 -1.99 -54.91 60.66
C SER R 152 -1.52 -56.19 61.33
N GLU R 153 -2.24 -57.29 61.06
CA GLU R 153 -1.95 -58.59 61.67
C GLU R 153 -0.50 -59.03 61.42
N LEU R 154 -0.08 -58.99 60.16
CA LEU R 154 1.26 -59.42 59.80
C LEU R 154 2.33 -58.49 60.33
N ALA R 155 1.96 -57.23 60.59
CA ALA R 155 2.88 -56.27 61.18
C ALA R 155 3.17 -56.63 62.64
N ILE R 156 2.10 -56.80 63.41
CA ILE R 156 2.22 -57.22 64.81
C ILE R 156 2.94 -58.56 64.90
N ALA R 157 2.61 -59.45 63.98
CA ALA R 157 3.29 -60.74 63.86
C ALA R 157 4.80 -60.56 63.71
N ALA R 158 5.19 -59.89 62.62
CA ALA R 158 6.61 -59.64 62.32
C ALA R 158 7.36 -58.99 63.48
N ILE R 159 6.74 -57.99 64.09
CA ILE R 159 7.39 -57.27 65.19
C ILE R 159 7.57 -58.15 66.42
N GLU R 160 6.49 -58.82 66.83
CA GLU R 160 6.52 -59.66 68.03
C GLU R 160 7.43 -60.88 67.86
N LYS R 161 7.57 -61.34 66.62
CA LYS R 161 8.36 -62.54 66.33
C LYS R 161 9.83 -62.35 66.70
N ASN R 162 10.37 -61.16 66.43
CA ASN R 162 11.77 -60.88 66.71
C ASN R 162 11.98 -60.30 68.11
N GLY R 163 10.89 -60.18 68.87
CA GLY R 163 10.97 -59.71 70.24
C GLY R 163 10.56 -58.26 70.41
N GLY R 164 10.05 -57.65 69.35
CA GLY R 164 9.62 -56.26 69.39
C GLY R 164 8.32 -56.09 70.15
N VAL R 165 8.01 -54.85 70.52
CA VAL R 165 6.79 -54.55 71.24
C VAL R 165 5.84 -53.67 70.42
N VAL R 166 4.60 -54.13 70.30
CA VAL R 166 3.57 -53.42 69.56
C VAL R 166 2.64 -52.65 70.49
N THR R 167 2.66 -51.32 70.38
CA THR R 167 1.79 -50.49 71.19
C THR R 167 0.63 -49.94 70.36
N THR R 168 -0.58 -50.42 70.71
CA THR R 168 -1.79 -50.02 70.00
C THR R 168 -2.55 -48.96 70.79
N ALA R 169 -2.75 -47.80 70.17
CA ALA R 169 -3.47 -46.70 70.80
C ALA R 169 -4.83 -46.49 70.15
N ARG S 55 -47.55 -53.77 -30.95
CA ARG S 55 -46.80 -54.62 -30.03
C ARG S 55 -46.30 -53.83 -28.83
N VAL S 56 -46.93 -54.05 -27.68
CA VAL S 56 -46.57 -53.37 -26.44
C VAL S 56 -46.42 -54.37 -25.30
N PRO S 57 -45.54 -54.05 -24.34
CA PRO S 57 -45.36 -54.89 -23.14
C PRO S 57 -46.66 -55.11 -22.38
N LEU S 58 -46.91 -56.34 -21.94
CA LEU S 58 -48.15 -56.69 -21.27
C LEU S 58 -48.30 -55.97 -19.93
N VAL S 59 -47.32 -56.16 -19.06
CA VAL S 59 -47.33 -55.53 -17.73
C VAL S 59 -46.04 -54.78 -17.48
N PRO S 60 -46.00 -53.49 -17.85
CA PRO S 60 -44.81 -52.67 -17.62
C PRO S 60 -44.75 -52.10 -16.21
N LYS S 61 -44.91 -52.96 -15.21
CA LYS S 61 -44.82 -52.55 -13.82
C LYS S 61 -43.36 -52.59 -13.38
N VAL S 62 -42.54 -53.26 -14.17
CA VAL S 62 -41.10 -53.35 -13.90
C VAL S 62 -40.45 -51.99 -14.02
N ARG S 63 -39.62 -51.64 -13.04
CA ARG S 63 -38.94 -50.36 -13.02
C ARG S 63 -38.04 -50.20 -14.23
N ARG S 64 -37.92 -48.96 -14.72
CA ARG S 64 -37.08 -48.64 -15.87
C ARG S 64 -35.65 -49.13 -15.71
N GLU S 65 -35.09 -49.67 -16.78
CA GLU S 65 -33.75 -50.22 -16.75
C GLU S 65 -32.69 -49.16 -17.05
N ARG S 66 -31.59 -49.22 -16.30
CA ARG S 66 -30.46 -48.32 -16.51
C ARG S 66 -29.76 -48.62 -17.83
N LYS S 67 -28.99 -47.68 -18.34
CA LYS S 67 -28.30 -47.86 -19.61
C LYS S 67 -26.93 -48.50 -19.38
N ASN S 68 -26.79 -49.74 -19.84
CA ASN S 68 -25.57 -50.50 -19.61
C ASN S 68 -24.45 -50.12 -20.57
N LEU S 69 -24.82 -49.80 -21.81
CA LEU S 69 -23.89 -49.40 -22.87
C LEU S 69 -22.97 -50.55 -23.30
N SER S 70 -23.07 -51.68 -22.62
CA SER S 70 -22.27 -52.85 -22.96
C SER S 70 -22.78 -53.49 -24.24
N ASP S 71 -24.06 -53.29 -24.53
CA ASP S 71 -24.67 -53.80 -25.76
C ASP S 71 -24.14 -53.04 -26.97
N ILE S 72 -23.76 -51.79 -26.76
CA ILE S 72 -23.18 -50.98 -27.82
C ILE S 72 -21.72 -51.37 -28.03
N ARG S 73 -21.03 -51.66 -26.93
CA ARG S 73 -19.61 -52.00 -26.97
C ARG S 73 -19.37 -53.46 -27.37
N GLY S 74 -20.18 -54.37 -26.83
CA GLY S 74 -19.99 -55.78 -27.06
C GLY S 74 -20.34 -56.26 -28.45
N PRO S 75 -19.43 -57.02 -29.08
CA PRO S 75 -19.63 -57.64 -30.39
C PRO S 75 -20.14 -59.09 -30.29
N SER S 76 -21.40 -59.27 -29.89
CA SER S 76 -21.96 -60.61 -29.71
C SER S 76 -22.19 -61.32 -31.04
N THR S 77 -21.66 -62.53 -31.14
CA THR S 77 -21.80 -63.36 -32.34
C THR S 77 -22.99 -64.32 -32.18
N GLU S 78 -23.72 -64.16 -31.08
CA GLU S 78 -24.80 -65.07 -30.70
C GLU S 78 -25.83 -65.32 -31.81
N ALA S 79 -26.39 -64.24 -32.35
CA ALA S 79 -27.47 -64.36 -33.33
C ALA S 79 -26.97 -64.39 -34.77
N THR S 80 -25.65 -64.40 -34.94
CA THR S 80 -25.05 -64.37 -36.28
C THR S 80 -25.30 -65.67 -37.04
N GLU S 81 -25.77 -66.70 -36.35
CA GLU S 81 -26.09 -67.98 -36.98
C GLU S 81 -27.11 -67.81 -38.10
N PHE S 82 -26.77 -68.32 -39.28
CA PHE S 82 -27.58 -68.09 -40.48
C PHE S 82 -28.83 -68.97 -40.50
N THR S 83 -28.71 -70.19 -39.99
CA THR S 83 -29.82 -71.13 -39.90
C THR S 83 -30.47 -71.39 -41.26
N GLU S 84 -31.80 -71.41 -41.29
CA GLU S 84 -32.54 -71.75 -42.50
C GLU S 84 -32.64 -70.58 -43.49
N GLY S 85 -32.53 -69.37 -42.98
CA GLY S 85 -32.64 -68.18 -43.81
C GLY S 85 -31.54 -68.08 -44.85
N ARG S 86 -31.94 -67.91 -46.12
CA ARG S 86 -30.98 -67.81 -47.22
C ARG S 86 -30.37 -66.42 -47.29
N PHE S 87 -31.15 -65.41 -46.91
CA PHE S 87 -30.68 -64.04 -46.90
C PHE S 87 -31.04 -63.37 -45.58
N ALA S 88 -30.19 -62.47 -45.10
CA ALA S 88 -30.46 -61.80 -43.83
C ALA S 88 -29.87 -60.40 -43.75
N ILE S 89 -30.09 -59.74 -42.61
CA ILE S 89 -29.56 -58.41 -42.36
C ILE S 89 -28.59 -58.43 -41.19
N LEU S 90 -27.44 -57.79 -41.35
CA LEU S 90 -26.42 -57.76 -40.31
C LEU S 90 -26.21 -56.33 -39.80
N ALA S 91 -25.76 -56.19 -38.57
CA ALA S 91 -25.52 -54.89 -37.97
C ALA S 91 -24.03 -54.57 -37.92
N LEU S 92 -23.64 -53.45 -38.51
CA LEU S 92 -22.24 -53.04 -38.55
C LEU S 92 -21.83 -52.21 -37.33
N GLY S 93 -22.81 -51.87 -36.50
CA GLY S 93 -22.56 -51.09 -35.30
C GLY S 93 -23.59 -51.30 -34.22
N GLY S 94 -23.19 -51.03 -32.98
CA GLY S 94 -24.09 -51.16 -31.84
C GLY S 94 -25.03 -49.98 -31.72
N GLY S 95 -26.25 -50.24 -31.29
CA GLY S 95 -27.24 -49.18 -31.14
C GLY S 95 -28.59 -49.66 -30.65
N TYR S 96 -29.40 -48.75 -30.16
CA TYR S 96 -30.74 -49.07 -29.69
C TYR S 96 -31.76 -48.93 -30.82
N LEU S 97 -32.51 -50.00 -31.07
CA LEU S 97 -33.49 -50.00 -32.15
C LEU S 97 -34.89 -49.70 -31.62
N HIS S 98 -35.43 -48.56 -32.03
CA HIS S 98 -36.75 -48.12 -31.57
C HIS S 98 -37.85 -49.05 -32.07
N TRP S 99 -38.95 -49.11 -31.32
CA TRP S 99 -40.09 -49.97 -31.69
C TRP S 99 -40.75 -49.46 -32.96
N GLY S 100 -40.71 -48.14 -33.16
CA GLY S 100 -41.25 -47.54 -34.36
C GLY S 100 -40.43 -47.96 -35.57
N HIS S 101 -39.13 -48.04 -35.39
CA HIS S 101 -38.23 -48.47 -36.46
C HIS S 101 -38.56 -49.89 -36.90
N PHE S 102 -38.74 -50.76 -35.92
CA PHE S 102 -39.03 -52.18 -36.17
C PHE S 102 -40.41 -52.35 -36.80
N GLU S 103 -41.40 -51.61 -36.30
CA GLU S 103 -42.77 -51.70 -36.80
C GLU S 103 -42.87 -51.19 -38.24
N MET S 104 -42.23 -50.05 -38.50
CA MET S 104 -42.25 -49.47 -39.83
C MET S 104 -41.36 -50.28 -40.78
N MET S 105 -40.45 -51.07 -40.21
CA MET S 105 -39.67 -52.01 -41.00
C MET S 105 -40.54 -53.20 -41.37
N ARG S 106 -41.46 -53.55 -40.47
CA ARG S 106 -42.42 -54.62 -40.74
C ARG S 106 -43.39 -54.17 -41.83
N LEU S 107 -43.80 -52.92 -41.76
CA LEU S 107 -44.66 -52.34 -42.80
C LEU S 107 -43.90 -52.26 -44.11
N THR S 108 -42.60 -51.98 -44.01
CA THR S 108 -41.73 -51.90 -45.18
C THR S 108 -41.62 -53.25 -45.88
N ILE S 109 -41.43 -54.30 -45.10
CA ILE S 109 -41.29 -55.64 -45.66
C ILE S 109 -42.65 -56.19 -46.09
N ASN S 110 -43.72 -55.65 -45.53
CA ASN S 110 -45.07 -56.05 -45.92
C ASN S 110 -45.50 -55.44 -47.24
N ARG S 111 -45.18 -54.16 -47.44
CA ARG S 111 -45.52 -53.47 -48.68
C ARG S 111 -44.63 -53.94 -49.83
N SER S 112 -43.43 -54.41 -49.49
CA SER S 112 -42.46 -54.87 -50.49
C SER S 112 -42.55 -56.38 -50.70
N MET S 113 -43.53 -57.01 -50.05
CA MET S 113 -43.70 -58.46 -50.12
C MET S 113 -43.78 -58.99 -51.55
N ASP S 114 -42.98 -60.01 -51.84
CA ASP S 114 -43.02 -60.67 -53.14
C ASP S 114 -44.24 -61.57 -53.21
N PRO S 115 -45.09 -61.35 -54.23
CA PRO S 115 -46.37 -62.07 -54.37
C PRO S 115 -46.21 -63.58 -54.50
N LYS S 116 -45.27 -64.02 -55.34
CA LYS S 116 -45.07 -65.46 -55.58
C LYS S 116 -44.76 -66.23 -54.30
N ASN S 117 -43.55 -66.06 -53.78
CA ASN S 117 -43.17 -66.67 -52.51
C ASN S 117 -42.35 -65.74 -51.63
N MET S 118 -42.86 -65.41 -50.45
CA MET S 118 -42.08 -64.67 -49.47
C MET S 118 -42.57 -64.94 -48.04
N PHE S 119 -41.63 -64.94 -47.11
CA PHE S 119 -41.97 -65.07 -45.69
C PHE S 119 -41.02 -64.23 -44.85
N ALA S 120 -41.58 -63.50 -43.87
CA ALA S 120 -40.79 -62.60 -43.05
C ALA S 120 -40.58 -63.16 -41.65
N LEU S 121 -39.31 -63.23 -41.23
CA LEU S 121 -38.97 -63.72 -39.90
C LEU S 121 -38.06 -62.73 -39.18
N TRP S 122 -38.50 -62.28 -38.00
CA TRP S 122 -37.74 -61.31 -37.23
C TRP S 122 -37.10 -61.95 -36.00
N ARG S 123 -35.77 -62.00 -35.99
CA ARG S 123 -35.04 -62.54 -34.86
C ARG S 123 -35.03 -61.57 -33.69
N VAL S 124 -35.27 -60.29 -33.98
CA VAL S 124 -35.30 -59.27 -32.95
C VAL S 124 -36.64 -59.25 -32.22
N PRO S 125 -36.62 -59.56 -30.92
CA PRO S 125 -37.82 -59.60 -30.07
C PRO S 125 -38.33 -58.19 -29.73
N ALA S 126 -39.57 -58.11 -29.23
CA ALA S 126 -40.14 -56.85 -28.78
C ALA S 126 -39.26 -56.21 -27.71
N PRO S 127 -39.08 -54.89 -27.79
CA PRO S 127 -38.16 -54.17 -26.89
C PRO S 127 -38.51 -54.31 -25.42
N PHE S 128 -37.54 -54.73 -24.62
CA PHE S 128 -37.71 -54.84 -23.17
C PHE S 128 -37.12 -53.64 -22.42
N LYS S 129 -36.50 -52.73 -23.16
CA LYS S 129 -35.80 -51.60 -22.55
C LYS S 129 -36.46 -50.26 -22.87
N PRO S 130 -37.08 -49.64 -21.86
CA PRO S 130 -37.75 -48.34 -21.99
C PRO S 130 -36.77 -47.18 -22.11
N ILE S 131 -37.25 -46.03 -22.59
CA ILE S 131 -36.43 -44.83 -22.68
C ILE S 131 -36.96 -43.73 -21.75
N THR S 132 -36.08 -43.24 -20.89
CA THR S 132 -36.45 -42.25 -19.88
C THR S 132 -36.18 -40.83 -20.37
N ARG S 133 -37.19 -39.98 -20.31
CA ARG S 133 -37.04 -38.58 -20.67
C ARG S 133 -37.84 -37.67 -19.75
N LYS S 134 -37.18 -36.64 -19.23
CA LYS S 134 -37.84 -35.65 -18.38
C LYS S 134 -38.71 -34.72 -19.22
N GLY S 135 -39.66 -34.06 -18.55
CA GLY S 135 -40.55 -33.12 -19.22
C GLY S 135 -39.79 -31.96 -19.84
N MET S 136 -40.37 -31.38 -20.88
CA MET S 136 -39.72 -30.27 -21.60
C MET S 136 -39.72 -29.00 -20.76
N GLY S 137 -38.53 -28.42 -20.60
CA GLY S 137 -38.38 -27.19 -19.85
C GLY S 137 -38.11 -27.39 -18.38
N GLN S 138 -37.97 -28.65 -17.96
CA GLN S 138 -37.71 -28.96 -16.57
C GLN S 138 -36.22 -28.86 -16.24
N ARG S 139 -35.88 -29.12 -14.98
CA ARG S 139 -34.49 -29.04 -14.53
C ARG S 139 -33.90 -30.43 -14.33
N MET S 140 -32.64 -30.47 -13.89
CA MET S 140 -31.96 -31.73 -13.65
C MET S 140 -32.26 -32.26 -12.25
N GLY S 141 -32.48 -33.56 -12.14
CA GLY S 141 -32.77 -34.19 -10.88
C GLY S 141 -34.24 -34.09 -10.50
N GLY S 142 -34.52 -34.15 -9.20
CA GLY S 142 -35.88 -34.10 -8.72
C GLY S 142 -36.66 -35.34 -9.08
N GLY S 143 -35.95 -36.47 -9.16
CA GLY S 143 -36.57 -37.73 -9.54
C GLY S 143 -36.48 -37.98 -11.03
N LYS S 144 -36.60 -39.25 -11.42
CA LYS S 144 -36.54 -39.62 -12.82
C LYS S 144 -37.77 -39.13 -13.58
N GLY S 145 -37.64 -39.03 -14.90
CA GLY S 145 -38.71 -38.49 -15.74
C GLY S 145 -39.71 -39.54 -16.18
N ALA S 146 -40.32 -39.32 -17.33
CA ALA S 146 -41.35 -40.23 -17.84
C ALA S 146 -40.82 -41.07 -19.00
N ILE S 147 -41.34 -42.30 -19.11
CA ILE S 147 -40.93 -43.20 -20.18
C ILE S 147 -41.64 -42.85 -21.49
N ASP S 148 -40.85 -42.51 -22.51
CA ASP S 148 -41.42 -42.16 -23.81
C ASP S 148 -41.76 -43.39 -24.64
N HIS S 149 -40.86 -44.37 -24.64
CA HIS S 149 -40.97 -45.54 -25.52
C HIS S 149 -39.86 -46.56 -25.25
N TYR S 150 -39.94 -47.69 -25.93
CA TYR S 150 -39.03 -48.81 -25.69
C TYR S 150 -38.07 -49.03 -26.87
N VAL S 151 -36.89 -49.54 -26.55
CA VAL S 151 -35.88 -49.84 -27.58
C VAL S 151 -35.22 -51.20 -27.33
N THR S 152 -34.80 -51.84 -28.41
CA THR S 152 -34.10 -53.13 -28.33
C THR S 152 -32.61 -52.93 -28.53
N PRO S 153 -31.80 -53.30 -27.53
CA PRO S 153 -30.35 -53.22 -27.66
C PRO S 153 -29.85 -54.12 -28.79
N VAL S 154 -29.03 -53.56 -29.68
CA VAL S 154 -28.53 -54.30 -30.82
C VAL S 154 -27.01 -54.22 -30.90
N LYS S 155 -26.35 -55.37 -30.85
CA LYS S 155 -24.90 -55.45 -30.92
C LYS S 155 -24.43 -55.65 -32.35
N ALA S 156 -23.14 -55.89 -32.52
CA ALA S 156 -22.57 -56.11 -33.85
C ALA S 156 -22.58 -57.59 -34.21
N GLY S 157 -23.18 -57.92 -35.35
CA GLY S 157 -23.25 -59.28 -35.81
C GLY S 157 -24.62 -59.91 -35.64
N ARG S 158 -25.49 -59.21 -34.91
CA ARG S 158 -26.85 -59.70 -34.65
C ARG S 158 -27.71 -59.57 -35.91
N LEU S 159 -28.46 -60.62 -36.22
CA LEU S 159 -29.36 -60.59 -37.38
C LEU S 159 -30.65 -59.86 -37.06
N ILE S 160 -30.91 -58.79 -37.79
CA ILE S 160 -32.11 -57.99 -37.59
C ILE S 160 -33.33 -58.65 -38.23
N VAL S 161 -33.20 -59.05 -39.49
CA VAL S 161 -34.31 -59.63 -40.25
C VAL S 161 -33.83 -60.75 -41.16
N GLU S 162 -34.54 -61.87 -41.17
CA GLU S 162 -34.28 -62.95 -42.10
C GLU S 162 -35.54 -63.27 -42.91
N MET S 163 -35.37 -63.55 -44.20
CA MET S 163 -36.50 -63.77 -45.09
C MET S 163 -36.43 -65.12 -45.79
N GLY S 164 -37.49 -65.91 -45.66
CA GLY S 164 -37.59 -67.16 -46.38
C GLY S 164 -38.26 -66.97 -47.73
N GLY S 165 -37.88 -67.80 -48.70
CA GLY S 165 -38.47 -67.73 -50.02
C GLY S 165 -37.51 -68.12 -51.13
N ARG S 166 -37.90 -67.86 -52.37
CA ARG S 166 -37.06 -68.12 -53.53
C ARG S 166 -35.87 -67.18 -53.56
N CYS S 167 -34.83 -67.56 -54.29
CA CYS S 167 -33.58 -66.80 -54.28
C CYS S 167 -33.43 -65.91 -55.52
N GLU S 168 -33.52 -64.61 -55.31
CA GLU S 168 -33.27 -63.62 -56.36
C GLU S 168 -32.42 -62.48 -55.80
N PHE S 169 -31.27 -62.23 -56.40
CA PHE S 169 -30.33 -61.25 -55.88
C PHE S 169 -30.85 -59.81 -56.08
N LYS S 170 -31.55 -59.61 -57.21
CA LYS S 170 -32.04 -58.30 -57.60
C LYS S 170 -32.98 -57.68 -56.57
N GLU S 171 -33.98 -58.44 -56.14
CA GLU S 171 -34.98 -57.94 -55.20
C GLU S 171 -34.42 -57.85 -53.78
N VAL S 172 -33.72 -58.91 -53.36
CA VAL S 172 -33.18 -58.99 -52.01
C VAL S 172 -32.18 -57.87 -51.72
N GLN S 173 -31.18 -57.71 -52.59
CA GLN S 173 -30.14 -56.71 -52.36
C GLN S 173 -30.75 -55.31 -52.27
N GLY S 174 -31.66 -55.00 -53.21
CA GLY S 174 -32.32 -53.70 -53.24
C GLY S 174 -33.15 -53.42 -52.01
N PHE S 175 -34.00 -54.37 -51.65
CA PHE S 175 -34.87 -54.20 -50.48
C PHE S 175 -34.06 -54.04 -49.20
N LEU S 176 -33.07 -54.91 -49.01
CA LEU S 176 -32.23 -54.84 -47.82
C LEU S 176 -31.40 -53.56 -47.82
N ASP S 177 -31.17 -53.00 -49.01
CA ASP S 177 -30.53 -51.69 -49.11
C ASP S 177 -31.46 -50.59 -48.62
N LEU S 178 -32.73 -50.69 -49.01
CA LEU S 178 -33.74 -49.74 -48.54
C LEU S 178 -33.85 -49.78 -47.01
N VAL S 179 -33.88 -50.99 -46.47
CA VAL S 179 -33.89 -51.19 -45.03
C VAL S 179 -32.62 -50.59 -44.41
N ALA S 180 -31.50 -50.75 -45.11
CA ALA S 180 -30.23 -50.19 -44.66
C ALA S 180 -30.30 -48.66 -44.60
N HIS S 181 -31.10 -48.08 -45.48
CA HIS S 181 -31.30 -46.64 -45.47
C HIS S 181 -32.28 -46.23 -44.38
N LYS S 182 -33.07 -47.18 -43.90
CA LYS S 182 -34.06 -46.89 -42.86
C LYS S 182 -33.53 -47.09 -41.44
N LEU S 183 -32.24 -47.39 -41.29
CA LEU S 183 -31.67 -47.65 -39.97
C LEU S 183 -30.57 -46.65 -39.59
N PRO S 184 -30.46 -46.34 -38.29
CA PRO S 184 -29.43 -45.43 -37.76
C PRO S 184 -28.02 -46.02 -37.85
N PHE S 185 -27.95 -47.35 -37.95
CA PHE S 185 -26.67 -48.02 -38.09
C PHE S 185 -26.61 -48.74 -39.44
N PRO S 186 -25.41 -48.81 -40.03
CA PRO S 186 -25.22 -49.46 -41.33
C PRO S 186 -25.65 -50.92 -41.32
N ALA S 187 -26.46 -51.31 -42.30
CA ALA S 187 -26.94 -52.69 -42.40
C ALA S 187 -26.24 -53.41 -43.53
N LYS S 188 -25.85 -54.65 -43.29
CA LYS S 188 -25.15 -55.46 -44.29
C LYS S 188 -26.03 -56.61 -44.77
N ALA S 189 -26.42 -56.57 -46.03
CA ALA S 189 -27.19 -57.68 -46.61
C ALA S 189 -26.28 -58.89 -46.70
N VAL S 190 -26.69 -60.00 -46.09
CA VAL S 190 -25.80 -61.14 -45.97
C VAL S 190 -26.38 -62.46 -46.49
N SER S 191 -25.49 -63.21 -47.14
CA SER S 191 -25.74 -64.59 -47.54
C SER S 191 -24.58 -65.42 -47.01
N UNK S 192 -24.73 -66.74 -47.01
CA UNK S 192 -23.73 -67.63 -46.42
C UNK S 192 -22.38 -67.47 -47.09
N UNK S 193 -22.35 -67.44 -48.41
CA UNK S 193 -21.10 -67.39 -49.14
C UNK S 193 -20.40 -66.06 -48.96
N UNK S 194 -21.17 -64.97 -48.94
CA UNK S 194 -20.57 -63.65 -48.84
C UNK S 194 -20.07 -63.40 -47.45
N UNK S 195 -20.76 -63.94 -46.44
CA UNK S 195 -20.35 -63.73 -45.07
C UNK S 195 -19.16 -64.58 -44.76
N UNK S 196 -19.10 -65.79 -45.33
CA UNK S 196 -17.98 -66.66 -45.08
C UNK S 196 -16.77 -66.14 -45.79
N UNK S 197 -16.96 -65.54 -46.96
CA UNK S 197 -15.83 -65.03 -47.73
C UNK S 197 -15.32 -63.76 -47.10
N UNK S 198 -16.21 -62.97 -46.50
CA UNK S 198 -15.78 -61.74 -45.87
C UNK S 198 -15.07 -62.03 -44.57
N UNK S 199 -15.51 -63.06 -43.86
CA UNK S 199 -14.86 -63.40 -42.60
C UNK S 199 -13.52 -64.05 -42.87
N UNK S 200 -13.43 -64.83 -43.94
CA UNK S 200 -12.17 -65.48 -44.25
C UNK S 200 -11.19 -64.46 -44.78
N UNK S 201 -11.68 -63.44 -45.48
CA UNK S 201 -10.79 -62.43 -46.01
C UNK S 201 -10.33 -61.53 -44.89
N UNK S 202 -11.17 -61.32 -43.88
CA UNK S 202 -10.78 -60.47 -42.77
C UNK S 202 -9.79 -61.21 -41.89
N UNK S 203 -9.93 -62.53 -41.77
CA UNK S 203 -8.99 -63.29 -40.96
C UNK S 203 -7.67 -63.41 -41.67
N UNK S 204 -7.72 -63.52 -43.00
CA UNK S 204 -6.49 -63.66 -43.76
C UNK S 204 -5.78 -62.33 -43.85
N UNK S 205 -6.52 -61.23 -43.72
CA UNK S 205 -5.90 -59.92 -43.77
C UNK S 205 -5.41 -59.55 -42.40
N UNK S 206 -5.96 -60.16 -41.35
CA UNK S 206 -5.50 -59.88 -40.01
C UNK S 206 -4.31 -60.74 -39.69
N UNK S 207 -4.16 -61.87 -40.36
CA UNK S 207 -3.03 -62.76 -40.11
C UNK S 207 -1.78 -62.23 -40.77
N UNK S 208 -1.92 -61.41 -41.80
CA UNK S 208 -0.78 -60.86 -42.51
C UNK S 208 -0.30 -59.62 -41.81
N ILE T 9 -23.08 33.94 -38.30
CA ILE T 9 -21.69 33.98 -38.70
C ILE T 9 -21.24 35.44 -38.86
N SER T 10 -19.93 35.66 -38.86
CA SER T 10 -19.37 37.01 -38.91
C SER T 10 -19.12 37.49 -40.33
N HIS T 11 -19.51 36.67 -41.31
CA HIS T 11 -19.26 36.99 -42.72
C HIS T 11 -19.90 38.30 -43.15
N GLY T 12 -19.08 39.20 -43.69
CA GLY T 12 -19.53 40.47 -44.21
C GLY T 12 -20.35 41.30 -43.24
N ARG T 13 -19.87 41.44 -42.02
CA ARG T 13 -20.61 42.19 -41.01
C ARG T 13 -19.77 43.24 -40.29
N VAL T 14 -20.14 44.51 -40.49
CA VAL T 14 -19.65 45.61 -39.68
C VAL T 14 -20.63 45.69 -38.50
N PHE T 15 -20.58 46.77 -37.71
CA PHE T 15 -21.49 46.92 -36.57
C PHE T 15 -21.25 45.80 -35.56
N ARG T 16 -20.13 45.90 -34.84
CA ARG T 16 -19.71 44.90 -33.88
C ARG T 16 -20.61 44.88 -32.63
N ARG T 17 -20.26 44.01 -31.69
CA ARG T 17 -21.06 43.82 -30.47
C ARG T 17 -20.36 44.42 -29.25
N LEU T 18 -19.19 43.89 -28.93
CA LEU T 18 -18.39 44.34 -27.79
C LEU T 18 -19.08 44.08 -26.45
N GLY T 19 -19.84 42.99 -26.40
CA GLY T 19 -20.45 42.52 -25.16
C GLY T 19 -21.55 43.40 -24.62
N LEU T 20 -22.10 44.26 -25.48
CA LEU T 20 -23.17 45.17 -25.06
C LEU T 20 -24.42 44.97 -25.91
N GLY T 21 -25.58 45.22 -25.30
CA GLY T 21 -26.84 45.16 -26.02
C GLY T 21 -26.97 46.33 -26.98
N PRO T 22 -27.98 46.30 -27.84
CA PRO T 22 -28.20 47.36 -28.84
C PRO T 22 -28.37 48.74 -28.19
N GLU T 23 -29.20 48.80 -27.15
CA GLU T 23 -29.43 50.06 -26.43
C GLU T 23 -28.16 50.48 -25.71
N SER T 24 -27.49 49.52 -25.08
CA SER T 24 -26.24 49.80 -24.37
C SER T 24 -25.16 50.25 -25.35
N ARG T 25 -25.16 49.67 -26.54
CA ARG T 25 -24.21 50.03 -27.58
C ARG T 25 -24.44 51.46 -28.07
N ILE T 26 -25.69 51.75 -28.41
CA ILE T 26 -26.07 53.09 -28.87
C ILE T 26 -25.73 54.14 -27.81
N HIS T 27 -26.11 53.86 -26.57
CA HIS T 27 -25.83 54.77 -25.46
C HIS T 27 -24.33 54.95 -25.25
N LEU T 28 -23.58 53.88 -25.41
CA LEU T 28 -22.12 53.95 -25.32
C LEU T 28 -21.56 54.88 -26.38
N LEU T 29 -22.05 54.73 -27.60
CA LEU T 29 -21.63 55.58 -28.71
C LEU T 29 -21.97 57.05 -28.43
N GLN T 30 -23.16 57.28 -27.87
CA GLN T 30 -23.60 58.62 -27.55
C GLN T 30 -22.73 59.26 -26.46
N ASN T 31 -22.33 58.46 -25.49
CA ASN T 31 -21.49 58.95 -24.40
C ASN T 31 -20.07 59.23 -24.87
N LEU T 32 -19.49 58.30 -25.62
CA LEU T 32 -18.14 58.46 -26.15
C LEU T 32 -18.08 59.65 -27.11
N LEU T 33 -19.14 59.83 -27.89
CA LEU T 33 -19.22 60.97 -28.80
C LEU T 33 -19.43 62.27 -28.03
N THR T 34 -20.14 62.19 -26.91
CA THR T 34 -20.32 63.33 -26.03
C THR T 34 -18.98 63.81 -25.51
N GLY T 35 -18.22 62.88 -24.95
CA GLY T 35 -16.90 63.19 -24.45
C GLY T 35 -15.96 63.67 -25.54
N LEU T 36 -16.09 63.06 -26.73
CA LEU T 36 -15.24 63.40 -27.86
C LEU T 36 -15.48 64.84 -28.32
N VAL T 37 -16.74 65.21 -28.49
CA VAL T 37 -17.07 66.54 -28.96
C VAL T 37 -16.83 67.57 -27.85
N ARG T 38 -16.93 67.15 -26.59
CA ARG T 38 -16.70 68.04 -25.47
C ARG T 38 -15.21 68.39 -25.30
N HIS T 39 -14.38 67.36 -25.19
CA HIS T 39 -12.96 67.56 -24.89
C HIS T 39 -12.09 67.67 -26.13
N GLU T 40 -12.69 67.41 -27.30
CA GLU T 40 -12.03 67.45 -28.61
C GLU T 40 -11.08 66.27 -28.81
N ARG T 41 -10.74 65.58 -27.73
CA ARG T 41 -9.95 64.36 -27.80
C ARG T 41 -10.29 63.45 -26.62
N ILE T 42 -10.36 62.14 -26.87
CA ILE T 42 -10.62 61.18 -25.79
C ILE T 42 -9.77 59.92 -25.89
N GLU T 43 -9.74 59.18 -24.79
CA GLU T 43 -9.00 57.92 -24.71
C GLU T 43 -9.94 56.75 -24.40
N ALA T 44 -9.94 55.75 -25.27
CA ALA T 44 -10.77 54.57 -25.07
C ALA T 44 -10.13 53.34 -25.71
N SER T 45 -10.79 52.20 -25.60
CA SER T 45 -10.29 50.97 -26.20
C SER T 45 -10.28 51.07 -27.72
N TRP T 46 -9.35 50.37 -28.36
CA TRP T 46 -9.16 50.45 -29.80
C TRP T 46 -10.42 50.12 -30.60
N ALA T 47 -11.16 49.12 -30.14
CA ALA T 47 -12.38 48.70 -30.81
C ALA T 47 -13.45 49.78 -30.75
N ARG T 48 -13.69 50.30 -29.54
CA ARG T 48 -14.69 51.35 -29.33
C ARG T 48 -14.33 52.61 -30.09
N VAL T 49 -13.02 52.90 -30.18
CA VAL T 49 -12.55 54.06 -30.93
C VAL T 49 -12.80 53.89 -32.43
N ASP T 50 -12.31 52.77 -32.96
CA ASP T 50 -12.46 52.46 -34.39
C ASP T 50 -13.92 52.42 -34.81
N GLU T 51 -14.79 52.01 -33.87
CA GLU T 51 -16.23 52.01 -34.12
C GLU T 51 -16.79 53.42 -34.03
N LEU T 52 -16.21 54.23 -33.15
CA LEU T 52 -16.69 55.58 -32.89
C LEU T 52 -16.37 56.53 -34.04
N ARG T 53 -15.30 56.22 -34.77
CA ARG T 53 -14.86 57.03 -35.91
C ARG T 53 -15.99 57.37 -36.88
N GLY T 54 -16.56 56.33 -37.50
CA GLY T 54 -17.63 56.48 -38.46
C GLY T 54 -18.80 57.32 -37.99
N TYR T 55 -19.29 57.02 -36.78
CA TYR T 55 -20.41 57.76 -36.20
C TYR T 55 -20.05 59.23 -35.97
N ALA T 56 -18.80 59.47 -35.58
CA ALA T 56 -18.30 60.82 -35.40
C ALA T 56 -18.34 61.58 -36.72
N GLU T 57 -17.83 60.95 -37.77
CA GLU T 57 -17.86 61.53 -39.11
C GLU T 57 -19.29 61.81 -39.55
N LYS T 58 -20.20 60.92 -39.18
CA LYS T 58 -21.61 61.08 -39.51
C LYS T 58 -22.22 62.29 -38.82
N LEU T 59 -21.95 62.45 -37.53
CA LEU T 59 -22.47 63.60 -36.78
C LEU T 59 -21.88 64.90 -37.30
N ILE T 60 -20.59 64.87 -37.67
CA ILE T 60 -19.95 66.04 -38.25
C ILE T 60 -20.61 66.42 -39.58
N ASP T 61 -20.87 65.42 -40.42
CA ASP T 61 -21.53 65.65 -41.69
C ASP T 61 -22.93 66.20 -41.51
N TYR T 62 -23.64 65.68 -40.49
CA TYR T 62 -24.96 66.17 -40.16
C TYR T 62 -24.90 67.63 -39.74
N GLY T 63 -23.82 67.99 -39.06
CA GLY T 63 -23.58 69.38 -38.71
C GLY T 63 -23.25 70.22 -39.93
N LYS T 64 -22.69 69.57 -40.94
CA LYS T 64 -22.31 70.25 -42.18
C LYS T 64 -23.50 70.47 -43.10
N LEU T 65 -24.55 69.67 -42.92
CA LEU T 65 -25.76 69.79 -43.74
C LEU T 65 -26.35 71.19 -43.67
N GLY T 66 -26.91 71.54 -42.51
CA GLY T 66 -27.41 72.89 -42.31
C GLY T 66 -27.83 73.14 -40.87
N ASP T 67 -27.80 74.41 -40.47
CA ASP T 67 -28.25 74.80 -39.15
C ASP T 67 -29.78 74.95 -39.12
N THR T 68 -30.32 75.55 -40.17
CA THR T 68 -31.75 75.83 -40.25
C THR T 68 -32.56 74.57 -40.59
N ASN T 69 -31.92 73.67 -41.34
CA ASN T 69 -32.58 72.44 -41.78
C ASN T 69 -33.09 71.59 -40.62
N GLU T 70 -34.32 71.10 -40.74
CA GLU T 70 -34.95 70.33 -39.67
C GLU T 70 -34.39 68.91 -39.57
N ARG T 71 -34.06 68.31 -40.71
CA ARG T 71 -33.53 66.95 -40.73
C ARG T 71 -32.25 66.86 -39.89
N ALA T 72 -31.33 67.77 -40.16
CA ALA T 72 -30.08 67.84 -39.41
C ALA T 72 -30.31 68.22 -37.95
N MET T 73 -31.27 69.13 -37.73
CA MET T 73 -31.58 69.60 -36.39
C MET T 73 -32.06 68.47 -35.48
N ARG T 74 -33.11 67.78 -35.91
CA ARG T 74 -33.67 66.69 -35.12
C ARG T 74 -32.73 65.49 -35.05
N MET T 75 -31.89 65.31 -36.06
CA MET T 75 -30.88 64.26 -35.99
C MET T 75 -29.87 64.55 -34.87
N ALA T 76 -29.41 65.81 -34.86
CA ALA T 76 -28.45 66.28 -33.86
C ALA T 76 -29.05 66.26 -32.46
N ASP T 77 -30.35 66.54 -32.37
CA ASP T 77 -31.05 66.50 -31.09
C ASP T 77 -31.27 65.07 -30.63
N PHE T 78 -31.40 64.16 -31.60
CA PHE T 78 -31.62 62.75 -31.29
C PHE T 78 -30.37 62.14 -30.68
N TRP T 79 -29.23 62.31 -31.34
CA TRP T 79 -28.02 61.66 -30.83
C TRP T 79 -27.47 62.36 -29.59
N LEU T 80 -27.43 63.69 -29.61
CA LEU T 80 -26.87 64.46 -28.50
C LEU T 80 -27.96 65.15 -27.69
N THR T 81 -28.13 64.71 -26.45
CA THR T 81 -29.12 65.29 -25.55
C THR T 81 -28.62 66.59 -24.93
N GLU T 82 -27.33 66.65 -24.65
CA GLU T 82 -26.71 67.81 -24.01
C GLU T 82 -26.89 69.07 -24.84
N LYS T 83 -27.25 70.17 -24.18
CA LYS T 83 -27.49 71.44 -24.86
C LYS T 83 -26.20 72.22 -25.07
N ASP T 84 -25.13 71.79 -24.41
CA ASP T 84 -23.85 72.47 -24.51
C ASP T 84 -23.09 72.09 -25.79
N LEU T 85 -23.29 70.85 -26.24
CA LEU T 85 -22.51 70.30 -27.34
C LEU T 85 -22.93 70.85 -28.71
N ILE T 86 -24.23 70.96 -28.93
CA ILE T 86 -24.77 71.34 -30.23
C ILE T 86 -24.28 72.70 -30.76
N PRO T 87 -24.38 73.78 -29.95
CA PRO T 87 -23.93 75.06 -30.51
C PRO T 87 -22.43 75.09 -30.75
N LYS T 88 -21.66 74.41 -29.90
CA LYS T 88 -20.21 74.34 -30.06
C LYS T 88 -19.86 73.48 -31.26
N LEU T 89 -20.73 72.54 -31.61
CA LEU T 89 -20.51 71.67 -32.75
C LEU T 89 -20.80 72.41 -34.06
N PHE T 90 -21.93 73.10 -34.11
CA PHE T 90 -22.35 73.80 -35.32
C PHE T 90 -21.59 75.09 -35.58
N GLN T 91 -21.48 75.94 -34.56
CA GLN T 91 -20.89 77.26 -34.73
C GLN T 91 -19.37 77.25 -34.76
N VAL T 92 -18.76 76.36 -34.00
CA VAL T 92 -17.30 76.35 -33.86
C VAL T 92 -16.63 75.23 -34.64
N LEU T 93 -16.92 73.98 -34.28
CA LEU T 93 -16.22 72.83 -34.84
C LEU T 93 -16.54 72.59 -36.31
N ALA T 94 -17.77 72.86 -36.73
CA ALA T 94 -18.20 72.60 -38.09
C ALA T 94 -17.52 73.48 -39.17
N PRO T 95 -17.52 74.82 -39.01
CA PRO T 95 -17.03 75.64 -40.12
C PRO T 95 -15.55 75.43 -40.48
N ARG T 96 -14.75 74.91 -39.55
CA ARG T 96 -13.33 74.71 -39.83
C ARG T 96 -13.10 73.45 -40.66
N PHE T 97 -14.05 72.52 -40.60
CA PHE T 97 -13.97 71.28 -41.38
C PHE T 97 -14.72 71.39 -42.70
N GLN T 98 -15.25 72.58 -42.99
CA GLN T 98 -16.04 72.82 -44.20
C GLN T 98 -15.36 72.34 -45.48
N GLY T 99 -14.05 72.55 -45.56
CA GLY T 99 -13.30 72.14 -46.73
C GLY T 99 -12.96 70.66 -46.75
N GLN T 100 -12.84 70.07 -45.56
CA GLN T 100 -12.47 68.66 -45.43
C GLN T 100 -13.64 67.74 -45.79
N ASN T 101 -13.31 66.50 -46.15
CA ASN T 101 -14.32 65.49 -46.47
C ASN T 101 -14.21 64.29 -45.53
N GLY T 102 -13.08 63.58 -45.63
CA GLY T 102 -12.80 62.48 -44.73
C GLY T 102 -11.71 62.85 -43.73
N GLY T 103 -11.51 64.16 -43.56
CA GLY T 103 -10.38 64.66 -42.80
C GLY T 103 -10.57 64.89 -41.31
N TYR T 104 -11.53 64.19 -40.70
CA TYR T 104 -11.76 64.35 -39.27
C TYR T 104 -11.74 63.01 -38.53
N THR T 105 -11.69 63.10 -37.20
CA THR T 105 -11.66 61.95 -36.30
C THR T 105 -10.44 61.06 -36.55
N ARG T 106 -9.26 61.58 -36.19
CA ARG T 106 -8.02 60.82 -36.31
C ARG T 106 -7.84 59.89 -35.11
N MET T 107 -7.29 58.70 -35.38
CA MET T 107 -7.05 57.70 -34.35
C MET T 107 -5.57 57.41 -34.15
N LEU T 108 -5.11 57.42 -32.91
CA LEU T 108 -3.73 57.11 -32.57
C LEU T 108 -3.66 56.04 -31.49
N GLN T 109 -2.50 55.45 -31.29
CA GLN T 109 -2.33 54.38 -30.31
C GLN T 109 -1.54 54.82 -29.07
N ILE T 110 -1.94 54.30 -27.91
CA ILE T 110 -1.28 54.62 -26.66
C ILE T 110 -0.26 53.54 -26.27
N PRO T 111 0.97 53.97 -25.93
CA PRO T 111 2.12 53.10 -25.65
C PRO T 111 1.86 52.01 -24.59
N ASN T 112 1.25 52.37 -23.46
CA ASN T 112 1.08 51.42 -22.37
C ASN T 112 -0.32 50.81 -22.31
N ARG T 113 -0.51 49.92 -21.34
CA ARG T 113 -1.78 49.24 -21.15
C ARG T 113 -2.25 49.37 -19.71
N ASN T 114 -3.51 49.05 -19.46
CA ASN T 114 -4.06 49.09 -18.11
C ASN T 114 -3.40 48.04 -17.22
N GLU T 115 -3.40 48.29 -15.91
CA GLU T 115 -2.78 47.37 -14.97
C GLU T 115 -3.70 46.20 -14.66
N GLN T 116 -4.97 46.33 -15.04
CA GLN T 116 -5.96 45.31 -14.73
C GLN T 116 -6.19 44.36 -15.92
N ASP T 117 -6.86 44.86 -16.95
CA ASP T 117 -7.22 44.04 -18.10
C ASP T 117 -6.23 44.14 -19.24
N ARG T 118 -5.22 44.99 -19.07
CA ARG T 118 -4.20 45.23 -20.10
C ARG T 118 -4.83 45.59 -21.44
N ALA T 119 -5.96 46.28 -21.40
CA ALA T 119 -6.69 46.63 -22.62
C ALA T 119 -5.89 47.60 -23.48
N LYS T 120 -5.81 47.31 -24.77
CA LYS T 120 -5.10 48.18 -25.70
C LYS T 120 -5.78 49.54 -25.76
N MET T 121 -5.00 50.60 -25.53
CA MET T 121 -5.55 51.94 -25.44
C MET T 121 -5.28 52.74 -26.70
N ALA T 122 -6.29 53.52 -27.11
CA ALA T 122 -6.19 54.35 -28.31
C ALA T 122 -6.89 55.69 -28.06
N VAL T 123 -6.45 56.71 -28.78
CA VAL T 123 -7.02 58.06 -28.62
C VAL T 123 -7.64 58.57 -29.91
N ILE T 124 -8.79 59.21 -29.79
CA ILE T 124 -9.44 59.84 -30.94
C ILE T 124 -9.43 61.35 -30.78
N GLU T 125 -9.04 62.04 -31.86
CA GLU T 125 -8.96 63.51 -31.81
C GLU T 125 -9.34 64.16 -33.13
N TYR T 126 -10.04 65.29 -33.04
CA TYR T 126 -10.36 66.08 -34.23
C TYR T 126 -9.15 66.93 -34.62
N LYS T 127 -9.07 67.29 -35.89
CA LYS T 127 -7.99 68.15 -36.37
C LYS T 127 -8.19 69.59 -35.88
N GLY T 128 -7.16 70.13 -35.24
CA GLY T 128 -7.22 71.49 -34.73
C GLY T 128 -7.04 72.54 -35.81
N HIS U 79 -14.39 -92.02 21.66
CA HIS U 79 -14.51 -93.12 20.72
C HIS U 79 -15.96 -93.32 20.29
N ARG U 80 -16.16 -93.71 19.04
CA ARG U 80 -17.50 -93.90 18.50
C ARG U 80 -17.73 -95.34 18.04
N LEU U 81 -18.98 -95.76 18.03
CA LEU U 81 -19.34 -97.09 17.54
C LEU U 81 -20.19 -96.98 16.28
N ARG U 82 -19.63 -97.39 15.14
CA ARG U 82 -20.39 -97.35 13.90
C ARG U 82 -20.89 -98.74 13.51
N VAL U 83 -22.21 -98.91 13.54
CA VAL U 83 -22.82 -100.20 13.25
C VAL U 83 -23.58 -100.18 11.93
N ILE U 84 -23.18 -101.05 11.02
CA ILE U 84 -23.86 -101.17 9.73
C ILE U 84 -24.71 -102.44 9.67
N ARG U 85 -26.02 -102.27 9.66
CA ARG U 85 -26.94 -103.40 9.57
C ARG U 85 -27.35 -103.65 8.13
N THR U 86 -27.29 -104.90 7.70
CA THR U 86 -27.64 -105.26 6.33
C THR U 86 -28.71 -106.34 6.30
N GLN U 87 -29.06 -106.78 5.10
CA GLN U 87 -30.09 -107.79 4.91
C GLN U 87 -29.58 -109.18 5.30
N HIS U 88 -28.27 -109.36 5.29
CA HIS U 88 -27.66 -110.64 5.62
C HIS U 88 -26.90 -110.58 6.94
N HIS U 89 -25.85 -109.77 6.99
CA HIS U 89 -25.01 -109.65 8.18
C HIS U 89 -25.13 -108.28 8.82
N ILE U 90 -24.43 -108.10 9.94
CA ILE U 90 -24.36 -106.80 10.60
C ILE U 90 -22.96 -106.61 11.18
N GLU U 91 -22.40 -105.43 10.98
CA GLU U 91 -21.02 -105.16 11.40
C GLU U 91 -20.96 -104.03 12.43
N ALA U 92 -19.92 -104.07 13.26
CA ALA U 92 -19.69 -103.03 14.26
C ALA U 92 -18.22 -102.63 14.27
N LEU U 93 -17.95 -101.35 14.06
CA LEU U 93 -16.58 -100.85 13.95
C LEU U 93 -16.28 -99.75 14.96
N VAL U 94 -15.05 -99.76 15.47
CA VAL U 94 -14.58 -98.70 16.37
C VAL U 94 -13.42 -97.95 15.72
N GLU U 95 -13.58 -96.64 15.55
CA GLU U 95 -12.59 -95.85 14.82
C GLU U 95 -12.00 -94.70 15.66
N HIS U 96 -10.68 -94.59 15.62
CA HIS U 96 -9.97 -93.47 16.22
C HIS U 96 -10.14 -92.20 15.39
N ARG U 97 -9.85 -91.06 16.00
CA ARG U 97 -9.96 -89.76 15.34
C ARG U 97 -9.20 -89.68 14.02
N ASN U 98 -8.14 -90.48 13.89
CA ASN U 98 -7.32 -90.48 12.69
C ASN U 98 -7.92 -91.32 11.57
N GLY U 99 -9.04 -91.97 11.86
CA GLY U 99 -9.74 -92.78 10.87
C GLY U 99 -9.40 -94.25 10.98
N GLN U 100 -8.31 -94.56 11.67
CA GLN U 100 -7.89 -95.94 11.85
C GLN U 100 -8.87 -96.71 12.74
N VAL U 101 -9.01 -98.00 12.46
CA VAL U 101 -9.93 -98.84 13.21
C VAL U 101 -9.29 -99.38 14.48
N VAL U 102 -9.89 -99.06 15.63
CA VAL U 102 -9.37 -99.52 16.92
C VAL U 102 -9.63 -101.02 17.07
N VAL U 103 -10.78 -101.46 16.57
CA VAL U 103 -11.20 -102.86 16.62
C VAL U 103 -12.52 -103.01 15.86
N SER U 104 -12.84 -104.24 15.48
CA SER U 104 -14.04 -104.50 14.69
C SER U 104 -14.62 -105.88 14.97
N ALA U 105 -15.95 -105.97 14.96
CA ALA U 105 -16.63 -107.25 15.11
C ALA U 105 -17.76 -107.36 14.10
N SER U 106 -17.69 -108.34 13.22
CA SER U 106 -18.72 -108.55 12.22
C SER U 106 -19.43 -109.88 12.43
N THR U 107 -20.46 -110.13 11.62
CA THR U 107 -21.22 -111.38 11.73
C THR U 107 -20.54 -112.54 11.02
N ARG U 108 -20.02 -112.29 9.83
CA ARG U 108 -19.52 -113.35 8.96
C ARG U 108 -18.37 -114.16 9.54
N GLU U 109 -17.30 -113.46 9.94
CA GLU U 109 -16.10 -114.12 10.44
C GLU U 109 -16.38 -114.99 11.65
N TRP U 110 -17.13 -114.46 12.60
CA TRP U 110 -17.47 -115.18 13.81
C TRP U 110 -18.53 -116.24 13.55
N ALA U 111 -19.23 -116.13 12.42
CA ALA U 111 -20.16 -117.16 12.00
C ALA U 111 -19.39 -118.31 11.39
N ILE U 112 -18.21 -118.02 10.86
CA ILE U 112 -17.32 -119.05 10.34
C ILE U 112 -16.61 -119.74 11.50
N LYS U 113 -16.19 -118.94 12.48
CA LYS U 113 -15.46 -119.46 13.65
C LYS U 113 -16.35 -120.30 14.56
N LYS U 114 -17.48 -119.72 14.97
CA LYS U 114 -18.35 -120.35 15.96
C LYS U 114 -19.42 -121.22 15.32
N HIS U 115 -19.49 -121.21 13.99
CA HIS U 115 -20.49 -121.95 13.24
C HIS U 115 -21.92 -121.55 13.64
N LEU U 116 -22.06 -120.31 14.11
CA LEU U 116 -23.36 -119.76 14.49
C LEU U 116 -24.18 -119.41 13.25
N TYR U 117 -25.49 -119.25 13.43
CA TYR U 117 -26.40 -118.91 12.34
C TYR U 117 -25.94 -117.64 11.63
N SER U 118 -25.78 -117.71 10.30
CA SER U 118 -25.21 -116.62 9.52
C SER U 118 -26.24 -115.57 9.12
N THR U 119 -27.52 -115.91 9.21
CA THR U 119 -28.58 -114.97 8.84
C THR U 119 -28.77 -113.96 9.97
N ARG U 120 -29.13 -112.73 9.61
CA ARG U 120 -29.30 -111.67 10.59
C ARG U 120 -30.36 -112.00 11.63
N ASN U 121 -29.98 -111.92 12.89
CA ASN U 121 -30.89 -112.18 14.01
C ASN U 121 -30.49 -111.33 15.21
N VAL U 122 -31.43 -111.17 16.14
CA VAL U 122 -31.15 -110.40 17.34
C VAL U 122 -30.17 -111.16 18.23
N VAL U 123 -30.26 -112.49 18.18
CA VAL U 123 -29.34 -113.35 18.94
C VAL U 123 -27.92 -113.19 18.41
N ALA U 124 -27.78 -113.11 17.09
CA ALA U 124 -26.49 -112.90 16.46
C ALA U 124 -25.93 -111.53 16.83
N CYS U 125 -26.82 -110.54 16.89
CA CYS U 125 -26.42 -109.19 17.29
C CYS U 125 -25.93 -109.17 18.72
N GLU U 126 -26.58 -109.95 19.58
CA GLU U 126 -26.14 -110.09 20.97
C GLU U 126 -24.79 -110.79 21.02
N SER U 127 -24.59 -111.77 20.15
CA SER U 127 -23.34 -112.51 20.09
C SER U 127 -22.17 -111.60 19.71
N VAL U 128 -22.29 -110.92 18.57
CA VAL U 128 -21.24 -110.02 18.12
C VAL U 128 -21.12 -108.80 19.05
N GLY U 129 -22.19 -108.54 19.81
CA GLY U 129 -22.17 -107.47 20.79
C GLY U 129 -21.30 -107.84 21.97
N ARG U 130 -21.45 -109.07 22.45
CA ARG U 130 -20.63 -109.59 23.54
C ARG U 130 -19.18 -109.76 23.07
N VAL U 131 -19.01 -110.12 21.81
CA VAL U 131 -17.69 -110.25 21.21
C VAL U 131 -16.98 -108.90 21.20
N LEU U 132 -17.62 -107.90 20.59
CA LEU U 132 -17.08 -106.54 20.53
C LEU U 132 -16.81 -106.00 21.93
N ALA U 133 -17.72 -106.31 22.85
CA ALA U 133 -17.54 -105.95 24.26
C ALA U 133 -16.22 -106.50 24.79
N GLU U 134 -16.10 -107.82 24.78
CA GLU U 134 -14.89 -108.50 25.25
C GLU U 134 -13.61 -107.96 24.60
N ARG U 135 -13.63 -107.77 23.29
CA ARG U 135 -12.45 -107.29 22.58
C ARG U 135 -12.10 -105.86 23.01
N CYS U 136 -13.11 -105.03 23.21
CA CYS U 136 -12.89 -103.66 23.65
C CYS U 136 -12.36 -103.62 25.08
N LEU U 137 -12.80 -104.56 25.91
CA LEU U 137 -12.33 -104.65 27.30
C LEU U 137 -10.89 -105.13 27.34
N GLU U 138 -10.54 -106.04 26.45
CA GLU U 138 -9.17 -106.54 26.37
C GLU U 138 -8.24 -105.50 25.77
N ALA U 139 -8.81 -104.62 24.95
CA ALA U 139 -8.03 -103.55 24.33
C ALA U 139 -8.01 -102.32 25.23
N GLY U 140 -8.79 -102.35 26.30
CA GLY U 140 -8.85 -101.25 27.24
C GLY U 140 -9.69 -100.09 26.74
N ILE U 141 -10.74 -100.41 25.99
CA ILE U 141 -11.61 -99.39 25.43
C ILE U 141 -12.83 -99.15 26.33
N ASN U 142 -12.90 -97.96 26.90
CA ASN U 142 -14.02 -97.60 27.77
C ASN U 142 -14.66 -96.28 27.36
N PHE U 143 -15.88 -96.04 27.84
CA PHE U 143 -16.64 -94.84 27.54
C PHE U 143 -16.78 -94.63 26.03
N MET U 144 -17.55 -95.50 25.39
CA MET U 144 -17.75 -95.45 23.95
C MET U 144 -19.09 -94.81 23.59
N VAL U 145 -19.10 -94.02 22.51
CA VAL U 145 -20.30 -93.32 22.07
C VAL U 145 -21.05 -94.11 21.01
N TYR U 146 -22.34 -94.33 21.23
CA TYR U 146 -23.18 -95.05 20.29
C TYR U 146 -24.31 -94.15 19.79
N HIS U 147 -24.28 -93.83 18.50
CA HIS U 147 -25.27 -92.92 17.91
C HIS U 147 -26.01 -93.55 16.74
N PRO U 148 -27.10 -94.27 17.03
CA PRO U 148 -27.96 -94.87 15.99
C PRO U 148 -28.88 -93.85 15.35
N THR U 149 -29.37 -94.15 14.14
CA THR U 149 -30.32 -93.29 13.46
C THR U 149 -31.64 -93.22 14.25
N PRO U 150 -32.23 -92.02 14.34
CA PRO U 150 -33.39 -91.76 15.19
C PRO U 150 -34.60 -92.65 14.92
N TRP U 151 -34.74 -93.15 13.70
CA TRP U 151 -35.89 -93.98 13.37
C TRP U 151 -35.75 -95.41 13.91
N GLU U 152 -34.72 -96.12 13.46
CA GLU U 152 -34.57 -97.53 13.78
C GLU U 152 -33.95 -97.76 15.16
N ALA U 153 -33.63 -96.68 15.87
CA ALA U 153 -33.03 -96.78 17.20
C ALA U 153 -33.97 -97.43 18.21
N ALA U 154 -35.26 -97.48 17.88
CA ALA U 154 -36.25 -98.04 18.78
C ALA U 154 -36.47 -99.53 18.52
N SER U 155 -35.71 -100.08 17.58
CA SER U 155 -35.82 -101.51 17.26
C SER U 155 -35.25 -102.37 18.39
N ASP U 156 -35.78 -103.59 18.50
CA ASP U 156 -35.37 -104.51 19.56
C ASP U 156 -33.93 -104.96 19.39
N SER U 157 -33.48 -105.03 18.13
CA SER U 157 -32.13 -105.47 17.83
C SER U 157 -31.07 -104.53 18.42
N ILE U 158 -31.25 -103.24 18.19
CA ILE U 158 -30.33 -102.23 18.69
C ILE U 158 -30.43 -102.11 20.21
N LYS U 159 -31.64 -102.28 20.74
CA LYS U 159 -31.85 -102.26 22.18
C LYS U 159 -31.10 -103.39 22.87
N ARG U 160 -31.14 -104.58 22.28
CA ARG U 160 -30.44 -105.72 22.84
C ARG U 160 -28.96 -105.67 22.48
N LEU U 161 -28.61 -104.81 21.52
CA LEU U 161 -27.21 -104.54 21.21
C LEU U 161 -26.60 -103.71 22.34
N GLN U 162 -27.31 -102.65 22.72
CA GLN U 162 -26.89 -101.81 23.83
C GLN U 162 -26.97 -102.58 25.15
N HIS U 163 -27.90 -103.53 25.20
CA HIS U 163 -28.04 -104.41 26.36
C HIS U 163 -26.84 -105.34 26.48
N ALA U 164 -26.46 -105.97 25.38
CA ALA U 164 -25.32 -106.87 25.36
C ALA U 164 -24.01 -106.13 25.60
N MET U 165 -23.96 -104.88 25.15
CA MET U 165 -22.79 -104.04 25.34
C MET U 165 -22.66 -103.62 26.80
N THR U 166 -23.77 -103.16 27.38
CA THR U 166 -23.79 -102.72 28.77
C THR U 166 -23.56 -103.89 29.72
N GLU U 167 -23.97 -105.08 29.29
CA GLU U 167 -23.78 -106.29 30.10
C GLU U 167 -22.30 -106.61 30.27
N GLY U 168 -21.48 -106.13 29.34
CA GLY U 168 -20.04 -106.33 29.40
C GLY U 168 -19.38 -105.58 30.54
N GLY U 169 -20.08 -104.60 31.08
CA GLY U 169 -19.58 -103.83 32.21
C GLY U 169 -19.10 -102.43 31.84
N VAL U 170 -19.24 -102.08 30.57
CA VAL U 170 -18.83 -100.76 30.10
C VAL U 170 -19.81 -99.69 30.57
N VAL U 171 -19.34 -98.44 30.59
CA VAL U 171 -20.17 -97.32 31.01
C VAL U 171 -20.39 -96.34 29.87
N LEU U 172 -21.65 -96.18 29.47
CA LEU U 172 -21.99 -95.27 28.37
C LEU U 172 -22.32 -93.87 28.91
N THR V 87 -16.12 44.51 -59.87
CA THR V 87 -17.17 43.60 -59.46
C THR V 87 -18.51 44.30 -59.41
N ASN V 88 -18.70 45.15 -58.39
CA ASN V 88 -19.94 45.92 -58.25
C ASN V 88 -20.20 46.88 -59.42
N PRO V 89 -19.19 47.67 -59.85
CA PRO V 89 -19.49 48.53 -61.00
C PRO V 89 -19.77 47.73 -62.27
N LEU V 90 -19.24 46.51 -62.33
CA LEU V 90 -19.53 45.63 -63.45
C LEU V 90 -20.97 45.15 -63.38
N LYS V 91 -21.48 44.99 -62.15
CA LYS V 91 -22.88 44.65 -61.95
C LYS V 91 -23.76 45.83 -62.37
N PHE V 92 -23.29 47.04 -62.07
CA PHE V 92 -23.98 48.24 -62.54
C PHE V 92 -23.98 48.27 -64.06
N GLN V 93 -22.90 47.82 -64.68
CA GLN V 93 -22.81 47.72 -66.12
C GLN V 93 -23.82 46.69 -66.65
N ILE V 94 -24.01 45.61 -65.90
CA ILE V 94 -25.01 44.61 -66.24
C ILE V 94 -26.40 45.24 -66.24
N GLU V 95 -26.71 45.99 -65.18
CA GLU V 95 -27.98 46.68 -65.06
C GLU V 95 -28.19 47.65 -66.22
N ARG V 96 -27.15 48.42 -66.56
CA ARG V 96 -27.23 49.39 -67.64
C ARG V 96 -27.48 48.71 -68.99
N LYS V 97 -26.73 47.66 -69.27
CA LYS V 97 -26.89 46.93 -70.52
C LYS V 97 -28.29 46.32 -70.64
N ASP V 98 -28.75 45.70 -69.55
CA ASP V 98 -30.07 45.09 -69.53
C ASP V 98 -31.16 46.14 -69.76
N MET V 99 -31.07 47.26 -69.04
CA MET V 99 -32.04 48.33 -69.17
C MET V 99 -32.04 48.92 -70.58
N LEU V 100 -30.87 48.98 -71.20
CA LEU V 100 -30.77 49.45 -72.59
C LEU V 100 -31.50 48.49 -73.53
N GLU V 101 -31.16 47.21 -73.42
CA GLU V 101 -31.76 46.15 -74.23
C GLU V 101 -33.29 46.16 -74.11
N ARG V 102 -33.80 46.37 -72.90
CA ARG V 102 -35.24 46.35 -72.66
C ARG V 102 -35.92 47.63 -73.13
N ARG V 103 -35.35 48.79 -72.79
CA ARG V 103 -35.96 50.07 -73.12
C ARG V 103 -36.00 50.33 -74.62
N LYS V 104 -35.06 49.76 -75.36
CA LYS V 104 -35.09 49.94 -76.80
C LYS V 104 -36.31 49.25 -77.45
N ILE V 105 -36.51 47.98 -77.12
CA ILE V 105 -37.61 47.21 -77.69
C ILE V 105 -38.94 47.49 -77.00
N LEU V 106 -38.91 47.57 -75.67
CA LEU V 106 -40.12 47.76 -74.89
C LEU V 106 -40.32 49.23 -74.50
N HIS V 107 -41.51 49.74 -74.79
CA HIS V 107 -41.86 51.13 -74.48
C HIS V 107 -42.57 51.22 -73.13
N ILE V 108 -42.64 50.10 -72.42
CA ILE V 108 -43.36 49.99 -71.15
C ILE V 108 -42.93 51.08 -70.16
N PRO V 109 -43.90 51.89 -69.71
CA PRO V 109 -43.66 53.03 -68.81
C PRO V 109 -43.29 52.61 -67.39
N GLU V 110 -42.71 53.53 -66.62
CA GLU V 110 -42.35 53.27 -65.24
C GLU V 110 -43.57 53.27 -64.33
N PHE V 111 -43.68 52.25 -63.50
CA PHE V 111 -44.79 52.16 -62.55
C PHE V 111 -44.27 51.96 -61.13
N TYR V 112 -45.10 52.25 -60.15
CA TYR V 112 -44.72 52.14 -58.74
C TYR V 112 -45.67 51.24 -57.98
N VAL V 113 -45.25 50.80 -56.80
CA VAL V 113 -46.08 49.99 -55.93
C VAL V 113 -47.39 50.71 -55.61
N GLY V 114 -48.48 49.96 -55.59
CA GLY V 114 -49.79 50.55 -55.39
C GLY V 114 -50.27 51.30 -56.61
N SER V 115 -50.23 50.63 -57.76
CA SER V 115 -50.74 51.20 -59.00
C SER V 115 -51.58 50.17 -59.73
N ILE V 116 -52.72 50.60 -60.26
CA ILE V 116 -53.63 49.68 -60.94
C ILE V 116 -53.19 49.52 -62.40
N LEU V 117 -52.84 48.29 -62.76
CA LEU V 117 -52.25 48.00 -64.06
C LEU V 117 -52.96 46.86 -64.78
N ARG V 118 -52.74 46.77 -66.09
CA ARG V 118 -53.24 45.68 -66.90
C ARG V 118 -52.10 45.14 -67.75
N VAL V 119 -51.76 43.86 -67.53
CA VAL V 119 -50.63 43.25 -68.22
C VAL V 119 -51.08 42.24 -69.27
N THR V 120 -50.54 42.38 -70.48
CA THR V 120 -50.83 41.46 -71.57
C THR V 120 -49.80 40.34 -71.60
N THR V 121 -50.26 39.10 -71.78
CA THR V 121 -49.39 37.94 -71.74
C THR V 121 -49.68 36.96 -72.87
N ALA V 122 -48.66 36.65 -73.66
CA ALA V 122 -48.77 35.70 -74.76
C ALA V 122 -48.28 34.31 -74.36
N ASP V 123 -47.85 34.17 -73.10
CA ASP V 123 -47.22 32.93 -72.62
C ASP V 123 -48.08 31.65 -72.68
N PRO V 124 -49.34 31.70 -72.20
CA PRO V 124 -50.05 30.41 -72.08
C PRO V 124 -50.37 29.74 -73.41
N TYR V 125 -50.96 28.55 -73.33
CA TYR V 125 -51.25 27.74 -74.51
C TYR V 125 -52.68 27.94 -75.01
N ALA V 126 -53.40 28.86 -74.40
CA ALA V 126 -54.79 29.13 -74.75
C ALA V 126 -54.92 29.58 -76.21
N SER V 127 -56.06 29.29 -76.81
CA SER V 127 -56.32 29.63 -78.21
C SER V 127 -56.15 31.12 -78.48
N ALA V 128 -56.54 31.93 -77.52
CA ALA V 128 -56.34 33.38 -77.61
C ALA V 128 -54.94 33.72 -77.12
N LYS V 129 -54.15 34.35 -78.00
CA LYS V 129 -52.77 34.69 -77.68
C LYS V 129 -52.70 35.78 -76.61
N THR V 130 -53.67 36.67 -76.61
CA THR V 130 -53.68 37.78 -75.67
C THR V 130 -54.35 37.40 -74.35
N SER V 131 -53.58 37.47 -73.26
CA SER V 131 -54.14 37.28 -71.93
C SER V 131 -54.03 38.56 -71.12
N GLN V 132 -55.18 39.20 -70.87
CA GLN V 132 -55.20 40.47 -70.15
C GLN V 132 -55.45 40.25 -68.66
N PHE V 133 -54.51 40.72 -67.84
CA PHE V 133 -54.64 40.58 -66.40
C PHE V 133 -54.66 41.95 -65.70
N LEU V 134 -55.81 42.28 -65.13
CA LEU V 134 -55.99 43.54 -64.42
C LEU V 134 -55.79 43.36 -62.93
N GLY V 135 -55.00 44.24 -62.32
CA GLY V 135 -54.75 44.16 -60.88
C GLY V 135 -53.81 45.23 -60.36
N ILE V 136 -53.76 45.38 -59.04
CA ILE V 136 -52.91 46.37 -58.41
C ILE V 136 -51.62 45.73 -57.89
N CYS V 137 -50.50 46.40 -58.09
CA CYS V 137 -49.21 45.84 -57.69
C CYS V 137 -48.98 46.01 -56.19
N ILE V 138 -48.85 44.88 -55.49
CA ILE V 138 -48.63 44.91 -54.05
C ILE V 138 -47.18 45.15 -53.66
N GLN V 139 -46.25 44.54 -54.40
CA GLN V 139 -44.83 44.68 -54.10
C GLN V 139 -43.97 44.70 -55.36
N ARG V 140 -43.02 45.62 -55.41
CA ARG V 140 -42.03 45.64 -56.47
C ARG V 140 -40.62 45.84 -55.92
N SER V 141 -39.78 44.82 -56.08
CA SER V 141 -38.36 44.96 -55.75
C SER V 141 -37.50 44.81 -56.99
N GLY V 142 -36.93 45.90 -57.47
CA GLY V 142 -36.06 45.84 -58.63
C GLY V 142 -34.72 45.21 -58.33
N SER V 143 -34.37 44.16 -59.07
CA SER V 143 -33.03 43.58 -58.99
C SER V 143 -32.51 43.21 -60.38
N GLY V 144 -31.43 43.86 -60.81
CA GLY V 144 -30.77 43.54 -62.05
C GLY V 144 -31.70 43.42 -63.25
N LEU V 145 -31.49 42.37 -64.04
CA LEU V 145 -32.39 42.03 -65.13
C LEU V 145 -33.61 41.29 -64.59
N GLY V 146 -33.44 40.66 -63.43
CA GLY V 146 -34.48 39.85 -62.83
C GLY V 146 -35.49 40.61 -61.99
N ALA V 147 -35.57 41.92 -62.21
CA ALA V 147 -36.52 42.76 -61.49
C ALA V 147 -37.96 42.30 -61.72
N THR V 148 -38.69 42.08 -60.64
CA THR V 148 -40.06 41.58 -60.73
C THR V 148 -41.04 42.44 -59.95
N PHE V 149 -42.33 42.26 -60.25
CA PHE V 149 -43.40 42.95 -59.53
C PHE V 149 -44.59 42.02 -59.35
N ILE V 150 -45.19 42.03 -58.16
CA ILE V 150 -46.31 41.15 -57.87
C ILE V 150 -47.64 41.88 -57.97
N LEU V 151 -48.57 41.29 -58.71
CA LEU V 151 -49.89 41.87 -58.92
C LEU V 151 -50.96 41.10 -58.16
N ARG V 152 -52.01 41.80 -57.74
CA ARG V 152 -53.10 41.18 -56.98
C ARG V 152 -54.45 41.77 -57.38
N ASN V 153 -55.45 40.90 -57.48
CA ASN V 153 -56.81 41.33 -57.81
C ASN V 153 -57.87 40.34 -57.32
N THR V 154 -59.12 40.79 -57.24
CA THR V 154 -60.20 39.92 -56.82
C THR V 154 -60.96 39.36 -58.03
N ILE V 155 -60.92 38.04 -58.18
CA ILE V 155 -61.59 37.39 -59.30
C ILE V 155 -62.59 36.34 -58.84
N GLU V 156 -63.87 36.57 -59.16
CA GLU V 156 -64.95 35.64 -58.84
C GLU V 156 -65.02 35.31 -57.35
N GLY V 157 -64.73 36.30 -56.51
CA GLY V 157 -64.79 36.11 -55.06
C GLY V 157 -63.51 35.55 -54.48
N GLN V 158 -62.62 35.06 -55.35
CA GLN V 158 -61.36 34.49 -54.90
C GLN V 158 -60.19 35.40 -55.26
N GLY V 159 -59.29 35.60 -54.30
CA GLY V 159 -58.12 36.42 -54.52
C GLY V 159 -57.11 35.77 -55.44
N VAL V 160 -56.63 36.54 -56.41
CA VAL V 160 -55.64 36.04 -57.36
C VAL V 160 -54.40 36.94 -57.35
N GLU V 161 -53.24 36.32 -57.13
CA GLU V 161 -51.98 37.04 -57.09
C GLU V 161 -50.98 36.45 -58.07
N ILE V 162 -50.61 37.23 -59.09
CA ILE V 162 -49.67 36.78 -60.09
C ILE V 162 -48.46 37.69 -60.18
N CYS V 163 -47.27 37.11 -60.04
CA CYS V 163 -46.03 37.88 -60.13
C CYS V 163 -45.48 37.85 -61.55
N PHE V 164 -45.14 39.03 -62.07
CA PHE V 164 -44.59 39.14 -63.42
C PHE V 164 -43.21 39.79 -63.41
N GLU V 165 -42.34 39.33 -64.30
CA GLU V 165 -41.04 39.96 -64.48
C GLU V 165 -41.20 41.21 -65.35
N LEU V 166 -40.59 42.30 -64.91
CA LEU V 166 -40.73 43.58 -65.62
C LEU V 166 -40.10 43.50 -67.01
N TYR V 167 -38.97 42.82 -67.11
CA TYR V 167 -38.23 42.73 -68.37
C TYR V 167 -38.59 41.48 -69.17
N ASN V 168 -39.55 40.71 -68.68
CA ASN V 168 -39.99 39.49 -69.33
C ASN V 168 -40.50 39.74 -70.75
N PRO V 169 -39.85 39.12 -71.75
CA PRO V 169 -40.24 39.27 -73.16
C PRO V 169 -41.60 38.65 -73.49
N ARG V 170 -42.08 37.77 -72.63
CA ARG V 170 -43.38 37.13 -72.83
C ARG V 170 -44.51 38.15 -72.74
N ILE V 171 -44.31 39.17 -71.90
CA ILE V 171 -45.31 40.23 -71.74
C ILE V 171 -45.34 41.13 -72.97
N GLN V 172 -46.54 41.30 -73.54
CA GLN V 172 -46.69 42.15 -74.71
C GLN V 172 -46.63 43.63 -74.32
N GLU V 173 -47.65 44.10 -73.62
CA GLU V 173 -47.67 45.48 -73.15
C GLU V 173 -48.23 45.58 -71.73
N ILE V 174 -48.19 46.80 -71.19
CA ILE V 174 -48.74 47.10 -69.87
C ILE V 174 -49.44 48.46 -69.89
N GLN V 175 -50.68 48.50 -69.43
CA GLN V 175 -51.43 49.75 -69.42
C GLN V 175 -51.79 50.17 -68.00
N VAL V 176 -51.57 51.45 -67.68
CA VAL V 176 -51.86 51.95 -66.33
C VAL V 176 -53.25 52.55 -66.28
N VAL V 177 -54.17 51.89 -65.57
CA VAL V 177 -55.54 52.40 -65.48
C VAL V 177 -55.66 53.49 -64.42
N LYS V 178 -55.00 53.29 -63.28
CA LYS V 178 -55.02 54.28 -62.21
C LYS V 178 -53.66 54.38 -61.51
N LEU V 179 -53.46 55.47 -60.78
CA LEU V 179 -52.20 55.71 -60.08
C LEU V 179 -52.41 56.04 -58.60
N GLU V 180 -51.79 55.26 -57.73
CA GLU V 180 -51.85 55.53 -56.29
C GLU V 180 -50.45 55.53 -55.67
N LYS V 181 -50.39 55.81 -54.37
CA LYS V 181 -49.14 56.00 -53.66
C LYS V 181 -49.07 55.16 -52.38
N ARG V 182 -50.04 55.42 -51.51
CA ARG V 182 -50.09 54.98 -50.11
C ARG V 182 -48.88 55.45 -49.30
N LEU V 183 -48.48 54.65 -48.32
CA LEU V 183 -47.34 55.00 -47.47
C LEU V 183 -46.06 54.21 -47.72
N ASP V 184 -46.12 53.19 -48.57
CA ASP V 184 -45.03 52.22 -48.62
C ASP V 184 -44.99 51.41 -49.91
N ASN V 185 -43.85 50.77 -50.14
CA ASN V 185 -43.69 49.85 -51.26
C ASN V 185 -44.20 48.45 -50.91
N SER V 186 -44.73 48.31 -49.70
CA SER V 186 -45.30 47.05 -49.25
C SER V 186 -46.80 47.18 -48.98
N LEU V 187 -47.61 46.53 -49.80
CA LEU V 187 -49.06 46.58 -49.67
C LEU V 187 -49.63 45.40 -48.86
N LEU V 188 -48.74 44.59 -48.29
CA LEU V 188 -49.13 43.38 -47.57
C LEU V 188 -50.23 43.60 -46.54
N TYR V 189 -50.31 44.81 -45.99
CA TYR V 189 -51.33 45.15 -45.02
C TYR V 189 -52.74 45.07 -45.61
N LEU V 190 -52.82 44.99 -46.93
CA LEU V 190 -54.10 44.86 -47.63
C LEU V 190 -54.60 43.42 -47.65
N ARG V 191 -53.79 42.49 -47.16
CA ARG V 191 -54.19 41.09 -47.11
C ARG V 191 -55.37 40.90 -46.17
N ASP V 192 -55.45 41.75 -45.14
CA ASP V 192 -56.56 41.71 -44.20
C ASP V 192 -57.80 42.40 -44.78
N ALA V 193 -57.57 43.36 -45.66
CA ALA V 193 -58.64 44.12 -46.33
C ALA V 193 -59.59 44.76 -45.34
N LEU V 194 -59.05 45.52 -44.39
CA LEU V 194 -59.85 46.21 -43.39
C LEU V 194 -60.30 47.59 -43.90
N PRO V 195 -61.51 48.01 -43.51
CA PRO V 195 -62.09 49.27 -43.97
C PRO V 195 -61.34 50.52 -43.48
N GLU V 196 -60.76 50.46 -42.28
CA GLU V 196 -60.00 51.59 -41.76
C GLU V 196 -58.78 51.90 -42.62
N TYR V 197 -58.05 50.83 -42.96
CA TYR V 197 -56.89 50.94 -43.84
C TYR V 197 -57.31 51.41 -45.23
N SER V 198 -58.55 51.10 -45.61
CA SER V 198 -59.08 51.56 -46.89
C SER V 198 -59.39 53.06 -46.81
N THR V 199 -59.78 53.52 -45.63
CA THR V 199 -59.99 54.94 -45.39
C THR V 199 -58.69 55.67 -45.61
N PHE V 200 -57.62 55.16 -45.00
CA PHE V 200 -56.30 55.73 -45.25
C PHE V 200 -55.93 55.65 -46.73
N ASP V 201 -56.29 54.55 -47.36
CA ASP V 201 -56.02 54.31 -48.78
C ASP V 201 -56.64 55.42 -49.64
N VAL V 202 -57.84 55.83 -49.28
CA VAL V 202 -58.54 56.89 -50.02
C VAL V 202 -57.97 58.25 -49.67
N ASN V 203 -57.51 58.42 -48.42
CA ASN V 203 -57.01 59.71 -47.94
C ASN V 203 -55.90 60.33 -48.80
N MET V 204 -54.72 59.73 -48.78
CA MET V 204 -53.57 60.29 -49.48
C MET V 204 -53.72 60.23 -51.00
N LYS V 205 -52.94 61.07 -51.69
CA LYS V 205 -52.97 61.14 -53.15
C LYS V 205 -52.62 59.79 -53.79
N LEU W 10 12.62 1.11 25.62
CA LEU W 10 11.97 1.33 24.33
C LEU W 10 12.98 1.55 23.22
N ARG W 11 12.76 0.89 22.08
CA ARG W 11 13.65 1.01 20.94
C ARG W 11 13.26 2.19 20.06
N SER W 12 13.90 2.29 18.90
CA SER W 12 13.59 3.34 17.94
C SER W 12 13.83 2.87 16.51
N ARG W 13 13.17 3.52 15.56
CA ARG W 13 13.33 3.20 14.15
C ARG W 13 14.74 3.56 13.69
N VAL W 14 15.29 4.60 14.29
CA VAL W 14 16.65 5.12 14.05
C VAL W 14 17.02 5.18 12.57
N THR W 15 18.23 4.74 12.23
CA THR W 15 18.74 4.84 10.87
C THR W 15 18.59 3.55 10.07
N ASP W 16 18.06 2.50 10.70
CA ASP W 16 17.98 1.18 10.08
C ASP W 16 17.17 1.19 8.78
N ARG W 17 15.91 1.61 8.88
CA ARG W 17 15.02 1.65 7.74
C ARG W 17 15.55 2.59 6.66
N TYR W 18 16.07 3.73 7.09
CA TYR W 18 16.60 4.72 6.17
C TYR W 18 17.83 4.20 5.44
N TRP W 19 18.62 3.37 6.11
CA TRP W 19 19.80 2.77 5.50
C TRP W 19 19.43 1.65 4.53
N ARG W 20 18.40 0.89 4.88
CA ARG W 20 17.91 -0.15 3.98
C ARG W 20 17.36 0.47 2.70
N VAL W 21 16.55 1.50 2.87
CA VAL W 21 16.01 2.25 1.75
C VAL W 21 17.15 2.87 0.92
N GLN W 22 18.16 3.39 1.61
CA GLN W 22 19.32 3.98 0.95
C GLN W 22 20.07 2.94 0.11
N GLU W 23 20.15 1.72 0.63
CA GLU W 23 20.81 0.63 -0.06
C GLU W 23 20.04 0.21 -1.31
N VAL W 24 18.74 0.00 -1.13
CA VAL W 24 17.87 -0.40 -2.23
C VAL W 24 17.89 0.66 -3.34
N LEU W 25 17.82 1.93 -2.94
CA LEU W 25 17.88 3.03 -3.90
C LEU W 25 19.26 3.15 -4.52
N LYS W 26 20.28 2.71 -3.80
CA LYS W 26 21.64 2.68 -4.33
C LYS W 26 21.72 1.63 -5.43
N HIS W 27 20.97 0.54 -5.26
CA HIS W 27 20.87 -0.49 -6.28
C HIS W 27 19.83 -0.12 -7.33
N ALA W 28 19.06 0.93 -7.04
CA ALA W 28 17.99 1.37 -7.92
C ALA W 28 18.45 2.48 -8.87
N ARG W 29 19.74 2.78 -8.85
CA ARG W 29 20.29 3.83 -9.71
C ARG W 29 20.15 3.44 -11.19
N HIS W 30 20.13 4.45 -12.06
CA HIS W 30 20.00 4.31 -13.52
C HIS W 30 18.61 3.85 -13.96
N PHE W 31 17.76 3.51 -13.00
CA PHE W 31 16.38 3.13 -13.29
C PHE W 31 15.57 4.35 -13.74
N ARG W 32 14.46 4.11 -14.43
CA ARG W 32 13.64 5.20 -14.96
C ARG W 32 12.51 5.59 -14.02
N GLY W 33 12.36 6.90 -13.80
CA GLY W 33 11.24 7.42 -13.04
C GLY W 33 11.29 7.15 -11.55
N ARG W 34 10.11 7.02 -10.95
CA ARG W 34 9.97 6.85 -9.50
C ARG W 34 10.71 5.61 -8.99
N LYS W 35 10.98 4.67 -9.89
CA LYS W 35 11.68 3.46 -9.52
C LYS W 35 13.12 3.73 -9.10
N ASN W 36 13.69 4.83 -9.58
CA ASN W 36 15.01 5.24 -9.13
C ASN W 36 14.90 6.27 -8.00
N ARG W 37 13.67 6.55 -7.60
CA ARG W 37 13.40 7.51 -6.53
C ARG W 37 12.66 6.87 -5.37
N CYS W 38 11.42 6.44 -5.63
CA CYS W 38 10.61 5.79 -4.61
C CYS W 38 11.20 4.43 -4.22
N TYR W 39 10.99 4.04 -2.97
CA TYR W 39 11.56 2.81 -2.44
C TYR W 39 10.82 1.54 -2.89
N ARG W 40 9.49 1.59 -2.80
CA ARG W 40 8.67 0.42 -3.09
C ARG W 40 8.81 -0.03 -4.54
N LEU W 41 8.65 0.92 -5.47
CA LEU W 41 8.81 0.63 -6.88
C LEU W 41 10.23 0.19 -7.19
N ALA W 42 11.18 0.70 -6.42
CA ALA W 42 12.58 0.30 -6.55
C ALA W 42 12.74 -1.17 -6.21
N VAL W 43 12.11 -1.61 -5.12
CA VAL W 43 12.15 -3.02 -4.72
C VAL W 43 11.47 -3.89 -5.76
N ARG W 44 10.27 -3.48 -6.18
CA ARG W 44 9.50 -4.22 -7.18
C ARG W 44 10.28 -4.38 -8.49
N ALA W 45 11.04 -3.34 -8.85
CA ALA W 45 11.85 -3.38 -10.06
C ALA W 45 13.12 -4.21 -9.84
N VAL W 46 13.61 -4.23 -8.61
CA VAL W 46 14.82 -4.98 -8.27
C VAL W 46 14.57 -6.48 -8.34
N THR W 47 13.43 -6.92 -7.81
CA THR W 47 13.05 -8.33 -7.86
C THR W 47 13.00 -8.82 -9.31
N ARG W 48 12.28 -8.08 -10.14
CA ARG W 48 12.18 -8.38 -11.56
C ARG W 48 13.55 -8.37 -12.21
N ALA W 49 14.40 -7.43 -11.79
CA ALA W 49 15.74 -7.30 -12.34
C ALA W 49 16.58 -8.53 -12.05
N PHE W 50 16.45 -9.07 -10.84
CA PHE W 50 17.20 -10.25 -10.45
C PHE W 50 16.68 -11.51 -11.13
N VAL W 51 15.35 -11.63 -11.21
CA VAL W 51 14.74 -12.74 -11.92
C VAL W 51 15.19 -12.77 -13.37
N LYS W 52 15.16 -11.60 -14.00
CA LYS W 52 15.62 -11.44 -15.37
C LYS W 52 17.11 -11.72 -15.49
N CYS W 53 17.87 -11.39 -14.44
CA CYS W 53 19.29 -11.69 -14.40
C CYS W 53 19.51 -13.18 -14.50
N THR W 54 18.85 -13.93 -13.61
CA THR W 54 18.96 -15.38 -13.60
C THR W 54 18.52 -16.00 -14.92
N ARG W 55 17.34 -15.61 -15.39
CA ARG W 55 16.78 -16.18 -16.60
C ARG W 55 17.63 -15.89 -17.84
N ALA W 56 18.08 -14.65 -17.98
CA ALA W 56 18.89 -14.26 -19.13
C ALA W 56 20.28 -14.88 -19.05
N ARG W 57 20.77 -15.10 -17.85
CA ARG W 57 22.06 -15.78 -17.69
C ARG W 57 21.92 -17.27 -17.98
N ARG W 58 20.70 -17.79 -17.86
CA ARG W 58 20.42 -19.17 -18.22
C ARG W 58 20.25 -19.33 -19.73
N LEU W 59 19.63 -18.35 -20.37
CA LEU W 59 19.34 -18.41 -21.80
C LEU W 59 20.47 -17.84 -22.66
N LYS W 60 21.47 -17.25 -22.01
CA LYS W 60 22.62 -16.68 -22.70
C LYS W 60 23.37 -17.76 -23.46
N LYS W 61 23.54 -18.92 -22.81
CA LYS W 61 24.20 -20.06 -23.43
C LYS W 61 23.41 -20.53 -24.65
N ARG W 62 22.09 -20.46 -24.57
CA ARG W 62 21.22 -20.84 -25.66
C ARG W 62 21.37 -19.89 -26.86
N SER W 63 21.39 -18.60 -26.56
CA SER W 63 21.53 -17.58 -27.59
C SER W 63 22.89 -17.70 -28.30
N LEU W 64 23.94 -17.84 -27.50
CA LEU W 64 25.29 -18.00 -28.04
C LEU W 64 25.40 -19.27 -28.87
N ARG W 65 24.80 -20.35 -28.38
CA ARG W 65 24.80 -21.63 -29.09
C ARG W 65 24.10 -21.51 -30.44
N THR W 66 22.94 -20.86 -30.44
CA THR W 66 22.18 -20.67 -31.66
C THR W 66 22.97 -19.81 -32.67
N LEU W 67 23.58 -18.75 -32.16
CA LEU W 67 24.39 -17.87 -32.99
C LEU W 67 25.56 -18.62 -33.63
N TRP W 68 26.26 -19.40 -32.81
CA TRP W 68 27.38 -20.21 -33.29
C TRP W 68 26.93 -21.22 -34.34
N ILE W 69 25.79 -21.85 -34.09
CA ILE W 69 25.22 -22.81 -35.04
C ILE W 69 24.91 -22.12 -36.37
N ASN W 70 24.39 -20.90 -36.29
CA ASN W 70 24.11 -20.12 -37.49
C ASN W 70 25.37 -19.81 -38.28
N ARG W 71 26.41 -19.36 -37.57
CA ARG W 71 27.69 -19.04 -38.20
C ARG W 71 28.31 -20.25 -38.88
N ILE W 72 28.37 -21.36 -38.15
CA ILE W 72 28.93 -22.60 -38.68
C ILE W 72 28.11 -23.11 -39.86
N THR W 73 26.80 -22.91 -39.79
CA THR W 73 25.91 -23.28 -40.88
C THR W 73 26.24 -22.46 -42.13
N ALA W 74 26.49 -21.18 -41.93
CA ALA W 74 26.87 -20.29 -43.03
C ALA W 74 28.19 -20.72 -43.66
N ALA W 75 29.22 -20.87 -42.83
CA ALA W 75 30.55 -21.26 -43.31
C ALA W 75 30.52 -22.62 -44.00
N SER W 76 29.63 -23.49 -43.54
CA SER W 76 29.47 -24.82 -44.14
C SER W 76 28.81 -24.69 -45.51
N GLN W 77 27.74 -23.92 -45.58
CA GLN W 77 27.00 -23.72 -46.83
C GLN W 77 27.86 -23.05 -47.89
N GLU W 78 28.90 -22.34 -47.46
CA GLU W 78 29.85 -21.75 -48.38
C GLU W 78 30.66 -22.83 -49.09
N HIS W 79 30.82 -23.98 -48.43
CA HIS W 79 31.61 -25.07 -48.98
C HIS W 79 30.75 -26.11 -49.71
N GLY W 80 29.43 -25.91 -49.70
CA GLY W 80 28.54 -26.77 -50.45
C GLY W 80 27.78 -27.80 -49.62
N LEU W 81 28.10 -27.89 -48.33
CA LEU W 81 27.41 -28.82 -47.45
C LEU W 81 26.66 -28.09 -46.34
N LYS W 82 25.66 -28.74 -45.77
CA LYS W 82 24.85 -28.12 -44.73
C LYS W 82 25.44 -28.35 -43.33
N TYR W 83 24.78 -27.78 -42.34
CA TYR W 83 25.21 -27.91 -40.95
C TYR W 83 25.09 -29.34 -40.37
N PRO W 84 23.92 -29.99 -40.54
CA PRO W 84 23.81 -31.33 -39.93
C PRO W 84 24.81 -32.34 -40.49
N ALA W 85 25.04 -32.32 -41.79
CA ALA W 85 26.01 -33.22 -42.41
C ALA W 85 27.40 -32.98 -41.86
N PHE W 86 27.75 -31.72 -41.66
CA PHE W 86 29.04 -31.34 -41.10
C PHE W 86 29.17 -31.83 -39.67
N ILE W 87 28.09 -31.73 -38.91
CA ILE W 87 28.06 -32.21 -37.53
C ILE W 87 28.27 -33.72 -37.47
N ILE W 88 27.52 -34.45 -38.30
CA ILE W 88 27.63 -35.90 -38.36
C ILE W 88 29.04 -36.33 -38.74
N ASN W 89 29.58 -35.70 -39.78
CA ASN W 89 30.93 -35.99 -40.24
C ASN W 89 31.96 -35.73 -39.15
N LEU W 90 31.75 -34.65 -38.39
CA LEU W 90 32.64 -34.33 -37.27
C LEU W 90 32.53 -35.36 -36.15
N ILE W 91 31.32 -35.90 -35.97
CA ILE W 91 31.09 -36.92 -34.96
C ILE W 91 31.81 -38.22 -35.33
N LYS W 92 31.68 -38.62 -36.60
CA LYS W 92 32.33 -39.84 -37.08
C LYS W 92 33.83 -39.63 -37.28
N CYS W 93 34.26 -38.38 -37.24
CA CYS W 93 35.69 -38.06 -37.32
C CYS W 93 36.28 -37.98 -35.92
N GLN W 94 35.47 -38.30 -34.92
CA GLN W 94 35.86 -38.27 -33.52
C GLN W 94 36.36 -36.88 -33.11
N VAL W 95 35.66 -35.85 -33.58
CA VAL W 95 36.01 -34.48 -33.26
C VAL W 95 35.08 -33.92 -32.18
N GLU W 96 35.64 -33.68 -30.99
CA GLU W 96 34.87 -33.19 -29.86
C GLU W 96 34.90 -31.67 -29.77
N LEU W 97 35.51 -31.04 -30.76
CA LEU W 97 35.63 -29.58 -30.79
C LEU W 97 34.29 -28.87 -30.62
N ASN W 98 34.26 -27.91 -29.70
CA ASN W 98 33.05 -27.14 -29.44
C ASN W 98 32.69 -26.23 -30.61
N ARG W 99 31.42 -25.84 -30.68
CA ARG W 99 30.94 -25.01 -31.78
C ARG W 99 31.41 -23.57 -31.66
N LYS W 100 31.83 -23.17 -30.47
CA LYS W 100 32.40 -21.84 -30.27
C LYS W 100 33.72 -21.68 -31.01
N VAL W 101 34.65 -22.60 -30.72
CA VAL W 101 35.95 -22.60 -31.37
C VAL W 101 35.80 -22.88 -32.86
N LEU W 102 34.84 -23.73 -33.19
CA LEU W 102 34.57 -24.08 -34.58
C LEU W 102 34.05 -22.87 -35.36
N ALA W 103 33.29 -22.02 -34.68
CA ALA W 103 32.79 -20.79 -35.29
C ALA W 103 33.91 -19.76 -35.41
N ASP W 104 34.76 -19.71 -34.39
CA ASP W 104 35.92 -18.81 -34.41
C ASP W 104 36.84 -19.17 -35.59
N LEU W 105 36.99 -20.46 -35.85
CA LEU W 105 37.74 -20.92 -37.00
C LEU W 105 36.96 -20.64 -38.28
N ALA W 106 35.63 -20.70 -38.18
CA ALA W 106 34.77 -20.42 -39.33
C ALA W 106 34.85 -18.96 -39.73
N ILE W 107 35.35 -18.12 -38.83
CA ILE W 107 35.51 -16.70 -39.10
C ILE W 107 36.94 -16.34 -39.45
N TYR W 108 37.85 -16.50 -38.49
CA TYR W 108 39.23 -16.05 -38.66
C TYR W 108 40.11 -16.96 -39.50
N GLU W 109 39.86 -18.26 -39.43
CA GLU W 109 40.73 -19.22 -40.12
C GLU W 109 39.98 -20.14 -41.08
N PRO W 110 39.65 -19.63 -42.28
CA PRO W 110 38.89 -20.38 -43.29
C PRO W 110 39.60 -21.64 -43.75
N LYS W 111 40.92 -21.69 -43.59
CA LYS W 111 41.72 -22.82 -44.05
C LYS W 111 41.41 -24.10 -43.26
N THR W 112 41.32 -23.97 -41.94
CA THR W 112 41.04 -25.12 -41.08
C THR W 112 39.65 -25.67 -41.34
N PHE W 113 38.68 -24.76 -41.46
CA PHE W 113 37.31 -25.15 -41.73
C PHE W 113 37.19 -25.76 -43.12
N LYS W 114 38.03 -25.31 -44.05
CA LYS W 114 38.07 -25.86 -45.39
C LYS W 114 38.62 -27.27 -45.36
N SER W 115 39.61 -27.50 -44.50
CA SER W 115 40.19 -28.82 -44.33
C SER W 115 39.18 -29.78 -43.71
N LEU W 116 38.48 -29.31 -42.69
CA LEU W 116 37.45 -30.10 -42.02
C LEU W 116 36.30 -30.42 -42.97
N ALA W 117 35.96 -29.47 -43.84
CA ALA W 117 34.91 -29.67 -44.81
C ALA W 117 35.35 -30.66 -45.89
N ALA W 118 36.62 -30.60 -46.25
CA ALA W 118 37.20 -31.51 -47.23
C ALA W 118 37.19 -32.94 -46.69
N LEU W 119 37.58 -33.09 -45.43
CA LEU W 119 37.55 -34.39 -44.77
C LEU W 119 36.11 -34.87 -44.59
N ALA W 120 35.19 -33.92 -44.42
CA ALA W 120 33.79 -34.24 -44.28
C ALA W 120 33.23 -34.83 -45.57
N LYS W 121 33.50 -34.15 -46.68
CA LYS W 121 33.06 -34.62 -47.99
C LYS W 121 33.77 -35.92 -48.35
N ARG W 122 35.00 -36.09 -47.86
CA ARG W 122 35.76 -37.32 -48.11
C ARG W 122 35.14 -38.50 -47.38
N ARG W 123 34.75 -38.29 -46.12
CA ARG W 123 34.12 -39.34 -45.34
C ARG W 123 32.72 -39.66 -45.87
N ARG W 124 32.03 -38.63 -46.36
CA ARG W 124 30.69 -38.82 -46.91
C ARG W 124 30.76 -39.58 -48.24
N UNK W 125 31.76 -39.27 -49.05
CA UNK W 125 31.89 -39.93 -50.33
C UNK W 125 32.40 -41.34 -50.14
N UNK W 126 33.20 -41.56 -49.10
CA UNK W 126 33.73 -42.89 -48.86
C UNK W 126 32.65 -43.76 -48.27
N UNK W 127 31.72 -43.16 -47.52
CA UNK W 127 30.63 -43.94 -46.93
C UNK W 127 29.62 -44.23 -48.01
N UNK W 128 29.41 -43.29 -48.92
CA UNK W 128 28.43 -43.50 -49.97
C UNK W 128 28.97 -44.46 -51.00
N UNK W 129 30.30 -44.59 -51.08
CA UNK W 129 30.87 -45.52 -52.03
C UNK W 129 31.02 -46.89 -51.40
N UNK W 130 31.11 -46.95 -50.08
CA UNK W 130 31.23 -48.24 -49.43
C UNK W 130 29.87 -48.85 -49.26
N UNK W 131 28.82 -48.02 -49.22
CA UNK W 131 27.47 -48.53 -49.07
C UNK W 131 26.95 -49.06 -50.38
N UNK W 132 27.51 -48.60 -51.49
CA UNK W 132 27.07 -49.03 -52.80
C UNK W 132 27.89 -50.22 -53.24
N LEU X 99 50.32 -19.37 -36.33
CA LEU X 99 50.53 -20.56 -35.51
C LEU X 99 49.80 -20.44 -34.18
N PHE X 100 48.69 -21.17 -34.05
CA PHE X 100 47.93 -21.16 -32.81
C PHE X 100 47.48 -22.56 -32.41
N ALA X 101 47.06 -22.70 -31.15
CA ALA X 101 46.67 -24.01 -30.64
C ALA X 101 45.28 -23.97 -30.02
N VAL X 102 44.70 -25.15 -29.80
CA VAL X 102 43.42 -25.27 -29.12
C VAL X 102 43.53 -26.30 -28.00
N VAL X 103 43.40 -25.83 -26.77
CA VAL X 103 43.51 -26.65 -25.58
C VAL X 103 42.15 -26.93 -24.92
N HIS X 104 42.17 -27.75 -23.87
CA HIS X 104 40.96 -28.06 -23.12
C HIS X 104 41.24 -28.14 -21.62
N PHE X 105 40.48 -27.40 -20.83
CA PHE X 105 40.61 -27.45 -19.38
C PHE X 105 39.29 -27.11 -18.69
N ALA X 106 39.06 -27.73 -17.54
CA ALA X 106 37.86 -27.49 -16.72
C ALA X 106 36.57 -27.75 -17.50
N GLY X 107 36.62 -28.67 -18.45
CA GLY X 107 35.46 -29.02 -19.25
C GLY X 107 35.13 -27.98 -20.29
N HIS X 108 36.09 -27.10 -20.57
CA HIS X 108 35.91 -26.06 -21.56
C HIS X 108 37.11 -25.98 -22.51
N GLN X 109 36.82 -25.88 -23.81
CA GLN X 109 37.88 -25.79 -24.81
C GLN X 109 38.18 -24.33 -25.14
N TRP X 110 39.46 -24.02 -25.36
CA TRP X 110 39.86 -22.65 -25.64
C TRP X 110 40.90 -22.55 -26.75
N LYS X 111 40.86 -21.44 -27.48
CA LYS X 111 41.85 -21.14 -28.51
C LYS X 111 42.97 -20.29 -27.92
N VAL X 112 44.16 -20.87 -27.84
CA VAL X 112 45.29 -20.20 -27.21
C VAL X 112 46.37 -19.81 -28.23
N THR X 113 46.95 -18.64 -27.99
CA THR X 113 48.05 -18.11 -28.79
C THR X 113 49.14 -17.61 -27.86
N ALA X 114 50.32 -17.32 -28.41
CA ALA X 114 51.42 -16.79 -27.62
C ALA X 114 51.07 -15.43 -27.01
N GLU X 115 51.61 -15.18 -25.81
CA GLU X 115 51.44 -13.89 -25.11
C GLU X 115 50.01 -13.63 -24.63
N ASP X 116 49.10 -14.53 -24.97
CA ASP X 116 47.68 -14.36 -24.63
C ASP X 116 47.44 -14.57 -23.14
N LEU X 117 46.42 -13.89 -22.62
CA LEU X 117 46.02 -14.04 -21.22
C LEU X 117 44.63 -14.64 -21.14
N ILE X 118 44.53 -15.82 -20.54
CA ILE X 118 43.25 -16.54 -20.48
C ILE X 118 42.85 -16.87 -19.04
N LEU X 119 41.59 -16.59 -18.70
CA LEU X 119 41.08 -16.88 -17.37
C LEU X 119 40.35 -18.21 -17.34
N ILE X 120 40.70 -19.07 -16.39
CA ILE X 120 40.06 -20.38 -16.27
C ILE X 120 39.34 -20.51 -14.92
N GLU X 121 38.28 -21.30 -14.89
CA GLU X 121 37.43 -21.43 -13.71
C GLU X 121 38.17 -21.93 -12.47
N ASN X 122 37.90 -21.26 -11.34
CA ASN X 122 38.41 -21.66 -10.03
C ASN X 122 39.94 -21.78 -9.94
N GLU X 123 40.40 -22.84 -9.28
CA GLU X 123 41.80 -23.01 -8.96
C GLU X 123 42.39 -24.24 -9.63
N LEU X 124 43.64 -24.14 -10.07
CA LEU X 124 44.31 -25.24 -10.75
C LEU X 124 45.16 -26.06 -9.76
N ASP X 125 45.08 -25.67 -8.49
CA ASP X 125 45.90 -26.28 -7.43
C ASP X 125 47.38 -26.14 -7.75
N VAL X 126 47.75 -24.98 -8.29
CA VAL X 126 49.13 -24.68 -8.65
C VAL X 126 49.54 -23.33 -8.09
N ALA X 127 50.71 -23.28 -7.44
CA ALA X 127 51.22 -22.04 -6.86
C ALA X 127 51.47 -20.98 -7.93
N CYS X 128 51.30 -19.72 -7.54
CA CYS X 128 51.47 -18.61 -8.46
C CYS X 128 52.93 -18.43 -8.86
N GLY X 129 53.16 -18.25 -10.15
CA GLY X 129 54.51 -18.06 -10.66
C GLY X 129 55.06 -19.31 -11.31
N GLU X 130 54.45 -20.45 -11.02
CA GLU X 130 54.89 -21.72 -11.57
C GLU X 130 54.53 -21.85 -13.05
N ARG X 131 55.23 -22.75 -13.74
CA ARG X 131 55.01 -22.97 -15.16
C ARG X 131 54.41 -24.36 -15.40
N ILE X 132 53.25 -24.39 -16.05
CA ILE X 132 52.54 -25.65 -16.26
C ILE X 132 52.35 -25.97 -17.74
N ARG X 133 52.14 -27.25 -18.03
CA ARG X 133 51.88 -27.69 -19.39
C ARG X 133 50.43 -28.08 -19.60
N LEU X 134 49.92 -27.85 -20.80
CA LEU X 134 48.54 -28.20 -21.13
C LEU X 134 48.50 -29.11 -22.35
N GLU X 135 47.43 -29.90 -22.46
CA GLU X 135 47.27 -30.81 -23.59
C GLU X 135 46.87 -30.03 -24.84
N LYS X 136 46.73 -30.73 -25.96
CA LYS X 136 46.38 -30.09 -27.21
C LYS X 136 45.27 -30.82 -27.94
N VAL X 137 44.14 -30.13 -28.13
CA VAL X 137 43.06 -30.66 -28.94
C VAL X 137 43.36 -30.43 -30.41
N LEU X 138 43.87 -29.24 -30.73
CA LEU X 138 44.14 -28.92 -32.15
C LEU X 138 45.39 -28.04 -32.32
N LEU X 139 46.07 -28.18 -33.45
CA LEU X 139 47.19 -27.30 -33.77
C LEU X 139 47.06 -26.77 -35.19
N VAL X 140 47.22 -25.45 -35.37
CA VAL X 140 47.16 -24.89 -36.71
C VAL X 140 48.32 -23.94 -37.01
N GLY X 141 49.17 -24.34 -37.94
CA GLY X 141 50.28 -23.50 -38.38
C GLY X 141 49.91 -22.50 -39.48
N ALA X 142 50.49 -21.31 -39.37
CA ALA X 142 50.15 -20.16 -40.21
C ALA X 142 50.63 -20.32 -41.65
N ASP X 143 51.33 -21.42 -41.90
CA ASP X 143 51.75 -21.80 -43.24
C ASP X 143 50.62 -22.59 -43.87
N ASN X 144 49.48 -22.58 -43.19
CA ASN X 144 48.29 -23.35 -43.52
C ASN X 144 48.54 -24.83 -43.34
N PHE X 145 49.28 -25.18 -42.29
CA PHE X 145 49.53 -26.60 -42.00
C PHE X 145 48.90 -27.01 -40.69
N THR X 146 47.83 -27.80 -40.79
CA THR X 146 47.05 -28.15 -39.60
C THR X 146 47.30 -29.59 -39.14
N LEU X 147 47.28 -29.77 -37.83
CA LEU X 147 47.41 -31.09 -37.22
C LEU X 147 46.30 -31.29 -36.19
N LEU X 148 45.45 -32.29 -36.44
CA LEU X 148 44.37 -32.63 -35.53
C LEU X 148 44.39 -34.12 -35.20
N GLY X 149 44.67 -34.43 -33.94
CA GLY X 149 44.67 -35.82 -33.49
C GLY X 149 43.36 -36.17 -32.80
N LYS X 150 43.08 -37.46 -32.67
CA LYS X 150 41.86 -37.91 -32.01
C LYS X 150 42.09 -39.13 -31.12
N PRO X 151 41.46 -39.15 -29.93
CA PRO X 151 40.81 -37.97 -29.36
C PRO X 151 41.79 -37.13 -28.55
N LEU X 152 42.94 -36.82 -29.14
CA LEU X 152 44.01 -36.07 -28.51
C LEU X 152 45.16 -35.93 -29.50
N LEU X 153 46.07 -34.98 -29.24
CA LEU X 153 47.19 -34.77 -30.14
C LEU X 153 48.45 -35.42 -29.60
N GLY X 154 49.54 -35.37 -30.37
CA GLY X 154 50.80 -35.96 -29.97
C GLY X 154 51.48 -35.23 -28.84
N LYS X 155 51.86 -35.97 -27.81
CA LYS X 155 52.59 -35.41 -26.69
C LYS X 155 54.04 -35.13 -27.08
N GLU X 156 54.60 -36.04 -27.86
CA GLU X 156 55.97 -35.90 -28.34
C GLU X 156 56.04 -34.91 -29.51
N LEU X 157 54.99 -34.91 -30.32
CA LEU X 157 54.95 -34.07 -31.52
C LEU X 157 54.78 -32.59 -31.19
N VAL X 158 53.79 -32.28 -30.36
CA VAL X 158 53.50 -30.89 -30.01
C VAL X 158 53.33 -30.70 -28.51
N ARG X 159 53.63 -29.50 -28.03
CA ARG X 159 53.52 -29.17 -26.61
C ARG X 159 52.98 -27.77 -26.39
N VAL X 160 52.38 -27.53 -25.22
CA VAL X 160 51.91 -26.20 -24.86
C VAL X 160 52.28 -25.89 -23.41
N GLU X 161 53.01 -24.79 -23.21
CA GLU X 161 53.46 -24.39 -21.88
C GLU X 161 53.03 -22.96 -21.56
N ALA X 162 52.36 -22.81 -20.42
CA ALA X 162 51.83 -21.52 -19.96
C ALA X 162 52.23 -21.25 -18.51
N THR X 163 52.04 -20.00 -18.08
CA THR X 163 52.42 -19.59 -16.73
C THR X 163 51.25 -18.96 -16.00
N VAL X 164 51.07 -19.32 -14.72
CA VAL X 164 50.00 -18.76 -13.91
C VAL X 164 50.39 -17.44 -13.26
N ILE X 165 49.62 -16.40 -13.55
CA ILE X 165 49.88 -15.07 -13.00
C ILE X 165 49.42 -14.96 -11.54
N GLU X 166 48.18 -15.38 -11.29
CA GLU X 166 47.55 -15.26 -9.99
C GLU X 166 46.16 -15.89 -9.99
N LYS X 167 45.54 -15.94 -8.81
CA LYS X 167 44.17 -16.45 -8.69
C LYS X 167 43.23 -15.32 -8.27
N THR X 168 42.37 -14.90 -9.19
CA THR X 168 41.48 -13.77 -8.93
C THR X 168 40.04 -14.21 -8.68
N GLU X 169 39.17 -13.23 -8.48
CA GLU X 169 37.75 -13.50 -8.29
C GLU X 169 36.90 -12.55 -9.14
N SER X 170 35.98 -13.12 -9.92
CA SER X 170 35.12 -12.33 -10.78
C SER X 170 34.14 -11.49 -9.97
N TRP X 171 33.61 -10.45 -10.59
CA TRP X 171 32.65 -9.56 -9.94
C TRP X 171 31.43 -10.33 -9.45
N PRO X 172 31.00 -10.05 -8.21
CA PRO X 172 29.89 -10.74 -7.55
C PRO X 172 28.60 -10.72 -8.36
N LYS X 173 27.97 -11.89 -8.50
CA LYS X 173 26.71 -12.00 -9.22
C LYS X 173 25.56 -12.28 -8.26
N ILE X 174 24.49 -11.49 -8.38
CA ILE X 174 23.34 -11.65 -7.50
C ILE X 174 22.28 -12.57 -8.10
N ASN X 175 22.05 -13.70 -7.44
CA ASN X 175 21.06 -14.66 -7.88
C ASN X 175 19.88 -14.73 -6.92
N MET X 176 18.70 -14.34 -7.41
CA MET X 176 17.51 -14.33 -6.57
C MET X 176 16.38 -15.15 -7.20
N LYS X 177 15.77 -16.00 -6.37
CA LYS X 177 14.61 -16.78 -6.80
C LYS X 177 13.33 -16.23 -6.16
N PHE X 178 12.30 -16.05 -6.97
CA PHE X 178 11.05 -15.48 -6.49
C PHE X 178 9.85 -16.27 -6.99
N GLN X 179 8.91 -16.57 -6.09
CA GLN X 179 7.68 -17.25 -6.46
C GLN X 179 6.48 -16.37 -6.14
N LYS X 180 5.51 -16.34 -7.06
CA LYS X 180 4.36 -15.44 -6.92
C LYS X 180 3.35 -15.94 -5.89
N ARG X 181 3.12 -15.09 -4.88
CA ARG X 181 2.13 -15.33 -3.83
C ARG X 181 2.37 -16.63 -3.06
N LYS X 182 3.58 -17.16 -3.14
CA LYS X 182 3.98 -18.27 -2.30
C LYS X 182 4.80 -17.78 -1.11
N ASN X 183 5.02 -16.47 -1.09
CA ASN X 183 5.90 -15.82 -0.12
C ASN X 183 7.29 -16.46 -0.13
N TYR X 184 7.77 -16.80 -1.32
CA TYR X 184 9.07 -17.44 -1.47
C TYR X 184 10.06 -16.53 -2.17
N GLN X 185 11.04 -16.06 -1.40
CA GLN X 185 12.11 -15.23 -1.93
C GLN X 185 13.45 -15.67 -1.37
N ARG X 186 14.39 -16.01 -2.26
CA ARG X 186 15.73 -16.44 -1.84
C ARG X 186 16.81 -15.63 -2.54
N LYS X 187 17.55 -14.84 -1.77
CA LYS X 187 18.61 -14.01 -2.31
C LYS X 187 19.99 -14.56 -1.96
N ARG X 188 20.79 -14.83 -2.98
CA ARG X 188 22.14 -15.38 -2.77
C ARG X 188 23.16 -14.68 -3.66
N ILE X 189 24.20 -14.14 -3.03
CA ILE X 189 25.29 -13.50 -3.77
C ILE X 189 26.44 -14.49 -3.99
N THR X 190 26.73 -14.78 -5.25
CA THR X 190 27.74 -15.76 -5.60
C THR X 190 28.94 -15.13 -6.31
N VAL X 191 30.13 -15.41 -5.82
CA VAL X 191 31.36 -14.92 -6.44
C VAL X 191 32.14 -16.07 -7.06
N ASN X 192 32.30 -16.03 -8.38
CA ASN X 192 32.97 -17.10 -9.11
C ASN X 192 34.49 -16.95 -9.08
N PRO X 193 35.18 -17.97 -8.53
CA PRO X 193 36.65 -17.97 -8.48
C PRO X 193 37.27 -18.17 -9.85
N GLN X 194 38.40 -17.51 -10.12
CA GLN X 194 39.07 -17.60 -11.40
C GLN X 194 40.60 -17.64 -11.25
N THR X 195 41.26 -18.05 -12.33
CA THR X 195 42.72 -18.13 -12.35
C THR X 195 43.26 -17.54 -13.65
N VAL X 196 44.24 -16.66 -13.52
CA VAL X 196 44.85 -16.00 -14.67
C VAL X 196 46.03 -16.79 -15.21
N LEU X 197 45.93 -17.23 -16.47
CA LEU X 197 47.01 -17.97 -17.10
C LEU X 197 47.62 -17.19 -18.25
N ARG X 198 48.95 -17.08 -18.24
CA ARG X 198 49.67 -16.42 -19.31
C ARG X 198 50.36 -17.44 -20.21
N ILE X 199 49.86 -17.58 -21.43
CA ILE X 199 50.47 -18.50 -22.39
C ILE X 199 51.82 -17.96 -22.85
N ASN X 200 52.86 -18.75 -22.68
CA ASN X 200 54.20 -18.31 -23.09
C ASN X 200 54.72 -19.07 -24.30
N SER X 201 54.90 -20.38 -24.20
CA SER X 201 55.57 -21.11 -25.27
C SER X 201 54.71 -22.21 -25.89
N ILE X 202 54.48 -22.10 -27.19
CA ILE X 202 53.83 -23.17 -27.95
C ILE X 202 54.88 -23.91 -28.75
N GLU X 203 55.15 -25.16 -28.37
CA GLU X 203 56.23 -25.92 -28.97
C GLU X 203 55.75 -26.85 -30.09
N UNK X 204 56.40 -26.77 -31.24
CA UNK X 204 56.10 -27.67 -32.34
C UNK X 204 57.39 -28.25 -32.87
N UNK X 205 57.49 -29.58 -32.88
CA UNK X 205 58.69 -30.24 -33.36
C UNK X 205 58.35 -31.20 -34.46
N UNK X 206 59.33 -31.47 -35.33
CA UNK X 206 59.12 -32.34 -36.47
C UNK X 206 59.30 -33.77 -36.09
N UNK X 207 58.54 -34.66 -36.74
CA UNK X 207 58.62 -36.08 -36.45
C UNK X 207 59.25 -36.79 -37.61
N GLU Y 1 31.29 36.71 -10.79
CA GLU Y 1 29.87 36.53 -11.09
C GLU Y 1 29.00 37.36 -10.15
N ILE Y 2 27.90 37.87 -10.68
CA ILE Y 2 26.98 38.69 -9.88
C ILE Y 2 25.65 37.96 -9.66
N TYR Y 3 25.38 37.62 -8.41
CA TYR Y 3 24.15 36.89 -8.07
C TYR Y 3 23.14 37.80 -7.40
N HIS Y 4 21.86 37.58 -7.70
CA HIS Y 4 20.78 38.33 -7.06
C HIS Y 4 19.58 37.42 -6.83
N CYS Y 5 18.94 37.55 -5.68
CA CYS Y 5 17.83 36.67 -5.32
C CYS Y 5 16.65 37.41 -4.69
N ARG Y 6 15.45 36.91 -4.94
CA ARG Y 6 14.24 37.46 -4.34
C ARG Y 6 13.35 36.34 -3.81
N ARG Y 7 13.06 36.38 -2.50
CA ARG Y 7 12.29 35.31 -1.87
C ARG Y 7 11.04 35.84 -1.16
N GLN Y 8 10.13 34.93 -0.85
CA GLN Y 8 8.89 35.23 -0.14
C GLN Y 8 8.00 36.22 -0.91
N ILE Y 9 8.10 36.15 -2.23
CA ILE Y 9 7.21 36.93 -3.09
C ILE Y 9 6.16 35.99 -3.69
N LYS Y 10 4.91 36.43 -3.73
CA LYS Y 10 3.83 35.54 -4.13
C LYS Y 10 3.41 35.74 -5.58
N TYR Y 11 3.77 34.76 -6.41
CA TYR Y 11 3.38 34.72 -7.81
C TYR Y 11 3.45 33.27 -8.29
N SER Y 12 2.80 32.98 -9.41
CA SER Y 12 2.82 31.64 -9.96
C SER Y 12 4.19 31.30 -10.51
N LYS Y 13 4.76 30.19 -10.04
CA LYS Y 13 6.10 29.78 -10.44
C LYS Y 13 6.13 29.38 -11.92
N ASP Y 14 5.10 28.66 -12.36
CA ASP Y 14 5.01 28.22 -13.74
C ASP Y 14 4.85 29.40 -14.70
N LYS Y 15 4.20 30.45 -14.23
CA LYS Y 15 4.00 31.65 -15.05
C LYS Y 15 5.26 32.50 -15.08
N MET Y 16 5.95 32.60 -13.95
CA MET Y 16 7.19 33.37 -13.88
C MET Y 16 8.31 32.68 -14.66
N TRP Y 17 8.25 31.35 -14.73
CA TRP Y 17 9.25 30.58 -15.45
C TRP Y 17 9.21 30.87 -16.94
N TYR Y 18 8.05 31.33 -17.43
CA TYR Y 18 7.88 31.68 -18.83
C TYR Y 18 8.76 32.88 -19.19
N LEU Y 19 8.79 33.87 -18.31
CA LEU Y 19 9.61 35.06 -18.53
C LEU Y 19 11.03 34.83 -18.02
N ALA Y 20 11.21 33.76 -17.25
CA ALA Y 20 12.52 33.41 -16.73
C ALA Y 20 13.38 32.76 -17.82
N LYS Y 21 12.75 31.88 -18.60
CA LYS Y 21 13.43 31.23 -19.71
C LYS Y 21 13.59 32.21 -20.87
N LEU Y 22 12.78 33.27 -20.84
CA LEU Y 22 12.78 34.27 -21.90
C LEU Y 22 14.08 35.07 -21.94
N ILE Y 23 14.59 35.44 -20.76
CA ILE Y 23 15.79 36.26 -20.67
C ILE Y 23 17.06 35.43 -20.49
N ARG Y 24 16.90 34.12 -20.40
CA ARG Y 24 18.05 33.24 -20.21
C ARG Y 24 18.88 33.15 -21.48
N GLY Y 25 20.17 33.48 -21.35
CA GLY Y 25 21.07 33.46 -22.49
C GLY Y 25 21.09 34.79 -23.22
N MET Y 26 20.05 35.59 -23.02
CA MET Y 26 19.94 36.89 -23.66
C MET Y 26 20.78 37.94 -22.96
N SER Y 27 21.18 38.96 -23.70
CA SER Y 27 21.98 40.05 -23.16
C SER Y 27 21.14 40.97 -22.27
N ILE Y 28 21.82 41.74 -21.43
CA ILE Y 28 21.16 42.63 -20.48
C ILE Y 28 20.18 43.60 -21.13
N ASP Y 29 20.61 44.24 -22.22
CA ASP Y 29 19.78 45.22 -22.91
C ASP Y 29 18.50 44.61 -23.47
N GLN Y 30 18.65 43.54 -24.25
CA GLN Y 30 17.52 42.86 -24.86
C GLN Y 30 16.55 42.33 -23.82
N ALA Y 31 17.10 41.82 -22.71
CA ALA Y 31 16.29 41.32 -21.61
C ALA Y 31 15.53 42.45 -20.95
N LEU Y 32 16.18 43.60 -20.80
CA LEU Y 32 15.55 44.79 -20.23
C LEU Y 32 14.37 45.22 -21.08
N ALA Y 33 14.60 45.41 -22.38
CA ALA Y 33 13.56 45.82 -23.30
C ALA Y 33 12.41 44.83 -23.32
N GLN Y 34 12.74 43.55 -23.39
CA GLN Y 34 11.75 42.47 -23.37
C GLN Y 34 10.86 42.57 -22.14
N LEU Y 35 11.47 42.40 -20.97
CA LEU Y 35 10.76 42.47 -19.69
C LEU Y 35 9.94 43.75 -19.54
N GLU Y 36 10.45 44.85 -20.10
CA GLU Y 36 9.72 46.11 -20.10
C GLU Y 36 8.42 45.98 -20.89
N PHE Y 37 8.52 45.51 -22.13
CA PHE Y 37 7.36 45.44 -23.00
C PHE Y 37 6.67 44.07 -23.00
N SER Y 38 7.16 43.14 -22.20
CA SER Y 38 6.49 41.86 -22.02
C SER Y 38 5.25 42.04 -21.15
N ASP Y 39 4.17 41.38 -21.52
CA ASP Y 39 2.92 41.53 -20.78
C ASP Y 39 2.62 40.31 -19.90
N LYS Y 40 2.78 40.49 -18.60
CA LYS Y 40 2.52 39.46 -17.59
C LYS Y 40 2.81 40.02 -16.20
N LYS Y 41 2.50 39.24 -15.17
CA LYS Y 41 2.73 39.67 -13.79
C LYS Y 41 4.21 39.55 -13.40
N GLY Y 42 4.92 38.68 -14.11
CA GLY Y 42 6.32 38.43 -13.81
C GLY Y 42 7.24 39.46 -14.45
N ALA Y 43 6.73 40.15 -15.45
CA ALA Y 43 7.51 41.14 -16.19
C ALA Y 43 8.09 42.21 -15.27
N GLN Y 44 7.21 42.84 -14.48
CA GLN Y 44 7.62 43.89 -13.56
C GLN Y 44 8.62 43.40 -12.52
N ILE Y 45 8.31 42.27 -11.91
CA ILE Y 45 9.16 41.70 -10.86
C ILE Y 45 10.56 41.36 -11.37
N ILE Y 46 10.62 40.59 -12.45
CA ILE Y 46 11.90 40.19 -13.04
C ILE Y 46 12.65 41.42 -13.58
N LYS Y 47 11.90 42.44 -13.98
CA LYS Y 47 12.50 43.71 -14.39
C LYS Y 47 13.21 44.37 -13.20
N GLU Y 48 12.54 44.34 -12.05
CA GLU Y 48 13.12 44.88 -10.81
C GLU Y 48 14.37 44.10 -10.41
N VAL Y 49 14.27 42.78 -10.48
CA VAL Y 49 15.39 41.90 -10.15
C VAL Y 49 16.59 42.19 -11.06
N LEU Y 50 16.32 42.36 -12.35
CA LEU Y 50 17.36 42.65 -13.33
C LEU Y 50 18.01 43.99 -13.05
N LEU Y 51 17.17 45.00 -12.79
CA LEU Y 51 17.66 46.35 -12.51
C LEU Y 51 18.55 46.37 -11.27
N GLU Y 52 18.10 45.69 -10.22
CA GLU Y 52 18.88 45.59 -8.99
C GLU Y 52 20.18 44.82 -9.22
N ALA Y 53 20.12 43.82 -10.10
CA ALA Y 53 21.30 43.04 -10.45
C ALA Y 53 22.32 43.90 -11.17
N GLN Y 54 21.83 44.80 -12.02
CA GLN Y 54 22.70 45.71 -12.75
C GLN Y 54 23.30 46.76 -11.82
N ASP Y 55 22.50 47.25 -10.89
CA ASP Y 55 22.96 48.21 -9.90
C ASP Y 55 24.06 47.61 -9.04
N MET Y 56 23.85 46.36 -8.61
CA MET Y 56 24.84 45.64 -7.83
C MET Y 56 26.09 45.35 -8.66
N ALA Y 57 25.89 45.07 -9.94
CA ALA Y 57 27.00 44.80 -10.84
C ALA Y 57 27.89 46.03 -10.99
N VAL Y 58 27.27 47.20 -11.15
CA VAL Y 58 28.01 48.44 -11.32
C VAL Y 58 28.67 48.89 -10.03
N ARG Y 59 27.89 48.93 -8.94
CA ARG Y 59 28.38 49.45 -7.67
C ARG Y 59 29.37 48.52 -6.97
N ASP Y 60 28.99 47.26 -6.78
CA ASP Y 60 29.80 46.32 -6.03
C ASP Y 60 31.02 45.81 -6.80
N HIS Y 61 30.80 45.35 -8.03
CA HIS Y 61 31.87 44.73 -8.82
C HIS Y 61 32.72 45.77 -9.55
N ASN Y 62 32.20 46.99 -9.64
CA ASN Y 62 32.87 48.09 -10.33
C ASN Y 62 33.23 47.72 -11.77
N VAL Y 63 32.22 47.27 -12.52
CA VAL Y 63 32.43 46.86 -13.91
C VAL Y 63 32.73 48.07 -14.79
N GLU Y 64 33.77 47.95 -15.61
CA GLU Y 64 34.20 49.03 -16.49
C GLU Y 64 33.19 49.28 -17.60
N PHE Y 65 32.82 48.22 -18.31
CA PHE Y 65 31.88 48.32 -19.42
C PHE Y 65 30.60 47.54 -19.15
N ARG Y 66 29.47 48.24 -19.21
CA ARG Y 66 28.17 47.64 -18.93
C ARG Y 66 27.74 46.71 -20.06
N SER Y 67 28.31 46.90 -21.24
CA SER Y 67 27.97 46.10 -22.41
C SER Y 67 28.58 44.70 -22.34
N ASN Y 68 29.52 44.52 -21.41
CA ASN Y 68 30.18 43.23 -21.25
C ASN Y 68 29.41 42.32 -20.29
N LEU Y 69 28.26 42.82 -19.84
CA LEU Y 69 27.42 42.04 -18.94
C LEU Y 69 26.24 41.43 -19.69
N TYR Y 70 26.01 40.14 -19.45
CA TYR Y 70 24.86 39.44 -20.03
C TYR Y 70 24.28 38.48 -18.99
N VAL Y 71 23.10 37.93 -19.28
CA VAL Y 71 22.47 37.01 -18.35
C VAL Y 71 22.89 35.57 -18.67
N ALA Y 72 23.68 35.00 -17.77
CA ALA Y 72 24.17 33.63 -17.95
C ALA Y 72 23.15 32.60 -17.49
N GLU Y 73 22.51 32.87 -16.36
CA GLU Y 73 21.56 31.92 -15.79
C GLU Y 73 20.40 32.60 -15.07
N SER Y 74 19.21 32.04 -15.22
CA SER Y 74 18.04 32.51 -14.50
C SER Y 74 17.16 31.32 -14.11
N THR Y 75 16.69 31.30 -12.87
CA THR Y 75 15.89 30.18 -12.40
C THR Y 75 14.82 30.61 -11.40
N SER Y 76 13.76 29.80 -11.30
CA SER Y 76 12.66 30.08 -10.39
C SER Y 76 12.35 28.87 -9.51
N GLY Y 77 12.50 29.06 -8.21
CA GLY Y 77 12.20 28.01 -7.25
C GLY Y 77 10.86 28.22 -6.59
N ARG Y 78 10.44 27.23 -5.80
CA ARG Y 78 9.15 27.30 -5.11
C ARG Y 78 9.33 27.42 -3.60
N GLY Y 79 8.68 28.41 -3.01
CA GLY Y 79 8.76 28.63 -1.58
C GLY Y 79 7.63 27.95 -0.83
N GLN Y 80 7.33 28.46 0.36
CA GLN Y 80 6.26 27.91 1.18
C GLN Y 80 4.90 28.19 0.55
N TYR Y 81 3.90 27.40 0.94
CA TYR Y 81 2.56 27.57 0.40
C TYR Y 81 1.56 28.01 1.47
N LEU Y 82 0.75 28.99 1.14
CA LEU Y 82 -0.28 29.48 2.06
C LEU Y 82 -1.62 28.79 1.81
N LYS Y 83 -2.06 28.00 2.77
CA LYS Y 83 -3.30 27.24 2.64
C LYS Y 83 -4.51 28.09 2.98
N ARG Y 84 -5.44 28.20 2.04
CA ARG Y 84 -6.67 28.97 2.24
C ARG Y 84 -7.89 28.09 2.00
N ILE Y 85 -9.02 28.48 2.57
CA ILE Y 85 -10.25 27.72 2.45
C ILE Y 85 -11.16 28.27 1.36
N ARG Y 86 -11.39 27.49 0.32
CA ARG Y 86 -12.30 27.88 -0.75
C ARG Y 86 -13.65 27.21 -0.55
N TYR Y 87 -14.67 28.03 -0.30
CA TYR Y 87 -16.00 27.52 0.01
C TYR Y 87 -16.72 27.04 -1.25
N HIS Y 88 -17.18 25.79 -1.21
CA HIS Y 88 -17.94 25.22 -2.33
C HIS Y 88 -19.37 24.91 -1.91
N GLY Y 89 -20.14 24.33 -2.81
CA GLY Y 89 -21.53 24.03 -2.55
C GLY Y 89 -21.75 22.76 -1.75
N ARG Y 90 -22.97 22.58 -1.26
CA ARG Y 90 -23.38 21.40 -0.50
C ARG Y 90 -22.51 21.16 0.73
N GLY Y 91 -22.09 22.24 1.38
CA GLY Y 91 -21.33 22.16 2.62
C GLY Y 91 -19.98 21.48 2.48
N ARG Y 92 -19.31 21.71 1.35
CA ARG Y 92 -17.98 21.15 1.14
C ARG Y 92 -16.96 22.27 0.97
N PHE Y 93 -15.77 22.08 1.53
CA PHE Y 93 -14.72 23.07 1.42
C PHE Y 93 -13.50 22.50 0.70
N GLY Y 94 -13.04 23.21 -0.33
CA GLY Y 94 -11.84 22.84 -1.06
C GLY Y 94 -10.65 23.61 -0.54
N ILE Y 95 -9.45 23.11 -0.84
CA ILE Y 95 -8.23 23.76 -0.36
C ILE Y 95 -7.56 24.56 -1.47
N MET Y 96 -7.58 25.88 -1.33
CA MET Y 96 -6.91 26.76 -2.28
C MET Y 96 -5.47 27.03 -1.84
N GLU Y 97 -4.51 26.55 -2.61
CA GLU Y 97 -3.10 26.72 -2.25
C GLU Y 97 -2.50 27.93 -2.93
N LYS Y 98 -2.13 28.93 -2.14
CA LYS Y 98 -1.45 30.11 -2.67
C LYS Y 98 0.05 29.84 -2.72
N VAL Y 99 0.62 29.87 -3.92
CA VAL Y 99 2.01 29.49 -4.11
C VAL Y 99 2.96 30.66 -3.90
N PHE Y 100 4.25 30.36 -3.99
CA PHE Y 100 5.31 31.37 -3.86
C PHE Y 100 6.45 31.04 -4.81
N CYS Y 101 7.22 32.05 -5.19
CA CYS Y 101 8.32 31.85 -6.12
C CYS Y 101 9.59 32.58 -5.68
N HIS Y 102 10.68 31.84 -5.60
CA HIS Y 102 11.98 32.43 -5.27
C HIS Y 102 12.80 32.60 -6.54
N TYR Y 103 12.99 33.85 -6.96
CA TYR Y 103 13.66 34.12 -8.23
C TYR Y 103 15.16 34.31 -8.04
N PHE Y 104 15.94 33.54 -8.78
CA PHE Y 104 17.39 33.60 -8.70
C PHE Y 104 18.01 33.97 -10.05
N VAL Y 105 18.93 34.93 -10.02
CA VAL Y 105 19.59 35.43 -11.22
C VAL Y 105 21.11 35.40 -11.08
N LYS Y 106 21.76 34.72 -12.01
CA LYS Y 106 23.22 34.60 -12.02
C LYS Y 106 23.81 35.23 -13.28
N LEU Y 107 24.64 36.25 -13.09
CA LEU Y 107 25.23 37.00 -14.20
C LEU Y 107 26.73 36.78 -14.31
N VAL Y 108 27.21 36.64 -15.55
CA VAL Y 108 28.62 36.48 -15.83
C VAL Y 108 29.07 37.52 -16.86
N GLU Y 109 30.25 38.08 -16.67
CA GLU Y 109 30.77 39.11 -17.57
C GLU Y 109 31.19 38.51 -18.91
N GLY Y 110 31.67 39.36 -19.82
CA GLY Y 110 32.07 38.93 -21.14
C GLY Y 110 30.94 38.95 -22.13
N UNK Y 111 31.26 38.89 -23.42
CA UNK Y 111 30.25 38.93 -24.46
C UNK Y 111 29.47 37.64 -24.46
N UNK Y 112 28.17 37.72 -24.75
CA UNK Y 112 27.32 36.54 -24.76
C UNK Y 112 27.48 35.79 -26.05
N UNK Y 113 27.71 34.48 -25.95
CA UNK Y 113 27.84 33.65 -27.13
C UNK Y 113 26.99 32.41 -27.00
N UNK Y 114 26.03 32.27 -27.90
CA UNK Y 114 25.18 31.09 -27.91
C UNK Y 114 24.94 30.66 -29.34
N UNK Y 115 25.26 29.40 -29.64
CA UNK Y 115 25.08 28.88 -30.98
C UNK Y 115 24.19 27.67 -30.95
N UNK Y 116 23.03 27.77 -31.58
CA UNK Y 116 22.11 26.65 -31.65
C UNK Y 116 22.15 26.07 -33.03
N UNK Y 117 23.01 26.60 -33.89
CA UNK Y 117 23.12 26.15 -35.26
C UNK Y 117 23.81 24.81 -35.33
N UNK Y 118 23.20 23.87 -36.05
CA UNK Y 118 23.79 22.57 -36.25
C UNK Y 118 23.59 22.14 -37.69
N UNK Y 119 24.68 21.85 -38.39
CA UNK Y 119 24.60 21.43 -39.77
C UNK Y 119 24.11 20.02 -39.83
N UNK Y 120 23.07 19.77 -40.62
CA UNK Y 120 22.47 18.44 -40.71
C UNK Y 120 23.34 17.50 -41.50
N UNK Y 121 23.87 17.95 -42.63
CA UNK Y 121 24.63 17.08 -43.51
C UNK Y 121 25.95 16.71 -42.90
N UNK Y 122 26.59 17.64 -42.21
CA UNK Y 122 27.88 17.39 -41.61
C UNK Y 122 27.71 16.45 -40.45
N UNK Y 123 26.72 16.70 -39.61
CA UNK Y 123 26.50 15.89 -38.43
C UNK Y 123 26.09 14.50 -38.84
N UNK Y 124 25.33 14.36 -39.93
CA UNK Y 124 24.89 13.05 -40.36
C UNK Y 124 26.05 12.30 -40.93
N UNK Y 125 26.83 12.93 -41.80
CA UNK Y 125 27.93 12.25 -42.47
C UNK Y 125 29.02 11.90 -41.50
N UNK Y 126 29.09 12.59 -40.37
CA UNK Y 126 30.10 12.28 -39.37
C UNK Y 126 29.62 11.19 -38.45
N UNK Y 127 28.39 11.32 -37.94
CA UNK Y 127 27.90 10.37 -36.95
C UNK Y 127 27.68 9.03 -37.58
N UNK Y 128 27.32 8.97 -38.86
CA UNK Y 128 27.06 7.70 -39.50
C UNK Y 128 28.36 6.99 -39.78
N UNK Y 129 29.39 7.74 -40.16
CA UNK Y 129 30.66 7.13 -40.51
C UNK Y 129 31.39 6.73 -39.26
N UNK Y 130 31.07 7.37 -38.14
CA UNK Y 130 31.71 7.04 -36.89
C UNK Y 130 30.96 5.90 -36.23
N UNK Y 131 29.68 5.76 -36.52
CA UNK Y 131 28.91 4.68 -35.93
C UNK Y 131 29.11 3.41 -36.71
N UNK Y 132 29.46 3.53 -37.99
CA UNK Y 132 29.69 2.36 -38.82
C UNK Y 132 31.07 1.83 -38.57
N UNK Y 133 31.94 2.62 -37.94
CA UNK Y 133 33.29 2.19 -37.65
C UNK Y 133 33.43 1.80 -36.20
N UNK Y 134 32.30 1.72 -35.50
CA UNK Y 134 32.31 1.32 -34.11
C UNK Y 134 31.37 0.16 -33.92
N UNK Z 1 -7.92 60.37 40.83
CA UNK Z 1 -7.49 59.25 40.00
C UNK Z 1 -8.68 58.66 39.31
N UNK Z 2 -9.89 58.96 39.80
CA UNK Z 2 -11.10 58.41 39.22
C UNK Z 2 -11.55 59.20 38.03
N UNK Z 3 -11.18 60.48 37.98
CA UNK Z 3 -11.66 61.35 36.92
C UNK Z 3 -10.51 62.00 36.19
N UNK Z 4 -10.77 62.42 34.96
CA UNK Z 4 -9.77 63.13 34.18
C UNK Z 4 -10.48 64.03 33.20
N UNK Z 5 -9.75 64.95 32.57
CA UNK Z 5 -10.35 65.93 31.69
C UNK Z 5 -9.92 65.70 30.26
N UNK Z 6 -10.82 65.98 29.32
CA UNK Z 6 -10.50 65.84 27.92
C UNK Z 6 -11.13 66.98 27.15
N UNK Z 7 -10.33 67.71 26.40
CA UNK Z 7 -10.82 68.90 25.72
C UNK Z 7 -10.62 68.82 24.23
N UNK Z 8 -9.37 68.72 23.80
CA UNK Z 8 -9.05 68.75 22.37
C UNK Z 8 -9.39 67.45 21.70
N UNK Z 9 -9.89 66.47 22.44
CA UNK Z 9 -10.21 65.18 21.86
C UNK Z 9 -11.56 65.20 21.17
N UNK Z 10 -12.60 65.68 21.84
CA UNK Z 10 -13.94 65.65 21.29
C UNK Z 10 -14.02 66.58 20.11
N UNK Z 11 -14.69 66.14 19.05
CA UNK Z 11 -14.80 66.92 17.84
C UNK Z 11 -15.89 67.95 17.98
N UNK Z 12 -16.79 67.75 18.94
CA UNK Z 12 -17.89 68.67 19.14
C UNK Z 12 -17.38 69.96 19.75
N UNK Z 13 -17.88 71.09 19.26
CA UNK Z 13 -17.42 72.39 19.74
C UNK Z 13 -18.40 73.00 20.69
N UNK Z 14 -18.00 73.15 21.95
CA UNK Z 14 -18.81 73.82 22.95
C UNK Z 14 -17.92 74.58 23.89
N PRO Z 15 -17.32 75.68 23.40
CA PRO Z 15 -16.35 76.45 24.21
C PRO Z 15 -16.99 77.19 25.37
N GLU Z 16 -18.30 77.41 25.31
CA GLU Z 16 -18.98 78.19 26.33
C GLU Z 16 -19.60 77.33 27.42
N ASP Z 17 -19.03 77.41 28.62
CA ASP Z 17 -19.56 76.76 29.82
C ASP Z 17 -19.85 75.26 29.65
N THR Z 18 -19.04 74.57 28.86
CA THR Z 18 -19.20 73.13 28.71
C THR Z 18 -17.84 72.43 28.76
N VAL Z 19 -17.67 71.56 29.75
CA VAL Z 19 -16.40 70.83 29.88
C VAL Z 19 -16.62 69.33 29.84
N GLN Z 20 -15.71 68.62 29.16
CA GLN Z 20 -15.82 67.17 29.03
C GLN Z 20 -14.89 66.47 30.02
N PHE Z 21 -15.36 65.35 30.57
CA PHE Z 21 -14.58 64.58 31.53
C PHE Z 21 -14.76 63.07 31.33
N ARG Z 22 -13.75 62.31 31.75
CA ARG Z 22 -13.89 60.86 31.87
C ARG Z 22 -14.04 60.51 33.35
N ILE Z 23 -15.11 59.78 33.67
CA ILE Z 23 -15.46 59.51 35.06
C ILE Z 23 -15.48 58.00 35.32
N PRO Z 24 -15.69 57.61 36.60
CA PRO Z 24 -15.98 56.19 36.84
C PRO Z 24 -17.42 55.85 36.47
N MET Z 25 -17.71 54.58 36.23
CA MET Z 25 -19.02 54.15 35.79
C MET Z 25 -20.05 54.13 36.93
N GLU Z 26 -19.57 53.93 38.15
CA GLU Z 26 -20.45 53.82 39.30
C GLU Z 26 -20.90 55.16 39.86
N MET Z 27 -20.17 56.22 39.53
CA MET Z 27 -20.43 57.54 40.11
C MET Z 27 -21.62 58.25 39.47
N THR Z 28 -22.59 58.62 40.31
CA THR Z 28 -23.77 59.35 39.85
C THR Z 28 -23.44 60.82 39.56
N ARG Z 29 -24.31 61.46 38.79
CA ARG Z 29 -24.13 62.86 38.39
C ARG Z 29 -24.04 63.81 39.60
N VAL Z 30 -24.91 63.58 40.59
CA VAL Z 30 -24.99 64.46 41.75
C VAL Z 30 -23.68 64.49 42.54
N ASP Z 31 -23.12 63.31 42.80
CA ASP Z 31 -21.86 63.22 43.53
C ASP Z 31 -20.73 63.88 42.75
N LEU Z 32 -20.80 63.80 41.43
CA LEU Z 32 -19.83 64.47 40.57
C LEU Z 32 -19.95 65.98 40.70
N ARG Z 33 -21.19 66.46 40.75
CA ARG Z 33 -21.44 67.89 40.91
C ARG Z 33 -20.90 68.38 42.25
N ASN Z 34 -21.24 67.70 43.32
CA ASN Z 34 -20.79 68.07 44.66
C ASN Z 34 -19.28 68.00 44.80
N TYR Z 35 -18.68 66.96 44.21
CA TYR Z 35 -17.23 66.78 44.27
C TYR Z 35 -16.52 67.89 43.50
N LEU Z 36 -17.06 68.25 42.33
CA LEU Z 36 -16.44 69.27 41.49
C LEU Z 36 -16.63 70.65 42.12
N GLU Z 37 -17.70 70.81 42.87
CA GLU Z 37 -17.99 72.07 43.54
C GLU Z 37 -17.12 72.28 44.76
N ARG Z 38 -16.97 71.23 45.58
CA ARG Z 38 -16.22 71.35 46.83
C ARG Z 38 -14.70 71.28 46.64
N ILE Z 39 -14.23 70.34 45.84
CA ILE Z 39 -12.80 70.13 45.68
C ILE Z 39 -12.11 71.20 44.83
N TYR Z 40 -12.65 71.45 43.65
CA TYR Z 40 -12.03 72.39 42.72
C TYR Z 40 -12.59 73.81 42.87
N ASN Z 41 -13.58 73.94 43.76
CA ASN Z 41 -14.22 75.23 44.04
C ASN Z 41 -14.74 75.93 42.80
N VAL Z 42 -15.69 75.29 42.12
CA VAL Z 42 -16.35 75.88 40.96
C VAL Z 42 -17.83 75.51 40.93
N PRO Z 43 -18.69 76.45 40.52
CA PRO Z 43 -20.13 76.17 40.42
C PRO Z 43 -20.47 75.26 39.23
N VAL Z 44 -21.46 74.39 39.41
CA VAL Z 44 -21.90 73.50 38.35
C VAL Z 44 -23.41 73.61 38.12
N ALA Z 45 -23.79 74.09 36.95
CA ALA Z 45 -25.19 74.29 36.62
C ALA Z 45 -25.88 72.98 36.22
N ALA Z 46 -25.19 72.16 35.42
CA ALA Z 46 -25.79 70.92 34.94
C ALA Z 46 -24.75 69.82 34.71
N VAL Z 47 -25.22 68.58 34.69
CA VAL Z 47 -24.35 67.42 34.40
C VAL Z 47 -25.07 66.43 33.49
N ARG Z 48 -24.42 66.05 32.39
CA ARG Z 48 -24.99 65.07 31.48
C ARG Z 48 -24.01 63.91 31.25
N THR Z 49 -24.37 62.72 31.71
CA THR Z 49 -23.48 61.57 31.65
C THR Z 49 -23.93 60.50 30.67
N ARG Z 50 -22.96 59.82 30.07
CA ARG Z 50 -23.24 58.69 29.19
C ARG Z 50 -22.14 57.64 29.28
N VAL Z 51 -22.49 56.39 29.00
CA VAL Z 51 -21.54 55.29 29.13
C VAL Z 51 -20.98 54.84 27.79
N GLN Z 52 -19.66 54.82 27.68
CA GLN Z 52 -18.97 54.38 26.47
C GLN Z 52 -18.43 52.96 26.62
N TYR Z 53 -19.00 52.03 25.87
CA TYR Z 53 -18.58 50.64 25.93
C TYR Z 53 -17.20 50.47 25.31
N GLY Z 54 -16.35 49.68 25.97
CA GLY Z 54 -14.98 49.50 25.53
C GLY Z 54 -14.83 48.66 24.28
N SER Z 55 -13.92 49.07 23.41
CA SER Z 55 -13.62 48.33 22.19
C SER Z 55 -12.88 47.04 22.52
N ASN Z 56 -12.90 46.09 21.59
CA ASN Z 56 -12.20 44.83 21.79
C ASN Z 56 -11.07 44.61 20.79
N ARG Z 57 -10.08 43.83 21.20
CA ARG Z 57 -8.96 43.48 20.34
C ARG Z 57 -8.46 42.08 20.71
N ARG Z 58 -8.04 41.31 19.71
CA ARG Z 58 -7.58 39.95 19.94
C ARG Z 58 -6.09 39.90 20.27
N ARG Z 59 -5.61 38.70 20.56
CA ARG Z 59 -4.19 38.45 20.78
C ARG Z 59 -3.80 37.19 20.03
N ASP Z 60 -2.86 37.34 19.10
CA ASP Z 60 -2.50 36.25 18.19
C ASP Z 60 -1.59 35.20 18.83
N HIS Z 61 -0.82 35.63 19.84
CA HIS Z 61 0.14 34.74 20.48
C HIS Z 61 -0.55 33.61 21.24
N ARG Z 62 -1.49 33.99 22.11
CA ARG Z 62 -2.23 33.01 22.89
C ARG Z 62 -3.55 32.64 22.22
N ASN Z 63 -3.81 33.27 21.07
CA ASN Z 63 -5.08 33.12 20.35
C ASN Z 63 -6.26 33.38 21.29
N ILE Z 64 -6.34 34.60 21.80
CA ILE Z 64 -7.37 34.94 22.79
C ILE Z 64 -7.99 36.31 22.52
N ARG Z 65 -9.32 36.34 22.38
CA ARG Z 65 -10.04 37.59 22.21
C ARG Z 65 -10.14 38.36 23.51
N ILE Z 66 -9.72 39.62 23.49
CA ILE Z 66 -9.72 40.46 24.69
C ILE Z 66 -10.57 41.70 24.46
N LYS Z 67 -10.95 42.38 25.54
CA LYS Z 67 -11.71 43.63 25.42
C LYS Z 67 -11.13 44.72 26.32
N LYS Z 68 -10.99 45.92 25.76
CA LYS Z 68 -10.53 47.07 26.53
C LYS Z 68 -11.54 47.43 27.61
N PRO Z 69 -11.06 47.92 28.76
CA PRO Z 69 -11.92 48.31 29.88
C PRO Z 69 -13.00 49.32 29.47
N ASP Z 70 -14.21 49.14 29.97
CA ASP Z 70 -15.31 50.03 29.65
C ASP Z 70 -15.09 51.41 30.26
N TYR Z 71 -15.67 52.44 29.64
CA TYR Z 71 -15.51 53.81 30.13
C TYR Z 71 -16.85 54.52 30.29
N LYS Z 72 -16.83 55.64 30.98
CA LYS Z 72 -18.00 56.50 31.09
C LYS Z 72 -17.58 57.96 31.01
N VAL Z 73 -18.26 58.74 30.17
CA VAL Z 73 -17.90 60.14 30.00
C VAL Z 73 -19.02 61.07 30.44
N ALA Z 74 -18.64 62.26 30.89
CA ALA Z 74 -19.58 63.25 31.39
C ALA Z 74 -19.35 64.62 30.78
N TYR Z 75 -20.41 65.41 30.72
CA TYR Z 75 -20.36 66.77 30.17
C TYR Z 75 -20.98 67.73 31.18
N VAL Z 76 -20.16 68.63 31.70
CA VAL Z 76 -20.64 69.55 32.74
C VAL Z 76 -20.85 70.97 32.22
N GLN Z 77 -21.95 71.57 32.65
CA GLN Z 77 -22.28 72.95 32.38
C GLN Z 77 -22.07 73.78 33.65
N LEU Z 78 -21.11 74.70 33.60
CA LEU Z 78 -20.75 75.50 34.75
C LEU Z 78 -21.56 76.79 34.81
N ALA Z 79 -21.20 77.66 35.75
CA ALA Z 79 -21.89 78.93 35.94
C ALA Z 79 -21.53 79.90 34.81
N LEU Z 80 -22.40 80.89 34.60
CA LEU Z 80 -22.21 81.87 33.54
C LEU Z 80 -20.96 82.73 33.78
N GLY Z 81 -20.24 83.02 32.70
CA GLY Z 81 -19.05 83.85 32.79
C GLY Z 81 -17.75 83.08 32.66
N GLN Z 82 -17.86 81.78 32.45
CA GLN Z 82 -16.67 80.93 32.32
C GLN Z 82 -16.49 80.40 30.91
N UNK Z 83 -15.24 80.23 30.49
CA UNK Z 83 -14.94 79.69 29.18
C UNK Z 83 -13.84 78.66 29.30
N UNK Z 84 -14.09 77.46 28.79
CA UNK Z 84 -13.13 76.37 28.91
C UNK Z 84 -12.39 76.18 27.62
N UNK Z 85 -11.07 76.39 27.67
CA UNK Z 85 -10.24 76.21 26.50
C UNK Z 85 -8.95 75.54 26.89
N UNK Z 86 -8.68 74.38 26.30
CA UNK Z 86 -7.49 73.62 26.64
C UNK Z 86 -7.00 72.87 25.43
N UNK Z 87 -5.71 72.53 25.41
CA UNK Z 87 -5.14 71.79 24.30
C UNK Z 87 -4.44 70.55 24.80
N ASP AA 53 23.09 34.44 50.43
CA ASP AA 53 24.49 34.19 50.14
C ASP AA 53 24.80 34.43 48.66
N TRP AA 54 25.27 35.64 48.36
CA TRP AA 54 25.62 36.00 47.00
C TRP AA 54 27.09 36.38 46.90
N HIS AA 55 27.65 36.28 45.70
CA HIS AA 55 29.08 36.48 45.51
C HIS AA 55 29.45 37.92 45.18
N LEU AA 56 29.09 38.36 43.98
CA LEU AA 56 29.54 39.67 43.48
C LEU AA 56 28.42 40.69 43.45
N PHE AA 57 28.74 41.93 43.83
CA PHE AA 57 27.78 43.03 43.79
C PHE AA 57 28.33 44.16 42.92
N CYS AA 58 27.44 45.05 42.49
CA CYS AA 58 27.82 46.13 41.57
C CYS AA 58 28.69 47.20 42.25
N GLY AA 59 29.77 47.58 41.58
CA GLY AA 59 30.59 48.68 42.02
C GLY AA 59 31.94 48.32 42.61
N ASP AA 60 32.13 47.05 42.96
CA ASP AA 60 33.39 46.60 43.54
C ASP AA 60 34.48 46.38 42.50
N LYS AA 61 35.73 46.49 42.93
CA LYS AA 61 36.87 46.19 42.08
C LYS AA 61 37.14 44.69 42.10
N VAL AA 62 37.16 44.07 40.93
CA VAL AA 62 37.31 42.62 40.85
C VAL AA 62 38.46 42.17 39.95
N GLU AA 63 38.89 40.93 40.15
CA GLU AA 63 39.95 40.31 39.37
C GLU AA 63 39.42 39.13 38.56
N ILE AA 64 40.06 38.87 37.43
CA ILE AA 64 39.68 37.76 36.56
C ILE AA 64 40.81 36.73 36.49
N LEU AA 65 40.50 35.50 36.89
CA LEU AA 65 41.50 34.43 36.90
C LEU AA 65 41.43 33.52 35.68
N GLU AA 66 40.48 33.78 34.78
CA GLU AA 66 40.28 32.90 33.63
C GLU AA 66 39.87 33.67 32.37
N GLY AA 67 40.31 33.18 31.22
CA GLY AA 67 39.97 33.78 29.94
C GLY AA 67 41.09 34.59 29.34
N LYS AA 68 40.78 35.29 28.24
CA LYS AA 68 41.75 36.16 27.58
C LYS AA 68 42.07 37.37 28.45
N ASP AA 69 41.10 37.77 29.26
CA ASP AA 69 41.23 38.95 30.10
C ASP AA 69 41.76 38.61 31.49
N ALA AA 70 42.13 37.34 31.69
CA ALA AA 70 42.59 36.85 32.98
C ALA AA 70 43.78 37.65 33.52
N GLY AA 71 43.70 38.03 34.79
CA GLY AA 71 44.75 38.77 35.44
C GLY AA 71 44.47 40.25 35.58
N LYS AA 72 43.56 40.75 34.76
CA LYS AA 72 43.19 42.16 34.78
C LYS AA 72 42.22 42.49 35.90
N GLN AA 73 42.25 43.73 36.37
CA GLN AA 73 41.39 44.17 37.46
C GLN AA 73 40.52 45.35 37.03
N GLY AA 74 39.27 45.35 37.48
CA GLY AA 74 38.36 46.43 37.14
C GLY AA 74 37.04 46.42 37.88
N LYS AA 75 36.37 47.57 37.93
CA LYS AA 75 35.09 47.69 38.60
C LYS AA 75 33.96 47.05 37.78
N VAL AA 76 32.85 46.74 38.44
CA VAL AA 76 31.72 46.11 37.79
C VAL AA 76 30.59 47.10 37.51
N VAL AA 77 30.22 47.23 36.24
CA VAL AA 77 29.18 48.17 35.83
C VAL AA 77 27.78 47.68 36.19
N GLN AA 78 27.48 46.44 35.84
CA GLN AA 78 26.14 45.90 36.03
C GLN AA 78 26.16 44.40 36.33
N VAL AA 79 25.24 43.95 37.18
CA VAL AA 79 25.13 42.54 37.52
C VAL AA 79 23.75 41.99 37.22
N ILE AA 80 23.68 41.00 36.34
CA ILE AA 80 22.41 40.37 35.99
C ILE AA 80 22.33 38.96 36.57
N ARG AA 81 21.28 38.70 37.33
CA ARG AA 81 21.11 37.41 37.99
C ARG AA 81 20.33 36.43 37.12
N GLN AA 82 19.79 36.92 36.00
CA GLN AA 82 19.01 36.07 35.10
C GLN AA 82 19.91 35.08 34.36
N ARG AA 83 20.93 35.61 33.69
CA ARG AA 83 21.87 34.76 32.95
C ARG AA 83 23.10 34.45 33.76
N ASN AA 84 23.14 34.96 34.99
CA ASN AA 84 24.27 34.75 35.91
C ASN AA 84 25.60 35.20 35.33
N TRP AA 85 25.78 36.51 35.17
CA TRP AA 85 27.01 37.05 34.64
C TRP AA 85 27.28 38.47 35.11
N VAL AA 86 28.52 38.93 34.97
CA VAL AA 86 28.91 40.27 35.38
C VAL AA 86 29.63 41.02 34.27
N VAL AA 87 29.68 42.34 34.38
CA VAL AA 87 30.33 43.18 33.38
C VAL AA 87 31.43 44.04 34.01
N VAL AA 88 32.66 43.85 33.56
CA VAL AA 88 33.80 44.59 34.09
C VAL AA 88 34.14 45.79 33.21
N GLU AA 89 34.49 46.90 33.85
CA GLU AA 89 34.83 48.14 33.13
C GLU AA 89 36.02 47.97 32.21
N GLY AA 90 35.84 48.34 30.95
CA GLY AA 90 36.91 48.29 29.96
C GLY AA 90 37.51 46.92 29.77
N LEU AA 91 36.67 45.89 29.83
CA LEU AA 91 37.14 44.52 29.70
C LEU AA 91 36.31 43.74 28.70
N ASN AA 92 36.93 42.74 28.07
CA ASN AA 92 36.29 41.92 27.05
C ASN AA 92 35.70 42.79 25.93
N THR AA 93 36.54 43.65 25.37
CA THR AA 93 36.12 44.58 24.33
C THR AA 93 35.52 43.88 23.12
N HIS AA 94 34.32 44.30 22.73
CA HIS AA 94 33.66 43.75 21.55
C HIS AA 94 33.03 44.87 20.72
N TYR AA 95 32.76 44.56 19.46
CA TYR AA 95 32.23 45.55 18.52
C TYR AA 95 30.73 45.76 18.68
N ARG AA 96 30.30 47.02 18.61
CA ARG AA 96 28.88 47.34 18.63
C ARG AA 96 28.56 48.39 17.57
N TYR AA 97 27.39 48.26 16.93
CA TYR AA 97 27.03 49.14 15.83
C TYR AA 97 25.89 50.10 16.18
N VAL AA 98 26.23 51.38 16.29
CA VAL AA 98 25.20 52.42 16.36
C VAL AA 98 25.32 53.32 15.14
N GLY AA 99 24.37 53.19 14.21
CA GLY AA 99 24.42 53.93 12.97
C GLY AA 99 23.54 55.16 12.91
N LYS AA 100 23.84 56.06 11.97
CA LYS AA 100 22.97 57.17 11.65
C LYS AA 100 22.74 57.22 10.14
N THR AA 101 21.51 56.95 9.73
CA THR AA 101 21.17 56.88 8.31
C THR AA 101 21.00 58.27 7.70
N VAL AA 102 20.28 59.13 8.40
CA VAL AA 102 20.03 60.50 7.93
C VAL AA 102 21.33 61.27 7.81
N ASP AA 103 22.21 61.09 8.79
CA ASP AA 103 23.50 61.77 8.80
C ASP AA 103 24.54 60.96 8.02
N TYR AA 104 24.13 59.81 7.51
CA TYR AA 104 24.97 58.94 6.67
C TYR AA 104 26.15 58.34 7.45
N ARG AA 105 26.30 58.74 8.70
CA ARG AA 105 27.47 58.36 9.50
C ARG AA 105 27.19 57.19 10.44
N GLY AA 106 27.78 56.04 10.13
CA GLY AA 106 27.72 54.90 11.03
C GLY AA 106 28.80 55.01 12.08
N THR AA 107 28.51 54.57 13.29
CA THR AA 107 29.48 54.64 14.38
C THR AA 107 29.65 53.30 15.09
N MET AA 108 30.84 52.73 14.99
CA MET AA 108 31.17 51.50 15.69
C MET AA 108 31.85 51.82 17.01
N ILE AA 109 31.30 51.29 18.10
CA ILE AA 109 31.83 51.57 19.42
C ILE AA 109 32.18 50.27 20.14
N PRO AA 110 33.32 50.26 20.85
CA PRO AA 110 33.70 49.13 21.70
C PRO AA 110 32.85 49.06 22.97
N SER AA 111 32.50 47.85 23.40
CA SER AA 111 31.71 47.68 24.62
C SER AA 111 32.16 46.46 25.40
N GLU AA 112 31.75 46.39 26.67
CA GLU AA 112 32.14 45.31 27.55
C GLU AA 112 31.07 44.21 27.59
N ALA AA 113 31.42 43.03 27.08
CA ALA AA 113 30.50 41.90 27.07
C ALA AA 113 30.47 41.22 28.44
N PRO AA 114 29.28 40.78 28.87
CA PRO AA 114 29.10 40.12 30.18
C PRO AA 114 29.96 38.87 30.34
N LEU AA 115 30.61 38.74 31.49
CA LEU AA 115 31.46 37.59 31.77
C LEU AA 115 30.89 36.73 32.89
N LEU AA 116 31.17 35.44 32.85
CA LEU AA 116 30.67 34.50 33.85
C LEU AA 116 31.20 34.85 35.24
N HIS AA 117 30.33 34.74 36.24
CA HIS AA 117 30.68 35.10 37.62
C HIS AA 117 31.67 34.12 38.24
N ASN AA 118 31.71 32.90 37.69
CA ASN AA 118 32.62 31.87 38.21
C ASN AA 118 34.07 32.16 37.86
N GLN AA 119 34.28 32.98 36.84
CA GLN AA 119 35.63 33.33 36.41
C GLN AA 119 36.10 34.63 37.05
N VAL AA 120 35.25 35.19 37.91
CA VAL AA 120 35.52 36.49 38.52
C VAL AA 120 35.58 36.38 40.05
N LYS AA 121 36.57 37.03 40.65
CA LYS AA 121 36.70 37.02 42.12
C LYS AA 121 36.83 38.43 42.68
N LEU AA 122 36.31 38.62 43.89
CA LEU AA 122 36.34 39.92 44.55
C LEU AA 122 37.74 40.27 45.07
N VAL AA 123 37.97 41.55 45.29
CA VAL AA 123 39.24 42.03 45.83
C VAL AA 123 39.06 42.64 47.22
N ASP AA 124 39.83 42.13 48.18
CA ASP AA 124 39.76 42.63 49.55
C ASP AA 124 40.33 44.04 49.64
N PRO AA 125 39.63 44.93 50.36
CA PRO AA 125 40.05 46.33 50.54
C PRO AA 125 41.40 46.46 51.22
N THR AA 126 41.81 45.46 51.99
CA THR AA 126 43.07 45.51 52.72
C THR AA 126 44.16 44.73 52.01
N ASP AA 127 44.00 43.42 51.90
CA ASP AA 127 45.01 42.55 51.31
C ASP AA 127 45.21 42.81 49.83
N ARG AA 128 44.17 43.32 49.16
CA ARG AA 128 44.20 43.66 47.74
C ARG AA 128 44.31 42.44 46.84
N LYS AA 129 44.46 41.26 47.44
CA LYS AA 129 44.54 40.01 46.70
C LYS AA 129 43.16 39.41 46.45
N PRO AA 130 42.98 38.74 45.31
CA PRO AA 130 41.71 38.06 45.01
C PRO AA 130 41.44 36.91 45.97
N THR AA 131 40.20 36.78 46.43
CA THR AA 131 39.86 35.78 47.43
C THR AA 131 38.39 35.40 47.42
N ASP AA 132 38.10 34.23 48.01
CA ASP AA 132 36.73 33.75 48.13
C ASP AA 132 35.96 34.50 49.21
N VAL AA 133 34.64 34.45 49.15
CA VAL AA 133 33.80 35.15 50.11
C VAL AA 133 33.35 34.23 51.25
N GLU AA 134 33.27 34.78 52.46
CA GLU AA 134 32.80 34.04 53.62
C GLU AA 134 31.84 34.89 54.44
N TRP AA 135 30.84 34.27 55.05
CA TRP AA 135 29.86 35.01 55.84
C TRP AA 135 30.18 34.98 57.33
N ARG AA 136 30.30 36.15 57.92
CA ARG AA 136 30.63 36.25 59.35
C ARG AA 136 29.82 37.33 60.07
N PHE AA 137 29.84 37.26 61.39
CA PHE AA 137 29.21 38.26 62.25
C PHE AA 137 30.28 38.93 63.10
N THR AA 138 30.51 40.23 62.87
CA THR AA 138 31.56 40.95 63.58
C THR AA 138 31.14 41.24 65.02
N GLU AA 139 32.03 41.88 65.78
CA GLU AA 139 31.77 42.21 67.17
C GLU AA 139 30.86 43.42 67.31
N ALA AA 140 30.59 44.08 66.18
CA ALA AA 140 29.72 45.25 66.16
C ALA AA 140 28.26 44.85 66.05
N GLY AA 141 28.00 43.55 66.00
CA GLY AA 141 26.65 43.04 65.89
C GLY AA 141 26.08 43.22 64.49
N GLU AA 142 26.87 42.86 63.49
CA GLU AA 142 26.45 43.02 62.10
C GLU AA 142 26.67 41.74 61.29
N ARG AA 143 25.77 41.52 60.32
CA ARG AA 143 25.90 40.41 59.40
C ARG AA 143 26.66 40.87 58.15
N VAL AA 144 27.86 40.35 57.94
CA VAL AA 144 28.70 40.82 56.85
C VAL AA 144 29.40 39.71 56.09
N ARG AA 145 29.92 40.04 54.91
CA ARG AA 145 30.73 39.12 54.14
C ARG AA 145 32.17 39.62 54.06
N VAL AA 146 33.11 38.75 54.41
CA VAL AA 146 34.52 39.13 54.46
C VAL AA 146 35.38 38.10 53.72
N SER AA 147 36.64 38.47 53.51
CA SER AA 147 37.60 37.59 52.86
C SER AA 147 37.86 36.33 53.69
N THR AA 148 38.24 35.25 53.02
CA THR AA 148 38.59 34.01 53.69
C THR AA 148 40.01 34.07 54.23
N ARG AA 149 40.73 35.14 53.87
CA ARG AA 149 42.10 35.33 54.32
C ARG AA 149 42.15 36.28 55.51
N SER AA 150 41.80 37.54 55.27
CA SER AA 150 41.80 38.56 56.32
C SER AA 150 40.40 38.76 56.90
N GLY AA 151 40.29 39.72 57.81
CA GLY AA 151 39.02 40.01 58.45
C GLY AA 151 38.39 41.32 57.97
N ARG AA 152 38.90 41.84 56.86
CA ARG AA 152 38.39 43.10 56.31
C ARG AA 152 36.97 42.91 55.74
N ILE AA 153 36.09 43.86 56.05
CA ILE AA 153 34.71 43.80 55.60
C ILE AA 153 34.55 44.28 54.17
N ILE AA 154 34.03 43.40 53.31
CA ILE AA 154 33.82 43.71 51.90
C ILE AA 154 32.75 44.77 51.58
N PRO AA 155 31.50 44.62 52.12
CA PRO AA 155 30.34 45.47 51.76
C PRO AA 155 30.65 46.88 51.25
N PRO BA 145 -9.34 -113.78 10.12
CA PRO BA 145 -9.69 -114.38 11.41
C PRO BA 145 -9.07 -113.63 12.59
N TYR BA 146 -8.60 -114.37 13.58
CA TYR BA 146 -7.95 -113.77 14.74
C TYR BA 146 -6.65 -113.09 14.34
N HIS BA 147 -5.97 -113.69 13.37
CA HIS BA 147 -4.67 -113.20 12.91
C HIS BA 147 -4.74 -111.75 12.45
N LYS BA 148 -5.61 -111.47 11.49
CA LYS BA 148 -5.77 -110.13 10.93
C LYS BA 148 -6.12 -109.10 12.00
N GLN BA 149 -6.94 -109.52 12.96
CA GLN BA 149 -7.29 -108.66 14.09
C GLN BA 149 -6.05 -108.34 14.92
N ARG BA 150 -5.19 -109.34 15.09
CA ARG BA 150 -3.94 -109.15 15.82
C ARG BA 150 -3.00 -108.21 15.06
N LEU BA 151 -3.04 -108.28 13.73
CA LEU BA 151 -2.21 -107.41 12.90
C LEU BA 151 -2.68 -105.97 13.04
N ALA BA 152 -3.98 -105.77 12.91
CA ALA BA 152 -4.57 -104.43 13.00
C ALA BA 152 -4.40 -103.85 14.39
N GLU BA 153 -4.39 -104.72 15.40
CA GLU BA 153 -4.19 -104.28 16.77
C GLU BA 153 -2.72 -103.92 17.02
N TYR BA 154 -1.83 -104.66 16.37
CA TYR BA 154 -0.39 -104.44 16.53
C TYR BA 154 0.07 -103.15 15.88
N CYS BA 155 -0.27 -102.98 14.60
CA CYS BA 155 0.24 -101.85 13.82
C CYS BA 155 -0.72 -100.66 13.83
N GLY BA 156 -1.81 -100.79 14.57
CA GLY BA 156 -2.81 -99.75 14.59
C GLY BA 156 -2.77 -98.84 15.81
N LEU BA 157 -1.84 -99.10 16.72
CA LEU BA 157 -1.76 -98.32 17.96
C LEU BA 157 -0.36 -97.78 18.22
N TYR BA 158 0.57 -98.67 18.54
CA TYR BA 158 1.90 -98.27 18.98
C TYR BA 158 2.87 -98.11 17.82
N ARG BA 159 3.46 -96.92 17.71
CA ARG BA 159 4.41 -96.63 16.64
C ARG BA 159 5.80 -97.19 16.93
N ASP BA 160 6.11 -97.35 18.22
CA ASP BA 160 7.41 -97.85 18.65
C ASP BA 160 7.67 -99.27 18.14
N LEU BA 161 6.60 -99.96 17.77
CA LEU BA 161 6.71 -101.31 17.24
C LEU BA 161 7.24 -101.29 15.81
N PHE BA 162 6.88 -100.25 15.07
CA PHE BA 162 7.37 -100.08 13.71
C PHE BA 162 8.81 -99.59 13.73
N HIS BA 163 9.16 -98.85 14.78
CA HIS BA 163 10.52 -98.36 14.95
C HIS BA 163 11.46 -99.53 15.28
N GLY BA 164 10.90 -100.59 15.85
CA GLY BA 164 11.65 -101.78 16.16
C GLY BA 164 11.62 -102.77 15.00
N ALA BA 165 10.82 -102.45 13.99
CA ALA BA 165 10.75 -103.21 12.74
C ALA BA 165 10.16 -104.61 12.90
N THR BA 166 9.84 -104.98 14.13
CA THR BA 166 9.28 -106.30 14.42
C THR BA 166 7.98 -106.54 13.66
N PHE BA 167 7.92 -107.63 12.92
CA PHE BA 167 6.76 -107.95 12.08
C PHE BA 167 5.57 -108.47 12.90
N VAL BA 168 4.39 -108.38 12.30
CA VAL BA 168 3.15 -108.80 12.96
C VAL BA 168 3.10 -110.30 13.19
N PRO BA 169 2.70 -110.72 14.40
CA PRO BA 169 2.67 -112.12 14.81
C PRO BA 169 1.54 -112.93 14.14
N ARG BA 170 1.87 -114.10 13.62
CA ARG BA 170 0.86 -115.03 13.12
C ARG BA 170 0.55 -116.11 14.15
N VAL BA 171 1.25 -116.07 15.28
CA VAL BA 171 1.16 -117.15 16.28
C VAL BA 171 0.25 -116.79 17.45
N PRO BA 172 -0.70 -117.68 17.76
CA PRO BA 172 -1.65 -117.52 18.87
C PRO BA 172 -1.04 -117.79 20.24
N LEU BA 173 -0.34 -116.79 20.79
CA LEU BA 173 0.26 -116.92 22.12
C LEU BA 173 -0.76 -116.68 23.23
N HIS BA 174 -0.72 -117.51 24.26
CA HIS BA 174 -1.60 -117.32 25.41
C HIS BA 174 -0.79 -117.18 26.70
N VAL BA 175 -0.86 -116.00 27.31
CA VAL BA 175 -0.14 -115.74 28.55
C VAL BA 175 -1.13 -115.57 29.71
N ALA BA 176 -0.86 -116.25 30.82
CA ALA BA 176 -1.74 -116.19 31.97
C ALA BA 176 -0.97 -116.02 33.28
N TYR BA 177 -1.26 -114.93 34.00
CA TYR BA 177 -0.66 -114.69 35.30
C TYR BA 177 -1.43 -115.40 36.40
N ALA BA 178 -0.76 -116.29 37.13
CA ALA BA 178 -1.39 -117.02 38.20
C ALA BA 178 -0.78 -116.67 39.56
N VAL BA 179 -1.56 -116.00 40.40
CA VAL BA 179 -1.12 -115.65 41.74
C VAL BA 179 -2.14 -116.07 42.79
N GLY BA 180 -1.74 -117.02 43.64
CA GLY BA 180 -2.63 -117.55 44.65
C GLY BA 180 -3.86 -118.20 44.05
N GLU BA 181 -5.03 -117.77 44.51
CA GLU BA 181 -6.30 -118.27 43.97
C GLU BA 181 -6.82 -117.34 42.87
N ASP BA 182 -6.05 -116.28 42.58
CA ASP BA 182 -6.45 -115.30 41.57
C ASP BA 182 -5.67 -115.46 40.28
N ASP BA 183 -6.35 -115.34 39.15
CA ASP BA 183 -5.71 -115.47 37.85
C ASP BA 183 -6.03 -114.28 36.95
N LEU BA 184 -5.01 -113.49 36.62
CA LEU BA 184 -5.16 -112.36 35.72
C LEU BA 184 -4.67 -112.74 34.33
N MET BA 185 -5.55 -112.59 33.34
CA MET BA 185 -5.24 -112.99 31.98
C MET BA 185 -5.14 -111.79 31.03
N PRO BA 186 -3.91 -111.48 30.58
CA PRO BA 186 -3.68 -110.41 29.60
C PRO BA 186 -4.37 -110.69 28.26
N VAL BA 187 -4.29 -111.94 27.81
CA VAL BA 187 -4.91 -112.37 26.55
C VAL BA 187 -4.50 -111.46 25.39
N TYR BA 188 -5.48 -110.77 24.80
CA TYR BA 188 -5.21 -109.91 23.65
C TYR BA 188 -4.37 -108.69 24.02
N HIS BA 189 -3.75 -108.10 23.01
CA HIS BA 189 -2.84 -106.98 23.20
C HIS BA 189 -3.56 -105.73 23.71
N GLY BA 190 -2.89 -105.00 24.61
CA GLY BA 190 -3.42 -103.75 25.10
C GLY BA 190 -4.22 -103.83 26.40
N ASN BA 191 -4.03 -104.92 27.14
CA ASN BA 191 -4.73 -105.08 28.42
C ASN BA 191 -4.11 -104.22 29.51
N GLU BA 192 -4.92 -103.89 30.52
CA GLU BA 192 -4.47 -103.04 31.62
C GLU BA 192 -4.48 -103.78 32.95
N VAL BA 193 -3.31 -103.95 33.55
CA VAL BA 193 -3.18 -104.61 34.85
C VAL BA 193 -2.26 -103.83 35.79
N THR BA 194 -2.36 -104.14 37.07
CA THR BA 194 -1.53 -103.49 38.09
C THR BA 194 -0.22 -104.25 38.29
N PRO BA 195 0.86 -103.53 38.65
CA PRO BA 195 2.17 -104.14 38.89
C PRO BA 195 2.18 -105.16 40.03
N THR BA 196 1.16 -105.10 40.89
CA THR BA 196 1.07 -105.99 42.04
C THR BA 196 1.04 -107.46 41.62
N GLU BA 197 0.16 -107.79 40.68
CA GLU BA 197 0.03 -109.15 40.20
C GLU BA 197 1.05 -109.44 39.11
N ALA BA 198 1.74 -108.40 38.65
CA ALA BA 198 2.75 -108.54 37.61
C ALA BA 198 4.14 -108.74 38.21
N ALA BA 199 4.21 -108.83 39.53
CA ALA BA 199 5.48 -108.98 40.23
C ALA BA 199 5.92 -110.44 40.30
N GLN BA 200 5.11 -111.33 39.73
CA GLN BA 200 5.42 -112.75 39.74
C GLN BA 200 5.56 -113.31 38.32
N ALA BA 201 6.25 -114.43 38.19
CA ALA BA 201 6.46 -115.06 36.90
C ALA BA 201 5.17 -115.63 36.33
N PRO BA 202 4.79 -115.18 35.13
CA PRO BA 202 3.56 -115.63 34.46
C PRO BA 202 3.70 -117.01 33.81
N GLU BA 203 2.65 -117.45 33.12
CA GLU BA 203 2.67 -118.71 32.41
C GLU BA 203 2.50 -118.49 30.90
N VAL BA 204 3.43 -119.03 30.13
CA VAL BA 204 3.44 -118.84 28.69
C VAL BA 204 3.09 -120.13 27.95
N THR BA 205 1.94 -120.16 27.30
CA THR BA 205 1.53 -121.31 26.51
C THR BA 205 1.12 -120.92 25.09
N TYR BA 206 1.92 -121.33 24.12
CA TYR BA 206 1.54 -121.26 22.71
C TYR BA 206 1.96 -122.53 21.95
N GLU BA 207 0.96 -123.30 21.50
CA GLU BA 207 1.18 -124.46 20.62
C GLU BA 207 2.41 -125.29 21.00
N ALA BA 208 2.36 -125.94 22.15
CA ALA BA 208 3.55 -126.56 22.73
C ALA BA 208 4.13 -127.69 21.89
N ASP BA 209 5.41 -127.56 21.55
CA ASP BA 209 6.18 -128.63 20.93
C ASP BA 209 7.48 -128.80 21.70
N GLU BA 210 7.62 -129.94 22.36
CA GLU BA 210 8.73 -130.17 23.29
C GLU BA 210 9.99 -130.64 22.58
N GLY BA 211 9.92 -130.78 21.27
CA GLY BA 211 11.07 -131.16 20.48
C GLY BA 211 11.65 -129.99 19.71
N SER BA 212 11.25 -128.78 20.08
CA SER BA 212 11.67 -127.57 19.40
C SER BA 212 12.23 -126.52 20.35
N LEU BA 213 12.92 -125.53 19.80
CA LEU BA 213 13.56 -124.49 20.60
C LEU BA 213 12.96 -123.11 20.34
N TRP BA 214 12.73 -122.37 21.42
CA TRP BA 214 12.09 -121.06 21.35
C TRP BA 214 12.87 -120.00 22.13
N THR BA 215 12.53 -118.73 21.90
CA THR BA 215 13.16 -117.63 22.61
C THR BA 215 12.12 -116.67 23.19
N LEU BA 216 12.18 -116.47 24.51
CA LEU BA 216 11.21 -115.62 25.20
C LEU BA 216 11.83 -114.31 25.67
N LEU BA 217 11.08 -113.22 25.50
CA LEU BA 217 11.53 -111.90 25.90
C LEU BA 217 10.37 -111.08 26.48
N LEU BA 218 10.68 -110.21 27.45
CA LEU BA 218 9.70 -109.28 27.98
C LEU BA 218 10.33 -107.90 28.17
N THR BA 219 9.78 -106.90 27.49
CA THR BA 219 10.35 -105.55 27.52
C THR BA 219 9.31 -104.48 27.82
N ASN BA 220 9.79 -103.29 28.21
CA ASN BA 220 8.92 -102.16 28.50
C ASN BA 220 9.62 -100.83 28.23
N LEU BA 221 8.88 -99.81 27.82
CA LEU BA 221 9.46 -98.49 27.68
C LEU BA 221 8.64 -97.42 28.41
N ASP BA 222 9.19 -96.91 29.51
CA ASP BA 222 8.69 -95.70 30.13
C ASP BA 222 9.56 -94.52 29.70
N GLY BA 223 10.64 -94.84 28.99
CA GLY BA 223 11.66 -93.87 28.67
C GLY BA 223 12.61 -93.67 29.84
N HIS BA 224 12.18 -94.11 31.02
CA HIS BA 224 12.92 -94.02 32.28
C HIS BA 224 13.60 -92.66 32.50
N LEU BA 225 14.87 -92.70 32.90
CA LEU BA 225 15.61 -91.49 33.24
C LEU BA 225 16.44 -90.97 32.07
N LEU BA 226 16.32 -91.61 30.92
CA LEU BA 226 17.15 -91.29 29.77
C LEU BA 226 16.33 -90.92 28.54
N GLU BA 227 16.99 -90.35 27.55
CA GLU BA 227 16.36 -89.93 26.30
C GLU BA 227 15.63 -91.08 25.61
N PRO BA 228 14.59 -90.76 24.82
CA PRO BA 228 13.76 -91.76 24.12
C PRO BA 228 14.55 -92.65 23.16
N ASP BA 229 13.93 -93.75 22.75
CA ASP BA 229 14.48 -94.78 21.87
C ASP BA 229 15.32 -95.79 22.65
N ALA BA 230 15.47 -95.54 23.95
CA ALA BA 230 16.12 -96.50 24.83
C ALA BA 230 15.09 -97.47 25.42
N GLU BA 231 15.32 -98.75 25.22
CA GLU BA 231 14.36 -99.77 25.66
C GLU BA 231 14.79 -100.43 26.97
N TYR BA 232 13.80 -100.75 27.80
CA TYR BA 232 14.04 -101.37 29.10
C TYR BA 232 13.47 -102.79 29.12
N VAL BA 233 14.36 -103.78 29.15
CA VAL BA 233 13.93 -105.17 29.07
C VAL BA 233 13.93 -105.88 30.43
N HIS BA 234 12.75 -106.30 30.86
CA HIS BA 234 12.59 -106.92 32.17
C HIS BA 234 13.01 -108.39 32.18
N TRP BA 235 12.73 -109.11 31.10
CA TRP BA 235 12.97 -110.55 31.08
C TRP BA 235 13.63 -111.01 29.78
N LEU BA 236 14.67 -111.84 29.90
CA LEU BA 236 15.27 -112.47 28.73
C LEU BA 236 15.57 -113.94 29.00
N VAL BA 237 14.93 -114.82 28.23
CA VAL BA 237 15.16 -116.26 28.35
C VAL BA 237 15.39 -116.89 26.98
N THR BA 238 16.43 -117.72 26.87
CA THR BA 238 16.77 -118.35 25.62
C THR BA 238 16.82 -119.87 25.75
N ASN BA 239 16.81 -120.56 24.61
CA ASN BA 239 16.87 -122.02 24.55
C ASN BA 239 15.77 -122.69 25.37
N ILE BA 240 14.52 -122.33 25.07
CA ILE BA 240 13.37 -122.87 25.78
C ILE BA 240 12.73 -124.05 25.05
N PRO BA 241 12.87 -125.26 25.61
CA PRO BA 241 12.14 -126.42 25.08
C PRO BA 241 10.64 -126.29 25.34
N GLY BA 242 9.84 -126.51 24.31
CA GLY BA 242 8.38 -126.41 24.43
C GLY BA 242 7.92 -125.06 24.95
N ASN BA 243 6.80 -125.06 25.66
CA ASN BA 243 6.26 -123.85 26.26
C ASN BA 243 6.69 -123.69 27.72
N ARG BA 244 7.44 -124.66 28.22
CA ARG BA 244 7.88 -124.65 29.61
C ARG BA 244 9.09 -123.76 29.80
N VAL BA 245 8.94 -122.74 30.66
CA VAL BA 245 9.98 -121.73 30.85
C VAL BA 245 11.11 -122.25 31.74
N THR BA 246 10.77 -123.12 32.69
CA THR BA 246 11.75 -123.61 33.66
C THR BA 246 12.90 -124.38 33.02
N GLU BA 247 12.63 -124.98 31.86
CA GLU BA 247 13.65 -125.74 31.15
C GLU BA 247 14.55 -124.84 30.30
N GLY BA 248 14.13 -123.60 30.11
CA GLY BA 248 14.88 -122.64 29.33
C GLY BA 248 15.95 -121.94 30.13
N GLN BA 249 17.04 -121.58 29.46
CA GLN BA 249 18.14 -120.87 30.10
C GLN BA 249 17.82 -119.38 30.23
N GLU BA 250 17.82 -118.87 31.45
CA GLU BA 250 17.46 -117.48 31.70
C GLU BA 250 18.70 -116.59 31.74
N THR BA 251 18.83 -115.73 30.74
CA THR BA 251 19.93 -114.77 30.69
C THR BA 251 19.65 -113.58 31.62
N CYS BA 252 18.43 -113.07 31.54
CA CYS BA 252 18.04 -111.90 32.33
C CYS BA 252 16.77 -112.19 33.14
N PRO BA 253 16.92 -112.62 34.39
CA PRO BA 253 15.82 -113.03 35.27
C PRO BA 253 14.71 -111.98 35.40
N TYR BA 254 13.50 -112.45 35.67
CA TYR BA 254 12.32 -111.59 35.69
C TYR BA 254 12.43 -110.45 36.70
N LEU BA 255 12.22 -109.23 36.21
CA LEU BA 255 12.21 -108.04 37.06
C LEU BA 255 10.85 -107.38 37.06
N PRO BA 256 10.20 -107.31 38.24
CA PRO BA 256 8.88 -106.69 38.39
C PRO BA 256 8.88 -105.22 38.00
N PRO BA 257 7.82 -104.76 37.32
CA PRO BA 257 7.67 -103.38 36.83
C PRO BA 257 7.79 -102.33 37.93
N PHE BA 258 8.37 -101.18 37.59
CA PHE BA 258 8.51 -100.09 38.55
C PHE BA 258 8.26 -98.72 37.88
N PRO BA 259 7.00 -98.47 37.47
CA PRO BA 259 6.65 -97.22 36.78
C PRO BA 259 6.72 -96.01 37.70
N ALA BA 260 7.01 -94.84 37.12
CA ALA BA 260 7.09 -93.61 37.90
C ALA BA 260 5.72 -92.97 38.07
N ARG BA 261 5.68 -91.84 38.78
CA ARG BA 261 4.42 -91.13 39.03
C ARG BA 261 4.09 -90.17 37.90
N GLY BA 262 2.84 -90.20 37.45
CA GLY BA 262 2.38 -89.32 36.40
C GLY BA 262 3.02 -89.61 35.06
N SER BA 263 3.54 -90.83 34.90
CA SER BA 263 4.21 -91.23 33.68
C SER BA 263 3.24 -91.87 32.68
N GLY BA 264 2.00 -92.07 33.11
CA GLY BA 264 0.98 -92.61 32.24
C GLY BA 264 1.03 -94.12 32.09
N PHE BA 265 0.42 -94.63 31.02
CA PHE BA 265 0.39 -96.06 30.75
C PHE BA 265 1.64 -96.50 29.99
N HIS BA 266 2.18 -97.65 30.37
CA HIS BA 266 3.43 -98.16 29.79
C HIS BA 266 3.19 -99.43 29.00
N ARG BA 267 3.89 -99.56 27.88
CA ARG BA 267 3.74 -100.71 27.00
C ARG BA 267 4.64 -101.87 27.41
N PHE BA 268 4.04 -103.01 27.73
CA PHE BA 268 4.79 -104.20 28.06
C PHE BA 268 4.62 -105.25 26.97
N ALA BA 269 5.73 -105.74 26.44
CA ALA BA 269 5.71 -106.61 25.27
C ALA BA 269 6.40 -107.94 25.51
N PHE BA 270 5.71 -109.03 25.20
CA PHE BA 270 6.30 -110.36 25.18
C PHE BA 270 6.69 -110.74 23.75
N LEU BA 271 7.98 -110.87 23.50
CA LEU BA 271 8.48 -111.21 22.17
C LEU BA 271 8.94 -112.67 22.14
N LEU BA 272 8.32 -113.46 21.26
CA LEU BA 272 8.64 -114.88 21.15
C LEU BA 272 9.15 -115.24 19.76
N PHE BA 273 10.35 -115.82 19.72
CA PHE BA 273 11.01 -116.15 18.46
C PHE BA 273 11.23 -117.65 18.30
N LYS BA 274 11.35 -118.11 17.06
CA LYS BA 274 11.64 -119.51 16.77
C LYS BA 274 13.13 -119.73 16.60
N GLN BA 275 13.63 -120.87 17.06
CA GLN BA 275 15.05 -121.17 16.92
C GLN BA 275 15.32 -122.36 16.01
N ASP BA 276 16.18 -122.16 15.02
CA ASP BA 276 16.62 -123.25 14.15
C ASP BA 276 17.64 -124.10 14.90
N LYS BA 277 18.45 -123.43 15.71
CA LYS BA 277 19.45 -124.09 16.54
C LYS BA 277 19.77 -123.20 17.75
N ARG BA 278 20.37 -123.79 18.78
CA ARG BA 278 20.75 -123.02 19.96
C ARG BA 278 21.75 -121.92 19.62
N ILE BA 279 21.43 -120.70 19.99
CA ILE BA 279 22.29 -119.55 19.73
C ILE BA 279 23.04 -119.13 20.97
N ASP BA 280 24.37 -119.20 20.90
CA ASP BA 280 25.22 -118.81 22.03
C ASP BA 280 25.38 -117.30 22.09
N PHE BA 281 25.00 -116.71 23.23
CA PHE BA 281 25.10 -115.28 23.42
C PHE BA 281 26.33 -114.93 24.25
N SER BA 282 27.31 -114.30 23.61
CA SER BA 282 28.54 -113.89 24.28
C SER BA 282 28.66 -112.37 24.30
N GLY BA 283 29.22 -111.83 25.37
CA GLY BA 283 29.36 -110.40 25.53
C GLY BA 283 28.19 -109.81 26.29
N ASP BA 284 27.10 -110.58 26.37
CA ASP BA 284 25.91 -110.14 27.09
C ASP BA 284 26.13 -110.19 28.59
N THR BA 285 25.58 -109.21 29.30
CA THR BA 285 25.74 -109.09 30.74
C THR BA 285 25.00 -110.19 31.49
N ARG BA 286 25.38 -110.40 32.74
CA ARG BA 286 24.70 -111.35 33.63
C ARG BA 286 24.08 -110.58 34.78
N PRO BA 287 22.88 -110.04 34.56
CA PRO BA 287 22.20 -109.11 35.47
C PRO BA 287 21.81 -109.71 36.81
N SER BA 288 21.51 -108.84 37.76
CA SER BA 288 21.08 -109.22 39.10
C SER BA 288 19.67 -108.67 39.32
N PRO BA 289 19.06 -108.94 40.49
CA PRO BA 289 17.77 -108.28 40.73
C PRO BA 289 17.85 -106.74 40.68
N CYS BA 290 18.99 -106.18 41.06
CA CYS BA 290 19.18 -104.74 40.96
C CYS BA 290 20.28 -104.37 39.97
N TYR BA 291 19.87 -103.79 38.83
CA TYR BA 291 20.81 -103.27 37.84
C TYR BA 291 20.11 -102.23 36.96
N GLN BA 292 20.89 -101.37 36.31
CA GLN BA 292 20.32 -100.25 35.57
C GLN BA 292 20.81 -100.15 34.13
N LEU BA 293 22.09 -99.82 33.97
CA LEU BA 293 22.67 -99.51 32.66
C LEU BA 293 22.60 -100.68 31.68
N ALA BA 294 22.76 -101.89 32.20
CA ALA BA 294 22.76 -103.09 31.35
C ALA BA 294 21.37 -103.38 30.79
N GLN BA 295 20.34 -102.90 31.50
CA GLN BA 295 18.96 -103.14 31.12
C GLN BA 295 18.51 -102.20 30.00
N ARG BA 296 19.15 -101.05 29.90
CA ARG BA 296 18.77 -100.04 28.92
C ARG BA 296 19.58 -100.17 27.63
N THR BA 297 19.28 -99.31 26.67
CA THR BA 297 19.92 -99.33 25.35
C THR BA 297 19.77 -100.71 24.69
N PHE BA 298 18.64 -101.36 24.98
CA PHE BA 298 18.37 -102.71 24.49
C PHE BA 298 17.54 -102.69 23.20
N HIS BA 299 17.35 -101.50 22.64
CA HIS BA 299 16.42 -101.28 21.52
C HIS BA 299 16.57 -102.29 20.38
N THR BA 300 15.42 -102.70 19.85
CA THR BA 300 15.30 -103.86 18.96
C THR BA 300 16.23 -103.88 17.75
N PHE BA 301 16.21 -102.82 16.95
CA PHE BA 301 16.91 -102.81 15.66
C PHE BA 301 18.42 -102.97 15.79
N ASP BA 302 18.95 -102.65 16.97
CA ASP BA 302 20.38 -102.81 17.23
C ASP BA 302 20.67 -104.14 17.92
N PHE BA 303 19.61 -104.89 18.21
CA PHE BA 303 19.74 -106.16 18.91
C PHE BA 303 19.22 -107.33 18.08
N TYR BA 304 17.91 -107.34 17.83
CA TYR BA 304 17.26 -108.43 17.11
C TYR BA 304 17.80 -108.60 15.70
N LYS BA 305 18.11 -107.49 15.03
CA LYS BA 305 18.64 -107.55 13.68
C LYS BA 305 20.10 -108.00 13.64
N LYS BA 306 20.93 -107.38 14.48
CA LYS BA 306 22.36 -107.61 14.46
C LYS BA 306 22.77 -108.98 14.99
N HIS BA 307 22.28 -109.33 16.18
CA HIS BA 307 22.72 -110.54 16.85
C HIS BA 307 22.25 -111.83 16.18
N GLN BA 308 20.94 -111.95 15.98
CA GLN BA 308 20.39 -113.18 15.43
C GLN BA 308 19.48 -112.92 14.22
N ASP BA 309 19.92 -113.40 13.06
CA ASP BA 309 19.13 -113.25 11.84
C ASP BA 309 18.29 -114.50 11.58
N ALA BA 310 18.46 -115.50 12.45
CA ALA BA 310 17.74 -116.77 12.30
C ALA BA 310 16.48 -116.81 13.16
N MET BA 311 16.21 -115.73 13.88
CA MET BA 311 15.06 -115.68 14.79
C MET BA 311 13.92 -114.84 14.23
N THR BA 312 12.83 -115.51 13.88
CA THR BA 312 11.64 -114.84 13.34
C THR BA 312 10.65 -114.54 14.47
N PRO BA 313 10.14 -113.29 14.52
CA PRO BA 313 9.18 -112.88 15.55
C PRO BA 313 7.85 -113.61 15.42
N ALA BA 314 7.85 -114.91 15.69
CA ALA BA 314 6.65 -115.73 15.61
C ALA BA 314 5.54 -115.24 16.53
N GLY BA 315 5.73 -115.41 17.83
CA GLY BA 315 4.72 -115.01 18.78
C GLY BA 315 4.96 -113.62 19.35
N LEU BA 316 3.88 -112.94 19.75
CA LEU BA 316 3.97 -111.62 20.35
C LEU BA 316 2.80 -111.38 21.32
N ALA BA 317 3.01 -110.51 22.29
CA ALA BA 317 1.96 -110.16 23.25
C ALA BA 317 2.16 -108.75 23.80
N PHE BA 318 1.07 -108.13 24.25
CA PHE BA 318 1.14 -106.77 24.78
C PHE BA 318 0.16 -106.54 25.93
N PHE BA 319 0.60 -105.81 26.94
CA PHE BA 319 -0.31 -105.31 27.97
C PHE BA 319 0.19 -103.99 28.54
N GLN BA 320 -0.74 -103.09 28.87
CA GLN BA 320 -0.39 -101.78 29.40
C GLN BA 320 -0.41 -101.79 30.92
N CYS BA 321 0.53 -101.07 31.53
CA CYS BA 321 0.64 -101.04 32.98
C CYS BA 321 1.05 -99.67 33.51
N ARG BA 322 0.45 -99.25 34.61
CA ARG BA 322 0.69 -97.91 35.15
C ARG BA 322 1.15 -97.93 36.61
N TRP BA 323 1.27 -96.75 37.19
CA TRP BA 323 1.85 -96.58 38.54
C TRP BA 323 0.94 -97.11 39.65
N ASP BA 324 1.55 -97.72 40.66
CA ASP BA 324 0.83 -98.19 41.83
C ASP BA 324 1.61 -97.85 43.12
N ASP BA 325 1.10 -98.31 44.25
CA ASP BA 325 1.69 -97.96 45.54
C ASP BA 325 2.85 -98.89 45.92
N SER BA 326 3.14 -99.87 45.08
CA SER BA 326 4.19 -100.84 45.36
C SER BA 326 5.52 -100.42 44.73
N VAL BA 327 5.54 -99.26 44.09
CA VAL BA 327 6.74 -98.77 43.42
C VAL BA 327 7.80 -98.32 44.42
N THR BA 328 7.37 -97.66 45.49
CA THR BA 328 8.27 -97.11 46.50
C THR BA 328 9.18 -98.18 47.11
N ARG BA 329 8.61 -99.34 47.41
CA ARG BA 329 9.38 -100.44 47.99
C ARG BA 329 10.42 -100.96 47.01
N VAL BA 330 10.03 -101.09 45.74
CA VAL BA 330 10.94 -101.55 44.70
C VAL BA 330 12.10 -100.58 44.54
N PHE BA 331 11.78 -99.29 44.55
CA PHE BA 331 12.79 -98.24 44.45
C PHE BA 331 13.72 -98.28 45.66
N HIS BA 332 13.16 -98.60 46.83
CA HIS BA 332 13.94 -98.75 48.04
C HIS BA 332 14.89 -99.94 47.92
N GLN BA 333 14.45 -100.98 47.25
CA GLN BA 333 15.28 -102.16 47.01
C GLN BA 333 16.37 -101.86 45.99
N LEU BA 334 16.08 -100.96 45.05
CA LEU BA 334 17.04 -100.60 44.01
C LEU BA 334 18.12 -99.65 44.53
N LEU BA 335 17.80 -98.91 45.60
CA LEU BA 335 18.76 -97.99 46.19
C LEU BA 335 19.65 -98.71 47.21
N ASP BA 336 19.42 -99.99 47.39
CA ASP BA 336 20.22 -100.79 48.31
C ASP BA 336 20.81 -102.02 47.62
N UNK CA 1 53.66 37.59 -55.42
CA UNK CA 1 52.88 38.71 -54.97
C UNK CA 1 52.38 38.46 -53.57
N UNK CA 2 52.42 37.20 -53.13
CA UNK CA 2 51.97 36.86 -51.80
C UNK CA 2 53.04 37.18 -50.79
N UNK CA 3 54.30 37.06 -51.19
CA UNK CA 3 55.41 37.33 -50.29
C UNK CA 3 55.56 38.81 -50.10
N UNK CA 4 55.26 39.60 -51.13
CA UNK CA 4 55.39 41.03 -51.04
C UNK CA 4 54.24 41.59 -50.24
N UNK CA 5 53.08 40.95 -50.32
CA UNK CA 5 51.93 41.43 -49.58
C UNK CA 5 52.07 41.04 -48.14
N UNK CA 6 52.71 39.91 -47.86
CA UNK CA 6 52.91 39.48 -46.50
C UNK CA 6 54.00 40.32 -45.86
N UNK CA 7 54.99 40.73 -46.65
CA UNK CA 7 56.05 41.56 -46.11
C UNK CA 7 55.56 42.96 -45.90
N UNK CA 8 54.64 43.42 -46.73
CA UNK CA 8 54.11 44.77 -46.57
C UNK CA 8 53.14 44.79 -45.42
N UNK CA 9 52.44 43.69 -45.18
CA UNK CA 9 51.51 43.65 -44.07
C UNK CA 9 52.27 43.50 -42.77
N UNK CA 10 53.41 42.84 -42.81
CA UNK CA 10 54.20 42.69 -41.59
C UNK CA 10 54.92 43.99 -41.28
N UNK CA 11 55.31 44.72 -42.30
CA UNK CA 11 55.99 45.99 -42.06
C UNK CA 11 54.98 47.02 -41.61
N UNK CA 12 53.75 46.90 -42.07
CA UNK CA 12 52.72 47.84 -41.66
C UNK CA 12 52.27 47.52 -40.25
N UNK CA 13 52.32 46.24 -39.88
CA UNK CA 13 51.91 45.88 -38.53
C UNK CA 13 52.99 46.26 -37.55
N UNK CA 14 54.25 46.21 -37.97
CA UNK CA 14 55.33 46.59 -37.09
C UNK CA 14 55.38 48.10 -36.95
N UNK CA 15 55.04 48.82 -38.02
CA UNK CA 15 55.05 50.27 -37.94
C UNK CA 15 53.88 50.75 -37.15
N UNK CA 16 52.76 50.02 -37.20
CA UNK CA 16 51.59 50.41 -36.44
C UNK CA 16 51.81 50.10 -34.99
N UNK CA 17 52.55 49.03 -34.70
CA UNK CA 17 52.81 48.67 -33.31
C UNK CA 17 53.81 49.63 -32.72
N UNK CA 18 54.73 50.14 -33.53
CA UNK CA 18 55.71 51.08 -33.02
C UNK CA 18 55.11 52.44 -32.82
N UNK CA 19 54.21 52.86 -33.72
CA UNK CA 19 53.59 54.16 -33.56
C UNK CA 19 52.65 54.10 -32.39
N UNK CA 20 51.92 52.99 -32.23
CA UNK CA 20 50.99 52.87 -31.13
C UNK CA 20 51.76 52.82 -29.84
N UNK CA 21 52.94 52.19 -29.83
CA UNK CA 21 53.71 52.10 -28.61
C UNK CA 21 54.24 53.45 -28.22
N UNK CA 22 54.76 54.22 -29.17
CA UNK CA 22 55.37 55.50 -28.84
C UNK CA 22 54.30 56.52 -28.49
N UNK CA 23 53.09 56.34 -28.98
CA UNK CA 23 52.03 57.30 -28.67
C UNK CA 23 51.34 56.96 -27.37
N UNK CA 24 51.23 55.67 -27.03
CA UNK CA 24 50.53 55.27 -25.82
C UNK CA 24 51.51 55.00 -24.71
N UNK CA 25 52.77 55.39 -24.91
CA UNK CA 25 53.82 55.13 -23.94
C UNK CA 25 53.46 55.69 -22.58
N UNK CA 26 52.72 56.79 -22.54
CA UNK CA 26 52.22 57.32 -21.29
C UNK CA 26 50.77 56.88 -21.15
N UNK CA 27 50.48 56.08 -20.15
CA UNK CA 27 49.15 55.55 -19.98
C UNK CA 27 48.38 56.35 -18.97
N UNK CA 28 48.97 57.42 -18.45
CA UNK CA 28 48.30 58.26 -17.47
C UNK CA 28 47.71 59.47 -18.12
N UNK CA 29 46.38 59.50 -18.21
CA UNK CA 29 45.68 60.63 -18.82
C UNK CA 29 44.33 60.79 -18.19
N UNK CA 30 43.71 61.95 -18.38
CA UNK CA 30 42.38 62.19 -17.85
C UNK CA 30 41.41 62.42 -18.98
N UNK CA 31 40.39 61.57 -19.08
CA UNK CA 31 39.39 61.73 -20.12
C UNK CA 31 38.03 62.00 -19.53
N UNK CA 32 37.50 63.19 -19.81
CA UNK CA 32 36.20 63.57 -19.31
C UNK CA 32 35.25 63.74 -20.46
N HIS CA 33 34.16 62.99 -20.46
CA HIS CA 33 33.16 63.07 -21.51
C HIS CA 33 31.83 63.56 -20.96
N VAL CA 34 31.41 64.74 -21.41
CA VAL CA 34 30.17 65.34 -20.95
C VAL CA 34 29.37 65.95 -22.10
N GLY CA 35 28.08 65.60 -22.19
CA GLY CA 35 27.24 66.16 -23.22
C GLY CA 35 25.86 65.53 -23.28
N LYS CA 36 24.92 66.22 -23.93
CA LYS CA 36 23.55 65.73 -23.98
C LYS CA 36 23.17 65.23 -25.38
N THR CA 37 23.07 63.91 -25.52
CA THR CA 37 22.48 63.28 -26.69
C THR CA 37 21.52 62.24 -26.15
N ASP CA 38 20.22 62.48 -26.36
CA ASP CA 38 19.21 62.12 -25.35
C ASP CA 38 19.48 63.20 -24.29
N PRO CA 39 18.74 63.21 -23.17
CA PRO CA 39 19.20 64.21 -22.19
C PRO CA 39 20.66 64.05 -21.74
N GLY CA 40 21.09 64.93 -20.83
CA GLY CA 40 22.48 65.04 -20.45
C GLY CA 40 23.17 63.79 -19.92
N THR CA 41 24.46 63.66 -20.22
CA THR CA 41 25.29 62.56 -19.74
C THR CA 41 26.66 63.06 -19.29
N VAL CA 42 27.07 62.64 -18.10
CA VAL CA 42 28.36 63.04 -17.52
C VAL CA 42 29.17 61.83 -17.06
N PHE CA 43 30.36 61.67 -17.63
CA PHE CA 43 31.22 60.54 -17.26
C PHE CA 43 32.70 60.94 -17.23
N VAL CA 44 33.43 60.38 -16.27
CA VAL CA 44 34.86 60.67 -16.14
C VAL CA 44 35.66 59.37 -15.97
N MET CA 45 36.60 59.14 -16.87
CA MET CA 45 37.46 57.97 -16.80
C MET CA 45 38.92 58.36 -17.01
N ASN CA 46 39.84 57.47 -16.64
CA ASN CA 46 41.25 57.74 -16.88
C ASN CA 46 41.88 56.73 -17.85
N LYS CA 47 42.17 57.19 -19.06
CA LYS CA 47 42.81 56.37 -20.08
C LYS CA 47 43.47 57.22 -21.16
N ASN CA 48 44.38 56.63 -21.90
CA ASN CA 48 45.01 57.31 -23.03
C ASN CA 48 44.51 56.73 -24.35
N ILE CA 49 44.37 57.58 -25.36
CA ILE CA 49 43.80 57.20 -26.65
C ILE CA 49 42.44 56.54 -26.45
N SER CA 50 41.56 57.24 -25.74
CA SER CA 50 40.24 56.71 -25.40
C SER CA 50 39.32 56.66 -26.62
N THR CA 51 38.52 55.60 -26.70
CA THR CA 51 37.58 55.42 -27.80
C THR CA 51 36.16 55.76 -27.35
N PRO CA 52 35.49 56.66 -28.09
CA PRO CA 52 34.11 57.05 -27.78
C PRO CA 52 33.13 55.90 -27.96
N TYR CA 53 33.50 54.93 -28.79
CA TYR CA 53 32.68 53.75 -28.98
C TYR CA 53 32.67 52.91 -27.72
N SER CA 54 33.77 52.97 -26.97
CA SER CA 54 33.86 52.29 -25.68
C SER CA 54 32.95 52.97 -24.66
N CYS CA 55 32.73 54.27 -24.86
CA CYS CA 55 31.81 55.02 -24.04
C CYS CA 55 30.37 54.67 -24.43
N ALA CA 56 30.16 54.42 -25.71
CA ALA CA 56 28.87 53.94 -26.20
C ALA CA 56 28.57 52.59 -25.58
N MET CA 57 29.60 51.76 -25.46
CA MET CA 57 29.49 50.47 -24.80
C MET CA 57 29.26 50.65 -23.30
N HIS CA 58 29.82 51.73 -22.76
CA HIS CA 58 29.67 52.04 -21.34
C HIS CA 58 28.23 52.45 -21.02
N LEU CA 59 27.58 53.12 -21.96
CA LEU CA 59 26.18 53.52 -21.77
C LEU CA 59 25.24 52.32 -21.81
N SER CA 60 25.33 51.54 -22.88
CA SER CA 60 24.46 50.38 -23.10
C SER CA 60 24.84 49.66 -24.38
N GLU CA 61 24.25 48.49 -24.59
CA GLU CA 61 24.50 47.70 -25.80
C GLU CA 61 23.72 48.24 -26.99
N TRP CA 62 22.62 48.92 -26.71
CA TRP CA 62 21.72 49.40 -27.75
C TRP CA 62 22.35 50.56 -28.50
N TYR CA 63 22.60 51.65 -27.77
CA TYR CA 63 23.28 52.81 -28.33
C TYR CA 63 24.64 52.43 -28.92
N CYS CA 64 25.21 51.34 -28.40
CA CYS CA 64 26.47 50.81 -28.93
C CYS CA 64 26.29 50.23 -30.33
N ARG CA 65 25.32 49.34 -30.47
CA ARG CA 65 25.08 48.69 -31.77
C ARG CA 65 24.46 49.64 -32.78
N LYS CA 66 23.83 50.71 -32.28
CA LYS CA 66 23.21 51.70 -33.16
C LYS CA 66 24.14 52.87 -33.45
N SER CA 67 25.37 52.79 -32.91
CA SER CA 67 26.35 53.86 -33.09
C SER CA 67 27.00 53.81 -34.46
N ILE CA 68 26.87 54.91 -34.98
CA ILE CA 68 27.45 55.01 -36.32
C ILE CA 68 28.59 56.02 -36.35
N LEU CA 69 28.28 57.29 -36.11
CA LEU CA 69 29.32 58.31 -36.06
C LEU CA 69 29.31 59.07 -34.74
N ALA CA 70 30.40 59.78 -34.45
CA ALA CA 70 30.54 60.49 -33.19
C ALA CA 70 30.86 61.97 -33.39
N LEU CA 71 29.95 62.83 -32.97
CA LEU CA 71 30.15 64.27 -33.07
C LEU CA 71 30.83 64.80 -31.82
N VAL CA 72 32.02 65.33 -31.95
CA VAL CA 72 32.82 65.79 -30.81
C VAL CA 72 33.14 67.27 -30.91
N ASP CA 73 32.65 68.04 -29.93
CA ASP CA 73 32.87 69.48 -29.86
C ASP CA 73 32.41 70.20 -31.12
N GLY CA 74 31.35 69.68 -31.74
CA GLY CA 74 30.81 70.28 -32.95
C GLY CA 74 31.40 69.70 -34.22
N GLN CA 75 32.55 69.05 -34.09
CA GLN CA 75 33.23 68.47 -35.25
C GLN CA 75 32.93 66.98 -35.37
N PRO CA 76 32.35 66.57 -36.51
CA PRO CA 76 32.03 65.17 -36.77
C PRO CA 76 33.28 64.29 -36.93
N TRP CA 77 33.29 63.16 -36.23
CA TRP CA 77 34.42 62.23 -36.28
C TRP CA 77 33.94 60.79 -36.32
N ASP CA 78 34.84 59.88 -36.68
CA ASP CA 78 34.54 58.46 -36.63
C ASP CA 78 34.49 57.97 -35.19
N MET CA 79 33.84 56.83 -34.96
CA MET CA 79 33.71 56.29 -33.61
C MET CA 79 35.03 55.72 -33.11
N TYR CA 80 35.98 55.54 -34.03
CA TYR CA 80 37.30 55.05 -33.66
C TYR CA 80 38.28 56.19 -33.40
N LYS CA 81 37.81 57.42 -33.59
CA LYS CA 81 38.64 58.60 -33.38
C LYS CA 81 38.95 58.81 -31.91
N PRO CA 82 40.24 58.76 -31.54
CA PRO CA 82 40.67 58.94 -30.15
C PRO CA 82 40.31 60.31 -29.58
N LEU CA 83 39.97 60.36 -28.30
CA LEU CA 83 39.61 61.60 -27.64
C LEU CA 83 40.56 61.93 -26.51
N THR CA 84 40.74 63.22 -26.23
CA THR CA 84 41.67 63.67 -25.20
C THR CA 84 41.04 64.76 -24.34
N LYS CA 85 41.34 64.72 -23.04
CA LYS CA 85 40.87 65.72 -22.08
C LYS CA 85 39.34 65.78 -22.03
N SER CA 86 38.81 67.00 -22.07
CA SER CA 86 37.37 67.21 -22.01
C SER CA 86 36.75 67.19 -23.40
N CYS CA 87 35.68 66.42 -23.57
CA CYS CA 87 35.03 66.29 -24.86
C CYS CA 87 33.50 66.21 -24.73
N GLU CA 88 32.80 66.70 -25.73
CA GLU CA 88 31.35 66.60 -25.78
C GLU CA 88 30.94 65.56 -26.84
N ILE CA 89 30.46 64.43 -26.37
CA ILE CA 89 30.12 63.32 -27.26
C ILE CA 89 28.65 63.22 -27.65
N LYS CA 90 28.44 63.19 -29.06
CA LYS CA 90 27.09 63.03 -29.59
C LYS CA 90 27.06 61.83 -30.53
N PHE CA 91 25.94 61.10 -30.54
CA PHE CA 91 25.84 59.91 -31.37
C PHE CA 91 25.00 60.18 -32.62
N LEU CA 92 25.66 60.10 -33.78
CA LEU CA 92 25.00 60.34 -35.06
C LEU CA 92 24.66 59.04 -35.77
N THR CA 93 23.41 58.93 -36.22
CA THR CA 93 22.91 57.73 -36.88
C THR CA 93 22.28 58.09 -38.22
N PHE CA 94 22.07 57.09 -39.07
CA PHE CA 94 21.49 57.31 -40.40
C PHE CA 94 20.10 57.93 -40.35
N LYS CA 95 19.32 57.56 -39.35
CA LYS CA 95 17.93 57.99 -39.26
C LYS CA 95 17.82 59.47 -38.92
N ASP CA 96 18.93 60.04 -38.45
CA ASP CA 96 18.99 61.46 -38.11
C ASP CA 96 18.87 62.32 -39.36
N ASP CA 97 18.50 63.59 -39.17
CA ASP CA 97 18.22 64.51 -40.26
C ASP CA 97 19.46 64.94 -41.04
N ASP CA 98 20.64 64.52 -40.59
CA ASP CA 98 21.89 64.88 -41.25
C ASP CA 98 22.64 63.65 -41.79
N PRO CA 99 22.18 63.10 -42.92
CA PRO CA 99 22.75 61.90 -43.53
C PRO CA 99 24.12 62.10 -44.17
N GLY CA 100 24.52 63.34 -44.41
CA GLY CA 100 25.71 63.65 -45.18
C GLY CA 100 27.00 62.97 -44.75
N GLU CA 101 27.34 63.11 -43.48
CA GLU CA 101 28.60 62.57 -42.95
C GLU CA 101 28.65 61.05 -43.08
N VAL CA 102 27.61 60.37 -42.60
CA VAL CA 102 27.57 58.92 -42.65
C VAL CA 102 27.47 58.42 -44.09
N ASN CA 103 26.93 59.24 -44.98
CA ASN CA 103 26.86 58.90 -46.39
C ASN CA 103 28.25 58.92 -47.03
N LYS CA 104 28.96 60.02 -46.85
CA LYS CA 104 30.33 60.15 -47.35
C LYS CA 104 31.19 59.02 -46.80
N ALA CA 105 31.10 58.81 -45.49
CA ALA CA 105 31.83 57.73 -44.83
C ALA CA 105 31.46 56.38 -45.42
N TYR CA 106 30.19 56.22 -45.76
CA TYR CA 106 29.70 54.96 -46.33
C TYR CA 106 30.31 54.70 -47.71
N TRP CA 107 30.30 55.72 -48.55
CA TRP CA 107 30.83 55.59 -49.91
C TRP CA 107 32.34 55.34 -49.87
N ARG CA 108 33.06 56.09 -49.04
CA ARG CA 108 34.50 55.91 -48.90
C ARG CA 108 34.83 54.52 -48.37
N SER CA 109 33.93 53.83 -47.43
CA SER CA 109 34.08 52.48 -46.87
C SER CA 109 33.88 51.41 -47.98
N CYS CA 110 32.89 51.66 -48.79
CA CYS CA 110 32.58 50.79 -49.94
C CYS CA 110 33.73 50.80 -50.90
N ALA CA 111 34.29 51.97 -51.21
CA ALA CA 111 35.43 52.04 -52.15
C ALA CA 111 36.61 51.22 -51.62
N MET CA 112 36.84 51.39 -50.32
CA MET CA 112 37.96 50.72 -49.61
C MET CA 112 37.80 49.20 -49.59
N MET CA 113 36.58 48.82 -49.24
CA MET CA 113 36.21 47.42 -49.14
C MET CA 113 36.53 46.67 -50.42
N MET CA 114 36.06 47.19 -51.56
CA MET CA 114 36.36 46.59 -52.84
C MET CA 114 37.85 46.74 -53.14
N GLY CA 115 38.47 47.73 -52.51
CA GLY CA 115 39.92 47.95 -52.63
C GLY CA 115 40.61 46.69 -52.12
N CYS CA 116 40.00 46.06 -51.10
CA CYS CA 116 40.52 44.83 -50.57
C CYS CA 116 40.10 43.67 -51.47
N VAL CA 117 38.82 43.63 -51.81
CA VAL CA 117 38.24 42.50 -52.56
C VAL CA 117 38.95 42.23 -53.87
N ILE CA 118 39.03 43.25 -54.73
CA ILE CA 118 39.71 43.15 -56.00
C ILE CA 118 41.14 42.64 -55.82
N GLU CA 119 41.83 43.18 -54.82
CA GLU CA 119 43.20 42.76 -54.54
C GLU CA 119 43.28 41.28 -54.18
N ARG CA 120 42.33 40.82 -53.36
CA ARG CA 120 42.31 39.42 -52.94
C ARG CA 120 42.02 38.50 -54.12
N ALA CA 121 41.14 38.94 -55.02
CA ALA CA 121 40.84 38.19 -56.23
C ALA CA 121 42.06 38.17 -57.16
N PHE CA 122 42.82 39.26 -57.12
CA PHE CA 122 44.03 39.38 -57.93
C PHE CA 122 45.18 38.64 -57.26
N LYS CA 123 44.94 38.19 -56.03
CA LYS CA 123 45.88 37.34 -55.33
C LYS CA 123 45.56 35.87 -55.58
N ASP CA 124 44.40 35.64 -56.21
CA ASP CA 124 44.00 34.29 -56.59
C ASP CA 124 44.72 33.88 -57.87
N GLU CA 125 44.94 34.86 -58.76
CA GLU CA 125 45.65 34.62 -60.00
C GLU CA 125 46.91 35.49 -60.06
N TYR CA 126 48.05 34.86 -60.31
CA TYR CA 126 49.32 35.58 -60.34
C TYR CA 126 49.55 36.25 -61.69
N VAL CA 127 48.75 35.86 -62.69
CA VAL CA 127 48.87 36.40 -64.04
C VAL CA 127 48.57 37.90 -64.07
N VAL CA 128 47.52 38.30 -63.34
CA VAL CA 128 47.07 39.69 -63.34
C VAL CA 128 47.99 40.60 -62.53
N SER CA 129 47.93 41.90 -62.83
CA SER CA 129 48.70 42.90 -62.08
C SER CA 129 47.84 44.13 -61.83
N LEU CA 130 47.83 44.59 -60.58
CA LEU CA 130 46.97 45.70 -60.17
C LEU CA 130 47.76 46.87 -59.61
N VAL CA 131 47.44 48.08 -60.06
CA VAL CA 131 48.01 49.28 -59.47
C VAL CA 131 46.90 50.26 -59.13
N ARG CA 132 46.79 50.62 -57.85
CA ARG CA 132 45.69 51.44 -57.36
C ARG CA 132 45.86 52.92 -57.66
N ALA CA 133 44.79 53.54 -58.15
CA ALA CA 133 44.76 54.97 -58.37
C ALA CA 133 43.96 55.65 -57.24
N PRO CA 134 43.90 56.99 -57.22
CA PRO CA 134 43.06 57.61 -56.17
C PRO CA 134 41.56 57.43 -56.43
N GLU CA 135 40.77 57.42 -55.36
CA GLU CA 135 39.33 57.24 -55.46
C GLU CA 135 38.60 58.57 -55.51
N VAL CA 136 37.53 58.63 -56.30
CA VAL CA 136 36.76 59.86 -56.43
C VAL CA 136 35.35 59.73 -55.85
N PRO CA 137 35.08 60.37 -54.71
CA PRO CA 137 33.76 60.38 -54.10
C PRO CA 137 32.81 61.34 -54.81
N VAL CA 138 31.53 60.97 -54.87
CA VAL CA 138 30.52 61.81 -55.51
C VAL CA 138 29.27 61.95 -54.63
N ILE CA 139 29.00 63.19 -54.21
CA ILE CA 139 27.92 63.50 -53.28
C ILE CA 139 26.54 63.25 -53.88
N ALA CA 140 26.51 62.95 -55.18
CA ALA CA 140 25.27 62.61 -55.86
C ALA CA 140 24.79 61.21 -55.45
N GLY CA 141 25.58 60.54 -54.62
CA GLY CA 141 25.28 59.19 -54.20
C GLY CA 141 26.15 58.16 -54.90
N ALA CA 142 27.22 58.63 -55.53
CA ALA CA 142 28.08 57.74 -56.29
C ALA CA 142 29.49 57.69 -55.72
N PHE CA 143 30.22 56.63 -56.02
CA PHE CA 143 31.64 56.54 -55.69
C PHE CA 143 32.39 55.84 -56.80
N CYS CA 144 33.50 56.44 -57.23
CA CYS CA 144 34.26 55.92 -58.36
C CYS CA 144 35.63 55.40 -57.90
N TYR CA 145 35.89 54.12 -58.17
CA TYR CA 145 37.15 53.49 -57.78
C TYR CA 145 38.08 53.36 -58.97
N ASP CA 146 39.16 54.13 -58.98
CA ASP CA 146 40.06 54.18 -60.12
C ASP CA 146 41.27 53.27 -59.94
N VAL CA 147 41.62 52.54 -61.00
CA VAL CA 147 42.77 51.63 -60.99
C VAL CA 147 43.35 51.45 -62.39
N VAL CA 148 44.58 50.93 -62.44
CA VAL CA 148 45.18 50.56 -63.71
C VAL CA 148 45.68 49.11 -63.65
N LEU CA 149 45.69 48.45 -64.80
CA LEU CA 149 45.93 47.01 -64.88
C LEU CA 149 47.01 46.65 -65.89
N ASP CA 150 47.46 45.40 -65.84
CA ASP CA 150 48.45 44.89 -66.77
C ASP CA 150 47.88 44.80 -68.18
N LYS CA 151 48.76 44.74 -69.17
CA LYS CA 151 48.37 44.66 -70.58
C LYS CA 151 47.50 43.43 -70.86
N ARG CA 152 47.76 42.35 -70.14
CA ARG CA 152 46.99 41.13 -70.31
C ARG CA 152 45.53 41.33 -69.93
N LEU CA 153 45.28 42.20 -68.96
CA LEU CA 153 43.92 42.54 -68.56
C LEU CA 153 43.31 43.56 -69.53
N ASP CA 154 44.16 44.25 -70.26
CA ASP CA 154 43.70 45.18 -71.28
C ASP CA 154 43.26 44.43 -72.52
N GLU CA 155 43.92 43.31 -72.79
CA GLU CA 155 43.58 42.46 -73.93
C GLU CA 155 42.36 41.59 -73.64
N TRP CA 156 42.26 41.11 -72.40
CA TRP CA 156 41.18 40.23 -72.00
C TRP CA 156 39.98 41.02 -71.50
N MET CA 157 38.78 40.62 -71.92
CA MET CA 157 37.56 41.35 -71.61
C MET CA 157 36.93 40.91 -70.29
N PRO CA 158 36.36 41.86 -69.54
CA PRO CA 158 35.67 41.63 -68.27
C PRO CA 158 34.28 41.03 -68.44
N THR CA 159 34.20 39.71 -68.58
CA THR CA 159 32.94 39.01 -68.76
C THR CA 159 32.04 39.19 -67.52
N LYS CA 160 30.73 39.05 -67.71
CA LYS CA 160 29.75 39.30 -66.65
C LYS CA 160 29.95 38.42 -65.40
N GLU CA 161 30.27 37.15 -65.65
CA GLU CA 161 30.48 36.19 -64.57
C GLU CA 161 31.62 36.62 -63.65
N ASN CA 162 32.62 37.28 -64.22
CA ASN CA 162 33.72 37.82 -63.43
C ASN CA 162 33.23 38.76 -62.34
N LEU CA 163 32.60 39.86 -62.75
CA LEU CA 163 32.05 40.84 -61.82
C LEU CA 163 31.10 40.19 -60.83
N HIS CA 164 30.35 39.19 -61.29
CA HIS CA 164 29.50 38.43 -60.37
C HIS CA 164 30.33 37.74 -59.29
N SER CA 165 31.47 37.20 -59.68
CA SER CA 165 32.37 36.52 -58.74
C SER CA 165 32.98 37.51 -57.76
N PHE CA 166 33.33 38.70 -58.26
CA PHE CA 166 33.83 39.77 -57.41
C PHE CA 166 32.79 40.14 -56.37
N THR CA 167 31.52 40.17 -56.79
CA THR CA 167 30.42 40.47 -55.89
C THR CA 167 30.28 39.37 -54.83
N LYS CA 168 30.39 38.12 -55.26
CA LYS CA 168 30.28 36.98 -54.35
C LYS CA 168 31.39 37.00 -53.30
N ASP CA 169 32.60 37.33 -53.73
CA ASP CA 169 33.73 37.44 -52.81
C ASP CA 169 33.56 38.63 -51.87
N ALA CA 170 32.97 39.70 -52.39
CA ALA CA 170 32.70 40.89 -51.60
C ALA CA 170 31.73 40.57 -50.47
N ARG CA 171 30.65 39.89 -50.81
CA ARG CA 171 29.67 39.47 -49.81
C ARG CA 171 30.28 38.45 -48.86
N ALA CA 172 31.22 37.65 -49.37
CA ALA CA 172 31.94 36.69 -48.56
C ALA CA 172 32.72 37.41 -47.46
N LEU CA 173 33.49 38.42 -47.84
CA LEU CA 173 34.23 39.22 -46.89
C LEU CA 173 33.30 40.05 -46.02
N ILE CA 174 32.06 40.23 -46.49
CA ILE CA 174 31.07 41.02 -45.78
C ILE CA 174 30.46 40.22 -44.62
N TYR CA 175 30.24 38.92 -44.83
CA TYR CA 175 29.69 38.10 -43.75
C TYR CA 175 30.81 37.40 -42.98
N LYS CA 176 32.05 37.63 -43.40
CA LYS CA 176 33.21 37.12 -42.67
C LYS CA 176 33.42 37.89 -41.38
N ASP CA 177 32.84 39.09 -41.32
CA ASP CA 177 32.90 39.95 -40.13
C ASP CA 177 34.34 40.27 -39.72
N LEU CA 178 35.01 41.07 -40.53
CA LEU CA 178 36.38 41.50 -40.22
C LEU CA 178 36.41 42.96 -39.79
N PRO CA 179 36.89 43.22 -38.57
CA PRO CA 179 36.93 44.58 -38.00
C PRO CA 179 37.95 45.48 -38.70
N PHE CA 180 37.58 46.75 -38.88
CA PHE CA 180 38.46 47.73 -39.50
C PHE CA 180 39.45 48.28 -38.49
N GLU CA 181 40.66 48.58 -38.94
CA GLU CA 181 41.69 49.14 -38.06
C GLU CA 181 42.02 50.58 -38.44
N THR CA 182 42.27 51.41 -37.44
CA THR CA 182 42.65 52.80 -37.66
C THR CA 182 44.05 53.06 -37.12
N LEU CA 183 44.96 53.44 -38.00
CA LEU CA 183 46.35 53.64 -37.63
C LEU CA 183 46.80 55.08 -37.82
N GLU CA 184 47.70 55.54 -36.97
CA GLU CA 184 48.28 56.87 -37.11
C GLU CA 184 49.77 56.75 -37.45
N VAL CA 185 50.14 57.10 -38.67
CA VAL CA 185 51.52 56.91 -39.12
C VAL CA 185 52.10 58.17 -39.74
N GLU CA 186 53.43 58.26 -39.76
CA GLU CA 186 54.12 59.37 -40.41
C GLU CA 186 54.04 59.22 -41.93
N ALA CA 187 54.25 60.32 -42.63
CA ALA CA 187 54.21 60.32 -44.10
C ALA CA 187 55.37 59.53 -44.70
N LYS CA 188 56.43 59.35 -43.92
CA LYS CA 188 57.63 58.68 -44.38
C LYS CA 188 57.41 57.18 -44.50
N VAL CA 189 57.13 56.53 -43.37
CA VAL CA 189 56.83 55.10 -43.35
C VAL CA 189 55.70 54.76 -44.30
N ALA CA 190 54.69 55.63 -44.36
CA ALA CA 190 53.58 55.47 -45.28
C ALA CA 190 54.07 55.49 -46.72
N LEU CA 191 54.95 56.44 -47.04
CA LEU CA 191 55.56 56.52 -48.36
C LEU CA 191 56.28 55.22 -48.70
N GLU CA 192 56.96 54.66 -47.70
CA GLU CA 192 57.69 53.40 -47.86
C GLU CA 192 56.75 52.24 -48.15
N ILE CA 193 55.62 52.20 -47.45
CA ILE CA 193 54.63 51.13 -47.64
C ILE CA 193 53.97 51.24 -49.01
N PHE CA 194 53.69 52.47 -49.43
CA PHE CA 194 52.97 52.70 -50.69
C PHE CA 194 53.91 52.84 -51.88
N GLN CA 195 55.21 52.60 -51.66
CA GLN CA 195 56.20 52.65 -52.73
C GLN CA 195 55.80 51.90 -54.01
N HIS CA 196 55.15 50.74 -53.85
CA HIS CA 196 54.77 49.93 -55.00
C HIS CA 196 53.59 50.52 -55.77
N ASN CA 197 52.92 51.51 -55.18
CA ASN CA 197 51.80 52.17 -55.85
C ASN CA 197 52.16 53.60 -56.23
N LYS CA 198 52.28 53.85 -57.53
CA LYS CA 198 52.74 55.14 -58.03
C LYS CA 198 51.75 56.27 -57.76
N TYR CA 199 50.48 56.03 -58.04
CA TYR CA 199 49.43 57.04 -57.89
C TYR CA 199 49.30 57.49 -56.43
N LYS CA 200 49.42 56.55 -55.51
CA LYS CA 200 49.34 56.87 -54.08
C LYS CA 200 50.58 57.62 -53.62
N LEU CA 201 51.73 57.28 -54.21
CA LEU CA 201 52.97 58.00 -53.93
C LEU CA 201 52.82 59.46 -54.34
N ASP CA 202 52.32 59.68 -55.56
CA ASP CA 202 52.10 61.03 -56.06
C ASP CA 202 51.07 61.76 -55.21
N PHE CA 203 50.06 61.02 -54.76
CA PHE CA 203 49.01 61.58 -53.92
C PHE CA 203 49.58 62.12 -52.61
N ILE CA 204 50.32 61.27 -51.90
CA ILE CA 204 50.93 61.65 -50.63
C ILE CA 204 51.95 62.77 -50.80
N GLU CA 205 52.84 62.62 -51.79
CA GLU CA 205 53.88 63.61 -52.04
C GLU CA 205 53.30 64.99 -52.36
N GLU CA 206 52.38 65.04 -53.32
CA GLU CA 206 51.78 66.31 -53.71
C GLU CA 206 50.88 66.90 -52.62
N LYS CA 207 49.88 66.14 -52.19
CA LYS CA 207 48.86 66.68 -51.29
C LYS CA 207 49.28 66.75 -49.82
N ALA CA 208 49.86 65.67 -49.30
CA ALA CA 208 50.10 65.59 -47.86
C ALA CA 208 51.29 66.44 -47.41
N SER CA 209 52.23 66.69 -48.31
CA SER CA 209 53.40 67.49 -47.98
C SER CA 209 53.02 68.96 -47.81
N GLN CA 210 52.04 69.41 -48.59
CA GLN CA 210 51.54 70.78 -48.48
C GLN CA 210 50.76 70.96 -47.20
N ASN CA 211 50.19 69.87 -46.69
CA ASN CA 211 49.47 69.90 -45.42
C ASN CA 211 50.43 70.00 -44.23
N PRO CA 212 50.08 70.84 -43.24
CA PRO CA 212 50.93 71.05 -42.07
C PRO CA 212 51.02 69.82 -41.16
N GLU CA 213 50.04 68.92 -41.27
CA GLU CA 213 50.01 67.71 -40.45
C GLU CA 213 50.79 66.58 -41.09
N ARG CA 214 51.80 66.09 -40.38
CA ARG CA 214 52.60 64.97 -40.85
C ARG CA 214 51.99 63.65 -40.41
N ILE CA 215 50.89 63.73 -39.66
CA ILE CA 215 50.22 62.53 -39.17
C ILE CA 215 49.09 62.12 -40.13
N VAL CA 216 49.27 60.96 -40.74
CA VAL CA 216 48.29 60.44 -41.70
C VAL CA 216 47.59 59.21 -41.12
N LYS CA 217 46.28 59.10 -41.36
CA LYS CA 217 45.50 57.98 -40.88
C LYS CA 217 45.41 56.86 -41.91
N LEU CA 218 46.01 55.72 -41.60
CA LEU CA 218 45.93 54.55 -42.47
C LEU CA 218 44.87 53.57 -41.98
N HIS CA 219 43.84 53.37 -42.78
CA HIS CA 219 42.79 52.41 -42.46
C HIS CA 219 43.15 51.04 -43.01
N ARG CA 220 43.21 50.04 -42.13
CA ARG CA 220 43.60 48.70 -42.51
C ARG CA 220 42.44 47.71 -42.43
N PHE CA 221 42.08 47.13 -43.57
CA PHE CA 221 41.09 46.06 -43.62
C PHE CA 221 41.73 44.81 -44.19
N GLY CA 222 41.88 43.78 -43.36
CA GLY CA 222 42.56 42.56 -43.76
C GLY CA 222 44.01 42.85 -44.10
N ASP CA 223 44.42 42.47 -45.31
CA ASP CA 223 45.78 42.75 -45.78
C ASP CA 223 45.82 44.04 -46.59
N PHE CA 224 44.67 44.71 -46.71
CA PHE CA 224 44.57 45.92 -47.51
C PHE CA 224 44.71 47.18 -46.67
N ILE CA 225 45.43 48.17 -47.21
CA ILE CA 225 45.65 49.44 -46.54
C ILE CA 225 45.17 50.59 -47.42
N ASP CA 226 44.48 51.55 -46.82
CA ASP CA 226 43.97 52.69 -47.58
C ASP CA 226 44.16 54.00 -46.82
N VAL CA 227 44.30 55.09 -47.57
CA VAL CA 227 44.45 56.43 -46.98
C VAL CA 227 43.10 57.14 -46.96
N SER CA 228 42.70 57.60 -45.79
CA SER CA 228 41.42 58.30 -45.65
C SER CA 228 41.54 59.55 -44.79
N GLU CA 229 40.96 60.65 -45.28
CA GLU CA 229 40.96 61.90 -44.55
C GLU CA 229 39.70 62.05 -43.69
N GLY CA 230 38.89 60.99 -43.65
CA GLY CA 230 37.61 61.04 -42.98
C GLY CA 230 37.18 59.72 -42.37
N PRO CA 231 36.02 59.72 -41.69
CA PRO CA 231 35.46 58.59 -40.95
C PRO CA 231 35.27 57.32 -41.78
N LEU CA 232 35.25 56.17 -41.10
CA LEU CA 232 35.07 54.88 -41.75
C LEU CA 232 33.89 54.14 -41.13
N ILE CA 233 33.31 53.20 -41.89
CA ILE CA 233 32.20 52.39 -41.41
C ILE CA 233 32.59 51.57 -40.18
N PRO CA 234 31.77 51.62 -39.12
CA PRO CA 234 32.02 51.00 -37.81
C PRO CA 234 32.41 49.53 -37.84
N ARG CA 235 31.71 48.71 -38.62
CA ARG CA 235 31.97 47.28 -38.64
C ARG CA 235 31.56 46.65 -39.98
N THR CA 236 31.81 45.37 -40.12
CA THR CA 236 31.48 44.64 -41.34
C THR CA 236 30.02 44.16 -41.29
N SER CA 237 29.44 44.24 -40.10
CA SER CA 237 28.05 43.84 -39.92
C SER CA 237 27.11 44.99 -40.29
N ILE CA 238 27.68 46.18 -40.44
CA ILE CA 238 26.91 47.36 -40.81
C ILE CA 238 26.47 47.28 -42.27
N CYS CA 239 27.34 46.73 -43.11
CA CYS CA 239 27.06 46.62 -44.53
C CYS CA 239 26.41 45.29 -44.88
N PHE CA 240 25.14 45.34 -45.30
CA PHE CA 240 24.38 44.13 -45.61
C PHE CA 240 24.72 43.55 -46.97
N GLN CA 241 24.76 44.40 -47.99
CA GLN CA 241 24.98 43.94 -49.36
C GLN CA 241 25.88 44.87 -50.16
N TYR CA 242 26.41 44.34 -51.27
CA TYR CA 242 27.22 45.12 -52.20
C TYR CA 242 27.06 44.59 -53.63
N GLU CA 243 27.28 45.46 -54.61
CA GLU CA 243 27.17 45.07 -56.01
C GLU CA 243 28.22 45.74 -56.88
N VAL CA 244 28.63 45.04 -57.94
CA VAL CA 244 29.53 45.62 -58.94
C VAL CA 244 28.74 45.96 -60.19
N SER CA 245 28.57 47.24 -60.45
CA SER CA 245 27.74 47.68 -61.56
C SER CA 245 28.53 47.70 -62.87
N ALA CA 246 29.48 48.61 -63.02
CA ALA CA 246 30.17 48.70 -64.32
C ALA CA 246 31.55 49.34 -64.27
N VAL CA 247 32.20 49.39 -65.42
CA VAL CA 247 33.55 49.91 -65.55
C VAL CA 247 33.64 50.95 -66.67
N HIS CA 248 34.71 51.74 -66.67
CA HIS CA 248 34.96 52.71 -67.73
C HIS CA 248 36.46 52.81 -68.05
N ASN CA 249 36.76 53.32 -69.24
CA ASN CA 249 38.13 53.51 -69.67
C ASN CA 249 38.39 54.93 -70.14
N LEU CA 250 39.27 55.64 -69.44
CA LEU CA 250 39.57 57.03 -69.77
C LEU CA 250 40.97 57.17 -70.38
N GLN CA 251 41.08 58.04 -71.36
CA GLN CA 251 42.35 58.30 -72.03
C GLN CA 251 42.85 59.71 -71.76
N THR CA 252 43.94 59.83 -71.00
CA THR CA 252 44.50 61.12 -70.68
C THR CA 252 46.02 61.11 -70.78
N GLN CA 253 46.57 62.06 -71.54
CA GLN CA 253 48.02 62.18 -71.73
C GLN CA 253 48.65 60.86 -72.18
N SER CA 254 48.02 60.22 -73.17
CA SER CA 254 48.45 58.93 -73.69
C SER CA 254 48.53 57.88 -72.58
N SER CA 255 47.60 57.93 -71.64
CA SER CA 255 47.53 56.94 -70.58
C SER CA 255 46.09 56.45 -70.38
N LEU CA 256 45.95 55.18 -70.06
CA LEU CA 256 44.64 54.57 -69.89
C LEU CA 256 44.31 54.36 -68.40
N VAL CA 257 43.07 54.65 -68.04
CA VAL CA 257 42.61 54.49 -66.66
C VAL CA 257 41.32 53.68 -66.60
N ARG CA 258 41.30 52.63 -65.79
CA ARG CA 258 40.14 51.77 -65.66
C ARG CA 258 39.39 52.07 -64.36
N ARG CA 259 38.16 52.53 -64.48
CA ARG CA 259 37.39 52.94 -63.31
C ARG CA 259 36.18 52.06 -63.04
N PHE CA 260 36.21 51.35 -61.92
CA PHE CA 260 35.09 50.49 -61.50
C PHE CA 260 34.14 51.25 -60.59
N GLN CA 261 32.85 50.98 -60.72
CA GLN CA 261 31.82 51.67 -59.94
C GLN CA 261 30.65 50.74 -59.58
N GLY CA 262 30.09 50.98 -58.39
CA GLY CA 262 29.02 50.19 -57.82
C GLY CA 262 28.22 50.98 -56.78
N LEU CA 263 27.34 50.29 -56.05
CA LEU CA 263 26.52 50.94 -55.03
C LEU CA 263 26.53 50.18 -53.69
N SER CA 264 25.99 50.81 -52.66
CA SER CA 264 25.96 50.22 -51.32
C SER CA 264 24.58 50.27 -50.68
N LEU CA 265 24.39 49.47 -49.63
CA LEU CA 265 23.13 49.44 -48.88
C LEU CA 265 23.27 49.95 -47.46
N PRO CA 266 22.61 51.06 -47.14
CA PRO CA 266 22.60 51.66 -45.80
C PRO CA 266 21.67 50.92 -44.84
N VAL CA 267 21.98 50.99 -43.54
CA VAL CA 267 21.17 50.47 -42.43
C VAL CA 267 20.54 49.09 -42.67
N HIS CA 268 21.30 48.22 -43.33
CA HIS CA 268 20.95 46.82 -43.57
C HIS CA 268 19.50 46.62 -44.03
N LEU CA 269 19.01 47.52 -44.88
CA LEU CA 269 17.61 47.48 -45.28
C LEU CA 269 17.43 47.62 -46.80
N ARG CA 270 16.71 46.68 -47.38
CA ARG CA 270 16.33 46.77 -48.78
C ARG CA 270 14.82 46.61 -48.92
N ALA CA 271 14.20 47.47 -49.73
CA ALA CA 271 12.75 47.45 -49.90
C ALA CA 271 12.27 46.14 -50.52
N HIS CA 272 12.77 45.83 -51.71
CA HIS CA 272 12.38 44.62 -52.42
C HIS CA 272 13.44 44.19 -53.44
N PHE CA 273 13.16 43.07 -54.11
CA PHE CA 273 14.04 42.58 -55.17
C PHE CA 273 13.79 43.32 -56.48
N THR CA 274 12.56 43.81 -56.65
CA THR CA 274 12.21 44.60 -57.82
C THR CA 274 12.96 45.93 -57.83
N ILE CA 275 12.86 46.65 -56.70
CA ILE CA 275 13.56 47.91 -56.55
C ILE CA 275 15.07 47.68 -56.47
N TRP CA 276 15.46 46.43 -56.25
CA TRP CA 276 16.86 46.04 -56.24
C TRP CA 276 17.39 45.97 -57.67
N ASN CA 277 16.61 45.35 -58.55
CA ASN CA 277 16.90 45.33 -59.97
C ASN CA 277 16.91 46.76 -60.51
N LYS CA 278 15.96 47.55 -60.03
CA LYS CA 278 15.91 48.97 -60.37
C LYS CA 278 17.17 49.68 -59.89
N LEU CA 279 17.68 49.26 -58.72
CA LEU CA 279 18.90 49.84 -58.17
C LEU CA 279 20.12 49.43 -58.99
N LEU CA 280 20.03 48.28 -59.64
CA LEU CA 280 21.08 47.83 -60.53
C LEU CA 280 21.11 48.73 -61.77
N GLU CA 281 19.94 48.93 -62.37
CA GLU CA 281 19.84 49.81 -63.53
C GLU CA 281 20.31 51.23 -63.20
N ARG CA 282 19.83 51.76 -62.08
CA ARG CA 282 20.22 53.07 -61.60
C ARG CA 282 21.73 53.15 -61.39
N SER CA 283 22.29 52.10 -60.81
CA SER CA 283 23.72 52.03 -60.57
C SER CA 283 24.47 52.17 -61.88
N ARG CA 284 24.15 51.30 -62.85
CA ARG CA 284 24.83 51.30 -64.13
C ARG CA 284 24.69 52.63 -64.87
N LYS CA 285 23.52 53.25 -64.77
CA LYS CA 285 23.30 54.56 -65.39
C LYS CA 285 24.18 55.63 -64.74
N MET CA 286 24.29 55.56 -63.41
CA MET CA 286 25.15 56.47 -62.67
C MET CA 286 26.62 56.22 -62.98
N VAL CA 287 26.93 55.01 -63.43
CA VAL CA 287 28.29 54.69 -63.89
C VAL CA 287 28.52 55.31 -65.25
N THR CA 288 27.50 55.24 -66.10
CA THR CA 288 27.56 55.85 -67.43
C THR CA 288 27.79 57.35 -67.33
N GLU CA 289 27.21 57.96 -66.29
CA GLU CA 289 27.37 59.39 -66.08
C GLU CA 289 28.81 59.80 -65.75
N ASP CA 290 29.42 59.11 -64.78
CA ASP CA 290 30.76 59.43 -64.30
C ASP CA 290 30.87 60.89 -63.84
N LYS CA 291 30.19 61.21 -62.74
CA LYS CA 291 30.16 62.57 -62.21
C LYS CA 291 31.53 63.01 -61.73
N THR CA 292 31.83 64.29 -61.90
CA THR CA 292 33.12 64.85 -61.47
C THR CA 292 32.94 66.20 -60.82
N UNK DA 1 27.47 2.79 17.06
CA UNK DA 1 26.92 4.11 17.32
C UNK DA 1 26.57 4.79 16.04
N UNK DA 2 25.55 5.64 16.07
CA UNK DA 2 25.06 6.30 14.87
C UNK DA 2 25.87 7.53 14.55
N UNK DA 3 26.60 8.05 15.53
CA UNK DA 3 27.39 9.25 15.33
C UNK DA 3 28.59 8.97 14.48
N UNK DA 4 29.20 7.80 14.65
CA UNK DA 4 30.40 7.48 13.92
C UNK DA 4 30.06 7.15 12.48
N UNK DA 5 28.87 6.62 12.25
CA UNK DA 5 28.51 6.24 10.91
C UNK DA 5 27.98 7.45 10.19
N UNK DA 6 27.41 8.40 10.93
CA UNK DA 6 26.97 9.62 10.29
C UNK DA 6 28.18 10.46 9.96
N UNK DA 7 29.23 10.39 10.78
CA UNK DA 7 30.43 11.15 10.50
C UNK DA 7 31.20 10.51 9.37
N UNK DA 8 31.14 9.19 9.26
CA UNK DA 8 31.84 8.51 8.18
C UNK DA 8 31.11 8.73 6.87
N UNK DA 9 29.78 8.82 6.93
CA UNK DA 9 29.02 9.03 5.72
C UNK DA 9 29.17 10.46 5.29
N UNK DA 10 29.36 11.38 6.24
CA UNK DA 10 29.51 12.78 5.90
C UNK DA 10 30.89 13.03 5.35
N UNK DA 11 31.90 12.28 5.81
CA UNK DA 11 33.24 12.47 5.27
C UNK DA 11 33.32 11.83 3.89
N UNK DA 12 32.65 10.71 3.72
CA UNK DA 12 32.67 10.03 2.42
C UNK DA 12 31.85 10.80 1.42
N UNK DA 13 30.89 11.60 1.88
CA UNK DA 13 30.10 12.39 0.97
C UNK DA 13 30.76 13.72 0.75
N UNK DA 14 31.66 14.11 1.64
CA UNK DA 14 32.33 15.38 1.47
C UNK DA 14 33.47 15.19 0.49
N UNK DA 15 34.02 13.98 0.41
CA UNK DA 15 35.12 13.76 -0.52
C UNK DA 15 34.70 13.72 -1.97
N UNK DA 16 33.40 13.80 -2.24
CA UNK DA 16 32.92 13.71 -3.62
C UNK DA 16 33.05 15.03 -4.34
N UNK DA 17 32.76 16.14 -3.65
CA UNK DA 17 32.80 17.45 -4.28
C UNK DA 17 34.13 18.10 -4.07
N UNK DA 18 34.96 17.52 -3.19
CA UNK DA 18 36.28 18.04 -2.97
C UNK DA 18 37.32 16.97 -3.22
N UNK DA 19 38.27 17.27 -4.10
CA UNK DA 19 39.33 16.34 -4.41
C UNK DA 19 40.65 16.95 -4.03
N UNK DA 20 41.34 16.33 -3.06
CA UNK DA 20 42.61 16.85 -2.60
C UNK DA 20 43.72 16.33 -3.50
N UNK DA 21 44.78 17.11 -3.62
CA UNK DA 21 45.89 16.73 -4.47
C UNK DA 21 46.67 15.61 -3.85
N UNK DA 22 47.36 14.82 -4.67
CA UNK DA 22 48.12 13.69 -4.18
C UNK DA 22 49.40 14.15 -3.55
N UNK DA 23 49.70 13.64 -2.36
CA UNK DA 23 50.92 14.00 -1.65
C UNK DA 23 51.84 12.82 -1.63
N UNK DA 24 53.14 13.07 -1.74
CA UNK DA 24 54.11 11.99 -1.82
C UNK DA 24 54.51 11.49 -0.46
N UNK DA 25 54.56 12.38 0.52
CA UNK DA 25 55.01 12.00 1.86
C UNK DA 25 53.92 11.33 2.63
N UNK DA 26 52.67 11.71 2.39
CA UNK DA 26 51.55 11.16 3.13
C UNK DA 26 50.89 10.07 2.31
N UNK DA 27 51.53 9.71 1.19
CA UNK DA 27 50.99 8.69 0.31
C UNK DA 27 50.85 7.38 1.04
N UNK DA 28 51.96 6.82 1.51
CA UNK DA 28 51.94 5.55 2.20
C UNK DA 28 51.49 5.75 3.62
N UNK DA 29 50.63 4.86 4.11
CA UNK DA 29 50.12 4.98 5.47
C UNK DA 29 51.17 4.64 6.49
N UNK DA 30 51.90 3.55 6.27
CA UNK DA 30 52.96 3.16 7.18
C UNK DA 30 54.15 4.05 6.98
N UNK DA 31 55.06 4.06 7.93
CA UNK DA 31 56.24 4.90 7.86
C UNK DA 31 57.10 4.49 6.69
N UNK DA 32 57.50 5.47 5.88
CA UNK DA 32 58.32 5.18 4.72
C UNK DA 32 59.78 5.39 5.03
N ASP DA 33 60.55 4.32 4.92
CA ASP DA 33 61.99 4.39 5.13
C ASP DA 33 62.72 3.92 3.89
N TYR DA 34 63.97 4.37 3.73
CA TYR DA 34 64.76 4.04 2.54
C TYR DA 34 65.09 2.55 2.48
N HIS DA 35 65.49 1.99 3.62
CA HIS DA 35 65.93 0.61 3.69
C HIS DA 35 64.80 -0.38 3.41
N ALA DA 36 63.59 -0.04 3.86
CA ALA DA 36 62.44 -0.92 3.65
C ALA DA 36 62.12 -1.04 2.16
N GLU DA 37 62.12 0.11 1.48
CA GLU DA 37 61.82 0.16 0.05
C GLU DA 37 62.89 -0.57 -0.75
N ILE DA 38 64.16 -0.31 -0.46
CA ILE DA 38 65.22 -0.98 -1.22
C ILE DA 38 65.31 -2.47 -0.90
N GLN DA 39 64.87 -2.86 0.30
CA GLN DA 39 64.84 -4.26 0.68
C GLN DA 39 63.80 -5.00 -0.13
N ALA DA 40 62.59 -4.47 -0.17
CA ALA DA 40 61.53 -5.07 -0.98
C ALA DA 40 61.92 -5.05 -2.46
N PHE DA 41 62.58 -3.98 -2.87
CA PHE DA 41 63.07 -3.84 -4.24
C PHE DA 41 64.10 -4.91 -4.58
N GLY DA 42 64.84 -5.35 -3.55
CA GLY DA 42 65.83 -6.39 -3.72
C GLY DA 42 65.21 -7.78 -3.69
N HIS DA 43 64.11 -7.92 -2.95
CA HIS DA 43 63.44 -9.21 -2.84
C HIS DA 43 62.58 -9.53 -4.06
N ARG DA 44 62.00 -8.50 -4.68
CA ARG DA 44 61.15 -8.69 -5.85
C ARG DA 44 61.98 -9.01 -7.09
N LEU DA 45 62.78 -8.04 -7.53
CA LEU DA 45 63.63 -8.22 -8.69
C LEU DA 45 64.75 -9.21 -8.41
N GLN DA 46 65.34 -9.75 -9.47
CA GLN DA 46 66.39 -10.76 -9.35
C GLN DA 46 67.58 -10.28 -8.52
N GLU DA 47 68.31 -9.31 -9.04
CA GLU DA 47 69.49 -8.79 -8.35
C GLU DA 47 69.48 -7.27 -8.25
N THR DA 48 69.83 -6.77 -7.07
CA THR DA 48 69.91 -5.32 -6.85
C THR DA 48 71.14 -4.97 -6.03
N PHE DA 49 71.94 -4.03 -6.53
CA PHE DA 49 73.14 -3.60 -5.85
C PHE DA 49 73.25 -2.07 -5.81
N SER DA 50 74.30 -1.57 -5.17
CA SER DA 50 74.53 -0.14 -5.04
C SER DA 50 73.33 0.59 -4.45
N LEU DA 51 73.07 0.35 -3.17
CA LEU DA 51 71.93 0.94 -2.48
C LEU DA 51 71.97 2.46 -2.51
N ASP DA 52 73.16 3.03 -2.44
CA ASP DA 52 73.34 4.47 -2.47
C ASP DA 52 72.91 5.04 -3.82
N LEU DA 53 73.35 4.39 -4.89
CA LEU DA 53 72.98 4.81 -6.25
C LEU DA 53 71.50 4.58 -6.50
N LEU DA 54 70.95 3.55 -5.88
CA LEU DA 54 69.53 3.23 -6.01
C LEU DA 54 68.68 4.32 -5.35
N LYS DA 55 69.08 4.73 -4.15
CA LYS DA 55 68.40 5.82 -3.45
C LYS DA 55 68.55 7.13 -4.21
N THR DA 56 69.74 7.34 -4.76
CA THR DA 56 70.04 8.55 -5.53
C THR DA 56 69.21 8.60 -6.81
N ALA DA 57 68.86 7.43 -7.33
CA ALA DA 57 68.10 7.33 -8.57
C ALA DA 57 66.70 7.90 -8.42
N PHE DA 58 66.15 7.82 -7.22
CA PHE DA 58 64.80 8.34 -6.95
C PHE DA 58 64.84 9.77 -6.43
N VAL DA 59 66.05 10.32 -6.32
CA VAL DA 59 66.22 11.70 -5.87
C VAL DA 59 66.21 12.67 -7.05
N ASN DA 60 65.43 13.73 -6.94
CA ASN DA 60 65.33 14.73 -8.00
C ASN DA 60 65.86 16.09 -7.54
N SER DA 61 66.26 16.92 -8.50
CA SER DA 61 66.84 18.22 -8.21
C SER DA 61 65.85 19.17 -7.52
N CYS DA 62 64.56 18.98 -7.80
CA CYS DA 62 63.53 19.84 -7.24
C CYS DA 62 63.46 19.71 -5.72
N TYR DA 63 63.58 18.48 -5.23
CA TYR DA 63 63.54 18.21 -3.80
C TYR DA 63 64.73 18.84 -3.10
N ILE DA 64 65.89 18.77 -3.75
CA ILE DA 64 67.12 19.35 -3.21
C ILE DA 64 67.02 20.87 -3.15
N LYS DA 65 66.59 21.47 -4.25
CA LYS DA 65 66.43 22.92 -4.33
C LYS DA 65 65.42 23.43 -3.30
N SER DA 66 64.32 22.69 -3.14
CA SER DA 66 63.30 23.05 -2.17
C SER DA 66 63.83 22.92 -0.74
N GLU DA 67 64.59 21.87 -0.49
CA GLU DA 67 65.17 21.63 0.83
C GLU DA 67 66.14 22.74 1.20
N GLU DA 68 67.04 23.06 0.28
CA GLU DA 68 68.00 24.14 0.49
C GLU DA 68 67.28 25.49 0.64
N ALA DA 69 66.17 25.64 -0.07
CA ALA DA 69 65.36 26.85 0.03
C ALA DA 69 64.78 27.00 1.43
N LYS DA 70 64.28 25.90 1.99
CA LYS DA 70 63.75 25.90 3.35
C LYS DA 70 64.86 26.15 4.36
N ARG DA 71 66.05 25.63 4.05
CA ARG DA 71 67.23 25.84 4.89
C ARG DA 71 67.63 27.31 4.93
N GLN DA 72 67.53 27.99 3.79
CA GLN DA 72 67.87 29.41 3.71
C GLN DA 72 66.80 30.27 4.36
N LYS DA 73 65.54 29.96 4.07
CA LYS DA 73 64.40 30.67 4.65
C LYS DA 73 64.44 30.62 6.18
N LEU DA 74 64.34 29.42 6.74
CA LEU DA 74 64.34 29.27 8.19
C LEU DA 74 65.66 29.76 8.79
N GLY DA 75 66.77 29.34 8.19
CA GLY DA 75 68.08 29.78 8.63
C GLY DA 75 68.56 29.10 9.90
N ILE DA 76 67.86 28.05 10.31
CA ILE DA 76 68.22 27.29 11.49
C ILE DA 76 69.63 26.72 11.39
N ASP DA 77 69.80 25.76 10.48
CA ASP DA 77 71.10 25.14 10.26
C ASP DA 77 71.41 25.02 8.77
N LYS DA 78 72.59 24.47 8.46
CA LYS DA 78 73.00 24.31 7.07
C LYS DA 78 73.62 22.94 6.82
N GLU DA 79 73.07 22.23 5.83
CA GLU DA 79 73.60 20.93 5.44
C GLU DA 79 73.77 20.87 3.92
N ALA DA 80 74.63 19.97 3.45
CA ALA DA 80 74.92 19.89 2.02
C ALA DA 80 74.43 18.58 1.40
N ALA DA 81 73.38 18.68 0.58
CA ALA DA 81 72.86 17.55 -0.18
C ALA DA 81 73.40 17.57 -1.61
N LEU DA 82 74.28 18.52 -1.89
CA LEU DA 82 74.76 18.82 -3.24
C LEU DA 82 75.24 17.62 -4.05
N LEU DA 83 75.92 16.69 -3.39
CA LEU DA 83 76.55 15.56 -4.08
C LEU DA 83 75.55 14.65 -4.80
N ASN DA 84 74.33 14.58 -4.27
CA ASN DA 84 73.31 13.69 -4.80
C ASN DA 84 72.99 13.92 -6.27
N LEU DA 85 72.62 15.16 -6.61
CA LEU DA 85 72.28 15.52 -7.98
C LEU DA 85 73.45 15.33 -8.93
N LYS DA 86 74.63 15.75 -8.49
CA LYS DA 86 75.84 15.64 -9.30
C LYS DA 86 76.20 14.19 -9.58
N ASP DA 87 75.90 13.32 -8.63
CA ASP DA 87 76.14 11.89 -8.82
C ASP DA 87 75.04 11.25 -9.67
N ASN DA 88 73.85 11.85 -9.64
CA ASN DA 88 72.71 11.33 -10.38
C ASN DA 88 72.76 11.63 -11.87
N GLN DA 89 73.15 12.86 -12.21
CA GLN DA 89 73.19 13.30 -13.61
C GLN DA 89 74.14 12.46 -14.46
N GLU DA 90 75.24 12.01 -13.86
CA GLU DA 90 76.21 11.17 -14.55
C GLU DA 90 75.59 9.80 -14.87
N LEU DA 91 74.94 9.22 -13.87
CA LEU DA 91 74.27 7.94 -14.03
C LEU DA 91 73.18 8.02 -15.10
N SER DA 92 72.52 9.17 -15.16
CA SER DA 92 71.48 9.39 -16.17
C SER DA 92 72.11 9.51 -17.57
N GLU DA 93 73.22 10.22 -17.65
CA GLU DA 93 73.94 10.40 -18.92
C GLU DA 93 74.39 9.05 -19.51
N GLN DA 94 75.14 8.31 -18.72
CA GLN DA 94 75.59 6.98 -19.10
C GLN DA 94 74.40 6.07 -19.38
N GLY DA 95 73.34 6.25 -18.59
CA GLY DA 95 72.12 5.48 -18.75
C GLY DA 95 71.50 5.66 -20.12
N ILE DA 96 71.34 6.91 -20.55
CA ILE DA 96 70.79 7.20 -21.86
C ILE DA 96 71.66 6.60 -22.96
N SER DA 97 72.96 6.85 -22.89
CA SER DA 97 73.86 6.35 -23.92
C SER DA 97 73.81 4.82 -24.05
N PHE DA 98 73.97 4.13 -22.93
CA PHE DA 98 73.98 2.67 -22.92
C PHE DA 98 72.62 2.09 -23.31
N SER DA 99 71.56 2.83 -23.00
CA SER DA 99 70.22 2.42 -23.40
C SER DA 99 70.09 2.47 -24.92
N GLN DA 100 70.58 3.56 -25.51
CA GLN DA 100 70.59 3.70 -26.97
C GLN DA 100 71.39 2.57 -27.62
N THR DA 101 72.57 2.29 -27.08
CA THR DA 101 73.42 1.23 -27.61
C THR DA 101 72.74 -0.14 -27.51
N CYS DA 102 72.16 -0.43 -26.36
CA CYS DA 102 71.52 -1.72 -26.11
C CYS DA 102 70.31 -1.93 -27.01
N LEU DA 103 69.47 -0.91 -27.12
CA LEU DA 103 68.29 -1.00 -27.98
C LEU DA 103 68.68 -1.11 -29.45
N THR DA 104 69.74 -0.40 -29.83
CA THR DA 104 70.27 -0.49 -31.19
C THR DA 104 70.73 -1.91 -31.47
N GLN DA 105 71.39 -2.51 -30.50
CA GLN DA 105 71.82 -3.90 -30.60
C GLN DA 105 70.62 -4.84 -30.74
N PHE DA 106 69.56 -4.53 -30.00
CA PHE DA 106 68.33 -5.32 -30.06
C PHE DA 106 67.70 -5.29 -31.45
N PHE DA 107 67.53 -4.08 -31.99
CA PHE DA 107 66.94 -3.93 -33.32
C PHE DA 107 67.85 -4.48 -34.41
N GLU DA 108 69.16 -4.49 -34.15
CA GLU DA 108 70.12 -5.00 -35.11
C GLU DA 108 70.08 -6.53 -35.15
N ASP DA 109 69.99 -7.16 -33.99
CA ASP DA 109 70.00 -8.62 -33.90
C ASP DA 109 68.65 -9.22 -34.28
N ALA DA 110 67.57 -8.59 -33.84
CA ALA DA 110 66.23 -9.11 -34.06
C ALA DA 110 65.79 -8.95 -35.53
N PHE DA 111 65.97 -7.76 -36.07
CA PHE DA 111 65.53 -7.48 -37.43
C PHE DA 111 66.66 -6.95 -38.31
N PRO DA 112 67.45 -7.87 -38.88
CA PRO DA 112 68.58 -7.52 -39.76
C PRO DA 112 68.12 -6.95 -41.11
N ASP DA 113 66.91 -7.30 -41.52
CA ASP DA 113 66.40 -6.86 -42.82
C ASP DA 113 65.77 -5.46 -42.73
N LEU DA 114 65.74 -4.91 -41.53
CA LEU DA 114 65.16 -3.58 -41.31
C LEU DA 114 66.12 -2.48 -41.75
N PRO DA 115 65.67 -1.62 -42.68
CA PRO DA 115 66.48 -0.50 -43.17
C PRO DA 115 66.82 0.51 -42.08
N THR DA 116 67.83 1.34 -42.32
CA THR DA 116 68.31 2.31 -41.34
C THR DA 116 67.22 3.26 -40.87
N GLU DA 117 66.37 3.70 -41.80
CA GLU DA 117 65.28 4.61 -41.47
C GLU DA 117 64.28 3.96 -40.52
N GLY DA 118 63.98 2.68 -40.77
CA GLY DA 118 63.09 1.93 -39.92
C GLY DA 118 63.66 1.74 -38.53
N VAL DA 119 64.96 1.48 -38.47
CA VAL DA 119 65.67 1.36 -37.20
C VAL DA 119 65.57 2.66 -36.41
N THR DA 120 65.84 3.77 -37.09
CA THR DA 120 65.78 5.09 -36.46
C THR DA 120 64.38 5.38 -35.93
N SER DA 121 63.36 5.06 -36.74
CA SER DA 121 61.97 5.30 -36.36
C SER DA 121 61.58 4.47 -35.14
N LEU DA 122 61.89 3.18 -35.17
CA LEU DA 122 61.55 2.29 -34.08
C LEU DA 122 62.28 2.66 -32.79
N VAL DA 123 63.53 3.10 -32.93
CA VAL DA 123 64.30 3.56 -31.77
C VAL DA 123 63.69 4.83 -31.19
N ASP DA 124 63.32 5.76 -32.06
CA ASP DA 124 62.71 7.01 -31.62
C ASP DA 124 61.37 6.77 -30.93
N PHE DA 125 60.63 5.77 -31.40
CA PHE DA 125 59.34 5.44 -30.79
C PHE DA 125 59.50 4.69 -29.48
N LEU DA 126 60.54 3.86 -29.41
CA LEU DA 126 60.78 3.03 -28.23
C LEU DA 126 61.39 3.86 -27.09
N THR DA 127 62.15 4.89 -27.45
CA THR DA 127 62.78 5.76 -26.47
C THR DA 127 61.92 6.98 -26.16
N SER DA 128 60.71 7.01 -26.74
CA SER DA 128 59.80 8.12 -26.57
C SER DA 128 59.44 8.35 -25.10
N GLU DA 129 59.19 9.61 -24.74
CA GLU DA 129 58.93 9.98 -23.36
C GLU DA 129 57.61 9.41 -22.83
N GLU DA 130 56.55 9.57 -23.61
CA GLU DA 130 55.20 9.17 -23.19
C GLU DA 130 55.10 7.68 -22.86
N VAL DA 131 55.64 6.84 -23.75
CA VAL DA 131 55.57 5.40 -23.58
C VAL DA 131 56.35 4.94 -22.35
N VAL DA 132 57.60 5.37 -22.24
CA VAL DA 132 58.46 5.00 -21.12
C VAL DA 132 57.87 5.47 -19.79
N CYS DA 133 57.37 6.70 -19.77
CA CYS DA 133 56.75 7.25 -18.57
C CYS DA 133 55.48 6.48 -18.22
N HIS DA 134 54.77 6.01 -19.24
CA HIS DA 134 53.57 5.21 -19.03
C HIS DA 134 53.94 3.87 -18.39
N VAL DA 135 55.02 3.27 -18.86
CA VAL DA 135 55.53 2.03 -18.29
C VAL DA 135 55.93 2.26 -16.83
N ALA DA 136 56.57 3.40 -16.59
CA ALA DA 136 56.94 3.83 -15.23
C ALA DA 136 55.73 3.86 -14.31
N ARG DA 137 54.76 4.69 -14.64
CA ARG DA 137 53.53 4.81 -13.86
C ARG DA 137 52.80 3.47 -13.70
N ASN DA 138 52.91 2.60 -14.70
CA ASN DA 138 52.30 1.28 -14.63
C ASN DA 138 53.05 0.34 -13.69
N LEU DA 139 54.34 0.61 -13.51
CA LEU DA 139 55.17 -0.20 -12.62
C LEU DA 139 55.17 0.36 -11.20
N ALA DA 140 54.37 1.41 -10.99
CA ALA DA 140 54.25 2.07 -9.70
C ALA DA 140 55.59 2.58 -9.19
N VAL DA 141 56.37 3.18 -10.09
CA VAL DA 141 57.65 3.76 -9.73
C VAL DA 141 57.43 5.09 -9.02
N GLU DA 142 56.29 5.70 -9.30
CA GLU DA 142 55.93 6.99 -8.71
C GLU DA 142 55.82 6.92 -7.19
N GLN DA 143 55.54 5.73 -6.68
CA GLN DA 143 55.47 5.51 -5.24
C GLN DA 143 56.86 5.53 -4.62
N LEU DA 144 57.85 5.06 -5.37
CA LEU DA 144 59.22 5.03 -4.90
C LEU DA 144 59.95 6.32 -5.25
N ALA DA 145 59.32 7.15 -6.06
CA ALA DA 145 59.92 8.41 -6.50
C ALA DA 145 59.74 9.50 -5.45
N LEU DA 146 60.76 10.34 -5.31
CA LEU DA 146 60.71 11.44 -4.36
C LEU DA 146 60.70 12.79 -5.06
N SER DA 147 59.56 13.49 -4.99
CA SER DA 147 59.43 14.80 -5.59
C SER DA 147 58.74 15.76 -4.65
N ALA DA 148 59.39 16.88 -4.34
CA ALA DA 148 58.86 17.85 -3.40
C ALA DA 148 57.65 18.60 -3.96
N GLU DA 149 57.82 19.20 -5.14
CA GLU DA 149 56.76 19.97 -5.77
C GLU DA 149 55.51 19.13 -6.03
N PHE DA 150 55.59 18.22 -7.01
CA PHE DA 150 54.49 17.32 -7.31
C PHE DA 150 55.01 15.95 -7.74
N PRO DA 151 54.33 14.88 -7.32
CA PRO DA 151 54.67 13.50 -7.72
C PRO DA 151 54.36 13.18 -9.18
N VAL DA 152 53.29 13.79 -9.70
CA VAL DA 152 52.77 13.44 -11.02
C VAL DA 152 53.65 13.77 -12.24
N PRO DA 153 54.15 15.02 -12.38
CA PRO DA 153 54.74 15.46 -13.65
C PRO DA 153 55.84 14.55 -14.21
N PRO DA 154 55.75 14.25 -15.53
CA PRO DA 154 56.66 13.37 -16.28
C PRO DA 154 58.16 13.70 -16.20
N PRO DA 155 58.57 14.99 -16.19
CA PRO DA 155 60.02 15.23 -16.09
C PRO DA 155 60.67 14.64 -14.84
N VAL DA 156 59.88 14.41 -13.81
CA VAL DA 156 60.36 13.77 -12.59
C VAL DA 156 60.51 12.26 -12.79
N LEU DA 157 59.39 11.60 -13.04
CA LEU DA 157 59.34 10.14 -13.16
C LEU DA 157 60.23 9.60 -14.28
N ARG DA 158 60.36 10.35 -15.37
CA ARG DA 158 61.18 9.90 -16.50
C ARG DA 158 62.67 9.91 -16.16
N GLN DA 159 63.14 11.04 -15.64
CA GLN DA 159 64.54 11.17 -15.24
C GLN DA 159 64.87 10.19 -14.11
N THR DA 160 63.90 9.99 -13.23
CA THR DA 160 64.02 9.01 -12.16
C THR DA 160 64.18 7.60 -12.72
N PHE DA 161 63.36 7.28 -13.71
CA PHE DA 161 63.39 5.97 -14.35
C PHE DA 161 64.72 5.72 -15.04
N PHE DA 162 65.20 6.73 -15.77
CA PHE DA 162 66.49 6.62 -16.45
C PHE DA 162 67.63 6.50 -15.44
N ALA DA 163 67.47 7.16 -14.30
CA ALA DA 163 68.45 7.07 -13.22
C ALA DA 163 68.48 5.66 -12.65
N VAL DA 164 67.31 5.04 -12.53
CA VAL DA 164 67.21 3.66 -12.08
C VAL DA 164 67.89 2.74 -13.11
N ILE DA 165 67.64 3.01 -14.38
CA ILE DA 165 68.29 2.29 -15.47
C ILE DA 165 69.80 2.31 -15.31
N GLY DA 166 70.38 3.51 -15.35
CA GLY DA 166 71.82 3.68 -15.19
C GLY DA 166 72.35 3.05 -13.92
N ALA DA 167 71.56 3.11 -12.85
CA ALA DA 167 71.93 2.48 -11.58
C ALA DA 167 72.07 0.97 -11.76
N LEU DA 168 71.14 0.38 -12.50
CA LEU DA 168 71.18 -1.04 -12.78
C LEU DA 168 72.34 -1.37 -13.73
N LEU DA 169 72.72 -0.39 -14.54
CA LEU DA 169 73.83 -0.56 -15.47
C LEU DA 169 75.15 -0.65 -14.72
N GLN DA 170 75.34 0.28 -13.78
CA GLN DA 170 76.58 0.30 -13.00
C GLN DA 170 76.63 -0.85 -11.99
N SER DA 171 75.57 -1.00 -11.21
CA SER DA 171 75.54 -1.98 -10.13
C SER DA 171 75.44 -3.44 -10.62
N SER DA 172 74.42 -3.73 -11.41
CA SER DA 172 74.13 -5.10 -11.81
C SER DA 172 74.80 -5.50 -13.11
N GLY DA 173 75.38 -4.53 -13.80
CA GLY DA 173 76.00 -4.79 -15.10
C GLY DA 173 74.97 -4.93 -16.20
N PRO DA 174 75.45 -5.04 -17.45
CA PRO DA 174 74.59 -5.13 -18.64
C PRO DA 174 73.74 -6.40 -18.70
N GLU DA 175 74.33 -7.52 -18.29
CA GLU DA 175 73.69 -8.83 -18.41
C GLU DA 175 72.31 -8.90 -17.75
N ARG DA 176 72.14 -8.19 -16.64
CA ARG DA 176 70.86 -8.16 -15.94
C ARG DA 176 69.87 -7.19 -16.61
N THR DA 177 70.39 -6.02 -17.00
CA THR DA 177 69.58 -4.99 -17.64
C THR DA 177 68.91 -5.52 -18.90
N ALA DA 178 69.71 -6.22 -19.71
CA ALA DA 178 69.23 -6.83 -20.95
C ALA DA 178 68.06 -7.76 -20.69
N LEU DA 179 68.03 -8.37 -19.51
CA LEU DA 179 66.90 -9.18 -19.09
C LEU DA 179 65.71 -8.30 -18.76
N PHE DA 180 65.94 -7.28 -17.92
CA PHE DA 180 64.85 -6.42 -17.47
C PHE DA 180 64.10 -5.69 -18.60
N ILE DA 181 64.77 -4.75 -19.24
CA ILE DA 181 64.09 -3.80 -20.14
C ILE DA 181 63.44 -4.46 -21.36
N ARG DA 182 64.21 -5.35 -21.98
CA ARG DA 182 63.78 -6.07 -23.19
C ARG DA 182 62.47 -6.82 -22.98
N ASP DA 183 62.23 -7.24 -21.75
CA ASP DA 183 60.99 -7.94 -21.41
C ASP DA 183 59.79 -7.01 -21.49
N PHE DA 184 59.92 -5.82 -20.89
CA PHE DA 184 58.80 -4.89 -20.82
C PHE DA 184 58.48 -4.22 -22.15
N LEU DA 185 59.49 -3.63 -22.79
CA LEU DA 185 59.24 -2.80 -23.97
C LEU DA 185 58.46 -3.52 -25.09
N ILE DA 186 58.92 -4.71 -25.43
CA ILE DA 186 58.26 -5.55 -26.44
C ILE DA 186 56.81 -5.81 -26.08
N THR DA 187 56.59 -6.22 -24.83
CA THR DA 187 55.26 -6.51 -24.31
C THR DA 187 54.37 -5.26 -24.39
N GLN DA 188 55.00 -4.10 -24.32
CA GLN DA 188 54.28 -2.84 -24.38
C GLN DA 188 53.86 -2.49 -25.80
N MET DA 189 54.73 -2.74 -26.77
CA MET DA 189 54.44 -2.36 -28.16
C MET DA 189 53.13 -2.97 -28.69
N THR DA 190 53.17 -4.26 -29.02
CA THR DA 190 51.97 -5.07 -29.30
C THR DA 190 51.16 -4.60 -30.53
N GLY DA 191 51.47 -3.41 -31.05
CA GLY DA 191 50.66 -2.81 -32.09
C GLY DA 191 51.24 -2.77 -33.48
N LYS DA 192 50.45 -2.27 -34.42
CA LYS DA 192 50.93 -2.01 -35.78
C LYS DA 192 51.57 -0.63 -35.85
N GLU DA 193 51.38 0.13 -34.77
CA GLU DA 193 51.86 1.52 -34.68
C GLU DA 193 53.35 1.65 -34.96
N LEU DA 194 54.09 0.57 -34.69
CA LEU DA 194 55.52 0.53 -34.92
C LEU DA 194 55.90 0.97 -36.34
N PHE DA 195 55.22 0.40 -37.33
CA PHE DA 195 55.50 0.77 -38.71
C PHE DA 195 54.54 1.82 -39.25
N GLU DA 196 53.58 2.23 -38.43
CA GLU DA 196 52.58 3.20 -38.86
C GLU DA 196 53.11 4.64 -38.79
N MET DA 197 53.95 4.91 -37.79
CA MET DA 197 54.48 6.26 -37.61
C MET DA 197 55.55 6.56 -38.65
N TRP DA 198 56.10 5.51 -39.23
CA TRP DA 198 57.09 5.63 -40.29
C TRP DA 198 56.39 5.71 -41.65
N THR DA 199 55.11 5.40 -41.67
CA THR DA 199 54.31 5.40 -42.89
C THR DA 199 53.52 6.70 -43.05
N ILE DA 200 53.71 7.63 -42.12
CA ILE DA 200 52.91 8.86 -42.09
C ILE DA 200 53.14 9.76 -43.31
N THR DA 201 54.22 9.53 -44.03
CA THR DA 201 54.55 10.38 -45.18
C THR DA 201 54.93 9.56 -46.41
N ASN DA 202 54.19 9.75 -47.50
CA ASN DA 202 54.38 9.08 -48.79
C ASN DA 202 54.75 7.58 -48.68
N PRO DA 203 53.77 6.74 -48.32
CA PRO DA 203 53.98 5.30 -48.19
C PRO DA 203 54.49 4.68 -49.50
N MET DA 204 53.90 5.11 -50.60
CA MET DA 204 54.27 4.63 -51.92
C MET DA 204 55.73 4.90 -52.22
N GLY DA 205 56.14 6.16 -52.07
CA GLY DA 205 57.51 6.58 -52.34
C GLY DA 205 58.53 5.84 -51.50
N LEU DA 206 58.18 5.58 -50.24
CA LEU DA 206 59.06 4.82 -49.35
C LEU DA 206 59.23 3.40 -49.88
N LEU DA 207 58.12 2.81 -50.32
CA LEU DA 207 58.20 1.48 -50.93
C LEU DA 207 59.06 1.49 -52.19
N VAL DA 208 58.97 2.59 -52.95
CA VAL DA 208 59.79 2.77 -54.14
C VAL DA 208 61.27 2.78 -53.77
N GLU DA 209 61.61 3.51 -52.72
CA GLU DA 209 62.98 3.59 -52.24
C GLU DA 209 63.49 2.22 -51.81
N GLU DA 210 62.69 1.50 -51.03
CA GLU DA 210 63.08 0.18 -50.54
C GLU DA 210 63.30 -0.81 -51.68
N LEU DA 211 62.35 -0.86 -52.61
CA LEU DA 211 62.43 -1.76 -53.75
C LEU DA 211 63.60 -1.43 -54.67
N LYS DA 212 63.82 -0.14 -54.91
CA LYS DA 212 64.92 0.29 -55.76
C LYS DA 212 66.27 0.01 -55.10
N LYS DA 213 66.28 0.05 -53.77
CA LYS DA 213 67.50 -0.23 -53.02
C LYS DA 213 67.82 -1.71 -52.99
N ARG DA 214 66.78 -2.53 -52.83
CA ARG DA 214 66.98 -3.98 -52.70
C ARG DA 214 67.01 -4.70 -54.05
N LYS DA 215 65.85 -4.81 -54.69
CA LYS DA 215 65.73 -5.57 -55.93
C LYS DA 215 65.89 -4.70 -57.17
N ILE DA 216 66.02 -3.39 -56.94
CA ILE DA 216 66.14 -2.40 -58.02
C ILE DA 216 65.01 -2.58 -59.04
N SER DA 217 63.78 -2.58 -58.54
CA SER DA 217 62.61 -2.75 -59.39
C SER DA 217 61.52 -1.74 -59.05
N ALA DA 218 61.10 -0.98 -60.05
CA ALA DA 218 60.06 0.04 -59.87
C ALA DA 218 58.70 -0.61 -59.68
N PRO DA 219 58.03 -0.31 -58.56
CA PRO DA 219 56.70 -0.86 -58.24
C PRO DA 219 55.62 -0.34 -59.18
N GLU DA 220 54.72 -1.22 -59.60
CA GLU DA 220 53.64 -0.85 -60.50
C GLU DA 220 52.28 -1.20 -59.91
N SER DA 221 51.38 -0.23 -59.89
CA SER DA 221 50.03 -0.43 -59.39
C SER DA 221 49.04 -0.59 -60.55
N ARG DA 222 48.29 -1.69 -60.53
CA ARG DA 222 47.33 -1.97 -61.59
C ARG DA 222 46.00 -2.43 -60.99
N LEU DA 223 44.90 -1.86 -61.48
CA LEU DA 223 43.59 -2.22 -60.98
C LEU DA 223 43.14 -3.53 -61.60
N THR DA 224 42.95 -4.55 -60.77
CA THR DA 224 42.63 -5.88 -61.29
C THR DA 224 41.13 -6.12 -61.44
N ARG DA 225 40.34 -5.27 -60.81
CA ARG DA 225 38.88 -5.40 -60.80
C ARG DA 225 38.27 -4.26 -59.98
N GLN DA 226 36.99 -4.02 -60.20
CA GLN DA 226 36.27 -3.01 -59.41
C GLN DA 226 34.84 -3.47 -59.07
N SER DA 227 34.51 -3.44 -57.78
CA SER DA 227 33.13 -3.65 -57.35
C SER DA 227 32.60 -2.38 -56.71
N GLY DA 228 31.71 -1.69 -57.41
CA GLY DA 228 31.26 -0.38 -56.97
C GLY DA 228 30.10 -0.37 -55.99
N SER DA 229 30.13 0.60 -55.08
CA SER DA 229 28.98 0.91 -54.23
C SER DA 229 28.83 2.42 -54.12
N THR DA 230 27.69 2.94 -54.56
CA THR DA 230 27.45 4.37 -54.62
C THR DA 230 27.07 4.94 -53.25
N THR DA 231 26.49 4.09 -52.40
CA THR DA 231 25.92 4.57 -51.14
C THR DA 231 26.98 4.91 -50.10
N ALA DA 232 27.67 3.90 -49.58
CA ALA DA 232 28.65 4.14 -48.52
C ALA DA 232 30.05 4.35 -49.09
N LEU DA 233 30.68 3.27 -49.53
CA LEU DA 233 32.01 3.36 -50.14
C LEU DA 233 32.11 2.41 -51.34
N PRO DA 234 32.75 2.87 -52.42
CA PRO DA 234 33.04 1.98 -53.55
C PRO DA 234 34.25 1.10 -53.25
N VAL DA 235 34.30 -0.09 -53.83
CA VAL DA 235 35.40 -1.00 -53.58
C VAL DA 235 36.24 -1.24 -54.84
N TYR DA 236 37.48 -0.75 -54.83
CA TYR DA 236 38.38 -1.01 -55.94
C TYR DA 236 39.45 -2.03 -55.54
N PHE DA 237 39.66 -3.02 -56.41
CA PHE DA 237 40.68 -4.03 -56.17
C PHE DA 237 41.99 -3.64 -56.85
N VAL DA 238 42.97 -3.29 -56.04
CA VAL DA 238 44.24 -2.77 -56.53
C VAL DA 238 45.38 -3.75 -56.30
N GLY DA 239 46.00 -4.18 -57.39
CA GLY DA 239 47.19 -5.00 -57.32
C GLY DA 239 48.45 -4.16 -57.38
N LEU DA 240 49.51 -4.67 -56.78
CA LEU DA 240 50.81 -4.01 -56.76
C LEU DA 240 51.88 -5.05 -57.05
N TYR DA 241 52.65 -4.84 -58.11
CA TYR DA 241 53.58 -5.85 -58.59
C TYR DA 241 54.94 -5.28 -59.03
N CYS DA 242 55.92 -6.17 -59.11
CA CYS DA 242 57.24 -5.83 -59.66
C CYS DA 242 57.72 -6.94 -60.59
N ASP DA 243 58.06 -6.56 -61.82
CA ASP DA 243 58.50 -7.52 -62.84
C ASP DA 243 57.45 -8.61 -63.07
N ARG DA 244 56.21 -8.18 -63.30
CA ARG DA 244 55.09 -9.07 -63.64
C ARG DA 244 54.68 -9.99 -62.49
N LYS DA 245 55.44 -9.98 -61.40
CA LYS DA 245 55.12 -10.80 -60.24
C LYS DA 245 54.37 -9.97 -59.20
N LEU DA 246 53.15 -10.39 -58.88
CA LEU DA 246 52.30 -9.63 -57.96
C LEU DA 246 52.84 -9.68 -56.54
N ILE DA 247 53.12 -8.51 -55.98
CA ILE DA 247 53.56 -8.41 -54.60
C ILE DA 247 52.37 -8.44 -53.63
N ALA DA 248 51.33 -7.70 -53.98
CA ALA DA 248 50.17 -7.58 -53.08
C ALA DA 248 48.89 -7.24 -53.81
N GLU DA 249 47.76 -7.44 -53.15
CA GLU DA 249 46.45 -7.05 -53.66
C GLU DA 249 45.57 -6.56 -52.52
N GLY DA 250 44.76 -5.54 -52.77
CA GLY DA 250 43.84 -5.09 -51.73
C GLY DA 250 42.73 -4.16 -52.17
N PRO DA 251 41.62 -4.19 -51.43
CA PRO DA 251 40.44 -3.34 -51.65
C PRO DA 251 40.63 -1.92 -51.11
N GLY DA 252 39.88 -0.96 -51.65
CA GLY DA 252 39.88 0.38 -51.10
C GLY DA 252 38.63 1.18 -51.42
N GLU DA 253 38.35 2.18 -50.57
CA GLU DA 253 37.22 3.08 -50.79
C GLU DA 253 37.55 4.07 -51.91
N THR DA 254 38.74 4.66 -51.85
CA THR DA 254 39.22 5.52 -52.92
C THR DA 254 40.55 4.98 -53.43
N VAL DA 255 40.93 5.39 -54.64
CA VAL DA 255 42.18 4.93 -55.24
C VAL DA 255 43.38 5.28 -54.38
N LEU DA 256 43.37 6.49 -53.82
CA LEU DA 256 44.45 6.96 -52.97
C LEU DA 256 44.63 6.09 -51.73
N VAL DA 257 43.56 5.93 -50.97
CA VAL DA 257 43.60 5.13 -49.75
C VAL DA 257 43.92 3.66 -50.05
N ALA DA 258 43.37 3.15 -51.14
CA ALA DA 258 43.65 1.78 -51.57
C ALA DA 258 45.14 1.59 -51.83
N GLU DA 259 45.73 2.54 -52.55
CA GLU DA 259 47.17 2.51 -52.83
C GLU DA 259 47.98 2.64 -51.55
N GLU DA 260 47.46 3.42 -50.60
CA GLU DA 260 48.13 3.60 -49.30
C GLU DA 260 48.18 2.30 -48.52
N GLU DA 261 47.04 1.61 -48.44
CA GLU DA 261 46.97 0.35 -47.71
C GLU DA 261 47.77 -0.75 -48.40
N ALA DA 262 47.69 -0.79 -49.73
CA ALA DA 262 48.45 -1.75 -50.51
C ALA DA 262 49.95 -1.54 -50.29
N ALA DA 263 50.36 -0.28 -50.27
CA ALA DA 263 51.75 0.08 -50.03
C ALA DA 263 52.17 -0.24 -48.61
N ARG DA 264 51.22 -0.18 -47.68
CA ARG DA 264 51.49 -0.49 -46.29
C ARG DA 264 51.71 -1.98 -46.07
N VAL DA 265 50.79 -2.79 -46.60
CA VAL DA 265 50.90 -4.23 -46.52
C VAL DA 265 52.17 -4.70 -47.21
N ALA DA 266 52.47 -4.11 -48.37
CA ALA DA 266 53.70 -4.43 -49.08
C ALA DA 266 54.93 -3.94 -48.30
N LEU DA 267 54.75 -2.89 -47.52
CA LEU DA 267 55.83 -2.33 -46.70
C LEU DA 267 56.20 -3.27 -45.57
N ARG DA 268 55.19 -3.83 -44.92
CA ARG DA 268 55.41 -4.77 -43.83
C ARG DA 268 55.81 -6.15 -44.37
N LYS DA 269 55.47 -6.40 -45.63
CA LYS DA 269 55.80 -7.67 -46.27
C LYS DA 269 57.30 -7.78 -46.54
N LEU DA 270 57.91 -6.66 -46.90
CA LEU DA 270 59.34 -6.63 -47.19
C LEU DA 270 60.16 -6.39 -45.92
N PHE DA 271 59.47 -6.23 -44.79
CA PHE DA 271 60.12 -6.01 -43.52
C PHE DA 271 60.87 -7.27 -43.07
N GLY DA 272 60.29 -8.43 -43.36
CA GLY DA 272 60.90 -9.69 -43.00
C GLY DA 272 62.07 -10.04 -43.90
N GLY EA 104 65.59 74.10 8.47
CA GLY EA 104 64.34 73.44 8.18
C GLY EA 104 63.84 72.61 9.35
N LEU EA 105 64.64 71.61 9.73
CA LEU EA 105 64.27 70.73 10.84
C LEU EA 105 64.30 71.47 12.17
N ALA EA 106 65.23 72.40 12.29
CA ALA EA 106 65.36 73.20 13.52
C ALA EA 106 64.13 74.08 13.73
N GLN EA 107 63.68 74.74 12.67
CA GLN EA 107 62.51 75.59 12.74
C GLN EA 107 61.27 74.80 13.12
N ARG EA 108 61.15 73.61 12.52
CA ARG EA 108 60.04 72.70 12.83
C ARG EA 108 60.09 72.31 14.30
N ALA EA 109 61.27 71.96 14.78
CA ALA EA 109 61.46 71.58 16.18
C ALA EA 109 61.07 72.72 17.12
N GLU EA 110 61.40 73.95 16.72
CA GLU EA 110 61.05 75.12 17.50
C GLU EA 110 59.54 75.34 17.50
N ARG EA 111 58.89 75.05 16.38
CA ARG EA 111 57.45 75.16 16.27
C ARG EA 111 56.75 74.09 17.09
N LEU EA 112 57.41 72.96 17.28
CA LEU EA 112 56.86 71.88 18.09
C LEU EA 112 57.01 72.14 19.59
N LYS EA 113 58.21 72.52 20.00
CA LYS EA 113 58.51 72.71 21.41
C LYS EA 113 58.02 74.04 21.98
N LYS EA 114 58.28 75.13 21.26
CA LYS EA 114 58.09 76.46 21.82
C LYS EA 114 56.72 77.09 21.58
N ASN EA 115 55.89 76.44 20.77
CA ASN EA 115 54.55 76.97 20.50
C ASN EA 115 53.59 76.73 21.66
N VAL EA 116 52.59 77.60 21.77
CA VAL EA 116 51.68 77.61 22.92
C VAL EA 116 50.94 76.29 23.15
N ALA EA 117 50.03 75.94 22.26
CA ALA EA 117 49.16 74.77 22.45
C ALA EA 117 49.95 73.47 22.61
N SER EA 118 50.97 73.31 21.77
CA SER EA 118 51.80 72.12 21.79
C SER EA 118 52.50 71.95 23.13
N GLN EA 119 53.16 73.01 23.59
CA GLN EA 119 53.89 72.96 24.86
C GLN EA 119 52.90 72.87 26.03
N LEU EA 120 51.66 73.28 25.81
CA LEU EA 120 50.62 73.14 26.82
C LEU EA 120 50.23 71.67 26.97
N SER EA 121 50.08 70.99 25.84
CA SER EA 121 49.79 69.56 25.86
C SER EA 121 50.96 68.79 26.45
N ILE EA 122 52.17 69.22 26.12
CA ILE EA 122 53.38 68.64 26.70
C ILE EA 122 53.39 68.84 28.21
N ARG EA 123 52.96 70.01 28.66
CA ARG EA 123 52.82 70.28 30.08
C ARG EA 123 51.82 69.33 30.73
N LYS EA 124 50.69 69.12 30.06
CA LYS EA 124 49.67 68.19 30.54
C LYS EA 124 50.26 66.79 30.72
N ILE EA 125 50.91 66.29 29.68
CA ILE EA 125 51.56 64.99 29.72
C ILE EA 125 52.57 64.89 30.86
N ARG EA 126 53.61 65.71 30.81
CA ARG EA 126 54.69 65.70 31.80
C ARG EA 126 54.21 65.83 33.23
N GLU EA 127 53.22 66.71 33.46
CA GLU EA 127 52.68 66.89 34.81
C GLU EA 127 51.87 65.68 35.25
N SER EA 128 51.09 65.12 34.32
CA SER EA 128 50.30 63.93 34.62
C SER EA 128 51.17 62.68 34.67
N ASP EA 129 52.01 62.51 33.66
CA ASP EA 129 52.88 61.34 33.59
C ASP EA 129 54.31 61.75 33.23
N PRO EA 130 55.13 62.04 34.25
CA PRO EA 130 56.53 62.45 34.07
C PRO EA 130 57.41 61.34 33.48
N ASN EA 131 56.92 60.10 33.54
CA ASN EA 131 57.71 58.95 33.08
C ASN EA 131 57.82 58.84 31.56
N PHE EA 132 57.06 59.68 30.85
CA PHE EA 132 57.07 59.63 29.39
C PHE EA 132 58.19 60.50 28.83
N LYS EA 133 58.36 60.48 27.51
CA LYS EA 133 59.39 61.27 26.84
C LYS EA 133 58.91 61.71 25.46
N ILE EA 134 59.33 62.92 25.06
CA ILE EA 134 58.91 63.49 23.78
C ILE EA 134 59.68 62.90 22.61
N LYS EA 135 60.99 62.74 22.78
CA LYS EA 135 61.86 62.29 21.70
C LYS EA 135 61.64 60.82 21.34
N ASP EA 136 61.12 60.05 22.29
CA ASP EA 136 60.90 58.62 22.07
C ASP EA 136 59.59 58.35 21.34
N PHE EA 137 58.73 59.37 21.27
CA PHE EA 137 57.41 59.24 20.65
C PHE EA 137 57.43 58.98 19.13
N PRO EA 138 58.20 59.78 18.35
CA PRO EA 138 58.13 59.59 16.90
C PRO EA 138 58.58 58.21 16.42
N GLU EA 139 59.60 57.63 17.04
CA GLU EA 139 60.12 56.34 16.63
C GLU EA 139 59.15 55.21 16.97
N LYS EA 140 58.60 55.25 18.18
CA LYS EA 140 57.64 54.25 18.62
C LYS EA 140 56.37 54.33 17.77
N ALA EA 141 55.90 55.54 17.54
CA ALA EA 141 54.73 55.76 16.68
C ALA EA 141 55.01 55.29 15.27
N LYS EA 142 56.26 55.43 14.84
CA LYS EA 142 56.69 54.91 13.54
C LYS EA 142 56.57 53.40 13.49
N ASP EA 143 57.02 52.74 14.55
CA ASP EA 143 56.94 51.29 14.66
C ASP EA 143 55.48 50.81 14.64
N ILE EA 144 54.64 51.50 15.40
CA ILE EA 144 53.21 51.17 15.45
C ILE EA 144 52.57 51.43 14.09
N PHE EA 145 53.11 52.40 13.35
CA PHE EA 145 52.63 52.68 12.00
C PHE EA 145 52.98 51.53 11.04
N ILE EA 146 54.21 51.06 11.13
CA ILE EA 146 54.66 49.92 10.33
C ILE EA 146 53.80 48.70 10.63
N GLU EA 147 53.60 48.43 11.91
CA GLU EA 147 52.75 47.32 12.34
C GLU EA 147 51.32 47.50 11.85
N ALA EA 148 50.89 48.76 11.76
CA ALA EA 148 49.55 49.08 11.30
C ALA EA 148 49.38 48.72 9.82
N HIS EA 149 50.32 49.18 9.00
CA HIS EA 149 50.28 48.87 7.57
C HIS EA 149 50.40 47.36 7.35
N LEU EA 150 51.24 46.71 8.16
CA LEU EA 150 51.39 45.27 8.08
C LEU EA 150 50.08 44.56 8.45
N CYS EA 151 49.32 45.17 9.35
CA CYS EA 151 48.01 44.64 9.74
C CYS EA 151 47.01 44.85 8.61
N LEU EA 152 47.17 45.95 7.88
CA LEU EA 152 46.31 46.24 6.73
C LEU EA 152 46.58 45.25 5.60
N ASN EA 153 47.85 44.85 5.46
CA ASN EA 153 48.23 43.90 4.43
C ASN EA 153 47.84 42.46 4.79
N ASN EA 154 48.11 42.08 6.03
CA ASN EA 154 47.81 40.73 6.50
C ASN EA 154 46.32 40.54 6.84
N SER EA 155 45.58 41.65 6.81
CA SER EA 155 44.15 41.66 7.08
C SER EA 155 43.81 41.07 8.45
N ASP EA 156 44.52 41.52 9.48
CA ASP EA 156 44.25 41.09 10.84
C ASP EA 156 43.32 42.09 11.53
N HIS EA 157 42.11 41.65 11.83
CA HIS EA 157 41.09 42.55 12.38
C HIS EA 157 41.28 42.79 13.88
N ASP EA 158 41.63 41.74 14.61
CA ASP EA 158 41.78 41.81 16.06
C ASP EA 158 42.86 42.82 16.47
N ARG EA 159 44.05 42.68 15.90
CA ARG EA 159 45.17 43.56 16.22
C ARG EA 159 44.90 44.98 15.72
N LEU EA 160 44.19 45.09 14.61
CA LEU EA 160 43.84 46.38 14.05
C LEU EA 160 42.91 47.15 14.97
N HIS EA 161 41.93 46.44 15.53
CA HIS EA 161 40.95 47.06 16.42
C HIS EA 161 41.54 47.36 17.79
N THR EA 162 42.21 46.37 18.39
CA THR EA 162 42.74 46.50 19.73
C THR EA 162 43.92 47.47 19.81
N LEU EA 163 44.89 47.28 18.92
CA LEU EA 163 46.12 48.06 18.94
C LEU EA 163 46.01 49.33 18.10
N VAL EA 164 45.75 49.18 16.81
CA VAL EA 164 45.96 50.25 15.85
C VAL EA 164 44.94 51.40 15.92
N THR EA 165 43.68 51.13 15.57
CA THR EA 165 42.72 52.22 15.41
C THR EA 165 41.58 52.21 16.43
N GLU EA 166 41.15 53.40 16.84
CA GLU EA 166 40.02 53.54 17.77
C GLU EA 166 38.97 54.50 17.22
N ASN EA 167 37.79 53.97 16.94
CA ASN EA 167 36.60 54.73 16.52
C ASN EA 167 36.73 55.41 15.16
N CYS EA 168 37.95 55.50 14.64
CA CYS EA 168 38.16 55.99 13.29
C CYS EA 168 38.33 54.83 12.32
N PHE EA 169 38.33 53.61 12.88
CA PHE EA 169 38.48 52.41 12.08
C PHE EA 169 37.32 52.06 11.13
N PRO EA 170 36.04 52.26 11.53
CA PRO EA 170 34.97 51.66 10.72
C PRO EA 170 34.94 52.07 9.24
N ASP EA 171 35.55 53.19 8.89
CA ASP EA 171 35.62 53.59 7.48
C ASP EA 171 36.50 52.62 6.70
N MET EA 172 37.74 52.46 7.14
CA MET EA 172 38.70 51.59 6.49
C MET EA 172 38.30 50.13 6.64
N VAL EA 173 37.69 49.81 7.78
CA VAL EA 173 37.22 48.46 8.06
C VAL EA 173 36.10 48.09 7.10
N TRP EA 174 35.13 48.98 6.94
CA TRP EA 174 34.05 48.75 5.99
C TRP EA 174 34.59 48.70 4.56
N ASP EA 175 35.64 49.47 4.29
CA ASP EA 175 36.28 49.46 2.99
C ASP EA 175 36.85 48.06 2.69
N ILE EA 176 37.70 47.58 3.59
CA ILE EA 176 38.37 46.29 3.42
C ILE EA 176 37.37 45.13 3.44
N ARG EA 177 36.31 45.27 4.23
CA ARG EA 177 35.29 44.22 4.34
C ARG EA 177 34.39 44.20 3.11
N TYR EA 178 34.17 45.36 2.51
CA TYR EA 178 33.46 45.42 1.23
C TYR EA 178 34.35 44.81 0.15
N LYS EA 179 35.65 45.02 0.30
CA LYS EA 179 36.63 44.39 -0.58
C LYS EA 179 36.66 42.89 -0.37
N THR EA 180 36.23 42.45 0.81
CA THR EA 180 36.11 41.03 1.12
C THR EA 180 34.83 40.47 0.49
N VAL EA 181 33.79 41.29 0.50
CA VAL EA 181 32.52 40.93 -0.14
C VAL EA 181 32.74 40.73 -1.64
N ARG EA 182 33.56 41.60 -2.23
CA ARG EA 182 33.91 41.48 -3.64
C ARG EA 182 35.07 40.51 -3.82
N TRP EA 183 35.54 39.94 -2.71
CA TRP EA 183 36.61 38.94 -2.70
C TRP EA 183 37.88 39.48 -3.35
N SER EA 184 38.55 40.40 -2.67
CA SER EA 184 39.76 41.01 -3.21
C SER EA 184 41.00 40.62 -2.42
N PHE EA 185 42.13 40.57 -3.12
CA PHE EA 185 43.42 40.33 -2.48
C PHE EA 185 44.25 41.61 -2.46
N VAL EA 186 44.49 42.13 -1.26
CA VAL EA 186 45.23 43.37 -1.10
C VAL EA 186 46.66 43.12 -0.64
N GLU EA 187 47.62 43.42 -1.51
CA GLU EA 187 49.04 43.28 -1.17
C GLU EA 187 49.74 44.63 -1.25
N SER EA 188 50.27 45.08 -0.12
CA SER EA 188 50.93 46.38 -0.06
C SER EA 188 52.23 46.33 0.74
N LEU EA 189 53.19 47.13 0.32
CA LEU EA 189 54.47 47.22 1.02
C LEU EA 189 54.95 48.66 1.13
N GLU EA 190 55.26 49.10 2.35
CA GLU EA 190 55.75 50.45 2.56
C GLU EA 190 56.90 50.53 3.57
N PRO EA 191 58.05 49.90 3.26
CA PRO EA 191 59.20 49.98 4.17
C PRO EA 191 59.94 51.34 4.31
N PRO EA 192 60.09 52.13 3.23
CA PRO EA 192 61.06 53.23 3.40
C PRO EA 192 60.57 54.40 4.25
N GLN EA 193 61.50 55.20 4.75
CA GLN EA 193 61.19 56.39 5.51
C GLN EA 193 62.25 57.46 5.26
N VAL EA 194 61.80 58.72 5.16
CA VAL EA 194 62.71 59.83 4.89
C VAL EA 194 62.91 60.73 6.11
N VAL EA 195 61.88 61.52 6.43
CA VAL EA 195 61.95 62.45 7.55
C VAL EA 195 60.74 62.30 8.47
N GLN EA 196 61.00 62.10 9.76
CA GLN EA 196 59.92 61.94 10.73
C GLN EA 196 59.78 63.18 11.62
N VAL EA 197 58.69 63.91 11.42
CA VAL EA 197 58.40 65.11 12.22
C VAL EA 197 56.93 65.16 12.62
N ARG EA 198 56.68 65.26 13.92
CA ARG EA 198 55.32 65.37 14.43
C ARG EA 198 54.68 66.70 14.03
N CYS EA 199 53.35 66.75 14.06
CA CYS EA 199 52.64 67.97 13.68
C CYS EA 199 52.19 68.76 14.89
N SER EA 200 51.21 68.23 15.63
CA SER EA 200 50.59 68.98 16.72
C SER EA 200 49.99 68.06 17.77
N SER EA 201 49.22 68.63 18.69
CA SER EA 201 48.53 67.85 19.71
C SER EA 201 47.22 68.51 20.16
N LEU EA 202 46.21 67.68 20.41
CA LEU EA 202 44.92 68.14 20.92
C LEU EA 202 44.43 67.19 22.00
N MET EA 203 44.16 67.71 23.19
CA MET EA 203 43.80 66.86 24.32
C MET EA 203 42.46 67.24 24.96
N ASN EA 204 41.90 66.29 25.71
CA ASN EA 204 40.66 66.51 26.43
C ASN EA 204 40.78 66.03 27.88
N GLN EA 205 40.40 66.89 28.82
CA GLN EA 205 40.56 66.62 30.24
C GLN EA 205 39.49 65.69 30.81
N GLY EA 206 38.25 66.15 30.79
CA GLY EA 206 37.14 65.44 31.40
C GLY EA 206 36.99 63.98 31.04
N ASN EA 207 37.21 63.65 29.78
CA ASN EA 207 37.09 62.28 29.31
C ASN EA 207 38.42 61.54 29.34
N ILE EA 208 39.46 62.22 29.84
CA ILE EA 208 40.82 61.68 29.91
C ILE EA 208 41.25 61.18 28.53
N TYR EA 209 41.15 62.06 27.53
CA TYR EA 209 41.47 61.70 26.15
C TYR EA 209 42.65 62.54 25.65
N GLY EA 210 43.35 62.03 24.65
CA GLY EA 210 44.45 62.77 24.06
C GLY EA 210 44.70 62.39 22.61
N GLN EA 211 45.30 63.31 21.86
CA GLN EA 211 45.63 63.08 20.46
C GLN EA 211 46.91 63.81 20.06
N VAL EA 212 47.74 63.17 19.24
CA VAL EA 212 48.94 63.81 18.71
C VAL EA 212 49.06 63.58 17.20
N THR EA 213 48.98 64.65 16.43
CA THR EA 213 49.12 64.56 14.98
C THR EA 213 50.59 64.51 14.58
N VAL EA 214 50.94 63.50 13.79
CA VAL EA 214 52.31 63.29 13.33
C VAL EA 214 52.35 62.99 11.84
N ARG EA 215 53.24 63.67 11.09
CA ARG EA 215 53.35 63.41 9.67
C ARG EA 215 54.66 62.72 9.31
N MET EA 216 54.62 61.86 8.31
CA MET EA 216 55.85 61.22 7.83
C MET EA 216 55.90 61.13 6.30
N HIS EA 217 57.04 60.68 5.80
CA HIS EA 217 57.28 60.52 4.38
C HIS EA 217 57.58 59.06 4.06
N THR EA 218 56.66 58.40 3.35
CA THR EA 218 56.82 56.98 3.07
C THR EA 218 56.60 56.65 1.60
N ARG EA 219 57.37 55.70 1.10
CA ARG EA 219 57.19 55.22 -0.27
C ARG EA 219 56.31 53.97 -0.27
N GLN EA 220 55.12 54.10 -0.83
CA GLN EA 220 54.12 53.03 -0.77
C GLN EA 220 53.98 52.28 -2.08
N THR EA 221 53.82 50.96 -1.97
CA THR EA 221 53.51 50.12 -3.12
C THR EA 221 52.19 49.39 -2.88
N LEU EA 222 51.18 49.72 -3.69
CA LEU EA 222 49.83 49.20 -3.49
C LEU EA 222 49.35 48.36 -4.67
N ALA EA 223 49.03 47.10 -4.42
CA ALA EA 223 48.53 46.20 -5.44
C ALA EA 223 47.23 45.53 -5.01
N ILE EA 224 46.22 45.58 -5.87
CA ILE EA 224 44.91 45.02 -5.55
C ILE EA 224 44.39 44.09 -6.64
N TYR EA 225 44.01 42.87 -6.25
CA TYR EA 225 43.42 41.90 -7.17
C TYR EA 225 41.95 41.69 -6.82
N ASP EA 226 41.13 41.36 -7.82
CA ASP EA 226 39.69 41.24 -7.57
C ASP EA 226 39.06 39.96 -8.13
N ARG EA 227 38.35 39.27 -7.24
CA ARG EA 227 37.56 38.07 -7.52
C ARG EA 227 38.34 36.96 -8.25
N PHE EA 228 37.65 36.26 -9.14
CA PHE EA 228 38.22 35.16 -9.91
C PHE EA 228 38.95 35.64 -11.15
N GLY EA 229 38.35 36.60 -11.84
CA GLY EA 229 38.86 37.10 -13.10
C GLY EA 229 40.09 37.97 -12.95
N ARG EA 230 40.58 38.08 -11.72
CA ARG EA 230 41.78 38.85 -11.41
C ARG EA 230 41.67 40.29 -11.90
N LEU EA 231 40.60 40.98 -11.51
CA LEU EA 231 40.44 42.37 -11.92
C LEU EA 231 41.50 43.21 -11.21
N MET EA 232 42.31 43.91 -11.99
CA MET EA 232 43.49 44.57 -11.44
C MET EA 232 43.25 46.03 -11.10
N TYR EA 233 43.51 46.37 -9.83
CA TYR EA 233 43.44 47.75 -9.39
C TYR EA 233 44.76 48.15 -8.74
N GLY EA 234 45.23 49.35 -9.04
CA GLY EA 234 46.52 49.81 -8.56
C GLY EA 234 47.64 49.43 -9.49
N GLN EA 235 48.84 49.24 -8.94
CA GLN EA 235 50.00 48.89 -9.75
C GLN EA 235 51.00 48.05 -8.96
N GLU EA 236 51.70 47.16 -9.67
CA GLU EA 236 52.61 46.23 -9.03
C GLU EA 236 54.05 46.75 -9.03
N ASP EA 237 54.68 46.72 -7.85
CA ASP EA 237 56.07 47.09 -7.67
C ASP EA 237 56.39 48.50 -8.15
N VAL EA 238 55.47 49.44 -7.85
CA VAL EA 238 55.69 50.84 -8.21
C VAL EA 238 55.81 51.70 -6.95
N PRO EA 239 56.99 52.32 -6.77
CA PRO EA 239 57.29 53.12 -5.57
C PRO EA 239 56.60 54.49 -5.56
N ARG EA 240 55.34 54.52 -5.17
CA ARG EA 240 54.61 55.77 -5.02
C ARG EA 240 55.21 56.61 -3.89
N ASP EA 241 55.19 57.93 -4.04
CA ASP EA 241 55.69 58.83 -3.01
C ASP EA 241 54.52 59.40 -2.21
N VAL EA 242 54.41 59.00 -0.96
CA VAL EA 242 53.26 59.36 -0.15
C VAL EA 242 53.64 60.12 1.12
N LEU EA 243 52.99 61.27 1.33
CA LEU EA 243 53.14 62.05 2.55
C LEU EA 243 51.90 61.83 3.42
N GLU EA 244 52.09 61.35 4.64
CA GLU EA 244 50.93 60.96 5.45
C GLU EA 244 50.81 61.72 6.77
N TYR EA 245 49.56 61.88 7.21
CA TYR EA 245 49.24 62.49 8.50
C TYR EA 245 48.45 61.51 9.37
N VAL EA 246 49.05 61.07 10.47
CA VAL EA 246 48.40 60.13 11.37
C VAL EA 246 48.32 60.68 12.79
N VAL EA 247 47.12 60.64 13.38
CA VAL EA 247 46.92 61.16 14.73
C VAL EA 247 46.86 60.02 15.75
N PHE EA 248 47.88 59.93 16.58
CA PHE EA 248 47.96 58.88 17.59
C PHE EA 248 47.25 59.31 18.87
N GLU EA 249 46.21 58.58 19.24
CA GLU EA 249 45.41 58.94 20.41
C GLU EA 249 45.85 58.18 21.66
N LYS EA 250 45.77 58.86 22.79
CA LYS EA 250 46.12 58.29 24.08
C LYS EA 250 44.93 58.29 25.03
N HIS EA 251 44.59 57.12 25.56
CA HIS EA 251 43.50 57.00 26.52
C HIS EA 251 43.98 56.25 27.76
N LEU EA 252 43.57 56.71 28.93
CA LEU EA 252 44.04 56.14 30.19
C LEU EA 252 42.97 55.30 30.89
N VAL EA 253 43.20 54.00 30.96
CA VAL EA 253 42.33 53.11 31.72
C VAL EA 253 43.15 52.40 32.81
N ASP EA 254 42.47 51.63 33.65
CA ASP EA 254 43.16 50.91 34.73
C ASP EA 254 44.05 49.75 34.25
N PRO EA 255 43.52 48.80 33.45
CA PRO EA 255 44.36 47.63 33.16
C PRO EA 255 45.59 47.95 32.30
N TYR EA 256 45.41 48.75 31.26
CA TYR EA 256 46.51 49.09 30.35
C TYR EA 256 46.33 50.43 29.68
N GLY EA 257 47.43 51.08 29.35
CA GLY EA 257 47.40 52.34 28.63
C GLY EA 257 47.03 52.12 27.17
N SER EA 258 46.27 53.05 26.60
CA SER EA 258 45.77 52.88 25.24
C SER EA 258 46.42 53.84 24.25
N TRP EA 259 47.23 53.30 23.36
CA TRP EA 259 47.80 54.07 22.25
C TRP EA 259 47.19 53.57 20.94
N ARG EA 260 46.34 54.39 20.33
CA ARG EA 260 45.62 53.93 19.14
C ARG EA 260 45.60 54.98 18.01
N MET EA 261 46.08 54.57 16.85
CA MET EA 261 46.27 55.47 15.71
C MET EA 261 44.96 55.92 15.06
N HIS EA 262 45.04 57.04 14.33
CA HIS EA 262 43.92 57.53 13.52
C HIS EA 262 44.42 57.91 12.14
N GLY EA 263 43.87 57.26 11.11
CA GLY EA 263 44.29 57.51 9.74
C GLY EA 263 43.65 58.74 9.14
N LYS EA 264 44.36 59.37 8.21
CA LYS EA 264 43.85 60.57 7.53
C LYS EA 264 44.46 60.70 6.14
N MET FA 91 25.69 -41.92 55.69
CA MET FA 91 25.27 -41.53 54.35
C MET FA 91 25.02 -42.77 53.49
N HIS FA 92 24.61 -42.55 52.24
CA HIS FA 92 24.33 -43.64 51.32
C HIS FA 92 25.47 -43.78 50.30
N ASN FA 93 25.75 -45.01 49.89
CA ASN FA 93 26.88 -45.25 49.00
C ASN FA 93 26.56 -44.96 47.54
N ILE FA 94 27.27 -43.98 46.99
CA ILE FA 94 27.24 -43.61 45.57
C ILE FA 94 25.89 -43.02 45.16
N PRO FA 95 25.90 -42.07 44.20
CA PRO FA 95 24.67 -41.65 43.53
C PRO FA 95 24.23 -42.62 42.43
N VAL FA 96 22.93 -42.80 42.27
CA VAL FA 96 22.39 -43.62 41.19
C VAL FA 96 21.27 -42.86 40.49
N TYR FA 97 21.45 -42.55 39.21
CA TYR FA 97 20.44 -41.74 38.52
C TYR FA 97 19.69 -42.55 37.49
N ARG FA 98 18.39 -42.77 37.73
CA ARG FA 98 17.54 -43.41 36.73
C ARG FA 98 16.87 -42.32 35.90
N ASP FA 99 17.25 -42.23 34.63
CA ASP FA 99 16.78 -41.14 33.78
C ASP FA 99 15.66 -41.60 32.86
N ILE FA 100 14.63 -40.79 32.74
CA ILE FA 100 13.52 -41.08 31.84
C ILE FA 100 13.45 -40.04 30.72
N THR FA 101 13.79 -40.47 29.51
CA THR FA 101 13.78 -39.58 28.35
C THR FA 101 12.36 -39.35 27.85
N HIS FA 102 11.52 -40.36 28.00
CA HIS FA 102 10.11 -40.27 27.64
C HIS FA 102 9.27 -41.04 28.66
N GLY FA 103 7.99 -41.17 28.40
CA GLY FA 103 7.09 -41.84 29.32
C GLY FA 103 7.41 -43.31 29.53
N ASN FA 104 7.46 -44.07 28.43
CA ASN FA 104 7.69 -45.50 28.51
C ASN FA 104 9.15 -45.89 28.27
N ARG FA 105 10.01 -44.90 28.05
CA ARG FA 105 11.41 -45.17 27.74
C ARG FA 105 12.32 -44.88 28.92
N GLN FA 106 13.29 -45.76 29.15
CA GLN FA 106 14.17 -45.67 30.32
C GLN FA 106 15.65 -45.74 29.94
N MET FA 107 16.47 -44.95 30.62
CA MET FA 107 17.92 -44.98 30.43
C MET FA 107 18.66 -44.84 31.76
N THR FA 108 19.84 -45.41 31.84
CA THR FA 108 20.62 -45.41 33.07
C THR FA 108 21.69 -44.31 33.07
N VAL FA 109 21.88 -43.68 34.22
CA VAL FA 109 22.81 -42.56 34.35
C VAL FA 109 23.63 -42.65 35.65
N ILE FA 110 24.95 -42.57 35.51
CA ILE FA 110 25.85 -42.58 36.66
C ILE FA 110 26.58 -41.24 36.80
N ARG FA 111 26.96 -40.92 38.04
CA ARG FA 111 27.66 -39.68 38.34
C ARG FA 111 29.08 -39.96 38.85
N LYS FA 112 30.02 -39.10 38.47
CA LYS FA 112 31.40 -39.21 38.93
C LYS FA 112 31.51 -39.09 40.44
N VAL FA 113 32.29 -39.98 41.05
CA VAL FA 113 32.47 -39.97 42.50
C VAL FA 113 33.94 -39.82 42.87
N GLU FA 114 34.71 -40.88 42.65
CA GLU FA 114 36.13 -40.88 42.99
C GLU FA 114 37.01 -41.23 41.80
N GLY FA 115 38.17 -40.59 41.71
CA GLY FA 115 39.11 -40.85 40.63
C GLY FA 115 38.65 -40.27 39.31
N ASP FA 116 39.42 -40.54 38.26
CA ASP FA 116 39.08 -40.07 36.92
C ASP FA 116 38.00 -40.95 36.30
N ILE FA 117 37.23 -40.38 35.38
CA ILE FA 117 36.10 -41.07 34.78
C ILE FA 117 36.52 -42.04 33.68
N TRP FA 118 37.63 -41.75 33.02
CA TRP FA 118 38.08 -42.52 31.86
C TRP FA 118 38.37 -43.98 32.19
N ALA FA 119 39.18 -44.20 33.23
CA ALA FA 119 39.56 -45.55 33.64
C ALA FA 119 38.35 -46.38 34.03
N LEU FA 120 37.49 -45.80 34.87
CA LEU FA 120 36.27 -46.46 35.32
C LEU FA 120 35.36 -46.77 34.13
N GLN FA 121 35.36 -45.89 33.14
CA GLN FA 121 34.58 -46.07 31.92
C GLN FA 121 35.11 -47.27 31.14
N LYS FA 122 36.43 -47.36 31.02
CA LYS FA 122 37.06 -48.48 30.33
C LYS FA 122 36.73 -49.80 31.04
N ASP FA 123 36.77 -49.77 32.37
CA ASP FA 123 36.42 -50.94 33.17
C ASP FA 123 34.96 -51.34 32.95
N VAL FA 124 34.09 -50.32 32.84
CA VAL FA 124 32.68 -50.55 32.58
C VAL FA 124 32.48 -51.21 31.21
N GLU FA 125 33.20 -50.72 30.21
CA GLU FA 125 33.15 -51.31 28.88
C GLU FA 125 33.59 -52.76 28.90
N ASP FA 126 34.75 -53.02 29.49
CA ASP FA 126 35.31 -54.36 29.56
C ASP FA 126 34.42 -55.31 30.35
N PHE FA 127 33.69 -54.78 31.33
CA PHE FA 127 32.81 -55.60 32.16
C PHE FA 127 31.49 -55.91 31.45
N LEU FA 128 30.94 -54.92 30.76
CA LEU FA 128 29.64 -55.07 30.13
C LEU FA 128 29.72 -55.69 28.74
N SER FA 129 30.93 -55.79 28.19
CA SER FA 129 31.11 -56.36 26.85
C SER FA 129 30.73 -57.85 26.77
N PRO FA 130 31.22 -58.70 27.71
CA PRO FA 130 30.79 -60.10 27.57
C PRO FA 130 29.31 -60.32 27.88
N LEU FA 131 28.78 -59.58 28.86
CA LEU FA 131 27.42 -59.77 29.31
C LEU FA 131 26.38 -59.29 28.30
N LEU FA 132 26.51 -58.03 27.89
CA LEU FA 132 25.55 -57.43 26.96
C LEU FA 132 25.82 -57.83 25.52
N GLY FA 133 27.07 -58.14 25.22
CA GLY FA 133 27.47 -58.49 23.87
C GLY FA 133 28.04 -57.28 23.13
N LYS FA 134 27.69 -56.10 23.61
CA LYS FA 134 28.18 -54.85 23.04
C LYS FA 134 28.58 -53.88 24.14
N THR FA 135 29.29 -52.82 23.78
CA THR FA 135 29.72 -51.82 24.75
C THR FA 135 29.33 -50.39 24.33
N PRO FA 136 28.05 -50.05 24.48
CA PRO FA 136 27.55 -48.72 24.13
C PRO FA 136 27.71 -47.72 25.27
N VAL FA 137 28.93 -47.55 25.76
CA VAL FA 137 29.19 -46.65 26.88
C VAL FA 137 29.57 -45.25 26.40
N THR FA 138 28.89 -44.24 26.94
CA THR FA 138 29.13 -42.86 26.54
C THR FA 138 29.27 -41.96 27.76
N GLN FA 139 30.32 -41.14 27.78
CA GLN FA 139 30.58 -40.23 28.88
C GLN FA 139 30.31 -38.78 28.48
N VAL FA 140 29.51 -38.08 29.28
CA VAL FA 140 29.24 -36.66 29.04
C VAL FA 140 29.85 -35.81 30.15
N ASN FA 141 30.90 -35.07 29.81
CA ASN FA 141 31.64 -34.30 30.81
C ASN FA 141 31.59 -32.79 30.62
N GLU FA 142 30.83 -32.11 31.46
CA GLU FA 142 30.97 -30.66 31.63
C GLU FA 142 31.03 -30.34 33.12
N VAL FA 143 32.21 -29.91 33.58
CA VAL FA 143 32.45 -29.53 34.99
C VAL FA 143 32.30 -30.73 35.95
N THR FA 144 31.70 -31.80 35.43
CA THR FA 144 31.49 -33.05 36.15
C THR FA 144 31.19 -34.05 35.04
N GLY FA 145 30.76 -35.25 35.36
CA GLY FA 145 30.55 -36.23 34.31
C GLY FA 145 29.39 -37.20 34.52
N THR FA 146 28.93 -37.76 33.42
CA THR FA 146 27.77 -38.63 33.41
C THR FA 146 28.03 -39.86 32.55
N LEU FA 147 27.88 -41.04 33.15
CA LEU FA 147 28.10 -42.28 32.43
C LEU FA 147 26.76 -42.86 31.98
N ARG FA 148 26.60 -43.03 30.67
CA ARG FA 148 25.34 -43.49 30.08
C ARG FA 148 25.55 -44.71 29.19
N VAL FA 149 24.84 -45.78 29.50
CA VAL FA 149 24.93 -47.03 28.74
C VAL FA 149 23.54 -47.51 28.33
N LYS FA 150 23.50 -48.47 27.41
CA LYS FA 150 22.24 -49.03 26.95
C LYS FA 150 21.98 -50.39 27.58
N GLY FA 151 21.03 -50.41 28.53
CA GLY FA 151 20.65 -51.64 29.21
C GLY FA 151 20.31 -51.32 30.65
N TYR FA 152 20.07 -52.34 31.46
CA TYR FA 152 20.00 -52.13 32.90
C TYR FA 152 21.04 -53.00 33.59
N PHE FA 153 22.15 -52.37 33.98
CA PHE FA 153 23.20 -53.01 34.78
C PHE FA 153 23.19 -52.58 36.25
N ASP FA 154 22.22 -51.74 36.62
CA ASP FA 154 22.24 -51.01 37.88
C ASP FA 154 22.52 -51.87 39.12
N GLN FA 155 22.06 -53.11 39.10
CA GLN FA 155 22.36 -54.04 40.20
C GLN FA 155 23.86 -54.31 40.27
N GLN FA 156 24.43 -54.68 39.13
CA GLN FA 156 25.87 -54.92 39.02
C GLN FA 156 26.65 -53.63 39.26
N LEU FA 157 26.02 -52.50 38.92
CA LEU FA 157 26.61 -51.19 39.16
C LEU FA 157 26.80 -50.96 40.66
N LYS FA 158 25.69 -51.08 41.39
CA LYS FA 158 25.71 -50.89 42.84
C LYS FA 158 26.64 -51.89 43.53
N ALA FA 159 26.59 -53.14 43.07
CA ALA FA 159 27.46 -54.18 43.64
C ALA FA 159 28.93 -53.83 43.42
N TRP FA 160 29.26 -53.41 42.20
CA TRP FA 160 30.63 -53.05 41.84
C TRP FA 160 31.13 -51.88 42.68
N LEU FA 161 30.40 -50.78 42.66
CA LEU FA 161 30.82 -49.58 43.37
C LEU FA 161 30.74 -49.73 44.89
N LEU FA 162 30.03 -50.77 45.35
CA LEU FA 162 30.03 -51.12 46.76
C LEU FA 162 31.30 -51.87 47.12
N GLU FA 163 31.49 -53.03 46.50
CA GLU FA 163 32.64 -53.89 46.77
C GLU FA 163 33.97 -53.17 46.56
N LYS FA 164 34.02 -52.27 45.57
CA LYS FA 164 35.23 -51.51 45.32
C LYS FA 164 35.50 -50.47 46.41
N GLY FA 165 34.45 -49.74 46.79
CA GLY FA 165 34.55 -48.78 47.86
C GLY FA 165 34.61 -47.34 47.39
N PHE FA 166 34.71 -47.15 46.07
CA PHE FA 166 34.77 -45.81 45.49
C PHE FA 166 33.44 -45.09 45.63
N UNK GA 1 48.61 -33.24 -9.20
CA UNK GA 1 47.41 -34.05 -9.29
C UNK GA 1 46.18 -33.17 -9.26
N UNK GA 2 45.27 -33.39 -10.20
CA UNK GA 2 44.05 -32.61 -10.26
C UNK GA 2 42.97 -33.29 -9.45
N UNK GA 3 42.09 -32.51 -8.86
CA UNK GA 3 41.05 -33.05 -8.00
C UNK GA 3 39.98 -33.74 -8.80
N UNK GA 4 39.83 -33.35 -10.06
CA UNK GA 4 38.82 -33.94 -10.92
C UNK GA 4 39.15 -35.38 -11.20
N UNK GA 5 40.40 -35.67 -11.52
CA UNK GA 5 40.80 -37.02 -11.87
C UNK GA 5 40.74 -37.90 -10.66
N UNK GA 6 41.02 -37.34 -9.48
CA UNK GA 6 41.06 -38.15 -8.27
C UNK GA 6 39.65 -38.45 -7.81
N UNK GA 7 38.74 -37.50 -7.99
CA UNK GA 7 37.36 -37.73 -7.57
C UNK GA 7 36.68 -38.67 -8.54
N UNK GA 8 36.99 -38.54 -9.82
CA UNK GA 8 36.35 -39.41 -10.80
C UNK GA 8 36.91 -40.79 -10.67
N UNK GA 9 38.19 -40.91 -10.31
CA UNK GA 9 38.80 -42.23 -10.18
C UNK GA 9 38.33 -42.87 -8.90
N UNK GA 10 37.98 -42.06 -7.90
CA UNK GA 10 37.52 -42.62 -6.64
C UNK GA 10 36.09 -43.09 -6.78
N UNK GA 11 35.27 -42.36 -7.53
CA UNK GA 11 33.89 -42.78 -7.72
C UNK GA 11 33.86 -43.97 -8.64
N UNK GA 12 34.76 -44.02 -9.62
CA UNK GA 12 34.77 -45.14 -10.54
C UNK GA 12 35.34 -46.35 -9.85
N UNK GA 13 36.19 -46.15 -8.85
CA UNK GA 13 36.75 -47.28 -8.13
C UNK GA 13 35.74 -47.80 -7.15
N UNK GA 14 34.87 -46.95 -6.63
CA UNK GA 14 33.84 -47.41 -5.72
C UNK GA 14 32.77 -48.14 -6.49
N UNK GA 15 32.46 -47.68 -7.70
CA UNK GA 15 31.45 -48.36 -8.50
C UNK GA 15 31.99 -49.67 -9.03
N UNK GA 16 33.30 -49.72 -9.30
CA UNK GA 16 33.88 -50.94 -9.81
C UNK GA 16 34.04 -51.94 -8.69
N UNK GA 17 34.21 -51.46 -7.47
CA UNK GA 17 34.36 -52.37 -6.34
C UNK GA 17 33.00 -52.91 -5.97
N UNK GA 18 31.96 -52.11 -6.12
CA UNK GA 18 30.62 -52.59 -5.82
C UNK GA 18 30.17 -53.55 -6.89
N UNK GA 19 30.59 -53.32 -8.14
CA UNK GA 19 30.19 -54.22 -9.22
C UNK GA 19 30.97 -55.50 -9.12
N UNK GA 20 32.20 -55.44 -8.62
CA UNK GA 20 33.00 -56.66 -8.50
C UNK GA 20 32.53 -57.46 -7.32
N UNK GA 21 32.05 -56.80 -6.28
CA UNK GA 21 31.55 -57.52 -5.13
C UNK GA 21 30.21 -58.13 -5.45
N UNK GA 22 29.42 -57.47 -6.30
CA UNK GA 22 28.14 -58.02 -6.67
C UNK GA 22 28.32 -59.16 -7.64
N UNK GA 23 29.36 -59.11 -8.46
CA UNK GA 23 29.60 -60.19 -9.41
C UNK GA 23 30.19 -61.38 -8.69
N UNK GA 24 30.97 -61.15 -7.64
CA UNK GA 24 31.54 -62.26 -6.91
C UNK GA 24 30.47 -62.88 -6.05
N UNK GA 25 29.51 -62.08 -5.57
CA UNK GA 25 28.45 -62.62 -4.76
C UNK GA 25 27.46 -63.36 -5.63
N UNK GA 26 27.36 -62.96 -6.90
CA UNK GA 26 26.45 -63.64 -7.81
C UNK GA 26 27.06 -64.93 -8.30
N UNK GA 27 28.38 -64.97 -8.45
CA UNK GA 27 29.02 -66.20 -8.89
C UNK GA 27 29.05 -67.17 -7.74
N UNK GA 28 29.19 -66.67 -6.52
CA UNK GA 28 29.20 -67.54 -5.37
C UNK GA 28 27.79 -68.04 -5.13
N UNK GA 29 26.79 -67.24 -5.48
CA UNK GA 29 25.42 -67.66 -5.30
C UNK GA 29 25.07 -68.70 -6.33
N UNK GA 30 25.59 -68.58 -7.55
CA UNK GA 30 25.27 -69.58 -8.56
C UNK GA 30 25.97 -70.88 -8.27
N UNK GA 31 27.21 -70.81 -7.79
CA UNK GA 31 27.93 -72.03 -7.48
C UNK GA 31 27.28 -72.70 -6.28
N UNK GA 32 26.77 -71.91 -5.35
CA UNK GA 32 26.12 -72.49 -4.19
C UNK GA 32 24.76 -73.01 -4.55
N UNK GA 33 24.18 -72.53 -5.66
CA UNK GA 33 22.88 -73.04 -6.09
C UNK GA 33 23.05 -74.37 -6.77
N UNK GA 34 24.06 -74.50 -7.62
CA UNK GA 34 24.28 -75.78 -8.29
C UNK GA 34 24.73 -76.78 -7.27
N UNK GA 35 25.52 -76.35 -6.30
CA UNK GA 35 25.99 -77.26 -5.28
C UNK GA 35 24.86 -77.65 -4.36
N UNK GA 36 23.91 -76.75 -4.12
CA UNK GA 36 22.81 -77.08 -3.22
C UNK GA 36 21.83 -78.00 -3.88
N UNK GA 37 21.66 -77.88 -5.20
CA UNK GA 37 20.74 -78.76 -5.90
C UNK GA 37 21.34 -80.13 -6.06
N UNK GA 38 22.62 -80.20 -6.38
CA UNK GA 38 23.27 -81.50 -6.53
C UNK GA 38 23.36 -82.18 -5.19
N UNK GA 39 23.52 -81.40 -4.12
CA UNK GA 39 23.62 -81.98 -2.80
C UNK GA 39 22.26 -82.30 -2.26
N UNK GA 40 21.21 -81.75 -2.86
CA UNK GA 40 19.85 -82.08 -2.43
C UNK GA 40 19.41 -83.36 -3.09
N UNK GA 41 19.79 -83.57 -4.35
CA UNK GA 41 19.47 -84.84 -4.99
C UNK GA 41 20.34 -85.91 -4.36
N UNK GA 42 21.56 -85.55 -4.01
CA UNK GA 42 22.44 -86.51 -3.36
C UNK GA 42 21.96 -86.75 -1.96
N UNK GA 43 21.23 -85.80 -1.37
CA UNK GA 43 20.73 -85.98 -0.02
C UNK GA 43 19.53 -86.90 -0.05
N UNK GA 44 18.74 -86.84 -1.12
CA UNK GA 44 17.59 -87.73 -1.21
C UNK GA 44 18.06 -89.13 -1.49
N UNK GA 45 19.06 -89.28 -2.36
CA UNK GA 45 19.55 -90.62 -2.68
C UNK GA 45 20.28 -91.21 -1.49
N UNK GA 46 20.97 -90.38 -0.73
CA UNK GA 46 21.72 -90.89 0.40
C UNK GA 46 20.79 -91.20 1.54
N UNK GA 47 19.66 -90.49 1.62
CA UNK GA 47 18.70 -90.76 2.69
C UNK GA 47 17.96 -92.02 2.37
N UNK GA 48 17.68 -92.28 1.10
CA UNK GA 48 16.99 -93.51 0.75
C UNK GA 48 17.92 -94.69 0.90
N UNK GA 49 19.19 -94.52 0.57
CA UNK GA 49 20.13 -95.62 0.69
C UNK GA 49 20.46 -95.90 2.13
N UNK GA 50 20.45 -94.87 2.97
CA UNK GA 50 20.76 -95.07 4.38
C UNK GA 50 19.56 -95.67 5.08
N UNK GA 51 18.36 -95.31 4.64
CA UNK GA 51 17.16 -95.84 5.26
C UNK GA 51 16.95 -97.25 4.81
N UNK GA 52 17.50 -97.62 3.65
CA UNK GA 52 17.37 -99.00 3.20
C UNK GA 52 18.46 -99.85 3.78
N UNK GA 53 19.60 -99.26 4.11
CA UNK GA 53 20.69 -100.03 4.66
C UNK GA 53 20.54 -100.21 6.15
N UNK GA 54 19.83 -99.30 6.81
CA UNK GA 54 19.66 -99.39 8.26
C UNK GA 54 18.70 -100.50 8.61
N UNK GA 55 17.70 -100.74 7.77
CA UNK GA 55 16.74 -101.81 8.02
C UNK GA 55 16.92 -102.91 7.01
N UNK GA 56 17.29 -104.09 7.49
CA UNK GA 56 17.51 -105.23 6.62
C UNK GA 56 16.97 -106.48 7.24
N GLN HA 67 -5.78 -84.78 68.99
CA GLN HA 67 -4.97 -83.85 68.21
C GLN HA 67 -4.10 -82.99 69.12
N ALA HA 68 -3.04 -82.41 68.56
CA ALA HA 68 -2.13 -81.57 69.32
C ALA HA 68 -2.37 -80.09 69.03
N ASN HA 69 -1.63 -79.24 69.73
CA ASN HA 69 -1.78 -77.79 69.57
C ASN HA 69 -0.44 -77.09 69.36
N ASP HA 70 0.43 -77.18 70.36
CA ASP HA 70 1.70 -76.46 70.37
C ASP HA 70 2.60 -76.73 69.17
N ILE HA 71 2.59 -77.97 68.68
CA ILE HA 71 3.44 -78.38 67.55
C ILE HA 71 4.90 -78.03 67.80
N PRO HA 72 5.59 -78.84 68.63
CA PRO HA 72 6.94 -78.58 69.12
C PRO HA 72 7.98 -78.61 68.01
N VAL HA 73 8.07 -77.50 67.28
CA VAL HA 73 8.97 -77.33 66.13
C VAL HA 73 10.41 -77.80 66.41
N ASP HA 74 10.90 -77.55 67.62
CA ASP HA 74 12.26 -77.92 68.00
C ASP HA 74 12.54 -79.41 67.78
N ARG HA 75 11.48 -80.22 67.78
CA ARG HA 75 11.61 -81.65 67.48
C ARG HA 75 11.69 -81.90 65.98
N LEU HA 76 11.29 -80.92 65.18
CA LEU HA 76 11.23 -81.08 63.73
C LEU HA 76 12.43 -80.43 63.05
N THR HA 77 12.44 -80.49 61.72
CA THR HA 77 13.50 -79.85 60.94
C THR HA 77 12.91 -78.90 59.90
N ILE HA 78 13.43 -77.68 59.83
CA ILE HA 78 12.91 -76.67 58.92
C ILE HA 78 13.94 -76.24 57.89
N SER HA 79 13.52 -76.20 56.62
CA SER HA 79 14.37 -75.70 55.55
C SER HA 79 13.60 -74.68 54.70
N TYR HA 80 14.29 -73.62 54.29
CA TYR HA 80 13.66 -72.56 53.50
C TYR HA 80 14.17 -72.54 52.07
N CYS HA 81 13.26 -72.36 51.12
CA CYS HA 81 13.63 -72.27 49.71
C CYS HA 81 12.92 -71.10 49.03
N ARG HA 82 13.68 -70.13 48.54
CA ARG HA 82 13.09 -68.94 47.94
C ARG HA 82 13.41 -68.84 46.46
N SER HA 83 12.55 -68.15 45.70
CA SER HA 83 12.83 -67.98 44.28
C SER HA 83 12.65 -66.53 43.83
N SER HA 84 13.15 -66.22 42.64
CA SER HA 84 13.06 -64.86 42.10
C SER HA 84 12.56 -64.87 40.66
N GLY HA 85 12.08 -63.72 40.20
CA GLY HA 85 11.57 -63.58 38.85
C GLY HA 85 11.38 -62.13 38.44
N LYS HA 93 7.04 -62.61 39.93
CA LYS HA 93 6.46 -62.97 41.22
C LYS HA 93 7.52 -63.50 42.18
N VAL HA 94 7.54 -62.97 43.39
CA VAL HA 94 8.49 -63.39 44.41
C VAL HA 94 7.84 -64.35 45.41
N ASN HA 95 8.39 -65.56 45.49
CA ASN HA 95 7.81 -66.59 46.35
C ASN HA 95 8.79 -67.15 47.38
N SER HA 96 8.27 -67.34 48.60
CA SER HA 96 9.02 -67.93 49.70
C SER HA 96 8.38 -69.25 50.14
N LYS HA 97 9.09 -70.34 49.91
CA LYS HA 97 8.59 -71.69 50.21
C LYS HA 97 9.18 -72.25 51.49
N ALA HA 98 8.30 -72.69 52.39
CA ALA HA 98 8.73 -73.28 53.65
C ALA HA 98 8.59 -74.80 53.63
N GLU HA 99 9.60 -75.48 54.14
CA GLU HA 99 9.61 -76.94 54.14
C GLU HA 99 9.85 -77.52 55.53
N VAL HA 100 8.99 -78.45 55.94
CA VAL HA 100 9.11 -79.11 57.24
C VAL HA 100 9.30 -80.62 57.08
N ARG HA 101 10.33 -81.15 57.73
CA ARG HA 101 10.64 -82.57 57.66
C ARG HA 101 10.89 -83.15 59.05
N PHE HA 102 10.25 -84.27 59.36
CA PHE HA 102 10.48 -84.95 60.63
C PHE HA 102 10.12 -86.43 60.58
N HIS HA 103 10.62 -87.16 61.58
CA HIS HA 103 10.39 -88.60 61.69
C HIS HA 103 9.05 -88.88 62.37
N LEU HA 104 8.21 -89.65 61.69
CA LEU HA 104 6.87 -89.96 62.18
C LEU HA 104 6.90 -90.92 63.37
N ALA HA 105 7.60 -92.04 63.21
CA ALA HA 105 7.64 -93.08 64.23
C ALA HA 105 8.45 -92.66 65.46
N SER HA 106 9.30 -91.66 65.30
CA SER HA 106 10.14 -91.18 66.38
C SER HA 106 9.49 -90.03 67.15
N ALA HA 107 8.27 -89.67 66.74
CA ALA HA 107 7.55 -88.59 67.39
C ALA HA 107 6.76 -89.08 68.59
N ASP HA 108 7.09 -88.57 69.76
CA ASP HA 108 6.41 -88.95 70.99
C ASP HA 108 5.28 -87.97 71.33
N TRP HA 109 5.13 -86.94 70.51
CA TRP HA 109 4.10 -85.93 70.72
C TRP HA 109 2.83 -86.27 69.94
N ILE HA 110 2.85 -87.43 69.27
CA ILE HA 110 1.70 -87.89 68.50
C ILE HA 110 1.18 -89.21 69.08
N ALA HA 111 -0.13 -89.39 69.06
CA ALA HA 111 -0.75 -90.60 69.59
C ALA HA 111 -0.38 -91.82 68.76
N GLU HA 112 -0.51 -93.00 69.37
CA GLU HA 112 -0.13 -94.25 68.71
C GLU HA 112 -0.92 -94.56 67.43
N PRO HA 113 -2.26 -94.53 67.47
CA PRO HA 113 -2.97 -94.84 66.22
C PRO HA 113 -2.80 -93.76 65.16
N VAL HA 114 -2.69 -92.50 65.59
CA VAL HA 114 -2.57 -91.37 64.69
C VAL HA 114 -1.32 -91.48 63.82
N ARG HA 115 -0.20 -91.86 64.44
CA ARG HA 115 1.06 -92.06 63.74
C ARG HA 115 0.90 -93.05 62.58
N LEU HA 116 0.55 -94.29 62.92
CA LEU HA 116 0.35 -95.34 61.93
C LEU HA 116 -0.69 -94.95 60.89
N LYS HA 117 -1.65 -94.10 61.28
CA LYS HA 117 -2.65 -93.61 60.35
C LYS HA 117 -2.02 -92.68 59.32
N LEU HA 118 -1.14 -91.80 59.79
CA LEU HA 118 -0.41 -90.89 58.92
C LEU HA 118 0.53 -91.65 58.00
N ALA HA 119 1.01 -92.80 58.46
CA ALA HA 119 1.95 -93.62 57.71
C ALA HA 119 1.26 -94.37 56.57
N VAL HA 120 -0.07 -94.39 56.60
CA VAL HA 120 -0.84 -95.10 55.59
C VAL HA 120 -1.60 -94.15 54.66
N LYS HA 121 -2.55 -93.42 55.22
CA LYS HA 121 -3.40 -92.52 54.44
C LYS HA 121 -2.60 -91.37 53.82
N HIS HA 122 -1.69 -90.81 54.62
CA HIS HA 122 -0.91 -89.65 54.20
C HIS HA 122 0.44 -90.03 53.60
N LYS HA 123 0.62 -91.33 53.37
CA LYS HA 123 1.87 -91.88 52.86
C LYS HA 123 2.34 -91.23 51.54
N ASN HA 124 1.41 -90.57 50.85
CA ASN HA 124 1.73 -89.84 49.63
C ASN HA 124 2.85 -88.82 49.83
N ARG HA 125 2.97 -88.30 51.06
CA ARG HA 125 4.00 -87.34 51.39
C ARG HA 125 5.25 -88.01 51.97
N ILE HA 126 5.22 -89.35 52.05
CA ILE HA 126 6.29 -90.11 52.67
C ILE HA 126 7.28 -90.66 51.65
N ASN HA 127 8.56 -90.65 52.00
CA ASN HA 127 9.63 -91.14 51.15
C ASN HA 127 10.40 -92.24 51.85
N ARG HA 128 11.22 -92.98 51.11
CA ARG HA 128 12.01 -94.06 51.72
C ARG HA 128 13.13 -93.50 52.59
N SER HA 129 13.62 -92.30 52.25
CA SER HA 129 14.74 -91.71 52.97
C SER HA 129 14.32 -90.80 54.12
N GLY HA 130 13.03 -90.51 54.22
CA GLY HA 130 12.52 -89.68 55.30
C GLY HA 130 11.04 -89.92 55.53
N GLU HA 131 10.57 -89.63 56.74
CA GLU HA 131 9.20 -89.97 57.10
C GLU HA 131 8.17 -88.96 56.60
N LEU HA 132 8.12 -87.79 57.21
CA LEU HA 132 7.14 -86.80 56.79
C LEU HA 132 7.77 -85.49 56.35
N ILE HA 133 7.55 -85.15 55.08
CA ILE HA 133 8.05 -83.91 54.50
C ILE HA 133 6.92 -83.15 53.80
N LEU HA 134 6.68 -81.92 54.23
CA LEU HA 134 5.61 -81.11 53.64
C LEU HA 134 6.09 -79.69 53.34
N THR HA 135 5.64 -79.14 52.22
CA THR HA 135 6.06 -77.82 51.79
C THR HA 135 4.86 -76.91 51.52
N SER HA 136 4.96 -75.64 51.94
CA SER HA 136 3.90 -74.68 51.71
C SER HA 136 4.44 -73.27 51.48
N GLU HA 137 3.82 -72.55 50.55
CA GLU HA 137 4.15 -71.15 50.31
C GLU HA 137 2.91 -70.30 50.02
N CYS HA 138 2.69 -69.27 50.83
CA CYS HA 138 1.65 -68.30 50.55
C CYS HA 138 2.18 -66.87 50.69
N SER HA 139 2.45 -66.46 51.93
CA SER HA 139 3.00 -65.15 52.21
C SER HA 139 4.50 -65.10 51.96
N ARG HA 140 5.04 -63.91 51.73
CA ARG HA 140 6.47 -63.73 51.52
C ARG HA 140 7.25 -64.05 52.79
N TYR HA 141 6.57 -64.03 53.93
CA TYR HA 141 7.21 -64.31 55.21
C TYR HA 141 7.50 -65.80 55.40
N GLN HA 142 8.43 -66.10 56.31
CA GLN HA 142 8.82 -67.47 56.60
C GLN HA 142 7.83 -68.17 57.54
N PHE HA 143 7.69 -67.66 58.76
CA PHE HA 143 6.91 -68.32 59.79
C PHE HA 143 5.41 -68.34 59.48
N ARG HA 144 5.00 -67.57 58.47
CA ARG HA 144 3.61 -67.60 58.02
C ARG HA 144 3.35 -68.91 57.27
N ASN HA 145 4.20 -69.17 56.28
CA ASN HA 145 4.13 -70.42 55.51
C ASN HA 145 4.43 -71.61 56.42
N LEU HA 146 5.33 -71.39 57.37
CA LEU HA 146 5.64 -72.39 58.38
C LEU HA 146 4.39 -72.71 59.21
N ALA HA 147 3.64 -71.66 59.54
CA ALA HA 147 2.40 -71.82 60.29
C ALA HA 147 1.36 -72.54 59.44
N ASP HA 148 1.44 -72.35 58.13
CA ASP HA 148 0.56 -73.08 57.22
C ASP HA 148 0.92 -74.57 57.24
N CYS HA 149 2.21 -74.86 57.27
CA CYS HA 149 2.69 -76.24 57.35
C CYS HA 149 2.23 -76.90 58.64
N LEU HA 150 2.43 -76.21 59.76
CA LEU HA 150 2.04 -76.74 61.06
C LEU HA 150 0.52 -76.91 61.14
N GLN HA 151 -0.21 -76.02 60.46
CA GLN HA 151 -1.65 -76.11 60.41
C GLN HA 151 -2.07 -77.36 59.64
N LYS HA 152 -1.38 -77.62 58.54
CA LYS HA 152 -1.61 -78.84 57.77
C LYS HA 152 -1.34 -80.07 58.63
N LEU HA 153 -0.28 -80.00 59.42
CA LEU HA 153 0.04 -81.07 60.36
C LEU HA 153 -1.12 -81.29 61.34
N ARG HA 154 -1.62 -80.20 61.90
CA ARG HA 154 -2.73 -80.25 62.85
C ARG HA 154 -3.97 -80.87 62.21
N ASP HA 155 -4.21 -80.54 60.95
CA ASP HA 155 -5.36 -81.07 60.23
C ASP HA 155 -5.23 -82.56 59.96
N MET HA 156 -4.03 -82.98 59.55
CA MET HA 156 -3.77 -84.40 59.28
C MET HA 156 -3.90 -85.23 60.55
N ILE HA 157 -3.36 -84.70 61.65
CA ILE HA 157 -3.46 -85.37 62.94
C ILE HA 157 -4.90 -85.43 63.42
N ALA HA 158 -5.64 -84.33 63.25
CA ALA HA 158 -7.03 -84.26 63.69
C ALA HA 158 -7.92 -85.23 62.92
N GLU HA 159 -7.71 -85.30 61.60
CA GLU HA 159 -8.51 -86.18 60.76
C GLU HA 159 -8.11 -87.64 60.98
N ALA HA 160 -6.87 -87.87 61.41
CA ALA HA 160 -6.42 -89.23 61.70
C ALA HA 160 -6.98 -89.72 63.04
N SER HA 161 -7.02 -88.83 64.03
CA SER HA 161 -7.46 -89.19 65.38
C SER HA 161 -8.95 -89.55 65.42
N GLN HA 162 -9.78 -88.63 64.92
CA GLN HA 162 -11.23 -88.79 64.96
C GLN HA 162 -11.92 -87.63 64.25
N PRO HA 163 -13.02 -87.93 63.53
CA PRO HA 163 -13.78 -86.91 62.81
C PRO HA 163 -14.56 -85.99 63.75
N UNK IA 1 -75.07 93.78 30.27
CA UNK IA 1 -74.71 92.44 30.70
C UNK IA 1 -75.39 91.42 29.83
N UNK IA 2 -76.34 91.87 29.01
CA UNK IA 2 -77.07 90.98 28.14
C UNK IA 2 -76.27 90.69 26.90
N UNK IA 3 -75.19 91.43 26.70
CA UNK IA 3 -74.36 91.25 25.52
C UNK IA 3 -73.31 90.18 25.76
N UNK IA 4 -72.57 90.27 26.85
CA UNK IA 4 -71.49 89.34 27.10
C UNK IA 4 -72.02 88.00 27.52
N UNK IA 5 -73.29 87.94 27.91
CA UNK IA 5 -73.88 86.69 28.35
C UNK IA 5 -74.10 85.77 27.18
N UNK IA 6 -74.39 86.31 26.01
CA UNK IA 6 -74.66 85.48 24.85
C UNK IA 6 -73.36 84.96 24.28
N UNK IA 7 -72.30 85.74 24.39
CA UNK IA 7 -71.01 85.31 23.88
C UNK IA 7 -70.41 84.32 24.83
N UNK IA 8 -70.68 84.47 26.12
CA UNK IA 8 -70.15 83.54 27.09
C UNK IA 8 -70.92 82.25 27.00
N UNK IA 9 -72.19 82.33 26.63
CA UNK IA 9 -73.00 81.13 26.52
C UNK IA 9 -72.64 80.41 25.24
N UNK IA 10 -72.21 81.13 24.21
CA UNK IA 10 -71.83 80.49 22.97
C UNK IA 10 -70.46 79.86 23.12
N UNK IA 11 -69.58 80.49 23.88
CA UNK IA 11 -68.25 79.91 24.08
C UNK IA 11 -68.36 78.72 25.01
N UNK IA 12 -69.29 78.76 25.96
CA UNK IA 12 -69.45 77.64 26.85
C UNK IA 12 -70.13 76.51 26.12
N UNK IA 13 -70.94 76.83 25.12
CA UNK IA 13 -71.59 75.79 24.36
C UNK IA 13 -70.59 75.15 23.44
N UNK IA 14 -69.61 75.93 22.96
CA UNK IA 14 -68.60 75.37 22.08
C UNK IA 14 -67.63 74.52 22.86
N UNK IA 15 -67.33 74.91 24.10
CA UNK IA 15 -66.44 74.11 24.92
C UNK IA 15 -67.12 72.86 25.39
N UNK IA 16 -68.43 72.93 25.60
CA UNK IA 16 -69.17 71.76 26.05
C UNK IA 16 -69.35 70.80 24.91
N UNK IA 17 -69.45 71.30 23.69
CA UNK IA 17 -69.60 70.41 22.56
C UNK IA 17 -68.26 69.79 22.21
N UNK IA 18 -67.16 70.51 22.46
CA UNK IA 18 -65.85 69.92 22.21
C UNK IA 18 -65.55 68.89 23.26
N UNK IA 19 -66.00 69.10 24.49
CA UNK IA 19 -65.74 68.13 25.55
C UNK IA 19 -66.62 66.92 25.37
N UNK IA 20 -67.82 67.10 24.83
CA UNK IA 20 -68.70 65.97 24.62
C UNK IA 20 -68.24 65.17 23.43
N UNK IA 21 -67.66 65.85 22.44
CA UNK IA 21 -67.18 65.14 21.25
C UNK IA 21 -65.89 64.44 21.58
N UNK IA 22 -65.15 64.94 22.57
CA UNK IA 22 -63.90 64.29 22.95
C UNK IA 22 -64.19 63.15 23.90
N UNK IA 23 -65.30 63.21 24.61
CA UNK IA 23 -65.65 62.13 25.53
C UNK IA 23 -66.34 61.01 24.80
N UNK IA 24 -67.03 61.33 23.71
CA UNK IA 24 -67.73 60.30 22.96
C UNK IA 24 -66.77 59.52 22.10
N UNK IA 25 -65.66 60.13 21.72
CA UNK IA 25 -64.68 59.46 20.87
C UNK IA 25 -63.74 58.66 21.72
N UNK IA 26 -80.41 76.10 59.32
CA UNK IA 26 -80.09 77.46 58.91
C UNK IA 26 -80.16 77.59 57.41
N UNK IA 27 -79.70 78.73 56.91
CA UNK IA 27 -79.78 79.02 55.48
C UNK IA 27 -78.67 78.37 54.70
N UNK IA 28 -77.47 78.32 55.29
CA UNK IA 28 -76.34 77.75 54.59
C UNK IA 28 -76.50 76.25 54.52
N UNK IA 29 -77.14 75.67 55.54
CA UNK IA 29 -77.32 74.23 55.57
C UNK IA 29 -78.41 73.86 54.59
N UNK IA 30 -79.37 74.75 54.37
CA UNK IA 30 -80.46 74.47 53.47
C UNK IA 30 -79.98 74.65 52.06
N UNK IA 31 -79.03 75.55 51.84
CA UNK IA 31 -78.49 75.74 50.50
C UNK IA 31 -77.55 74.60 50.16
N UNK IA 32 -76.82 74.09 51.15
CA UNK IA 32 -75.91 72.99 50.88
C UNK IA 32 -76.70 71.73 50.70
N UNK IA 33 -77.84 71.61 51.39
CA UNK IA 33 -78.66 70.42 51.25
C UNK IA 33 -79.40 70.47 49.94
N UNK IA 34 -79.69 71.67 49.44
CA UNK IA 34 -80.37 71.79 48.17
C UNK IA 34 -79.41 71.52 47.04
N UNK IA 35 -78.15 71.90 47.21
CA UNK IA 35 -77.17 71.62 46.17
C UNK IA 35 -76.82 70.16 46.16
N UNK IA 36 -76.80 69.52 47.33
CA UNK IA 36 -76.49 68.10 47.37
C UNK IA 36 -77.65 67.31 46.85
N UNK IA 37 -78.87 67.81 47.03
CA UNK IA 37 -80.04 67.10 46.54
C UNK IA 37 -80.15 67.26 45.05
N UNK IA 38 -79.69 68.41 44.53
CA UNK IA 38 -79.74 68.62 43.09
C UNK IA 38 -78.66 67.81 42.41
N UNK IA 39 -77.52 67.64 43.07
CA UNK IA 39 -76.46 66.83 42.48
C UNK IA 39 -76.81 65.37 42.55
N UNK IA 40 -77.53 64.96 43.59
CA UNK IA 40 -77.91 63.56 43.71
C UNK IA 40 -79.03 63.26 42.75
N UNK IA 41 -79.89 64.24 42.45
CA UNK IA 41 -80.97 64.01 41.52
C UNK IA 41 -80.42 63.99 40.11
N UNK IA 42 -79.40 64.78 39.84
CA UNK IA 42 -78.82 64.79 38.51
C UNK IA 42 -78.02 63.53 38.29
N UNK IA 43 -77.40 63.00 39.34
CA UNK IA 43 -76.64 61.78 39.19
C UNK IA 43 -77.57 60.60 39.06
N UNK IA 44 -78.73 60.65 39.71
CA UNK IA 44 -79.67 59.55 39.61
C UNK IA 44 -80.35 59.58 38.28
N UNK IA 45 -80.56 60.76 37.71
CA UNK IA 45 -81.20 60.84 36.41
C UNK IA 45 -80.21 60.43 35.34
N UNK IA 46 -78.94 60.75 35.54
CA UNK IA 46 -77.94 60.39 34.55
C UNK IA 46 -77.65 58.91 34.63
N UNK IA 47 -77.86 58.30 35.78
CA UNK IA 47 -77.62 56.87 35.93
C UNK IA 47 -78.83 56.10 35.49
N UNK IA 48 -80.00 56.72 35.49
CA UNK IA 48 -81.19 56.03 35.03
C UNK IA 48 -81.32 56.16 33.53
N UNK IA 49 -80.73 57.19 32.95
CA UNK IA 49 -80.80 57.39 31.51
C UNK IA 49 -79.75 56.58 30.81
N UNK IA 50 -78.73 56.14 31.54
CA UNK IA 50 -77.66 55.36 30.94
C UNK IA 50 -78.04 53.91 30.89
N UNK IA 51 -60.80 65.21 15.59
CA UNK IA 51 -61.68 65.93 16.50
C UNK IA 51 -61.83 67.35 16.04
N UNK IA 52 -61.15 67.73 14.97
CA UNK IA 52 -61.23 69.08 14.46
C UNK IA 52 -62.45 69.22 13.57
N UNK IA 53 -62.85 68.14 12.92
CA UNK IA 53 -63.99 68.18 12.02
C UNK IA 53 -65.27 68.26 12.80
N UNK IA 54 -65.32 67.58 13.95
CA UNK IA 54 -66.51 67.59 14.77
C UNK IA 54 -66.63 68.92 15.46
N UNK IA 55 -65.51 69.53 15.81
CA UNK IA 55 -65.54 70.81 16.48
C UNK IA 55 -65.89 71.89 15.49
N UNK IA 56 -65.48 71.73 14.23
CA UNK IA 56 -65.81 72.73 13.23
C UNK IA 56 -67.25 72.59 12.83
N UNK IA 57 -67.79 71.37 12.85
CA UNK IA 57 -69.19 71.18 12.48
C UNK IA 57 -70.09 71.65 13.59
N UNK IA 58 -69.65 71.51 14.84
CA UNK IA 58 -70.48 71.97 15.95
C UNK IA 58 -70.40 73.47 16.06
N UNK IA 59 -69.26 74.06 15.70
CA UNK IA 59 -69.14 75.50 15.76
C UNK IA 59 -69.92 76.12 14.63
N UNK IA 60 -70.01 75.41 13.50
CA UNK IA 60 -70.76 75.94 12.37
C UNK IA 60 -72.24 75.79 12.64
N UNK IA 61 -72.63 74.75 13.35
CA UNK IA 61 -74.05 74.57 13.65
C UNK IA 61 -74.48 75.55 14.71
N UNK IA 62 -73.59 75.88 15.64
CA UNK IA 62 -73.95 76.84 16.68
C UNK IA 62 -73.97 78.23 16.10
N UNK IA 63 -73.10 78.50 15.12
CA UNK IA 63 -73.06 79.83 14.53
C UNK IA 63 -74.22 79.98 13.58
N UNK IA 64 -74.74 78.88 13.04
CA UNK IA 64 -75.88 78.97 12.14
C UNK IA 64 -77.16 79.00 12.93
N UNK IA 65 -77.13 78.50 14.16
CA UNK IA 65 -78.33 78.53 14.99
C UNK IA 65 -78.43 79.87 15.70
N UNK IA 66 -77.30 80.52 15.94
CA UNK IA 66 -77.32 81.81 16.62
C UNK IA 66 -77.70 82.91 15.67
N UNK IA 67 -77.48 82.71 14.37
CA UNK IA 67 -77.80 83.72 13.38
C UNK IA 67 -79.25 83.60 12.98
N UNK IA 68 -82.01 71.77 16.23
CA UNK IA 68 -82.27 73.18 16.46
C UNK IA 68 -83.05 73.36 17.75
N UNK IA 69 -83.69 72.30 18.21
CA UNK IA 69 -84.45 72.38 19.44
C UNK IA 69 -83.53 72.20 20.62
N UNK IA 70 -82.44 71.47 20.41
CA UNK IA 70 -81.48 71.22 21.48
C UNK IA 70 -80.69 72.47 21.77
N UNK IA 71 -80.43 73.26 20.74
CA UNK IA 71 -79.64 74.47 20.93
C UNK IA 71 -80.48 75.54 21.55
N UNK IA 72 -81.78 75.53 21.26
CA UNK IA 72 -82.67 76.54 21.83
C UNK IA 72 -82.96 76.16 23.26
N UNK IA 73 -83.00 74.87 23.56
CA UNK IA 73 -83.25 74.45 24.93
C UNK IA 73 -82.02 74.67 25.77
N UNK IA 74 -80.84 74.55 25.16
CA UNK IA 74 -79.61 74.75 25.91
C UNK IA 74 -79.38 76.23 26.12
N UNK IA 75 -79.81 77.06 25.18
CA UNK IA 75 -79.64 78.49 25.33
C UNK IA 75 -80.65 79.01 26.33
N UNK IA 76 -81.84 78.41 26.36
CA UNK IA 76 -82.86 78.86 27.28
C UNK IA 76 -82.54 78.37 28.67
N UNK IA 77 -81.80 77.27 28.78
CA UNK IA 77 -81.43 76.76 30.09
C UNK IA 77 -80.22 77.49 30.60
N UNK IA 78 -79.40 78.01 29.70
CA UNK IA 78 -78.22 78.75 30.12
C UNK IA 78 -78.58 80.17 30.44
N UNK IA 79 -79.65 80.70 29.86
CA UNK IA 79 -80.07 82.06 30.14
C UNK IA 79 -80.82 82.13 31.44
N UNK IA 80 -81.48 81.04 31.82
CA UNK IA 80 -82.25 81.01 33.05
C UNK IA 80 -81.37 80.60 34.19
N UNK IA 81 -95.42 60.27 47.27
CA UNK IA 81 -95.25 61.60 47.83
C UNK IA 81 -96.26 62.55 47.23
N UNK IA 82 -97.50 62.44 47.66
CA UNK IA 82 -98.56 63.30 47.14
C UNK IA 82 -98.57 64.61 47.85
N UNK IA 83 -97.98 64.65 49.05
CA UNK IA 83 -97.96 65.88 49.82
C UNK IA 83 -97.01 66.87 49.20
N UNK IA 84 -95.94 66.37 48.60
CA UNK IA 84 -94.94 67.25 47.99
C UNK IA 84 -95.48 67.78 46.69
N UNK IA 85 -96.30 66.99 46.00
CA UNK IA 85 -96.84 67.41 44.72
C UNK IA 85 -97.96 68.39 44.96
N UNK IA 86 -98.68 68.23 46.07
CA UNK IA 86 -99.75 69.17 46.38
C UNK IA 86 -99.17 70.46 46.88
N UNK IA 87 -98.06 70.38 47.61
CA UNK IA 87 -97.43 71.58 48.14
C UNK IA 87 -96.70 72.30 47.04
N UNK IA 88 -96.32 71.59 45.98
CA UNK IA 88 -95.64 72.23 44.87
C UNK IA 88 -96.64 72.76 43.89
N UNK IA 89 -97.86 72.21 43.89
CA UNK IA 89 -98.88 72.70 42.99
C UNK IA 89 -99.58 73.88 43.62
N UNK IA 90 -99.54 73.99 44.94
CA UNK IA 90 -100.18 75.09 45.62
C UNK IA 90 -99.32 76.32 45.56
N UNK IA 91 -98.02 76.16 45.30
CA UNK IA 91 -97.12 77.29 45.23
C UNK IA 91 -97.06 77.80 43.83
N UNK JA 1 -67.24 96.00 20.98
CA UNK JA 1 -66.11 95.11 21.19
C UNK JA 1 -65.58 95.27 22.58
N UNK JA 2 -66.05 96.31 23.28
CA UNK JA 2 -65.60 96.56 24.64
C UNK JA 2 -66.39 95.72 25.60
N UNK JA 3 -67.43 95.06 25.12
CA UNK JA 3 -68.27 94.24 25.97
C UNK JA 3 -67.73 92.83 26.08
N UNK JA 4 -67.44 92.19 24.96
CA UNK JA 4 -67.00 90.81 24.97
C UNK JA 4 -65.57 90.71 25.41
N UNK JA 5 -64.87 91.83 25.44
CA UNK JA 5 -63.47 91.83 25.83
C UNK JA 5 -63.33 91.60 27.31
N UNK JA 6 -64.29 92.07 28.10
CA UNK JA 6 -64.20 91.92 29.55
C UNK JA 6 -64.59 90.52 29.94
N UNK JA 7 -65.52 89.91 29.21
CA UNK JA 7 -65.94 88.57 29.52
C UNK JA 7 -64.88 87.60 29.04
N UNK JA 8 -64.18 87.95 27.97
CA UNK JA 8 -63.13 87.08 27.48
C UNK JA 8 -61.93 87.21 28.38
N UNK JA 9 -61.74 88.36 28.99
CA UNK JA 9 -60.62 88.54 29.89
C UNK JA 9 -60.90 87.87 31.21
N UNK JA 10 -62.17 87.80 31.61
CA UNK JA 10 -62.50 87.12 32.85
C UNK JA 10 -62.44 85.63 32.66
N UNK JA 11 -62.83 85.14 31.49
CA UNK JA 11 -62.77 83.71 31.25
C UNK JA 11 -61.34 83.28 31.08
N UNK JA 12 -60.49 84.17 30.52
CA UNK JA 12 -59.10 83.82 30.35
C UNK JA 12 -58.40 83.89 31.69
N UNK JA 13 -58.91 84.72 32.59
CA UNK JA 13 -58.31 84.81 33.92
C UNK JA 13 -58.70 83.61 34.73
N UNK JA 14 -59.90 83.07 34.51
CA UNK JA 14 -60.30 81.88 35.24
C UNK JA 14 -59.59 80.66 34.69
N UNK JA 15 -59.34 80.63 33.40
CA UNK JA 15 -58.62 79.49 32.83
C UNK JA 15 -57.17 79.55 33.22
N UNK JA 16 -56.63 80.76 33.37
CA UNK JA 16 -55.23 80.89 33.76
C UNK JA 16 -55.10 80.58 35.23
N UNK JA 17 -56.16 80.80 35.99
CA UNK JA 17 -56.11 80.48 37.41
C UNK JA 17 -56.25 78.99 37.59
N UNK JA 18 -56.97 78.32 36.70
CA UNK JA 18 -57.12 76.88 36.82
C UNK JA 18 -55.85 76.20 36.36
N UNK JA 19 -55.15 76.80 35.39
CA UNK JA 19 -53.90 76.21 34.94
C UNK JA 19 -52.82 76.46 35.97
N UNK JA 20 -52.89 77.59 36.67
CA UNK JA 20 -51.90 77.86 37.69
C UNK JA 20 -52.15 76.99 38.88
N UNK JA 21 -53.42 76.64 39.12
CA UNK JA 21 -53.74 75.79 40.24
C UNK JA 21 -53.36 74.37 39.92
N UNK JA 22 -53.41 73.99 38.65
CA UNK JA 22 -53.03 72.63 38.28
C UNK JA 22 -51.53 72.50 38.23
N UNK JA 23 -50.83 73.61 38.00
CA UNK JA 23 -49.38 73.56 37.95
C UNK JA 23 -48.79 73.65 39.34
N UNK JA 24 -49.49 74.29 40.27
CA UNK JA 24 -48.98 74.42 41.62
C UNK JA 24 -49.21 73.15 42.42
N UNK JA 25 -50.32 72.47 42.16
CA UNK JA 25 -50.64 71.26 42.90
C UNK JA 25 -49.95 70.09 42.27
N UNK JA 26 -50.88 81.22 -0.24
CA UNK JA 26 -52.25 80.75 -0.11
C UNK JA 26 -52.68 80.76 1.33
N UNK JA 27 -53.81 80.12 1.62
CA UNK JA 27 -54.38 80.13 2.96
C UNK JA 27 -53.76 79.09 3.86
N UNK JA 28 -53.40 77.95 3.28
CA UNK JA 28 -52.82 76.88 4.07
C UNK JA 28 -51.40 77.23 4.44
N UNK JA 29 -50.74 77.99 3.58
CA UNK JA 29 -49.35 78.34 3.82
C UNK JA 29 -49.32 79.44 4.84
N UNK JA 30 -50.38 80.24 4.89
CA UNK JA 30 -50.44 81.33 5.85
C UNK JA 30 -50.83 80.76 7.20
N UNK JA 31 -51.60 79.68 7.20
CA UNK JA 31 -51.97 79.06 8.47
C UNK JA 31 -50.80 78.28 9.02
N UNK JA 32 -50.01 77.66 8.15
CA UNK JA 32 -48.86 76.92 8.63
C UNK JA 32 -47.78 77.87 9.06
N UNK JA 33 -47.69 79.03 8.41
CA UNK JA 33 -46.69 80.01 8.80
C UNK JA 33 -47.12 80.68 10.08
N UNK JA 34 -48.42 80.76 10.32
CA UNK JA 34 -48.89 81.37 11.55
C UNK JA 34 -48.70 80.41 12.70
N UNK JA 35 -48.83 79.12 12.45
CA UNK JA 35 -48.62 78.16 13.52
C UNK JA 35 -47.15 78.04 13.82
N UNK JA 36 -46.30 78.16 12.80
CA UNK JA 36 -44.87 78.07 13.04
C UNK JA 36 -44.39 79.32 13.72
N UNK JA 37 -45.03 80.45 13.45
CA UNK JA 37 -44.62 81.70 14.07
C UNK JA 37 -45.10 81.72 15.50
N UNK JA 38 -46.21 81.06 15.79
CA UNK JA 38 -46.71 81.02 17.15
C UNK JA 38 -45.88 80.07 17.96
N UNK JA 39 -45.40 78.99 17.35
CA UNK JA 39 -44.57 78.05 18.09
C UNK JA 39 -43.20 78.64 18.31
N UNK JA 40 -42.72 79.45 17.36
CA UNK JA 40 -41.41 80.06 17.53
C UNK JA 40 -41.48 81.17 18.54
N UNK JA 41 -42.63 81.84 18.63
CA UNK JA 41 -42.76 82.92 19.60
C UNK JA 41 -42.93 82.35 20.98
N UNK JA 42 -43.57 81.18 21.09
CA UNK JA 42 -43.74 80.57 22.38
C UNK JA 42 -42.43 79.98 22.85
N UNK JA 43 -41.62 79.49 21.92
CA UNK JA 43 -40.33 78.93 22.30
C UNK JA 43 -39.37 80.03 22.66
N UNK JA 44 -39.49 81.19 22.01
CA UNK JA 44 -38.60 82.30 22.31
C UNK JA 44 -38.99 82.92 23.63
N UNK JA 45 -40.28 82.91 23.96
CA UNK JA 45 -40.71 83.48 25.23
C UNK JA 45 -40.35 82.54 26.34
N UNK JA 46 -40.40 81.23 26.08
CA UNK JA 46 -40.08 80.26 27.11
C UNK JA 46 -38.58 80.21 27.32
N UNK JA 47 -37.81 80.58 26.30
CA UNK JA 47 -36.37 80.59 26.44
C UNK JA 47 -35.90 81.89 27.04
N UNK JA 48 -36.70 82.95 26.91
CA UNK JA 48 -36.32 84.22 27.50
C UNK JA 48 -36.74 84.26 28.95
N UNK JA 49 -37.77 83.49 29.30
CA UNK JA 49 -38.24 83.49 30.68
C UNK JA 49 -37.36 82.61 31.54
N UNK JA 50 -36.65 81.67 30.92
CA UNK JA 50 -35.79 80.76 31.65
C UNK JA 50 -34.43 81.39 31.86
N UNK JA 51 -57.01 77.99 47.62
CA UNK JA 51 -56.42 79.31 47.53
C UNK JA 51 -56.45 79.78 46.11
N UNK JA 52 -56.94 78.93 45.20
CA UNK JA 52 -57.01 79.28 43.80
C UNK JA 52 -58.27 80.03 43.50
N UNK JA 53 -59.35 79.70 44.20
CA UNK JA 53 -60.64 80.34 43.97
C UNK JA 53 -60.60 81.73 44.53
N UNK JA 54 -59.86 81.93 45.61
CA UNK JA 54 -59.78 83.24 46.23
C UNK JA 54 -58.90 84.13 45.40
N UNK JA 55 -57.87 83.56 44.77
CA UNK JA 55 -56.97 84.36 43.97
C UNK JA 55 -57.63 84.70 42.67
N UNK JA 56 -58.50 83.82 42.18
CA UNK JA 56 -59.21 84.11 40.94
C UNK JA 56 -60.30 85.11 41.18
N UNK JA 57 -60.93 85.06 42.35
CA UNK JA 57 -62.00 86.01 42.63
C UNK JA 57 -61.39 87.37 42.90
N UNK JA 58 -60.20 87.40 43.49
CA UNK JA 58 -59.55 88.67 43.77
C UNK JA 58 -59.01 89.27 42.50
N UNK JA 59 -58.54 88.44 41.58
CA UNK JA 59 -58.00 88.95 40.33
C UNK JA 59 -59.13 89.42 39.45
N UNK JA 60 -60.29 88.77 39.53
CA UNK JA 60 -61.41 89.17 38.70
C UNK JA 60 -62.03 90.42 39.27
N UNK JA 61 -62.00 90.58 40.59
CA UNK JA 61 -62.57 91.77 41.19
C UNK JA 61 -61.66 92.95 40.95
N UNK JA 62 -60.34 92.72 40.92
CA UNK JA 62 -59.43 93.81 40.68
C UNK JA 62 -59.47 94.21 39.22
N UNK JA 63 -59.67 93.23 38.34
CA UNK JA 63 -59.70 93.53 36.92
C UNK JA 63 -61.02 94.18 36.56
N UNK JA 64 -62.06 93.93 37.34
CA UNK JA 64 -63.35 94.54 37.08
C UNK JA 64 -63.41 95.91 37.70
N UNK JA 65 -62.61 96.15 38.74
CA UNK JA 65 -62.60 97.46 39.36
C UNK JA 65 -61.69 98.39 38.62
N UNK JA 66 -60.68 97.83 37.93
CA UNK JA 66 -59.75 98.66 37.17
C UNK JA 66 -60.34 99.08 35.86
N UNK JA 67 -61.32 98.32 35.36
CA UNK JA 67 -61.95 98.63 34.09
C UNK JA 67 -63.09 99.58 34.30
N UNK JA 68 -50.55 95.13 38.50
CA UNK JA 68 -51.76 95.72 37.96
C UNK JA 68 -51.49 96.28 36.59
N UNK JA 69 -50.23 96.54 36.27
CA UNK JA 69 -49.88 97.07 34.97
C UNK JA 69 -49.79 95.94 33.97
N UNK JA 70 -49.46 94.75 34.44
CA UNK JA 70 -49.33 93.61 33.57
C UNK JA 70 -50.69 93.13 33.14
N UNK JA 71 -51.68 93.26 34.00
CA UNK JA 71 -53.02 92.81 33.67
C UNK JA 71 -53.67 93.79 32.74
N UNK JA 72 -53.35 95.07 32.88
CA UNK JA 72 -53.93 96.07 32.01
C UNK JA 72 -53.26 96.02 30.66
N UNK JA 73 -51.98 95.66 30.62
CA UNK JA 73 -51.29 95.56 29.36
C UNK JA 73 -51.72 94.30 28.64
N UNK JA 74 -52.05 93.25 29.39
CA UNK JA 74 -52.48 92.02 28.76
C UNK JA 74 -53.90 92.16 28.28
N UNK JA 75 -54.72 92.94 28.98
CA UNK JA 75 -56.09 93.13 28.55
C UNK JA 75 -56.11 94.06 27.36
N UNK JA 76 -55.20 95.02 27.32
CA UNK JA 76 -55.17 95.96 26.21
C UNK JA 76 -54.58 95.29 25.00
N UNK JA 77 -53.74 94.27 25.20
CA UNK JA 77 -53.16 93.57 24.07
C UNK JA 77 -54.12 92.53 23.57
N UNK JA 78 -55.01 92.04 24.44
CA UNK JA 78 -55.97 91.04 24.02
C UNK JA 78 -57.15 91.70 23.36
N UNK JA 79 -57.42 92.96 23.70
CA UNK JA 79 -58.54 93.66 23.10
C UNK JA 79 -58.17 94.19 21.74
N UNK JA 80 -56.89 94.46 21.52
CA UNK JA 80 -56.43 94.98 20.24
C UNK JA 80 -56.12 93.84 19.31
N UNK JA 81 -29.95 96.87 15.13
CA UNK JA 81 -30.42 96.06 14.00
C UNK JA 81 -31.59 96.74 13.34
N UNK JA 82 -31.32 97.80 12.59
CA UNK JA 82 -32.38 98.53 11.92
C UNK JA 82 -32.74 97.85 10.62
N UNK JA 83 -31.83 97.04 10.09
CA UNK JA 83 -32.08 96.37 8.83
C UNK JA 83 -33.10 95.28 9.02
N UNK JA 84 -33.10 94.65 10.19
CA UNK JA 84 -34.04 93.57 10.45
C UNK JA 84 -35.41 94.15 10.72
N UNK JA 85 -35.47 95.34 11.29
CA UNK JA 85 -36.75 95.95 11.59
C UNK JA 85 -37.34 96.52 10.33
N UNK JA 86 -36.49 96.97 9.41
CA UNK JA 86 -36.99 97.48 8.15
C UNK JA 86 -37.43 96.35 7.27
N UNK JA 87 -36.73 95.21 7.34
CA UNK JA 87 -37.08 94.07 6.52
C UNK JA 87 -38.29 93.39 7.09
N UNK JA 88 -38.56 93.58 8.37
CA UNK JA 88 -39.74 92.98 8.98
C UNK JA 88 -40.92 93.89 8.83
N UNK JA 89 -40.67 95.18 8.63
CA UNK JA 89 -41.77 96.12 8.44
C UNK JA 89 -42.16 96.14 6.99
N UNK JA 90 -41.25 95.75 6.10
CA UNK JA 90 -41.55 95.74 4.68
C UNK JA 90 -42.33 94.51 4.32
N UNK JA 91 -42.28 93.48 5.16
CA UNK JA 91 -43.00 92.25 4.88
C UNK JA 91 -44.38 92.33 5.47
N UNK KA 1 52.99 -9.53 -3.09
CA UNK KA 1 52.97 -8.83 -4.36
C UNK KA 1 52.27 -7.51 -4.19
N UNK KA 2 52.41 -6.91 -3.01
CA UNK KA 2 51.80 -5.61 -2.75
C UNK KA 2 52.85 -4.68 -2.23
N UNK KA 3 52.59 -3.38 -2.33
CA UNK KA 3 53.55 -2.38 -1.91
C UNK KA 3 53.71 -2.39 -0.41
N UNK KA 4 52.62 -2.25 0.32
CA UNK KA 4 52.68 -2.29 1.77
C UNK KA 4 51.35 -2.69 2.36
N UNK KA 5 51.37 -3.25 3.56
CA UNK KA 5 50.16 -3.66 4.25
C UNK KA 5 50.22 -3.22 5.69
N UNK KA 6 49.19 -2.50 6.13
CA UNK KA 6 49.14 -2.04 7.50
C UNK KA 6 47.91 -2.57 8.20
N UNK KA 7 48.09 -3.07 9.42
CA UNK KA 7 46.99 -3.59 10.19
C UNK KA 7 46.95 -2.95 11.55
N UNK KA 8 45.75 -2.67 12.05
CA UNK KA 8 45.58 -2.04 13.35
C UNK KA 8 45.14 -3.06 14.37
N UNK KA 9 45.82 -3.08 15.51
CA UNK KA 9 45.46 -4.00 16.58
C UNK KA 9 45.16 -3.22 17.83
N UNK KA 10 44.34 -3.78 18.71
CA UNK KA 10 44.05 -3.15 19.97
C UNK KA 10 44.46 -4.05 21.10
N UNK KA 11 45.30 -3.53 21.98
CA UNK KA 11 45.79 -4.30 23.11
C UNK KA 11 44.84 -4.19 24.26
N UNK KA 12 44.17 -3.05 24.40
CA UNK KA 12 43.26 -2.81 25.52
C UNK KA 12 42.10 -3.75 25.47
N UNK KA 13 41.23 -3.60 24.47
CA UNK KA 13 40.11 -4.51 24.31
C UNK KA 13 40.60 -5.75 23.63
N UNK KA 14 39.70 -6.69 23.36
CA UNK KA 14 40.12 -7.96 22.80
C UNK KA 14 39.59 -8.18 21.39
N UNK KA 15 40.49 -8.13 20.42
CA UNK KA 15 40.22 -8.66 19.11
C UNK KA 15 41.23 -9.75 18.97
N UNK KA 16 41.66 -10.27 20.12
CA UNK KA 16 42.73 -11.24 20.19
C UNK KA 16 42.47 -12.47 19.36
N UNK KA 17 41.22 -12.93 19.30
CA UNK KA 17 40.88 -14.13 18.58
C UNK KA 17 41.20 -14.00 17.11
N UNK KA 18 41.31 -12.77 16.63
CA UNK KA 18 41.77 -12.53 15.28
C UNK KA 18 43.15 -11.91 15.32
N UNK KA 19 43.26 -10.74 15.94
CA UNK KA 19 44.45 -9.93 15.85
C UNK KA 19 45.64 -10.50 16.56
N UNK KA 20 45.45 -11.20 17.68
CA UNK KA 20 46.61 -11.60 18.48
C UNK KA 20 47.20 -12.87 17.93
N UNK KA 21 46.34 -13.81 17.54
CA UNK KA 21 46.82 -15.04 16.98
C UNK KA 21 47.49 -14.68 15.68
N UNK KA 22 46.83 -13.87 14.85
CA UNK KA 22 47.43 -13.49 13.59
C UNK KA 22 48.71 -12.74 13.81
N UNK KA 23 48.81 -11.96 14.89
CA UNK KA 23 50.02 -11.20 15.11
C UNK KA 23 51.14 -12.14 15.43
N UNK KA 24 51.09 -12.88 16.54
CA UNK KA 24 52.20 -13.74 16.90
C UNK KA 24 52.44 -14.77 15.82
N UNK KA 25 51.50 -15.70 15.64
CA UNK KA 25 51.74 -16.83 14.77
C UNK KA 25 51.79 -16.42 13.33
N UNK KA 26 50.87 -15.57 12.86
CA UNK KA 26 50.80 -15.31 11.43
C UNK KA 26 51.86 -14.32 11.02
N UNK KA 27 52.26 -13.37 11.87
CA UNK KA 27 53.36 -12.51 11.47
C UNK KA 27 54.63 -13.33 11.49
N UNK KA 28 54.85 -14.12 12.53
CA UNK KA 28 56.08 -14.89 12.62
C UNK KA 28 56.21 -15.88 11.50
N UNK KA 29 55.10 -16.39 10.96
CA UNK KA 29 55.16 -17.40 9.91
C UNK KA 29 55.11 -16.81 8.53
N UNK KA 30 54.38 -15.71 8.34
CA UNK KA 30 54.18 -15.18 7.00
C UNK KA 30 55.21 -14.14 6.68
N UNK KA 31 55.98 -13.71 7.67
CA UNK KA 31 57.08 -12.80 7.39
C UNK KA 31 58.13 -13.59 6.64
N UNK KA 32 58.23 -14.88 6.93
CA UNK KA 32 59.20 -15.73 6.27
C UNK KA 32 58.56 -16.40 5.08
N UNK KA 33 57.27 -16.69 5.15
CA UNK KA 33 56.61 -17.36 4.04
C UNK KA 33 56.43 -16.43 2.87
N UNK KA 34 55.98 -15.20 3.11
CA UNK KA 34 55.76 -14.24 2.04
C UNK KA 34 56.66 -13.06 2.24
N UNK KA 35 57.65 -12.91 1.37
CA UNK KA 35 58.60 -11.83 1.47
C UNK KA 35 58.21 -10.69 0.57
N UNK KA 36 57.14 -10.87 -0.21
CA UNK KA 36 56.71 -9.84 -1.14
C UNK KA 36 55.65 -8.98 -0.52
N UNK KA 37 55.36 -9.19 0.76
CA UNK KA 37 54.31 -8.45 1.44
C UNK KA 37 54.87 -7.77 2.66
N UNK KA 38 54.90 -6.45 2.65
CA UNK KA 38 55.41 -5.68 3.78
C UNK KA 38 54.40 -5.67 4.88
N UNK KA 39 54.81 -6.03 6.09
CA UNK KA 39 53.89 -6.10 7.22
C UNK KA 39 54.16 -4.98 8.19
N UNK KA 40 53.15 -4.16 8.45
CA UNK KA 40 53.27 -3.07 9.40
C UNK KA 40 52.12 -3.11 10.36
N UNK KA 41 52.41 -3.28 11.65
CA UNK KA 41 51.37 -3.34 12.66
C UNK KA 41 51.36 -2.07 13.47
N UNK KA 42 50.16 -1.58 13.80
CA UNK KA 42 50.04 -0.39 14.61
C UNK KA 42 49.23 -0.69 15.84
N UNK KA 43 49.46 0.07 16.91
CA UNK KA 43 48.80 -0.19 18.18
C UNK KA 43 48.03 1.01 18.65
N UNK KA 44 47.40 0.90 19.82
CA UNK KA 44 46.64 1.97 20.47
C UNK KA 44 45.34 2.30 19.76
N UNK KA 45 45.10 1.71 18.60
CA UNK KA 45 43.85 1.89 17.91
C UNK KA 45 42.88 0.88 18.42
N UNK KA 46 41.75 1.32 18.97
CA UNK KA 46 40.83 0.42 19.64
C UNK KA 46 39.54 0.23 18.89
N UNK KA 47 38.86 -0.87 19.17
CA UNK KA 47 37.54 -1.20 18.64
C UNK KA 47 37.47 -1.35 17.15
N UNK KA 48 38.58 -1.14 16.45
CA UNK KA 48 38.62 -1.29 15.02
C UNK KA 48 39.80 -2.13 14.61
N UNK KA 49 39.53 -3.29 14.02
CA UNK KA 49 40.57 -4.14 13.50
C UNK KA 49 40.42 -4.26 12.01
N UNK KA 50 41.38 -3.73 11.26
CA UNK KA 50 41.32 -3.78 9.82
C UNK KA 50 42.71 -3.79 9.23
N UNK KA 51 42.84 -4.36 8.04
CA UNK KA 51 44.12 -4.42 7.36
C UNK KA 51 44.06 -3.58 6.12
N UNK KA 52 44.81 -2.48 6.10
CA UNK KA 52 44.86 -1.63 4.94
C UNK KA 52 46.09 -1.94 4.14
N UNK KA 53 45.90 -2.32 2.88
CA UNK KA 53 47.02 -2.67 2.02
C UNK KA 53 46.88 -2.07 0.66
N UNK KA 54 47.99 -1.59 0.11
CA UNK KA 54 48.00 -1.05 -1.24
C UNK KA 54 48.73 -2.03 -2.12
N UNK KA 55 48.03 -2.56 -3.12
CA UNK KA 55 48.60 -3.54 -4.01
C UNK KA 55 49.42 -2.87 -5.07
N UNK KA 56 50.22 -3.65 -5.79
CA UNK KA 56 51.05 -3.13 -6.87
C UNK KA 56 50.17 -2.77 -8.04
N UNK KA 57 48.90 -3.19 -8.00
CA UNK KA 57 47.94 -2.84 -9.03
C UNK KA 57 47.34 -1.49 -8.72
N UNK KA 58 47.92 -0.78 -7.76
CA UNK KA 58 47.49 0.54 -7.34
C UNK KA 58 46.03 0.60 -6.91
N UNK KA 59 45.56 -0.46 -6.25
CA UNK KA 59 44.21 -0.46 -5.70
C UNK KA 59 44.28 -0.62 -4.21
N UNK KA 60 43.77 0.37 -3.48
CA UNK KA 60 43.78 0.32 -2.02
C UNK KA 60 42.68 -0.58 -1.53
N UNK KA 61 43.00 -1.47 -0.60
CA UNK KA 61 42.00 -2.36 -0.06
C UNK KA 61 42.11 -2.47 1.43
N UNK KA 62 41.02 -2.17 2.13
CA UNK KA 62 40.98 -2.30 3.57
C UNK KA 62 40.02 -3.41 3.94
N UNK KA 63 40.53 -4.44 4.58
CA UNK KA 63 39.70 -5.58 4.93
C UNK KA 63 39.60 -5.73 6.42
N UNK KA 64 38.39 -5.58 6.96
CA UNK KA 64 38.16 -5.75 8.38
C UNK KA 64 37.34 -7.00 8.62
N UNK KA 65 37.94 -7.96 9.30
CA UNK KA 65 37.25 -9.20 9.61
C UNK KA 65 37.53 -9.56 11.04
N UNK KA 66 36.47 -9.74 11.83
CA UNK KA 66 36.62 -10.02 13.24
C UNK KA 66 36.58 -11.49 13.52
N UNK KA 67 35.83 -12.25 12.71
CA UNK KA 67 35.63 -13.66 12.96
C UNK KA 67 36.68 -14.51 12.32
N UNK KA 68 37.60 -13.89 11.59
CA UNK KA 68 38.65 -14.63 10.92
C UNK KA 68 39.68 -15.09 11.90
N UNK KA 69 40.21 -16.29 11.70
CA UNK KA 69 41.24 -16.82 12.58
C UNK KA 69 42.58 -16.52 11.99
N UNK KA 70 43.66 -16.91 12.66
CA UNK KA 70 45.01 -16.57 12.25
C UNK KA 70 45.36 -17.03 10.86
N UNK KA 71 45.20 -18.32 10.59
CA UNK KA 71 45.57 -18.88 9.31
C UNK KA 71 44.64 -18.39 8.24
N UNK KA 72 43.39 -18.15 8.60
CA UNK KA 72 42.43 -17.61 7.66
C UNK KA 72 42.84 -16.21 7.34
N UNK KA 73 43.33 -15.48 8.35
CA UNK KA 73 43.78 -14.12 8.15
C UNK KA 73 44.96 -14.09 7.23
N UNK KA 74 45.87 -15.05 7.36
CA UNK KA 74 47.07 -15.04 6.53
C UNK KA 74 46.74 -15.41 5.12
N UNK KA 75 45.84 -16.37 4.93
CA UNK KA 75 45.47 -16.82 3.60
C UNK KA 75 44.76 -15.72 2.91
N UNK KA 76 43.82 -15.05 3.59
CA UNK KA 76 43.06 -13.97 2.98
C UNK KA 76 43.95 -12.78 2.76
N UNK KA 77 45.00 -12.63 3.56
CA UNK KA 77 45.94 -11.53 3.40
C UNK KA 77 46.67 -11.74 2.11
N UNK KA 78 47.29 -12.90 1.95
CA UNK KA 78 48.04 -13.21 0.75
C UNK KA 78 47.16 -13.13 -0.47
N UNK KA 79 45.94 -13.64 -0.34
CA UNK KA 79 45.00 -13.64 -1.45
C UNK KA 79 44.68 -12.24 -1.89
N UNK KA 80 44.13 -11.44 -0.98
CA UNK KA 80 43.70 -10.10 -1.32
C UNK KA 80 44.85 -9.27 -1.80
N UNK KA 81 45.95 -9.22 -1.05
CA UNK KA 81 47.04 -8.33 -1.39
C UNK KA 81 47.78 -8.73 -2.65
N UNK KA 82 47.75 -10.00 -3.02
CA UNK KA 82 48.50 -10.45 -4.18
C UNK KA 82 47.59 -10.89 -5.29
N UNK KA 83 46.98 -12.07 -5.15
CA UNK KA 83 46.27 -12.69 -6.25
C UNK KA 83 44.90 -12.11 -6.50
N UNK KA 84 44.16 -11.73 -5.47
CA UNK KA 84 42.81 -11.24 -5.65
C UNK KA 84 42.82 -9.87 -6.24
N UNK KA 85 43.52 -8.93 -5.61
CA UNK KA 85 43.59 -7.57 -6.11
C UNK KA 85 45.01 -7.09 -6.12
N UNK LA 1 -42.66 63.40 2.79
CA UNK LA 1 -43.48 63.79 1.66
C UNK LA 1 -44.87 64.12 2.13
N UNK LA 2 -45.01 64.45 3.41
CA UNK LA 2 -46.30 64.82 3.95
C UNK LA 2 -46.63 66.23 3.54
N UNK LA 3 -45.63 67.00 3.15
CA UNK LA 3 -45.84 68.37 2.75
C UNK LA 3 -46.55 68.42 1.42
N UNK LA 4 -46.20 67.54 0.49
CA UNK LA 4 -46.80 67.55 -0.83
C UNK LA 4 -48.22 67.08 -0.74
N UNK LA 5 -48.50 66.12 0.15
CA UNK LA 5 -49.84 65.59 0.28
C UNK LA 5 -50.71 66.58 0.98
N UNK LA 6 -50.16 67.33 1.93
CA UNK LA 6 -50.97 68.30 2.65
C UNK LA 6 -51.26 69.47 1.75
N UNK LA 7 -50.30 69.85 0.90
CA UNK LA 7 -50.52 70.99 0.03
C UNK LA 7 -51.36 70.61 -1.15
N UNK LA 8 -51.44 69.33 -1.48
CA UNK LA 8 -52.30 68.89 -2.57
C UNK LA 8 -53.70 68.69 -2.04
N UNK LA 9 -53.84 68.38 -0.76
CA UNK LA 9 -55.16 68.16 -0.19
C UNK LA 9 -55.78 69.47 0.22
N UNK LA 10 -54.97 70.50 0.46
CA UNK LA 10 -55.52 71.79 0.85
C UNK LA 10 -56.03 72.55 -0.35
N UNK LA 11 -55.38 72.39 -1.51
CA UNK LA 11 -55.75 73.14 -2.69
C UNK LA 11 -56.87 72.44 -3.40
N UNK LA 12 -49.75 72.14 -7.22
CA UNK LA 12 -49.01 71.96 -8.45
C UNK LA 12 -47.67 72.62 -8.34
N UNK LA 13 -47.49 73.51 -7.37
CA UNK LA 13 -46.24 74.21 -7.18
C UNK LA 13 -45.27 73.33 -6.42
N UNK LA 14 -45.81 72.47 -5.56
CA UNK LA 14 -44.99 71.60 -4.75
C UNK LA 14 -44.45 70.47 -5.59
N UNK LA 15 -45.21 70.05 -6.59
CA UNK LA 15 -44.81 68.92 -7.39
C UNK LA 15 -43.83 69.41 -8.41
N UNK LA 16 -43.94 70.69 -8.78
CA UNK LA 16 -43.01 71.25 -9.73
C UNK LA 16 -41.72 71.58 -9.01
N UNK LA 17 -41.80 71.88 -7.72
CA UNK LA 17 -40.59 72.15 -6.97
C UNK LA 17 -39.88 70.86 -6.64
N UNK LA 18 -40.63 69.78 -6.45
CA UNK LA 18 -40.02 68.49 -6.16
C UNK LA 18 -39.45 67.91 -7.43
N UNK LA 19 -40.07 68.22 -8.57
CA UNK LA 19 -39.55 67.71 -9.83
C UNK LA 19 -38.35 68.53 -10.25
N UNK LA 20 -38.30 69.80 -9.84
CA UNK LA 20 -37.16 70.62 -10.17
C UNK LA 20 -36.00 70.24 -9.28
N UNK LA 21 -36.29 69.82 -8.06
CA UNK LA 21 -35.22 69.39 -7.17
C UNK LA 21 -34.72 68.03 -7.60
N UNK LA 22 -35.59 67.20 -8.14
CA UNK LA 22 -35.18 65.88 -8.62
C UNK LA 22 -34.34 66.05 -9.87
N UNK LA 23 -34.70 67.00 -10.71
CA UNK LA 23 -33.96 67.19 -11.95
C UNK LA 23 -32.64 67.84 -11.66
N UNK LA 24 -32.58 68.68 -10.63
CA UNK LA 24 -31.34 69.36 -10.30
C UNK LA 24 -30.40 68.41 -9.58
N UNK LA 25 -30.96 67.43 -8.87
CA UNK LA 25 -30.12 66.48 -8.15
C UNK LA 25 -29.64 65.39 -9.09
N UNK LA 26 -30.41 65.11 -10.15
CA UNK LA 26 -29.99 64.08 -11.08
C UNK LA 26 -29.02 64.62 -12.10
N UNK LA 27 -29.12 65.91 -12.41
CA UNK LA 27 -28.24 66.52 -13.39
C UNK LA 27 -26.92 66.86 -12.74
N UNK LA 28 -16.07 -41.73 77.15
CA UNK LA 28 -15.66 -42.48 75.99
C UNK LA 28 -16.06 -43.93 76.13
N UNK LA 29 -16.28 -44.39 77.36
CA UNK LA 29 -16.68 -45.76 77.58
C UNK LA 29 -18.17 -45.88 77.39
N UNK LA 30 -18.90 -44.81 77.67
CA UNK LA 30 -20.35 -44.83 77.53
C UNK LA 30 -20.71 -44.80 76.06
N UNK LA 31 -19.90 -44.14 75.25
CA UNK LA 31 -20.17 -44.03 73.83
C UNK LA 31 -19.83 -45.33 73.16
N UNK LA 32 -18.82 -46.04 73.67
CA UNK LA 32 -18.43 -47.29 73.08
C UNK LA 32 -19.40 -48.37 73.49
N UNK LA 33 -19.97 -48.25 74.69
CA UNK LA 33 -20.94 -49.24 75.13
C UNK LA 33 -22.25 -49.01 74.44
N UNK LA 34 -22.58 -47.75 74.13
CA UNK LA 34 -23.83 -47.46 73.45
C UNK LA 34 -23.71 -47.83 71.99
N UNK LA 35 -22.51 -47.70 71.44
CA UNK LA 35 -22.32 -48.05 70.04
C UNK LA 35 -22.28 -49.55 69.91
N UNK LA 36 -21.80 -50.24 70.94
CA UNK LA 36 -21.77 -51.70 70.88
C UNK LA 36 -23.14 -52.26 71.09
N UNK LA 37 -23.98 -51.57 71.87
CA UNK LA 37 -25.33 -52.04 72.09
C UNK LA 37 -26.19 -51.77 70.88
N UNK LA 38 -25.92 -50.66 70.18
CA UNK LA 38 -26.69 -50.35 68.99
C UNK LA 38 -26.26 -51.25 67.86
N UNK LA 39 -24.99 -51.63 67.84
CA UNK LA 39 -24.51 -52.53 66.79
C UNK LA 39 -24.99 -53.92 67.08
N UNK LA 40 -25.20 -54.26 68.35
CA UNK LA 40 -25.70 -55.58 68.69
C UNK LA 40 -27.17 -55.65 68.39
N UNK LA 41 -27.89 -54.54 68.50
CA UNK LA 41 -29.31 -54.54 68.19
C UNK LA 41 -29.52 -54.57 66.70
N UNK LA 42 -28.63 -53.92 65.95
CA UNK LA 42 -28.76 -53.93 64.50
C UNK LA 42 -28.35 -55.28 63.96
N UNK LA 43 -27.40 -55.93 64.62
CA UNK LA 43 -26.97 -57.24 64.17
C UNK LA 43 -28.02 -58.26 64.55
N UNK LA 44 -28.76 -58.00 65.62
CA UNK LA 44 -29.81 -58.93 66.02
C UNK LA 44 -31.01 -58.77 65.10
N UNK LA 45 -31.23 -57.55 64.61
CA UNK LA 45 -32.35 -57.34 63.69
C UNK LA 45 -32.01 -57.90 62.33
N UNK LA 46 -30.75 -57.83 61.93
CA UNK LA 46 -30.36 -58.36 60.64
C UNK LA 46 -30.32 -59.87 60.70
N UNK LA 47 -29.98 -60.43 61.86
CA UNK LA 47 -29.94 -61.88 61.98
C UNK LA 47 -31.35 -62.42 62.08
N UNK LA 48 -32.27 -61.63 62.64
CA UNK LA 48 -33.64 -62.08 62.75
C UNK LA 48 -34.30 -61.98 61.39
N UNK LA 49 -33.91 -60.99 60.59
CA UNK LA 49 -34.48 -60.86 59.27
C UNK LA 49 -33.93 -61.92 58.35
N UNK LA 50 -32.68 -62.32 58.55
CA UNK LA 50 -32.10 -63.35 57.70
C UNK LA 50 -32.62 -64.71 58.09
N UNK LA 51 -32.91 -64.91 59.37
CA UNK LA 51 -33.43 -66.20 59.81
C UNK LA 51 -34.88 -66.32 59.40
N UNK LA 52 -35.60 -65.20 59.42
CA UNK LA 52 -37.00 -65.24 59.03
C UNK LA 52 -37.08 -65.41 57.54
N UNK LA 53 -36.12 -64.87 56.80
CA UNK LA 53 -36.13 -65.01 55.36
C UNK LA 53 -35.74 -66.42 54.97
N UNK LA 54 -34.91 -67.08 55.78
CA UNK LA 54 -34.50 -68.43 55.46
C UNK LA 54 -35.60 -69.41 55.80
N UNK LA 55 -36.30 -69.19 56.91
CA UNK LA 55 -37.39 -70.10 57.25
C UNK LA 55 -38.54 -69.89 56.30
N UNK LA 56 -38.72 -68.64 55.85
CA UNK LA 56 -39.79 -68.36 54.91
C UNK LA 56 -39.39 -68.86 53.54
N UNK LA 57 -38.09 -69.07 53.33
CA UNK LA 57 -37.64 -69.61 52.04
C UNK LA 57 -37.76 -71.12 52.05
N UNK LA 58 -37.70 -71.74 53.23
CA UNK LA 58 -37.91 -73.18 53.30
C UNK LA 58 -39.38 -73.47 53.19
N UNK LA 59 -40.22 -72.64 53.80
CA UNK LA 59 -41.65 -72.81 53.64
C UNK LA 59 -41.98 -72.49 52.21
N UNK LA 60 -41.20 -71.59 51.61
CA UNK LA 60 -41.37 -71.25 50.20
C UNK LA 60 -41.02 -72.45 49.36
N UNK LA 61 -40.10 -73.29 49.81
CA UNK LA 61 -39.69 -74.44 49.02
C UNK LA 61 -40.72 -75.56 49.12
N UNK LA 62 -41.25 -75.82 50.30
CA UNK LA 62 -42.25 -76.87 50.43
C UNK LA 62 -43.50 -76.45 49.71
N UNK LA 63 -43.84 -75.17 49.81
CA UNK LA 63 -45.03 -74.71 49.13
C UNK LA 63 -44.74 -74.59 47.66
N UNK LA 64 -43.47 -74.55 47.26
CA UNK LA 64 -43.12 -74.49 45.85
C UNK LA 64 -43.29 -75.86 45.25
N UNK LA 65 -43.08 -76.91 46.05
CA UNK LA 65 -43.31 -78.26 45.53
C UNK LA 65 -44.79 -78.54 45.49
N UNK LA 66 -45.54 -78.17 46.52
CA UNK LA 66 -46.97 -78.41 46.51
C UNK LA 66 -47.64 -77.60 45.43
N UNK LA 67 -47.10 -76.43 45.13
CA UNK LA 67 -47.68 -75.61 44.10
C UNK LA 67 -47.09 -75.97 42.77
N UNK LA 68 -46.08 -76.82 42.75
CA UNK LA 68 -45.57 -77.34 41.50
C UNK LA 68 -46.49 -78.44 41.07
N UNK LA 69 -46.99 -79.22 42.02
CA UNK LA 69 -47.97 -80.25 41.67
C UNK LA 69 -49.29 -79.59 41.36
N UNK LA 70 -49.62 -78.52 42.06
CA UNK LA 70 -50.87 -77.83 41.80
C UNK LA 70 -50.80 -77.11 40.47
N UNK LA 71 -49.61 -76.65 40.09
CA UNK LA 71 -49.49 -75.91 38.83
C UNK LA 71 -49.44 -76.90 37.70
N UNK LA 72 -48.95 -78.11 37.95
CA UNK LA 72 -48.93 -79.12 36.90
C UNK LA 72 -50.33 -79.60 36.65
N UNK LA 73 -51.14 -79.73 37.70
CA UNK LA 73 -52.52 -80.17 37.51
C UNK LA 73 -53.35 -79.08 36.89
N UNK LA 74 -53.10 -77.82 37.25
CA UNK LA 74 -53.88 -76.73 36.69
C UNK LA 74 -53.49 -76.50 35.26
N UNK LA 75 -52.23 -76.74 34.92
CA UNK LA 75 -51.79 -76.52 33.56
C UNK LA 75 -52.27 -77.65 32.71
N UNK LA 76 -52.36 -78.85 33.26
CA UNK LA 76 -52.81 -79.99 32.48
C UNK LA 76 -54.31 -79.91 32.29
N UNK LA 77 -55.01 -79.23 33.20
CA UNK LA 77 -56.45 -79.10 33.07
C UNK LA 77 -56.80 -77.94 32.16
N UNK LA 78 -55.97 -76.90 32.12
CA UNK LA 78 -56.27 -75.74 31.29
C UNK LA 78 -55.91 -75.99 29.85
N UNK LA 79 -54.81 -76.69 29.59
CA UNK LA 79 -54.37 -76.94 28.22
C UNK LA 79 -54.85 -78.28 27.78
N UNK LA 80 15.35 -75.04 -11.93
CA UNK LA 80 16.66 -74.43 -11.71
C UNK LA 80 16.48 -73.07 -11.10
N UNK LA 81 15.26 -72.56 -11.06
CA UNK LA 81 15.00 -71.26 -10.48
C UNK LA 81 14.79 -71.40 -9.00
N UNK LA 82 14.36 -72.58 -8.55
CA UNK LA 82 14.11 -72.79 -7.14
C UNK LA 82 15.40 -72.95 -6.39
N UNK LA 83 16.42 -73.52 -7.02
CA UNK LA 83 17.69 -73.72 -6.37
C UNK LA 83 18.43 -72.41 -6.28
N UNK LA 84 18.28 -71.56 -7.29
CA UNK LA 84 18.94 -70.27 -7.26
C UNK LA 84 18.21 -69.40 -6.28
N UNK LA 85 16.90 -69.61 -6.14
CA UNK LA 85 16.15 -68.81 -5.19
C UNK LA 85 16.45 -69.25 -3.79
N UNK LA 86 16.86 -70.50 -3.60
CA UNK LA 86 17.20 -70.98 -2.26
C UNK LA 86 18.59 -70.56 -1.90
N UNK LA 87 19.49 -70.50 -2.87
CA UNK LA 87 20.85 -70.08 -2.60
C UNK LA 87 20.84 -68.61 -2.29
N UNK LA 88 20.06 -67.84 -3.04
CA UNK LA 88 19.99 -66.42 -2.79
C UNK LA 88 19.33 -66.27 -1.46
N UNK LA 89 18.37 -67.17 -1.15
CA UNK LA 89 17.69 -67.13 0.14
C UNK LA 89 18.70 -67.17 1.26
N UNK LA 90 19.56 -68.19 1.30
CA UNK LA 90 20.49 -68.32 2.41
C UNK LA 90 21.47 -67.17 2.45
N UNK LA 91 22.06 -66.84 1.30
CA UNK LA 91 23.13 -65.85 1.28
C UNK LA 91 22.65 -64.45 1.67
N UNK LA 92 21.57 -63.97 1.07
CA UNK LA 92 21.19 -62.61 1.38
C UNK LA 92 20.22 -62.58 2.54
N UNK LA 93 19.91 -63.72 3.14
CA UNK LA 93 19.26 -63.70 4.43
C UNK LA 93 20.35 -63.44 5.45
N UNK LA 94 21.55 -63.99 5.25
CA UNK LA 94 22.63 -63.64 6.16
C UNK LA 94 23.05 -62.21 5.92
N UNK LA 95 22.97 -61.74 4.68
CA UNK LA 95 23.28 -60.35 4.40
C UNK LA 95 22.23 -59.43 4.98
N UNK LA 96 20.97 -59.85 4.97
CA UNK LA 96 19.91 -58.98 5.46
C UNK LA 96 19.94 -58.98 6.96
N UNK LA 97 20.50 -60.02 7.56
CA UNK LA 97 20.63 -60.04 9.00
C UNK LA 97 21.75 -59.11 9.40
N UNK LA 98 22.81 -59.03 8.58
CA UNK LA 98 23.88 -58.08 8.89
C UNK LA 98 23.40 -56.65 8.72
N UNK LA 99 22.57 -56.40 7.71
CA UNK LA 99 22.04 -55.05 7.52
C UNK LA 99 21.07 -54.72 8.62
N UNK LA 100 20.39 -55.73 9.14
CA UNK LA 100 19.46 -55.55 10.24
C UNK LA 100 20.20 -55.13 11.48
N UNK LA 101 21.22 -55.89 11.85
CA UNK LA 101 21.96 -55.57 13.06
C UNK LA 101 22.67 -54.25 12.93
N UNK LA 102 23.10 -53.88 11.73
CA UNK LA 102 23.78 -52.61 11.56
C UNK LA 102 22.80 -51.46 11.66
N UNK LA 103 21.58 -51.64 11.19
CA UNK LA 103 20.60 -50.56 11.24
C UNK LA 103 20.10 -50.39 12.65
N UNK LA 104 20.00 -51.47 13.41
CA UNK LA 104 19.54 -51.37 14.79
C UNK LA 104 20.63 -50.79 15.65
N UNK LA 105 21.88 -51.09 15.33
CA UNK LA 105 22.99 -50.58 16.11
C UNK LA 105 23.21 -49.13 15.79
N UNK LA 106 22.84 -48.70 14.59
CA UNK LA 106 23.01 -47.31 14.23
C UNK LA 106 21.86 -46.49 14.74
N UNK LA 107 20.69 -47.12 14.93
CA UNK LA 107 19.54 -46.39 15.43
C UNK LA 107 19.59 -46.31 16.93
N UNK LA 108 20.25 -47.27 17.59
CA UNK LA 108 20.33 -47.25 19.05
C UNK LA 108 21.37 -46.26 19.52
N UNK LA 109 22.44 -46.09 18.74
CA UNK LA 109 23.51 -45.19 19.14
C UNK LA 109 23.14 -43.78 18.77
N UNK LA 110 -39.51 -123.31 17.34
CA UNK LA 110 -39.48 -123.00 15.92
C UNK LA 110 -38.08 -122.67 15.50
N UNK LA 111 -37.27 -122.14 16.42
CA UNK LA 111 -35.91 -121.74 16.09
C UNK LA 111 -34.98 -122.90 16.25
N UNK LA 112 -35.45 -123.99 16.84
CA UNK LA 112 -34.62 -125.16 17.05
C UNK LA 112 -34.44 -125.95 15.77
N UNK LA 113 -35.52 -126.14 15.02
CA UNK LA 113 -35.43 -126.87 13.78
C UNK LA 113 -34.70 -126.02 12.78
N UNK LA 114 -34.84 -124.71 12.91
CA UNK LA 114 -34.15 -123.79 12.02
C UNK LA 114 -32.68 -123.81 12.34
N UNK LA 115 -32.33 -123.98 13.60
CA UNK LA 115 -30.93 -123.99 13.98
C UNK LA 115 -30.30 -125.30 13.59
N UNK LA 116 -31.07 -126.39 13.55
CA UNK LA 116 -30.52 -127.66 13.14
C UNK LA 116 -30.35 -127.70 11.63
N UNK LA 117 -31.29 -127.13 10.89
CA UNK LA 117 -31.17 -127.13 9.44
C UNK LA 117 -30.08 -126.17 9.04
N UNK LA 118 -29.89 -125.10 9.81
CA UNK LA 118 -28.85 -124.15 9.50
C UNK LA 118 -27.51 -124.72 9.89
N UNK LA 119 -27.50 -125.65 10.84
CA UNK LA 119 -26.26 -126.27 11.23
C UNK LA 119 -25.85 -127.30 10.20
N UNK LA 120 -26.82 -127.98 9.60
CA UNK LA 120 -26.48 -128.94 8.56
C UNK LA 120 -26.07 -128.21 7.30
N UNK LA 121 -26.69 -127.07 7.02
CA UNK LA 121 -26.33 -126.32 5.83
C UNK LA 121 -24.99 -125.66 6.05
N UNK LA 122 -24.64 -125.34 7.29
CA UNK LA 122 -23.37 -124.71 7.56
C UNK LA 122 -22.28 -125.76 7.52
N UNK LA 123 -22.61 -127.01 7.85
CA UNK LA 123 -21.62 -128.06 7.78
C UNK LA 123 -21.37 -128.43 6.33
N UNK LA 124 -22.42 -128.39 5.50
CA UNK LA 124 -22.22 -128.70 4.09
C UNK LA 124 -21.50 -127.57 3.40
N UNK LA 125 -21.73 -126.34 3.83
CA UNK LA 125 -21.06 -125.21 3.20
C UNK LA 125 -19.62 -125.15 3.65
N UNK LA 126 -19.34 -125.63 4.86
CA UNK LA 126 -17.97 -125.61 5.34
C UNK LA 126 -17.21 -126.74 4.70
N UNK LA 127 -17.88 -127.85 4.39
CA UNK LA 127 -17.20 -128.95 3.73
C UNK LA 127 -16.94 -128.59 2.28
N UNK LA 128 -17.86 -127.83 1.68
CA UNK LA 128 -17.67 -127.44 0.30
C UNK LA 128 -16.63 -126.36 0.19
N UNK LA 129 -16.49 -125.54 1.22
CA UNK LA 129 -15.50 -124.47 1.18
C UNK LA 129 -14.15 -125.02 1.54
N UNK LA 130 -14.12 -126.16 2.22
CA UNK LA 130 -12.85 -126.77 2.57
C UNK LA 130 -12.40 -127.68 1.47
N UNK LA 131 -13.32 -128.10 0.60
CA UNK LA 131 -12.94 -128.95 -0.52
C UNK LA 131 -12.55 -128.10 -1.71
N UNK LA 132 -12.92 -126.83 -1.69
CA UNK LA 132 -12.61 -125.95 -2.81
C UNK LA 132 -11.24 -125.35 -2.64
N UNK LA 133 -10.65 -125.52 -1.46
CA UNK LA 133 -9.30 -125.02 -1.21
C UNK LA 133 -8.31 -126.11 -1.47
N UNK LA 134 -26.40 15.92 47.70
CA UNK LA 134 -25.67 15.65 48.94
C UNK LA 134 -24.64 14.59 48.70
N UNK LA 135 -24.96 13.57 47.91
CA UNK LA 135 -24.02 12.51 47.63
C UNK LA 135 -23.15 12.90 46.47
N UNK LA 136 -23.71 13.70 45.56
CA UNK LA 136 -22.95 14.14 44.41
C UNK LA 136 -21.91 15.12 44.84
N UNK LA 137 -22.20 15.90 45.88
CA UNK LA 137 -21.27 16.91 46.34
C UNK LA 137 -20.14 16.26 47.10
N UNK LA 138 -20.40 15.11 47.73
CA UNK LA 138 -19.36 14.43 48.48
C UNK LA 138 -18.49 13.64 47.54
N UNK LA 139 -19.08 13.05 46.51
CA UNK LA 139 -18.28 12.31 45.55
C UNK LA 139 -17.47 13.27 44.74
N UNK LA 140 -18.00 14.46 44.51
CA UNK LA 140 -17.25 15.45 43.74
C UNK LA 140 -16.21 16.07 44.62
N UNK LA 141 -16.42 16.07 45.93
CA UNK LA 141 -15.43 16.64 46.82
C UNK LA 141 -14.28 15.67 46.93
N UNK LA 142 -14.56 14.38 46.85
CA UNK LA 142 -13.50 13.38 46.89
C UNK LA 142 -12.75 13.35 45.59
N UNK LA 143 -13.44 13.57 44.47
CA UNK LA 143 -12.76 13.57 43.19
C UNK LA 143 -11.93 14.82 43.03
N UNK LA 144 -12.39 15.93 43.60
CA UNK LA 144 -11.66 17.18 43.47
C UNK LA 144 -10.50 17.16 44.42
N UNK LA 145 -10.62 16.44 45.53
CA UNK LA 145 -9.52 16.33 46.46
C UNK LA 145 -8.48 15.42 45.89
N UNK LA 146 -8.90 14.42 45.11
CA UNK LA 146 -7.95 13.51 44.51
C UNK LA 146 -7.24 14.18 43.36
N UNK LA 147 -7.92 15.07 42.65
CA UNK LA 147 -7.29 15.77 41.53
C UNK LA 147 -6.35 16.83 42.05
N UNK LA 148 -6.69 17.46 43.18
CA UNK LA 148 -5.82 18.48 43.73
C UNK LA 148 -4.62 17.83 44.37
N UNK LA 149 -4.81 16.63 44.91
CA UNK LA 149 -3.68 15.94 45.52
C UNK LA 149 -2.79 15.40 44.43
N UNK LA 150 -3.35 15.08 43.28
CA UNK LA 150 -2.53 14.58 42.18
C UNK LA 150 -1.77 15.72 41.55
N UNK LA 151 -2.34 16.92 41.54
CA UNK LA 151 -1.63 18.06 40.98
C UNK LA 151 -0.56 18.52 41.92
N UNK LA 152 -0.79 18.42 43.23
CA UNK LA 152 0.22 18.83 44.18
C UNK LA 152 1.33 17.82 44.22
N UNK LA 153 1.01 16.55 44.00
CA UNK LA 153 2.03 15.52 44.01
C UNK LA 153 2.84 15.61 42.74
N UNK LA 154 2.21 16.04 41.65
CA UNK LA 154 2.94 16.16 40.40
C UNK LA 154 3.82 17.38 40.44
N UNK LA 155 3.42 18.43 41.14
CA UNK LA 155 4.24 19.62 41.24
C UNK LA 155 5.39 19.37 42.18
N UNK LA 156 5.17 18.58 43.23
CA UNK LA 156 6.25 18.30 44.16
C UNK LA 156 7.23 17.33 43.53
N UNK LA 157 6.75 16.42 42.70
CA UNK LA 157 7.65 15.48 42.05
C UNK LA 157 8.43 16.18 40.97
N UNK LA 158 7.83 17.18 40.34
CA UNK LA 158 8.54 17.91 39.30
C UNK LA 158 9.56 18.83 39.92
N UNK LA 159 9.29 19.34 41.11
CA UNK LA 159 10.24 20.20 41.78
C UNK LA 159 11.39 19.39 42.33
N UNK LA 160 11.10 18.16 42.77
CA UNK LA 160 12.17 17.31 43.30
C UNK LA 160 13.02 16.79 42.16
N UNK LA 161 12.42 16.56 41.00
CA UNK LA 161 13.18 16.07 39.87
C UNK LA 161 14.00 17.19 39.29
N UNK LA 162 13.50 18.43 39.38
CA UNK LA 162 14.26 19.57 38.87
C UNK LA 162 15.39 19.88 39.81
N UNK LA 163 15.21 19.63 41.10
CA UNK LA 163 16.28 19.89 42.05
C UNK LA 163 17.34 18.82 41.94
N UNK LA 164 16.94 17.60 41.63
CA UNK LA 164 17.91 16.52 41.48
C UNK LA 164 18.67 16.68 40.18
N UNK LA 165 18.01 17.21 39.15
CA UNK LA 165 18.69 17.42 37.89
C UNK LA 165 19.62 18.60 37.99
N UNK LA 166 19.25 19.60 38.78
CA UNK LA 166 20.09 20.76 38.93
C UNK LA 166 21.26 20.44 39.83
N UNK LA 167 21.11 19.45 40.70
CA UNK LA 167 22.20 19.06 41.58
C UNK LA 167 23.10 18.09 40.86
N UNK LA 168 22.59 17.40 39.85
CA UNK LA 168 23.42 16.47 39.11
C UNK LA 168 24.16 17.20 38.01
N UNK LA 169 23.63 18.34 37.56
CA UNK LA 169 24.28 19.09 36.50
C UNK LA 169 25.42 19.90 37.04
N UNK LA 170 25.43 20.15 38.35
CA UNK LA 170 26.49 20.93 38.97
C UNK LA 170 27.59 20.02 39.42
N UNK LA 171 -11.76 -16.20 82.04
CA UNK LA 171 -11.30 -17.49 81.59
C UNK LA 171 -12.28 -18.56 82.02
N UNK LA 172 -13.29 -18.19 82.79
CA UNK LA 172 -14.28 -19.14 83.26
C UNK LA 172 -15.33 -19.34 82.20
N UNK LA 173 -15.63 -18.31 81.43
CA UNK LA 173 -16.64 -18.40 80.39
C UNK LA 173 -16.12 -19.21 79.24
N UNK LA 174 -14.82 -19.11 78.98
CA UNK LA 174 -14.23 -19.84 77.86
C UNK LA 174 -14.10 -21.29 78.23
N UNK LA 175 -13.88 -21.58 79.51
CA UNK LA 175 -13.71 -22.96 79.94
C UNK LA 175 -15.07 -23.60 80.01
N UNK LA 176 -16.10 -22.84 80.35
CA UNK LA 176 -17.44 -23.40 80.41
C UNK LA 176 -17.97 -23.60 79.02
N UNK LA 177 -17.59 -22.74 78.08
CA UNK LA 177 -18.06 -22.88 76.72
C UNK LA 177 -17.33 -24.01 76.05
N UNK LA 178 -16.06 -24.24 76.42
CA UNK LA 178 -15.31 -25.32 75.82
C UNK LA 178 -15.77 -26.63 76.39
N UNK LA 179 -16.17 -26.64 77.65
CA UNK LA 179 -16.63 -27.87 78.27
C UNK LA 179 -18.01 -28.21 77.75
N UNK LA 180 -18.82 -27.20 77.45
CA UNK LA 180 -20.16 -27.46 76.93
C UNK LA 180 -20.05 -27.90 75.48
N UNK LA 181 -19.09 -27.37 74.75
CA UNK LA 181 -18.94 -27.73 73.35
C UNK LA 181 -18.30 -29.10 73.25
N UNK LA 182 -17.55 -29.51 74.27
CA UNK LA 182 -16.93 -30.82 74.24
C UNK LA 182 -17.90 -31.85 74.75
N UNK LA 183 -18.88 -31.43 75.54
CA UNK LA 183 -19.87 -32.37 76.05
C UNK LA 183 -20.98 -32.55 75.05
N UNK LA 184 -21.19 -31.55 74.19
CA UNK LA 184 -22.25 -31.64 73.19
C UNK LA 184 -21.83 -32.53 72.05
N UNK LA 185 -20.53 -32.66 71.81
CA UNK LA 185 -20.04 -33.48 70.72
C UNK LA 185 -19.90 -34.90 71.18
N UNK LA 186 13.38 64.45 -73.52
CA UNK LA 186 14.46 64.93 -72.68
C UNK LA 186 13.95 65.28 -71.32
N UNK LA 187 12.64 65.53 -71.21
CA UNK LA 187 12.04 65.88 -69.94
C UNK LA 187 11.78 64.65 -69.11
N UNK LA 188 11.45 63.55 -69.78
CA UNK LA 188 11.15 62.32 -69.09
C UNK LA 188 12.40 61.70 -68.53
N UNK LA 189 13.50 61.83 -69.24
CA UNK LA 189 14.75 61.25 -68.79
C UNK LA 189 15.32 62.05 -67.66
N UNK LA 190 15.13 63.37 -67.69
CA UNK LA 190 15.65 64.23 -66.64
C UNK LA 190 14.81 64.07 -65.41
N UNK LA 191 13.50 63.87 -65.58
CA UNK LA 191 12.63 63.71 -64.43
C UNK LA 191 12.86 62.36 -63.80
N UNK LA 192 13.16 61.35 -64.62
CA UNK LA 192 13.39 60.02 -64.07
C UNK LA 192 14.73 59.95 -63.40
N UNK LA 193 15.71 60.69 -63.92
CA UNK LA 193 17.03 60.66 -63.31
C UNK LA 193 17.02 61.46 -62.04
N UNK LA 194 16.24 62.54 -62.00
CA UNK LA 194 16.19 63.36 -60.79
C UNK LA 194 15.41 62.64 -59.73
N UNK LA 195 14.38 61.89 -60.12
CA UNK LA 195 13.57 61.18 -59.15
C UNK LA 195 14.36 60.00 -58.62
N UNK LA 196 15.18 59.38 -59.45
CA UNK LA 196 15.95 58.24 -59.00
C UNK LA 196 17.07 58.69 -58.10
N UNK LA 197 17.67 59.85 -58.39
CA UNK LA 197 18.77 60.33 -57.58
C UNK LA 197 18.23 60.82 -56.25
N UNK LA 198 17.04 61.41 -56.26
CA UNK LA 198 16.48 61.91 -55.02
C UNK LA 198 16.02 60.75 -54.17
N UNK LA 199 15.51 59.69 -54.79
CA UNK LA 199 15.03 58.56 -54.02
C UNK LA 199 16.19 57.76 -53.47
N UNK LA 200 17.31 57.75 -54.17
CA UNK LA 200 18.47 57.03 -53.68
C UNK LA 200 19.13 57.82 -52.57
N UNK LA 201 19.16 59.15 -52.71
CA UNK LA 201 19.80 59.99 -51.70
C UNK LA 201 18.93 60.08 -50.48
N UNK LA 202 17.65 59.76 -50.61
CA UNK LA 202 16.77 59.79 -49.47
C UNK LA 202 16.68 58.43 -48.84
N UNK LA 203 16.94 57.37 -49.59
CA UNK LA 203 16.91 56.04 -49.02
C UNK LA 203 18.22 55.79 -48.33
N UNK LA 204 19.25 56.54 -48.71
CA UNK LA 204 20.56 56.37 -48.09
C UNK LA 204 20.60 57.03 -46.75
N UNK LA 205 19.69 57.97 -46.50
CA UNK LA 205 19.65 58.67 -45.22
C UNK LA 205 18.82 57.89 -44.25
N UNK LA 206 13.04 64.10 -44.12
CA UNK LA 206 11.82 63.98 -44.89
C UNK LA 206 11.71 62.58 -45.46
N UNK LA 207 11.68 61.57 -44.60
CA UNK LA 207 11.67 60.19 -45.05
C UNK LA 207 10.31 59.77 -45.55
N UNK LA 208 9.25 60.31 -44.99
CA UNK LA 208 7.89 59.88 -45.34
C UNK LA 208 7.47 60.38 -46.69
N UNK LA 209 7.74 61.65 -46.99
CA UNK LA 209 7.33 62.21 -48.26
C UNK LA 209 8.15 61.64 -49.36
N UNK LA 210 9.42 61.37 -49.09
CA UNK LA 210 10.30 60.83 -50.11
C UNK LA 210 9.95 59.40 -50.35
N UNK LA 211 9.50 58.68 -49.32
CA UNK LA 211 9.16 57.29 -49.49
C UNK LA 211 7.85 57.19 -50.25
N UNK LA 212 6.94 58.13 -50.03
CA UNK LA 212 5.67 58.09 -50.73
C UNK LA 212 5.86 58.46 -52.18
N UNK LA 213 6.73 59.44 -52.47
CA UNK LA 213 6.94 59.85 -53.84
C UNK LA 213 7.69 58.77 -54.59
N UNK LA 214 8.65 58.13 -53.93
CA UNK LA 214 9.45 57.11 -54.59
C UNK LA 214 8.60 55.89 -54.83
N UNK LA 215 7.70 55.57 -53.90
CA UNK LA 215 6.88 54.39 -54.05
C UNK LA 215 5.85 54.61 -55.13
N UNK LA 216 5.32 55.83 -55.22
CA UNK LA 216 4.30 56.10 -56.23
C UNK LA 216 4.92 56.13 -57.60
N UNK LA 217 6.10 56.71 -57.74
CA UNK LA 217 6.74 56.80 -59.04
C UNK LA 217 7.19 55.44 -59.49
N UNK LA 218 7.72 54.63 -58.57
CA UNK LA 218 8.23 53.32 -58.94
C UNK LA 218 7.07 52.42 -59.28
N UNK LA 219 5.95 52.56 -58.58
CA UNK LA 219 4.81 51.68 -58.83
C UNK LA 219 4.18 52.04 -60.14
N UNK LA 220 4.07 53.33 -60.45
CA UNK LA 220 3.44 53.74 -61.70
C UNK LA 220 4.30 53.35 -62.86
N UNK LA 221 5.61 53.53 -62.73
CA UNK LA 221 6.52 53.22 -63.84
C UNK LA 221 6.57 51.73 -64.07
N UNK LA 222 6.58 50.94 -63.00
CA UNK LA 222 6.69 49.50 -63.15
C UNK LA 222 5.41 48.94 -63.70
N UNK LA 223 4.27 49.50 -63.30
CA UNK LA 223 2.99 48.98 -63.76
C UNK LA 223 2.79 49.35 -65.21
N UNK LA 224 3.22 50.54 -65.60
CA UNK LA 224 3.04 50.97 -66.98
C UNK LA 224 3.97 50.21 -67.89
N UNK LA 225 5.18 49.93 -67.44
CA UNK LA 225 6.14 49.22 -68.27
C UNK LA 225 5.75 47.77 -68.38
N UNK LA 226 5.17 47.20 -67.33
CA UNK LA 226 4.79 45.80 -67.36
C UNK LA 226 3.54 45.63 -68.20
N UNK LA 227 2.65 46.61 -68.17
CA UNK LA 227 1.44 46.52 -68.96
C UNK LA 227 1.75 46.74 -70.41
N UNK LA 228 2.75 47.59 -70.69
CA UNK LA 228 3.11 47.83 -72.08
C UNK LA 228 3.87 46.65 -72.63
N UNK LA 229 4.62 45.96 -71.77
CA UNK LA 229 5.36 44.80 -72.25
C UNK LA 229 4.43 43.63 -72.43
N UNK LA 230 3.37 43.56 -71.63
CA UNK LA 230 2.41 42.48 -71.79
C UNK LA 230 1.54 42.74 -73.00
N UNK LA 231 1.29 44.00 -73.32
CA UNK LA 231 0.50 44.32 -74.49
C UNK LA 231 1.32 44.13 -75.74
N UNK LA 232 2.63 44.34 -75.65
CA UNK LA 232 3.48 44.13 -76.80
C UNK LA 232 3.65 42.64 -77.01
N UNK LA 233 3.64 41.87 -75.92
CA UNK LA 233 3.78 40.44 -76.04
C UNK LA 233 2.47 39.85 -76.52
N UNK LA 234 1.36 40.57 -76.33
CA UNK LA 234 0.08 40.10 -76.81
C UNK LA 234 -0.10 40.48 -78.26
N UNK LA 235 0.56 41.54 -78.71
CA UNK LA 235 0.45 41.93 -80.11
C UNK LA 235 1.43 41.16 -80.95
N UNK LA 236 2.52 40.68 -80.37
CA UNK LA 236 3.51 39.92 -81.13
C UNK LA 236 3.07 38.50 -81.31
N UNK LA 237 2.28 37.98 -80.38
CA UNK LA 237 1.83 36.61 -80.45
C UNK LA 237 0.60 36.51 -81.31
N UNK LA 238 15.90 22.99 -42.90
CA UNK LA 238 15.28 22.11 -43.86
C UNK LA 238 15.42 20.67 -43.42
N UNK LA 239 14.34 20.11 -42.90
CA UNK LA 239 14.36 18.73 -42.44
C UNK LA 239 14.15 17.79 -43.60
N UNK LA 240 13.68 18.32 -44.72
CA UNK LA 240 13.44 17.50 -45.89
C UNK LA 240 14.75 17.11 -46.52
N UNK LA 241 15.74 17.98 -46.43
CA UNK LA 241 17.03 17.71 -47.04
C UNK LA 241 17.79 16.73 -46.18
N UNK LA 242 17.55 16.76 -44.87
CA UNK LA 242 18.26 15.85 -43.98
C UNK LA 242 17.61 14.50 -44.06
N UNK LA 243 16.31 14.46 -44.31
CA UNK LA 243 15.62 13.19 -44.44
C UNK LA 243 15.95 12.57 -45.77
N UNK LA 244 16.18 13.40 -46.78
CA UNK LA 244 16.53 12.86 -48.09
C UNK LA 244 17.97 12.41 -48.09
N UNK LA 245 18.83 13.07 -47.33
CA UNK LA 245 20.22 12.66 -47.27
C UNK LA 245 20.36 11.42 -46.43
N UNK LA 246 19.51 11.26 -45.41
CA UNK LA 246 19.57 10.08 -44.58
C UNK LA 246 18.98 8.92 -45.34
N UNK LA 247 17.99 9.18 -46.19
CA UNK LA 247 17.38 8.12 -46.95
C UNK LA 247 18.27 7.71 -48.07
N UNK LA 248 19.13 8.62 -48.54
CA UNK LA 248 20.06 8.27 -49.60
C UNK LA 248 21.26 7.59 -49.03
N UNK LA 249 21.57 7.86 -47.77
CA UNK LA 249 22.71 7.21 -47.14
C UNK LA 249 22.31 5.86 -46.60
N UNK LA 250 21.02 5.62 -46.43
CA UNK LA 250 20.56 4.33 -45.97
C UNK LA 250 20.42 3.36 -47.12
N UNK LA 251 20.06 3.86 -48.30
CA UNK LA 251 19.88 3.02 -49.47
C UNK LA 251 21.15 2.94 -50.24
N UNK LA 252 61.84 -23.87 -40.90
CA UNK LA 252 62.11 -24.34 -42.24
C UNK LA 252 62.15 -25.84 -42.27
N UNK LA 253 62.45 -26.46 -41.13
CA UNK LA 253 62.51 -27.91 -41.06
C UNK LA 253 61.13 -28.46 -40.83
N UNK LA 254 60.29 -27.72 -40.13
CA UNK LA 254 58.94 -28.17 -39.86
C UNK LA 254 58.13 -28.11 -41.11
N UNK LA 255 58.39 -27.14 -41.98
CA UNK LA 255 57.63 -26.99 -43.20
C UNK LA 255 58.04 -28.05 -44.19
N UNK LA 256 59.31 -28.44 -44.18
CA UNK LA 256 59.78 -29.45 -45.10
C UNK LA 256 59.33 -30.81 -44.63
N UNK LA 257 59.21 -31.00 -43.32
CA UNK LA 257 58.77 -32.27 -42.81
C UNK LA 257 57.28 -32.42 -43.01
N UNK LA 258 56.55 -31.31 -42.95
CA UNK LA 258 55.11 -31.40 -43.14
C UNK LA 258 54.80 -31.54 -44.59
N UNK LA 259 55.66 -31.00 -45.45
CA UNK LA 259 55.45 -31.14 -46.89
C UNK LA 259 55.82 -32.55 -47.30
N UNK LA 260 56.79 -33.16 -46.63
CA UNK LA 260 57.16 -34.52 -46.96
C UNK LA 260 56.12 -35.48 -46.44
N UNK LA 261 55.48 -35.13 -45.33
CA UNK LA 261 54.44 -36.00 -44.79
C UNK LA 261 53.19 -35.87 -45.62
N UNK LA 262 52.95 -34.70 -46.20
CA UNK LA 262 51.77 -34.52 -47.04
C UNK LA 262 51.99 -35.18 -48.37
N UNK LA 263 53.24 -35.23 -48.84
CA UNK LA 263 53.52 -35.88 -50.11
C UNK LA 263 53.47 -37.37 -49.92
N UNK LA 264 53.86 -37.86 -48.75
CA UNK LA 264 53.83 -39.29 -48.50
C UNK LA 264 52.39 -39.73 -48.30
N UNK LA 265 51.56 -38.87 -47.74
CA UNK LA 265 50.16 -39.22 -47.54
C UNK LA 265 49.44 -39.17 -48.87
N UNK LA 266 49.84 -38.28 -49.75
CA UNK LA 266 49.19 -38.20 -51.05
C UNK LA 266 49.61 -39.36 -51.92
N UNK LA 267 50.85 -39.82 -51.77
CA UNK LA 267 51.31 -40.94 -52.56
C UNK LA 267 50.68 -42.21 -52.04
N UNK LA 268 50.47 -42.29 -50.73
CA UNK LA 268 49.88 -43.48 -50.14
C UNK LA 268 48.40 -43.52 -50.42
N UNK LA 269 47.79 -42.36 -50.65
CA UNK LA 269 46.37 -42.33 -50.95
C UNK LA 269 46.15 -42.54 -52.43
N UNK LA 270 47.16 -42.24 -53.24
CA UNK LA 270 47.03 -42.46 -54.68
C UNK LA 270 47.37 -43.87 -55.03
N UNK LA 271 48.18 -44.55 -54.20
CA UNK LA 271 48.55 -45.92 -54.47
C UNK LA 271 47.44 -46.86 -54.09
N UNK LA 272 46.59 -46.47 -53.15
CA UNK LA 272 45.51 -47.31 -52.69
C UNK LA 272 44.30 -47.10 -53.57
N UNK LA 273 16.11 -61.13 -21.88
CA UNK LA 273 16.86 -60.22 -22.75
C UNK LA 273 16.11 -60.01 -24.03
N UNK LA 274 15.17 -60.89 -24.36
CA UNK LA 274 14.40 -60.76 -25.58
C UNK LA 274 13.23 -59.86 -25.36
N UNK LA 275 12.66 -59.89 -24.17
CA UNK LA 275 11.50 -59.07 -23.87
C UNK LA 275 11.92 -57.64 -23.72
N UNK LA 276 13.13 -57.41 -23.24
CA UNK LA 276 13.62 -56.06 -23.05
C UNK LA 276 14.00 -55.47 -24.38
N UNK LA 277 14.48 -56.30 -25.31
CA UNK LA 277 14.87 -55.81 -26.61
C UNK LA 277 13.63 -55.55 -27.42
N UNK LA 278 12.59 -56.34 -27.21
CA UNK LA 278 11.35 -56.12 -27.95
C UNK LA 278 10.63 -54.92 -27.42
N UNK LA 279 10.74 -54.66 -26.11
CA UNK LA 279 10.07 -53.51 -25.53
C UNK LA 279 10.82 -52.25 -25.89
N UNK LA 280 12.14 -52.33 -26.00
CA UNK LA 280 12.92 -51.16 -26.36
C UNK LA 280 12.75 -50.86 -27.81
N UNK LA 281 12.57 -51.89 -28.64
CA UNK LA 281 12.39 -51.67 -30.06
C UNK LA 281 11.00 -51.13 -30.32
N UNK LA 282 10.02 -51.55 -29.53
CA UNK LA 282 8.67 -51.07 -29.72
C UNK LA 282 8.55 -49.65 -29.23
N UNK LA 283 9.29 -49.31 -28.17
CA UNK LA 283 9.24 -47.94 -27.66
C UNK LA 283 9.97 -47.01 -28.59
N UNK LA 284 11.04 -47.50 -29.20
CA UNK LA 284 11.80 -46.65 -30.11
C UNK LA 284 11.05 -46.47 -31.40
N UNK LA 285 10.28 -47.48 -31.81
CA UNK LA 285 9.53 -47.36 -33.05
C UNK LA 285 8.33 -46.47 -32.83
N UNK LA 286 7.73 -46.53 -31.64
CA UNK LA 286 6.58 -45.69 -31.38
C UNK LA 286 7.01 -44.27 -31.19
N UNK LA 287 8.22 -44.05 -30.67
CA UNK LA 287 8.69 -42.70 -30.48
C UNK LA 287 9.12 -42.11 -31.79
N UNK LA 288 9.67 -42.94 -32.68
CA UNK LA 288 10.10 -42.45 -33.97
C UNK LA 288 8.91 -42.23 -34.86
N UNK LA 289 7.80 -42.91 -34.59
CA UNK LA 289 6.61 -42.71 -35.39
C UNK LA 289 5.82 -41.55 -34.85
N UNK LA 290 6.00 -41.22 -33.57
CA UNK LA 290 5.30 -40.08 -33.01
C UNK LA 290 6.05 -38.81 -33.30
N UNK LA 291 7.36 -38.91 -33.53
CA UNK LA 291 8.15 -37.72 -33.82
C UNK LA 291 7.95 -37.27 -35.25
N UNK LA 292 7.57 -38.20 -36.13
CA UNK LA 292 7.37 -37.86 -37.53
C UNK LA 292 5.96 -37.37 -37.74
N UNK LA 293 -24.93 57.10 -51.40
CA UNK LA 293 -26.09 56.62 -52.11
C UNK LA 293 -26.58 57.65 -53.09
N UNK LA 294 -26.18 58.91 -52.88
CA UNK LA 294 -26.59 59.97 -53.77
C UNK LA 294 -25.66 60.05 -54.95
N UNK LA 295 -24.39 59.71 -54.74
CA UNK LA 295 -23.41 59.76 -55.81
C UNK LA 295 -23.64 58.61 -56.76
N UNK LA 296 -24.12 57.48 -56.25
CA UNK LA 296 -24.36 56.33 -57.09
C UNK LA 296 -25.61 56.54 -57.88
N UNK LA 297 -26.58 57.26 -57.33
CA UNK LA 297 -27.83 57.50 -58.03
C UNK LA 297 -27.61 58.57 -59.06
N UNK LA 298 -26.71 59.51 -58.80
CA UNK LA 298 -26.44 60.56 -59.77
C UNK LA 298 -25.61 60.00 -60.89
N UNK LA 299 -24.73 59.05 -60.59
CA UNK LA 299 -23.90 58.46 -61.62
C UNK LA 299 -24.73 57.52 -62.46
N UNK LA 300 -25.71 56.85 -61.85
CA UNK LA 300 -26.54 55.94 -62.61
C UNK LA 300 -27.51 56.72 -63.45
N UNK LA 301 -27.93 57.90 -62.99
CA UNK LA 301 -28.85 58.70 -63.78
C UNK LA 301 -28.12 59.36 -64.90
N UNK LA 302 -26.86 59.73 -64.70
CA UNK LA 302 -26.10 60.37 -65.76
C UNK LA 302 -25.72 59.34 -66.80
N UNK LA 303 -25.45 58.11 -66.38
CA UNK LA 303 -25.09 57.08 -67.34
C UNK LA 303 -26.32 56.65 -68.10
N UNK LA 304 -27.48 56.66 -67.45
CA UNK LA 304 -28.69 56.24 -68.13
C UNK LA 304 -29.11 57.31 -69.11
N UNK LA 305 -28.85 58.57 -68.79
CA UNK LA 305 -29.22 59.65 -69.68
C UNK LA 305 -28.26 59.70 -70.85
N UNK LA 306 -27.00 59.38 -70.64
CA UNK LA 306 -26.04 59.40 -71.74
C UNK LA 306 -26.26 58.21 -72.65
N UNK LA 307 -26.69 57.09 -72.10
CA UNK LA 307 -26.93 55.92 -72.93
C UNK LA 307 -28.23 56.09 -73.68
N UNK LA 308 -29.19 56.78 -73.07
CA UNK LA 308 -30.46 57.00 -73.73
C UNK LA 308 -30.29 58.06 -74.80
N UNK LA 309 -29.30 58.92 -74.64
CA UNK LA 309 -29.06 59.95 -75.65
C UNK LA 309 -28.21 59.38 -76.75
N UNK LA 310 -27.46 58.32 -76.47
CA UNK LA 310 -26.65 57.69 -77.50
C UNK LA 310 -27.48 56.71 -78.29
N UNK LA 311 -28.55 56.20 -77.70
CA UNK LA 311 -29.40 55.25 -78.40
C UNK LA 311 -30.34 55.96 -79.33
N UNK LA 312 -30.64 57.22 -79.06
CA UNK LA 312 -31.55 57.99 -79.91
C UNK LA 312 -30.77 58.65 -81.01
N UNK LA 313 -10.18 -17.21 25.13
CA UNK LA 313 -11.01 -16.03 24.93
C UNK LA 313 -11.59 -15.57 26.23
N UNK LA 314 -11.82 -16.50 27.15
CA UNK LA 314 -12.41 -16.15 28.44
C UNK LA 314 -11.36 -15.57 29.34
N UNK LA 315 -10.11 -15.96 29.13
CA UNK LA 315 -9.01 -15.50 29.95
C UNK LA 315 -8.64 -14.10 29.57
N UNK LA 316 -8.69 -13.78 28.28
CA UNK LA 316 -8.34 -12.46 27.82
C UNK LA 316 -9.43 -11.50 28.20
N UNK LA 317 -10.67 -11.97 28.24
CA UNK LA 317 -11.78 -11.10 28.58
C UNK LA 317 -11.78 -10.89 30.07
N UNK LA 318 -11.35 -11.88 30.85
CA UNK LA 318 -11.30 -11.73 32.29
C UNK LA 318 -10.17 -10.83 32.67
N UNK LA 319 -9.06 -10.88 31.94
CA UNK LA 319 -7.92 -10.03 32.27
C UNK LA 319 -8.20 -8.62 31.82
N UNK LA 320 -8.96 -8.46 30.73
CA UNK LA 320 -9.25 -7.13 30.24
C UNK LA 320 -10.28 -6.47 31.12
N UNK LA 321 -11.18 -7.25 31.71
CA UNK LA 321 -12.18 -6.67 32.57
C UNK LA 321 -11.60 -6.40 33.93
N UNK LA 322 -10.60 -7.19 34.34
CA UNK LA 322 -9.97 -6.93 35.63
C UNK LA 322 -9.10 -5.71 35.51
N UNK LA 323 -8.49 -5.51 34.34
CA UNK LA 323 -7.64 -4.34 34.15
C UNK LA 323 -8.51 -3.11 33.99
N UNK LA 324 -9.69 -3.26 33.41
CA UNK LA 324 -10.56 -2.11 33.24
C UNK LA 324 -11.19 -1.74 34.57
N UNK LA 325 -11.44 -2.73 35.43
CA UNK LA 325 -12.03 -2.44 36.72
C UNK LA 325 -10.99 -1.85 37.62
N UNK LA 326 -9.73 -2.25 37.47
CA UNK LA 326 -8.68 -1.70 38.30
C UNK LA 326 -8.36 -0.30 37.85
N UNK LA 327 -8.48 -0.03 36.55
CA UNK LA 327 -8.19 1.31 36.05
C UNK LA 327 -9.31 2.25 36.41
N UNK LA 328 -10.54 1.74 36.46
CA UNK LA 328 -11.66 2.59 36.82
C UNK LA 328 -11.64 2.86 38.31
N UNK LA 329 -11.19 1.88 39.09
CA UNK LA 329 -11.15 2.06 40.53
C UNK LA 329 -10.00 2.95 40.89
N UNK LA 330 -8.96 2.98 40.07
CA UNK LA 330 -7.82 3.84 40.35
C UNK LA 330 -8.08 5.23 39.86
N UNK LA 331 -8.96 5.39 38.87
CA UNK LA 331 -9.27 6.71 38.37
C UNK LA 331 -10.32 7.36 39.23
N UNK LA 332 -11.16 6.55 39.88
CA UNK LA 332 -12.21 7.10 40.72
C UNK LA 332 -11.66 7.50 42.06
N UNK LA 333 -10.55 6.90 42.47
CA UNK LA 333 -9.95 7.19 43.75
C UNK LA 333 -9.03 8.38 43.63
N UNK LA 334 0.44 -13.68 34.99
CA UNK LA 334 1.05 -13.14 36.19
C UNK LA 334 0.72 -11.68 36.33
N UNK LA 335 0.19 -11.08 35.27
CA UNK LA 335 -0.16 -9.67 35.29
C UNK LA 335 -1.52 -9.48 35.90
N UNK LA 336 -2.42 -10.43 35.69
CA UNK LA 336 -3.77 -10.33 36.20
C UNK LA 336 -3.78 -10.54 37.69
N UNK LA 337 -2.90 -11.41 38.17
CA UNK LA 337 -2.84 -11.71 39.59
C UNK LA 337 -2.20 -10.56 40.32
N UNK LA 338 -1.24 -9.89 39.69
CA UNK LA 338 -0.55 -8.79 40.33
C UNK LA 338 -1.45 -7.58 40.32
N UNK LA 339 -2.28 -7.44 39.28
CA UNK LA 339 -3.17 -6.30 39.22
C UNK LA 339 -4.31 -6.50 40.18
N UNK LA 340 -4.74 -7.74 40.37
CA UNK LA 340 -5.84 -8.01 41.28
C UNK LA 340 -5.35 -7.89 42.71
N UNK LA 341 -4.10 -8.24 42.97
CA UNK LA 341 -3.57 -8.14 44.31
C UNK LA 341 -3.30 -6.70 44.65
N UNK LA 342 -2.88 -5.92 43.66
CA UNK LA 342 -2.59 -4.52 43.89
C UNK LA 342 -3.87 -3.74 44.02
N UNK LA 343 -4.94 -4.23 43.40
CA UNK LA 343 -6.21 -3.53 43.51
C UNK LA 343 -6.93 -3.94 44.76
N UNK LA 344 -6.62 -5.12 45.29
CA UNK LA 344 -7.26 -5.56 46.52
C UNK LA 344 -6.54 -5.00 47.71
N UNK LA 345 -5.24 -4.71 47.57
CA UNK LA 345 -4.48 -4.17 48.68
C UNK LA 345 -4.75 -2.69 48.86
N UNK LA 346 -5.14 -2.02 47.77
CA UNK LA 346 -5.41 -0.60 47.84
C UNK LA 346 -6.81 -0.36 48.30
N UNK LA 347 -20.53 28.98 72.22
CA UNK LA 347 -19.91 27.89 71.48
C UNK LA 347 -20.46 26.57 71.95
N UNK LA 348 -21.15 26.57 73.08
CA UNK LA 348 -21.72 25.35 73.62
C UNK LA 348 -23.04 25.06 72.93
N UNK LA 349 -23.77 26.11 72.56
CA UNK LA 349 -25.07 25.93 71.93
C UNK LA 349 -24.87 25.46 70.51
N UNK LA 350 -23.79 25.90 69.87
CA UNK LA 350 -23.54 25.52 68.49
C UNK LA 350 -23.03 24.10 68.44
N UNK LA 351 -22.31 23.69 69.48
CA UNK LA 351 -21.77 22.34 69.51
C UNK LA 351 -22.87 21.38 69.87
N UNK LA 352 -23.82 21.81 70.69
CA UNK LA 352 -24.92 20.94 71.06
C UNK LA 352 -25.89 20.83 69.89
N UNK LA 353 -26.04 21.90 69.13
CA UNK LA 353 -26.95 21.86 68.00
C UNK LA 353 -26.34 21.07 66.87
N UNK LA 354 -25.01 21.11 66.74
CA UNK LA 354 -24.37 20.35 65.69
C UNK LA 354 -24.35 18.89 66.06
N UNK LA 355 -24.22 18.58 67.35
CA UNK LA 355 -24.19 17.20 67.78
C UNK LA 355 -25.58 16.62 67.74
N UNK LA 356 -26.60 17.47 67.86
CA UNK LA 356 -27.96 16.98 67.80
C UNK LA 356 -28.43 16.88 66.37
N UNK LA 357 -27.80 17.62 65.47
CA UNK LA 357 -28.19 17.55 64.07
C UNK LA 357 -27.45 16.43 63.39
N UNK LA 358 -26.27 16.07 63.88
CA UNK LA 358 -25.48 15.01 63.27
C UNK LA 358 -26.01 13.66 63.68
N UNK LA 359 -26.73 13.60 64.79
CA UNK LA 359 -27.26 12.34 65.26
C UNK LA 359 -28.57 12.05 64.59
N UNK LA 360 -6.92 -55.87 80.93
CA UNK LA 360 -6.75 -55.69 79.50
C UNK LA 360 -5.35 -56.03 79.09
N UNK LA 361 -4.42 -56.03 80.04
CA UNK LA 361 -3.04 -56.35 79.74
C UNK LA 361 -2.86 -57.84 79.68
N UNK LA 362 -3.65 -58.57 80.47
CA UNK LA 362 -3.54 -60.02 80.51
C UNK LA 362 -4.13 -60.61 79.25
N UNK LA 363 -5.16 -59.96 78.71
CA UNK LA 363 -5.80 -60.47 77.51
C UNK LA 363 -4.95 -60.19 76.30
N UNK LA 364 -4.25 -59.06 76.31
CA UNK LA 364 -3.41 -58.72 75.18
C UNK LA 364 -2.16 -59.56 75.24
N UNK LA 365 -1.70 -59.90 76.44
CA UNK LA 365 -0.52 -60.73 76.57
C UNK LA 365 -0.85 -62.16 76.22
N UNK LA 366 -2.09 -62.57 76.46
CA UNK LA 366 -2.48 -63.93 76.15
C UNK LA 366 -2.73 -64.06 74.66
N UNK LA 367 -3.23 -63.00 74.03
CA UNK LA 367 -3.46 -63.07 72.60
C UNK LA 367 -2.15 -62.98 71.86
N UNK LA 368 -1.19 -62.24 72.42
CA UNK LA 368 0.11 -62.14 71.78
C UNK LA 368 0.86 -63.42 71.98
N UNK LA 369 0.63 -64.10 73.11
CA UNK LA 369 1.33 -65.36 73.35
C UNK LA 369 0.72 -66.44 72.52
N UNK LA 370 -0.56 -66.31 72.16
CA UNK LA 370 -1.18 -67.31 71.31
C UNK LA 370 -0.76 -67.10 69.87
N UNK LA 371 -0.62 -65.85 69.45
CA UNK LA 371 -0.20 -65.59 68.09
C UNK LA 371 1.26 -65.95 67.94
N UNK LA 372 2.03 -65.86 69.03
CA UNK LA 372 3.43 -66.24 68.98
C UNK LA 372 3.58 -67.73 69.12
N UNK LA 373 2.56 -68.41 69.66
CA UNK LA 373 2.64 -69.85 69.77
C UNK LA 373 2.25 -70.45 68.45
N UNK LA 374 1.40 -69.77 67.69
CA UNK LA 374 1.02 -70.26 66.38
C UNK LA 374 2.04 -69.81 65.35
N UNK LA 375 2.84 -68.80 65.69
CA UNK LA 375 3.84 -68.30 64.76
C UNK LA 375 4.95 -69.31 64.53
N UNK LA 376 5.53 -69.84 65.59
CA UNK LA 376 6.68 -70.73 65.48
C UNK LA 376 6.21 -72.12 65.15
N UNK LA 377 -10.54 46.22 75.13
CA UNK LA 377 -10.70 46.68 76.49
C UNK LA 377 -10.30 45.61 77.47
N UNK LA 378 -10.25 44.37 77.00
CA UNK LA 378 -9.88 43.25 77.86
C UNK LA 378 -8.38 43.10 77.91
N UNK LA 379 -7.71 43.41 76.81
CA UNK LA 379 -6.25 43.28 76.76
C UNK LA 379 -5.62 44.40 77.54
N UNK LA 380 -6.25 45.57 77.55
CA UNK LA 380 -5.70 46.70 78.27
C UNK LA 380 -5.93 46.53 79.75
N UNK LA 381 -7.02 45.86 80.12
CA UNK LA 381 -7.30 45.65 81.52
C UNK LA 381 -6.44 44.54 82.04
N UNK LA 382 -6.11 43.57 81.20
CA UNK LA 382 -5.26 42.48 81.63
C UNK LA 382 -3.83 42.96 81.71
N UNK LA 383 -3.44 43.89 80.86
CA UNK LA 383 -2.08 44.41 80.91
C UNK LA 383 -1.93 45.35 82.07
N UNK LA 384 -3.00 46.08 82.41
CA UNK LA 384 -2.92 47.00 83.54
C UNK LA 384 -2.96 46.23 84.82
N UNK LA 385 -3.64 45.09 84.83
CA UNK LA 385 -3.70 44.28 86.04
C UNK LA 385 -2.40 43.54 86.22
N UNK LA 386 -1.73 43.19 85.12
CA UNK LA 386 -0.47 42.50 85.22
C UNK LA 386 0.61 43.48 85.63
N UNK LA 387 0.50 44.73 85.21
CA UNK LA 387 1.50 45.71 85.59
C UNK LA 387 1.29 46.11 87.03
N UNK LA 388 0.03 46.14 87.48
CA UNK LA 388 -0.24 46.52 88.86
C UNK LA 388 0.11 45.38 89.78
N UNK LA 389 0.09 44.14 89.26
CA UNK LA 389 0.45 43.00 90.10
C UNK LA 389 1.94 42.81 90.10
N UNK LA 390 2.63 43.33 89.07
CA UNK LA 390 4.08 43.21 89.04
C UNK LA 390 4.70 44.32 89.84
N UNK LA 391 4.00 45.45 89.97
CA UNK LA 391 4.53 46.57 90.73
C UNK LA 391 4.33 46.36 92.21
N UNK LA 392 3.41 45.48 92.58
CA UNK LA 392 3.14 45.22 93.99
C UNK LA 392 4.04 44.13 94.48
N UNK LA 393 0.76 -26.58 -70.31
CA UNK LA 393 1.77 -27.59 -70.55
C UNK LA 393 1.80 -28.58 -69.41
N UNK LA 394 1.41 -28.13 -68.23
CA UNK LA 394 1.40 -29.01 -67.06
C UNK LA 394 0.13 -29.81 -67.05
N UNK LA 395 -0.93 -29.26 -67.63
CA UNK LA 395 -2.21 -29.94 -67.66
C UNK LA 395 -2.16 -31.05 -68.67
N UNK LA 396 -1.42 -30.84 -69.77
CA UNK LA 396 -1.32 -31.86 -70.79
C UNK LA 396 -0.42 -32.95 -70.30
N UNK LA 397 0.52 -32.62 -69.42
CA UNK LA 397 1.43 -33.61 -68.89
C UNK LA 397 0.71 -34.40 -67.83
N UNK LA 398 -0.26 -33.79 -67.16
CA UNK LA 398 -1.02 -34.51 -66.15
C UNK LA 398 -2.03 -35.42 -66.83
N UNK LA 399 -2.56 -35.00 -67.97
CA UNK LA 399 -3.51 -35.84 -68.67
C UNK LA 399 -2.78 -36.97 -69.35
N UNK LA 400 -1.54 -36.72 -69.78
CA UNK LA 400 -0.77 -37.77 -70.42
C UNK LA 400 -0.29 -38.74 -69.37
N UNK LA 401 -0.08 -38.27 -68.15
CA UNK LA 401 0.35 -39.15 -67.08
C UNK LA 401 -0.82 -39.98 -66.62
N UNK LA 402 -2.03 -39.44 -66.69
CA UNK LA 402 -3.20 -40.20 -66.29
C UNK LA 402 -3.53 -41.23 -67.35
N UNK LA 403 -3.29 -40.91 -68.61
CA UNK LA 403 -3.55 -41.88 -69.67
C UNK LA 403 -2.50 -42.97 -69.65
N UNK LA 404 -1.27 -42.62 -69.29
CA UNK LA 404 -0.20 -43.60 -69.26
C UNK LA 404 -0.35 -44.48 -68.04
N UNK LA 405 -0.98 -43.96 -66.98
CA UNK LA 405 -1.17 -44.76 -65.79
C UNK LA 405 -2.39 -45.62 -65.95
N UNK LA 406 -3.33 -45.21 -66.80
CA UNK LA 406 -4.52 -46.02 -67.02
C UNK LA 406 -4.24 -47.09 -68.04
N UNK LA 407 -3.25 -46.87 -68.91
CA UNK LA 407 -2.92 -47.87 -69.92
C UNK LA 407 -2.08 -48.97 -69.34
N UNK LA 408 -1.31 -48.67 -68.29
CA UNK LA 408 -0.43 -49.66 -67.68
C UNK LA 408 -1.21 -50.46 -66.67
N UNK LA 409 45.44 1.15 -39.54
CA UNK LA 409 45.37 -0.28 -39.77
C UNK LA 409 44.08 -0.83 -39.20
N UNK LA 410 43.47 -0.11 -38.27
CA UNK LA 410 42.24 -0.57 -37.66
C UNK LA 410 41.07 -0.17 -38.52
N UNK LA 411 41.15 0.99 -39.14
CA UNK LA 411 40.08 1.47 -39.98
C UNK LA 411 40.00 0.64 -41.23
N UNK LA 412 41.15 0.20 -41.73
CA UNK LA 412 41.17 -0.58 -42.94
C UNK LA 412 40.68 -1.97 -42.65
N UNK LA 413 41.02 -2.51 -41.48
CA UNK LA 413 40.63 -3.86 -41.15
C UNK LA 413 39.16 -3.89 -40.79
N UNK LA 414 38.61 -2.75 -40.38
CA UNK LA 414 37.21 -2.70 -40.04
C UNK LA 414 36.37 -2.36 -41.26
N UNK LA 415 36.98 -1.78 -42.29
CA UNK LA 415 36.22 -1.44 -43.48
C UNK LA 415 36.26 -2.57 -44.48
N UNK LA 416 37.31 -3.39 -44.45
CA UNK LA 416 37.45 -4.45 -45.43
C UNK LA 416 37.01 -5.78 -44.87
N UNK LA 417 36.54 -5.79 -43.61
CA UNK LA 417 36.06 -7.01 -43.01
C UNK LA 417 34.70 -7.33 -43.55
N UNK LA 418 -0.07 47.46 67.43
CA UNK LA 418 -1.42 47.62 67.94
C UNK LA 418 -1.43 47.45 69.44
N UNK LA 419 -0.57 46.57 69.95
CA UNK LA 419 -0.51 46.35 71.39
C UNK LA 419 0.37 47.39 72.02
N UNK LA 420 1.34 47.89 71.27
CA UNK LA 420 2.26 48.88 71.79
C UNK LA 420 1.57 50.21 71.92
N UNK LA 421 0.65 50.51 71.01
CA UNK LA 421 -0.05 51.77 71.05
C UNK LA 421 -1.09 51.75 72.15
N UNK LA 422 -1.67 50.59 72.39
CA UNK LA 422 -2.70 50.48 73.41
C UNK LA 422 -2.06 50.41 74.76
N UNK LA 423 -0.79 50.00 74.82
CA UNK LA 423 -0.10 49.95 76.10
C UNK LA 423 0.53 51.28 76.38
N UNK LA 424 0.78 52.07 75.35
CA UNK LA 424 1.37 53.39 75.55
C UNK LA 424 0.29 54.41 75.79
N UNK LA 425 -0.94 54.11 75.37
CA UNK LA 425 -2.03 55.04 75.56
C UNK LA 425 -2.51 55.03 76.98
N UNK LA 426 -2.28 53.93 77.69
CA UNK LA 426 -2.71 53.81 79.08
C UNK LA 426 -1.65 54.34 79.99
ZN ZN MA . 9.70 60.31 -26.86
ZN ZN NA . -33.71 -37.98 -68.84
#